data_2K5G
#
_entry.id   2K5G
#
_entity_poly.entity_id   1
_entity_poly.type   'polypeptide(L)'
_entity_poly.pdbx_seq_one_letter_code
;MTSPSSAFPDGHGARLDAQSIRFERLLPGPIERVWAWLADADKRARWLAGGELPRQPGQTFELHFNHAALTAETAPARYA
QYDRPIVARHTLLRCEPPRVLALTWGGGAGEAPSEVLFELSEAGEQVRLVLTHTRLADRAAMLDVAGGWHAHLAVLAGKL
AGQAPPPFWTTLAQAEQDYEQRLLEHHHHHH
;
_entity_poly.pdbx_strand_id   A
#
# COMPACT_ATOMS: atom_id res chain seq x y z
N MET A 1 6.48 -15.21 -15.47
CA MET A 1 5.87 -14.47 -14.34
C MET A 1 5.90 -15.30 -13.08
N THR A 2 6.44 -14.74 -12.02
CA THR A 2 6.53 -15.43 -10.75
C THR A 2 5.22 -15.35 -9.97
N SER A 3 4.58 -16.50 -9.77
CA SER A 3 3.41 -16.59 -8.92
C SER A 3 3.37 -17.98 -8.26
N PRO A 4 3.82 -18.06 -7.01
CA PRO A 4 3.99 -19.32 -6.30
C PRO A 4 2.83 -19.69 -5.39
N SER A 5 2.25 -20.85 -5.61
CA SER A 5 1.25 -21.38 -4.71
C SER A 5 1.95 -22.11 -3.57
N SER A 6 2.27 -21.36 -2.52
CA SER A 6 3.09 -21.89 -1.44
C SER A 6 2.28 -22.18 -0.19
N ALA A 7 1.71 -21.15 0.40
CA ALA A 7 0.97 -21.30 1.64
C ALA A 7 -0.06 -20.17 1.78
N PHE A 8 -1.10 -20.42 2.55
CA PHE A 8 -2.15 -19.42 2.75
C PHE A 8 -2.01 -18.78 4.12
N PRO A 9 -1.51 -17.54 4.16
CA PRO A 9 -1.24 -16.82 5.40
C PRO A 9 -2.51 -16.25 6.04
N ASP A 10 -2.56 -16.27 7.36
CA ASP A 10 -3.65 -15.65 8.10
C ASP A 10 -3.25 -14.21 8.44
N GLY A 11 -3.91 -13.58 9.40
CA GLY A 11 -3.59 -12.21 9.74
C GLY A 11 -4.31 -11.74 10.99
N HIS A 12 -3.97 -10.54 11.44
CA HIS A 12 -4.60 -9.94 12.60
C HIS A 12 -4.99 -8.51 12.32
N GLY A 13 -6.17 -8.12 12.77
CA GLY A 13 -6.60 -6.73 12.64
C GLY A 13 -5.85 -5.83 13.59
N ALA A 14 -5.45 -4.67 13.12
CA ALA A 14 -4.66 -3.75 13.92
C ALA A 14 -5.51 -3.09 14.99
N ARG A 15 -5.24 -3.44 16.25
CA ARG A 15 -5.93 -2.83 17.37
C ARG A 15 -5.18 -1.57 17.80
N LEU A 16 -5.76 -0.84 18.76
CA LEU A 16 -5.20 0.44 19.18
C LEU A 16 -5.19 1.40 17.99
N ASP A 17 -4.31 2.39 18.04
CA ASP A 17 -4.13 3.29 16.91
C ASP A 17 -2.68 3.73 16.82
N ALA A 18 -2.34 4.41 15.74
CA ALA A 18 -1.01 4.92 15.53
C ALA A 18 -1.09 6.24 14.78
N GLN A 19 -0.04 7.04 14.86
CA GLN A 19 0.00 8.31 14.13
C GLN A 19 0.62 8.09 12.77
N SER A 20 0.93 6.83 12.51
CA SER A 20 1.44 6.39 11.24
C SER A 20 0.83 5.04 10.90
N ILE A 21 1.21 4.44 9.80
CA ILE A 21 0.59 3.18 9.39
C ILE A 21 1.46 2.01 9.80
N ARG A 22 0.87 1.12 10.58
CA ARG A 22 1.57 0.00 11.18
C ARG A 22 0.90 -1.32 10.79
N PHE A 23 1.50 -2.06 9.88
CA PHE A 23 0.98 -3.37 9.52
C PHE A 23 2.10 -4.38 9.34
N GLU A 24 2.17 -5.36 10.23
CA GLU A 24 3.12 -6.44 10.11
C GLU A 24 2.41 -7.73 9.70
N ARG A 25 2.87 -8.32 8.60
CA ARG A 25 2.25 -9.53 8.08
C ARG A 25 3.30 -10.58 7.77
N LEU A 26 2.86 -11.82 7.62
CA LEU A 26 3.76 -12.91 7.32
C LEU A 26 3.50 -13.41 5.90
N LEU A 27 4.56 -13.50 5.11
CA LEU A 27 4.45 -13.90 3.72
C LEU A 27 5.28 -15.15 3.46
N PRO A 28 4.85 -15.99 2.51
CA PRO A 28 5.59 -17.20 2.13
C PRO A 28 6.81 -16.87 1.28
N GLY A 29 7.87 -17.64 1.48
CA GLY A 29 9.13 -17.38 0.81
C GLY A 29 10.11 -16.69 1.72
N PRO A 30 11.42 -16.85 1.48
CA PRO A 30 12.47 -16.35 2.39
C PRO A 30 12.42 -14.83 2.56
N ILE A 31 12.52 -14.10 1.46
CA ILE A 31 12.43 -12.64 1.47
C ILE A 31 12.63 -12.08 0.07
N GLU A 32 13.59 -12.63 -0.67
CA GLU A 32 13.86 -12.21 -2.04
C GLU A 32 12.64 -12.46 -2.93
N ARG A 33 11.96 -13.57 -2.70
CA ARG A 33 10.80 -13.94 -3.50
C ARG A 33 9.71 -12.89 -3.37
N VAL A 34 9.42 -12.48 -2.14
CA VAL A 34 8.39 -11.48 -1.87
C VAL A 34 8.80 -10.11 -2.42
N TRP A 35 10.10 -9.84 -2.41
CA TRP A 35 10.65 -8.60 -2.95
C TRP A 35 10.32 -8.45 -4.44
N ALA A 36 10.21 -9.58 -5.13
CA ALA A 36 9.92 -9.60 -6.56
C ALA A 36 8.70 -8.75 -6.90
N TRP A 37 7.67 -8.87 -6.07
CA TRP A 37 6.44 -8.14 -6.29
C TRP A 37 6.64 -6.64 -6.08
N LEU A 38 7.60 -6.30 -5.22
CA LEU A 38 7.91 -4.92 -4.92
C LEU A 38 8.71 -4.29 -6.05
N ALA A 39 9.58 -5.10 -6.66
CA ALA A 39 10.49 -4.60 -7.68
C ALA A 39 9.88 -4.64 -9.08
N ASP A 40 9.33 -5.79 -9.46
CA ASP A 40 8.81 -5.97 -10.82
C ASP A 40 7.62 -5.06 -11.07
N ALA A 41 7.76 -4.20 -12.07
CA ALA A 41 6.74 -3.22 -12.38
C ALA A 41 5.57 -3.86 -13.13
N ASP A 42 5.82 -5.01 -13.74
CA ASP A 42 4.79 -5.67 -14.54
C ASP A 42 3.69 -6.21 -13.65
N LYS A 43 4.08 -7.05 -12.69
CA LYS A 43 3.11 -7.65 -11.79
C LYS A 43 2.60 -6.65 -10.78
N ARG A 44 3.44 -5.67 -10.44
CA ARG A 44 3.09 -4.70 -9.42
C ARG A 44 1.92 -3.84 -9.88
N ALA A 45 1.77 -3.73 -11.20
CA ALA A 45 0.66 -2.99 -11.77
C ALA A 45 -0.65 -3.74 -11.61
N ARG A 46 -0.57 -4.95 -11.05
CA ARG A 46 -1.76 -5.77 -10.82
C ARG A 46 -2.05 -5.93 -9.32
N TRP A 47 -1.19 -5.38 -8.47
CA TRP A 47 -1.46 -5.45 -7.03
C TRP A 47 -1.22 -4.07 -6.38
N LEU A 48 -0.67 -3.14 -7.15
CA LEU A 48 -0.40 -1.79 -6.67
C LEU A 48 -0.39 -0.81 -7.84
N ALA A 49 0.76 -0.69 -8.50
CA ALA A 49 0.94 0.27 -9.57
C ALA A 49 2.21 -0.04 -10.35
N GLY A 50 2.22 0.28 -11.63
CA GLY A 50 3.36 -0.01 -12.48
C GLY A 50 4.32 1.16 -12.55
N GLY A 51 5.61 0.87 -12.45
CA GLY A 51 6.63 1.89 -12.52
C GLY A 51 7.97 1.37 -12.00
N GLU A 52 8.89 1.10 -12.91
CA GLU A 52 10.16 0.52 -12.55
C GLU A 52 11.00 1.48 -11.72
N LEU A 53 12.11 0.97 -11.18
CA LEU A 53 12.93 1.74 -10.28
C LEU A 53 14.04 2.50 -11.03
N PRO A 54 14.37 3.70 -10.56
CA PRO A 54 15.49 4.50 -11.07
C PRO A 54 16.83 3.96 -10.57
N ARG A 55 17.88 4.76 -10.69
CA ARG A 55 19.22 4.31 -10.32
C ARG A 55 19.69 4.90 -8.99
N GLN A 56 19.32 6.14 -8.69
CA GLN A 56 19.78 6.78 -7.48
C GLN A 56 18.68 6.96 -6.46
N PRO A 57 19.04 6.81 -5.18
CA PRO A 57 18.18 7.16 -4.05
C PRO A 57 18.03 8.67 -3.97
N GLY A 58 16.80 9.16 -4.08
CA GLY A 58 16.56 10.58 -4.09
C GLY A 58 16.08 11.05 -5.44
N GLN A 59 16.18 10.18 -6.44
CA GLN A 59 15.66 10.46 -7.77
C GLN A 59 14.15 10.27 -7.80
N THR A 60 13.52 10.69 -8.87
CA THR A 60 12.09 10.53 -9.01
C THR A 60 11.75 9.58 -10.15
N PHE A 61 10.81 8.68 -9.91
CA PHE A 61 10.32 7.81 -10.96
C PHE A 61 8.87 8.16 -11.26
N GLU A 62 8.41 7.74 -12.42
CA GLU A 62 7.05 8.03 -12.83
C GLU A 62 6.23 6.75 -12.89
N LEU A 63 5.22 6.67 -12.05
CA LEU A 63 4.35 5.51 -12.02
C LEU A 63 2.92 5.94 -12.30
N HIS A 64 2.03 4.97 -12.44
CA HIS A 64 0.65 5.27 -12.79
C HIS A 64 -0.28 4.82 -11.69
N PHE A 65 -1.05 5.75 -11.16
CA PHE A 65 -2.10 5.41 -10.23
C PHE A 65 -3.28 4.86 -11.02
N ASN A 66 -3.31 3.54 -11.13
CA ASN A 66 -4.34 2.83 -11.88
C ASN A 66 -5.69 2.87 -11.19
N HIS A 67 -6.61 2.02 -11.64
CA HIS A 67 -7.95 1.93 -11.07
C HIS A 67 -7.86 1.71 -9.56
N ALA A 68 -8.16 2.77 -8.80
CA ALA A 68 -8.10 2.74 -7.34
C ALA A 68 -6.67 2.42 -6.86
N ALA A 69 -5.71 2.55 -7.77
CA ALA A 69 -4.31 2.20 -7.52
C ALA A 69 -4.17 0.76 -7.05
N LEU A 70 -5.08 -0.09 -7.51
CA LEU A 70 -4.93 -1.53 -7.38
C LEU A 70 -5.72 -2.20 -8.49
N THR A 71 -7.04 -2.18 -8.36
CA THR A 71 -7.93 -2.68 -9.39
C THR A 71 -9.35 -2.23 -9.11
N ALA A 72 -10.14 -2.06 -10.15
CA ALA A 72 -11.54 -1.67 -10.02
C ALA A 72 -12.40 -2.50 -10.95
N GLU A 73 -12.20 -2.29 -12.26
CA GLU A 73 -12.94 -2.99 -13.32
C GLU A 73 -14.41 -2.53 -13.36
N THR A 74 -15.08 -2.61 -12.23
CA THR A 74 -16.41 -2.06 -12.08
C THR A 74 -16.48 -1.33 -10.74
N ALA A 75 -16.91 -0.08 -10.76
CA ALA A 75 -16.89 0.75 -9.59
C ALA A 75 -18.30 1.25 -9.24
N PRO A 76 -18.51 1.70 -7.99
CA PRO A 76 -19.80 2.27 -7.56
C PRO A 76 -20.11 3.61 -8.21
N ALA A 77 -19.26 4.01 -9.16
CA ALA A 77 -19.44 5.23 -9.95
C ALA A 77 -19.24 6.50 -9.12
N ARG A 78 -18.93 6.33 -7.83
CA ARG A 78 -18.70 7.46 -6.94
C ARG A 78 -17.23 7.85 -6.95
N TYR A 79 -16.48 7.26 -7.87
CA TYR A 79 -15.05 7.52 -7.98
C TYR A 79 -14.73 8.20 -9.30
N ALA A 80 -14.81 7.44 -10.39
CA ALA A 80 -14.62 7.96 -11.75
C ALA A 80 -13.19 8.46 -11.98
N GLN A 81 -12.81 9.54 -11.30
CA GLN A 81 -11.47 10.10 -11.38
C GLN A 81 -10.44 9.08 -10.91
N TYR A 82 -10.83 8.28 -9.93
CA TYR A 82 -9.94 7.31 -9.33
C TYR A 82 -10.03 5.98 -10.07
N ASP A 83 -10.66 6.01 -11.24
CA ASP A 83 -10.87 4.83 -12.06
C ASP A 83 -10.11 4.96 -13.36
N ARG A 84 -9.14 5.87 -13.36
CA ARG A 84 -8.28 6.08 -14.52
C ARG A 84 -6.82 6.09 -14.08
N PRO A 85 -5.91 5.56 -14.93
CA PRO A 85 -4.48 5.52 -14.62
C PRO A 85 -3.81 6.89 -14.75
N ILE A 86 -3.60 7.54 -13.62
CA ILE A 86 -2.98 8.86 -13.61
C ILE A 86 -1.49 8.75 -13.30
N VAL A 87 -0.66 9.22 -14.22
CA VAL A 87 0.79 9.16 -14.05
C VAL A 87 1.28 10.33 -13.20
N ALA A 88 2.21 10.05 -12.30
CA ALA A 88 2.81 11.07 -11.46
C ALA A 88 4.21 10.65 -11.05
N ARG A 89 5.08 11.62 -10.81
CA ARG A 89 6.45 11.33 -10.42
C ARG A 89 6.56 11.27 -8.89
N HIS A 90 7.34 10.32 -8.41
CA HIS A 90 7.52 10.13 -6.97
C HIS A 90 8.97 9.85 -6.64
N THR A 91 9.41 10.35 -5.50
CA THR A 91 10.78 10.15 -5.05
C THR A 91 10.93 8.81 -4.33
N LEU A 92 11.98 8.08 -4.64
CA LEU A 92 12.31 6.89 -3.88
C LEU A 92 13.40 7.24 -2.87
N LEU A 93 13.25 6.72 -1.66
CA LEU A 93 14.19 7.03 -0.59
C LEU A 93 15.34 6.04 -0.62
N ARG A 94 15.06 4.80 -0.26
CA ARG A 94 16.06 3.77 -0.30
C ARG A 94 15.51 2.51 -0.96
N CYS A 95 16.39 1.73 -1.56
CA CYS A 95 16.04 0.43 -2.10
C CYS A 95 17.22 -0.51 -1.90
N GLU A 96 17.19 -1.25 -0.80
CA GLU A 96 18.28 -2.12 -0.42
C GLU A 96 17.82 -3.57 -0.42
N PRO A 97 17.91 -4.24 -1.57
CA PRO A 97 17.37 -5.59 -1.77
C PRO A 97 18.34 -6.69 -1.35
N PRO A 98 17.81 -7.79 -0.81
CA PRO A 98 16.42 -7.89 -0.41
C PRO A 98 16.25 -7.67 1.09
N ARG A 99 15.78 -6.49 1.48
CA ARG A 99 15.53 -6.19 2.88
C ARG A 99 14.55 -5.04 3.02
N VAL A 100 14.98 -3.83 2.69
CA VAL A 100 14.20 -2.63 2.97
C VAL A 100 14.13 -1.71 1.75
N LEU A 101 12.94 -1.21 1.46
CA LEU A 101 12.78 -0.20 0.42
C LEU A 101 11.83 0.89 0.93
N ALA A 102 12.05 2.12 0.48
CA ALA A 102 11.24 3.24 0.96
C ALA A 102 10.96 4.22 -0.16
N LEU A 103 9.76 4.78 -0.14
CA LEU A 103 9.36 5.79 -1.12
C LEU A 103 8.48 6.83 -0.42
N THR A 104 8.08 7.85 -1.15
CA THR A 104 7.10 8.79 -0.63
C THR A 104 5.80 8.66 -1.41
N TRP A 105 4.69 8.81 -0.69
CA TRP A 105 3.39 8.46 -1.22
C TRP A 105 2.67 9.70 -1.76
N GLY A 106 1.41 9.54 -2.13
CA GLY A 106 0.65 10.65 -2.66
C GLY A 106 0.43 11.74 -1.63
N GLY A 107 0.94 12.92 -1.91
CA GLY A 107 0.80 14.03 -0.99
C GLY A 107 -0.48 14.80 -1.23
N GLY A 108 -1.60 14.18 -0.95
CA GLY A 108 -2.88 14.84 -1.12
C GLY A 108 -3.18 15.78 0.02
N ALA A 109 -2.73 15.43 1.21
CA ALA A 109 -2.89 16.28 2.37
C ALA A 109 -1.85 17.40 2.35
N GLY A 110 -2.05 18.41 3.18
CA GLY A 110 -1.10 19.50 3.28
C GLY A 110 0.27 19.05 3.74
N GLU A 111 1.26 19.94 3.59
CA GLU A 111 2.65 19.65 3.88
C GLU A 111 3.23 18.65 2.89
N ALA A 112 4.41 18.14 3.20
CA ALA A 112 5.11 17.23 2.30
C ALA A 112 4.46 15.86 2.30
N PRO A 113 4.47 15.19 1.13
CA PRO A 113 3.91 13.84 0.98
C PRO A 113 4.52 12.85 1.98
N SER A 114 3.66 12.07 2.61
CA SER A 114 4.10 11.13 3.62
C SER A 114 4.83 9.97 2.95
N GLU A 115 5.68 9.29 3.68
CA GLU A 115 6.56 8.30 3.09
C GLU A 115 6.12 6.89 3.45
N VAL A 116 6.62 5.92 2.70
CA VAL A 116 6.27 4.53 2.91
C VAL A 116 7.53 3.69 3.08
N LEU A 117 7.63 3.05 4.22
CA LEU A 117 8.73 2.14 4.48
C LEU A 117 8.25 0.71 4.35
N PHE A 118 8.85 -0.01 3.43
CA PHE A 118 8.67 -1.44 3.37
C PHE A 118 9.86 -2.10 4.00
N GLU A 119 9.61 -2.83 5.07
CA GLU A 119 10.69 -3.44 5.82
C GLU A 119 10.45 -4.93 5.94
N LEU A 120 11.28 -5.69 5.26
CA LEU A 120 11.14 -7.14 5.26
C LEU A 120 12.17 -7.77 6.18
N SER A 121 11.72 -8.72 6.98
CA SER A 121 12.59 -9.52 7.80
C SER A 121 12.46 -10.96 7.36
N GLU A 122 13.57 -11.67 7.30
CA GLU A 122 13.55 -12.99 6.72
C GLU A 122 13.65 -14.03 7.81
N ALA A 123 12.69 -14.93 7.80
CA ALA A 123 12.57 -15.93 8.83
C ALA A 123 13.15 -17.26 8.36
N GLY A 124 12.87 -18.33 9.10
CA GLY A 124 13.50 -19.61 8.82
C GLY A 124 12.99 -20.30 7.57
N GLU A 125 12.15 -19.60 6.82
CA GLU A 125 11.58 -20.11 5.58
C GLU A 125 10.66 -19.06 4.97
N GLN A 126 10.11 -18.21 5.82
CA GLN A 126 9.15 -17.22 5.39
C GLN A 126 9.66 -15.82 5.66
N VAL A 127 8.87 -14.82 5.33
CA VAL A 127 9.29 -13.44 5.50
C VAL A 127 8.25 -12.63 6.27
N ARG A 128 8.75 -11.79 7.16
CA ARG A 128 7.91 -10.82 7.84
C ARG A 128 7.92 -9.52 7.05
N LEU A 129 6.75 -9.02 6.72
CA LEU A 129 6.63 -7.74 6.05
C LEU A 129 6.03 -6.73 6.99
N VAL A 130 6.76 -5.66 7.20
CA VAL A 130 6.30 -4.57 8.05
C VAL A 130 6.09 -3.33 7.19
N LEU A 131 4.84 -2.99 7.00
CA LEU A 131 4.50 -1.79 6.25
C LEU A 131 4.43 -0.62 7.23
N THR A 132 5.39 0.27 7.10
CA THR A 132 5.47 1.42 7.97
C THR A 132 5.27 2.69 7.17
N HIS A 133 4.07 3.22 7.18
CA HIS A 133 3.85 4.46 6.46
C HIS A 133 4.22 5.62 7.37
N THR A 134 5.33 6.25 7.06
CA THR A 134 5.91 7.27 7.90
C THR A 134 5.52 8.66 7.45
N ARG A 135 5.87 9.65 8.28
CA ARG A 135 5.72 11.06 7.92
C ARG A 135 4.25 11.47 7.81
N LEU A 136 3.40 10.73 8.50
CA LEU A 136 1.98 11.08 8.55
C LEU A 136 1.74 12.21 9.54
N ALA A 137 1.04 13.24 9.09
CA ALA A 137 0.74 14.39 9.93
C ALA A 137 -0.18 13.99 11.09
N ASP A 138 -1.12 13.10 10.81
CA ASP A 138 -2.07 12.62 11.81
C ASP A 138 -2.97 11.57 11.16
N ARG A 139 -4.05 11.21 11.85
CA ARG A 139 -4.96 10.19 11.35
C ARG A 139 -5.61 10.64 10.03
N ALA A 140 -5.65 11.94 9.82
CA ALA A 140 -6.17 12.49 8.57
C ALA A 140 -5.32 12.04 7.39
N ALA A 141 -4.01 11.93 7.62
CA ALA A 141 -3.10 11.56 6.55
C ALA A 141 -3.27 10.08 6.21
N MET A 142 -3.30 9.23 7.23
CA MET A 142 -3.54 7.81 7.00
C MET A 142 -4.92 7.61 6.37
N LEU A 143 -5.86 8.49 6.72
CA LEU A 143 -7.16 8.50 6.06
C LEU A 143 -7.05 8.99 4.62
N ASP A 144 -6.07 9.84 4.33
CA ASP A 144 -5.87 10.32 2.96
C ASP A 144 -5.43 9.16 2.08
N VAL A 145 -4.49 8.37 2.58
CA VAL A 145 -4.01 7.20 1.85
C VAL A 145 -5.01 6.04 1.97
N ALA A 146 -5.86 6.10 2.99
CA ALA A 146 -6.88 5.06 3.25
C ALA A 146 -7.68 4.70 2.00
N GLY A 147 -7.78 5.63 1.06
CA GLY A 147 -8.50 5.37 -0.18
C GLY A 147 -7.74 4.42 -1.10
N GLY A 148 -7.68 3.15 -0.70
CA GLY A 148 -7.08 2.13 -1.55
C GLY A 148 -5.83 1.51 -0.94
N TRP A 149 -4.99 2.35 -0.34
CA TRP A 149 -3.65 1.93 0.11
C TRP A 149 -3.69 0.69 1.00
N HIS A 150 -4.29 0.79 2.19
CA HIS A 150 -4.27 -0.33 3.14
C HIS A 150 -4.78 -1.63 2.52
N ALA A 151 -5.83 -1.52 1.75
CA ALA A 151 -6.49 -2.67 1.11
C ALA A 151 -5.53 -3.47 0.22
N HIS A 152 -4.46 -2.83 -0.25
CA HIS A 152 -3.50 -3.50 -1.14
C HIS A 152 -2.85 -4.70 -0.43
N LEU A 153 -2.84 -4.65 0.90
CA LEU A 153 -2.24 -5.72 1.69
C LEU A 153 -3.02 -7.02 1.56
N ALA A 154 -4.30 -6.92 1.20
CA ALA A 154 -5.13 -8.09 1.02
C ALA A 154 -4.79 -8.79 -0.30
N VAL A 155 -4.66 -8.00 -1.35
CA VAL A 155 -4.34 -8.53 -2.66
C VAL A 155 -2.92 -9.07 -2.70
N LEU A 156 -2.01 -8.42 -1.96
CA LEU A 156 -0.65 -8.92 -1.80
C LEU A 156 -0.65 -10.36 -1.30
N ALA A 157 -1.29 -10.58 -0.16
CA ALA A 157 -1.36 -11.90 0.43
C ALA A 157 -2.05 -12.87 -0.52
N GLY A 158 -3.10 -12.39 -1.19
CA GLY A 158 -3.80 -13.20 -2.16
C GLY A 158 -2.88 -13.70 -3.27
N LYS A 159 -2.11 -12.79 -3.85
CA LYS A 159 -1.20 -13.14 -4.93
C LYS A 159 -0.05 -14.00 -4.43
N LEU A 160 0.58 -13.57 -3.34
CA LEU A 160 1.73 -14.26 -2.78
C LEU A 160 1.36 -15.66 -2.26
N ALA A 161 0.09 -15.86 -1.93
CA ALA A 161 -0.38 -17.18 -1.53
C ALA A 161 -0.71 -18.03 -2.76
N GLY A 162 -0.96 -17.37 -3.88
CA GLY A 162 -1.35 -18.07 -5.09
C GLY A 162 -2.85 -18.28 -5.17
N GLN A 163 -3.61 -17.46 -4.46
CA GLN A 163 -5.06 -17.58 -4.46
C GLN A 163 -5.69 -16.39 -5.17
N ALA A 164 -7.02 -16.37 -5.21
CA ALA A 164 -7.75 -15.28 -5.84
C ALA A 164 -7.81 -14.08 -4.90
N PRO A 165 -7.97 -12.86 -5.44
CA PRO A 165 -8.09 -11.65 -4.64
C PRO A 165 -9.51 -11.48 -4.07
N PRO A 166 -9.62 -10.77 -2.93
CA PRO A 166 -10.91 -10.53 -2.28
C PRO A 166 -11.65 -9.34 -2.91
N PRO A 167 -12.94 -9.14 -2.53
CA PRO A 167 -13.71 -7.96 -2.98
C PRO A 167 -13.05 -6.66 -2.54
N PHE A 168 -12.51 -5.93 -3.51
CA PHE A 168 -11.71 -4.75 -3.23
C PHE A 168 -12.55 -3.63 -2.62
N TRP A 169 -13.65 -3.27 -3.28
CA TRP A 169 -14.48 -2.15 -2.83
C TRP A 169 -15.04 -2.40 -1.45
N THR A 170 -15.48 -3.62 -1.21
CA THR A 170 -16.01 -4.01 0.09
C THR A 170 -14.97 -3.78 1.18
N THR A 171 -13.75 -4.27 0.94
CA THR A 171 -12.66 -4.12 1.88
C THR A 171 -12.25 -2.65 2.03
N LEU A 172 -12.13 -1.96 0.91
CA LEU A 172 -11.76 -0.56 0.88
C LEU A 172 -12.75 0.26 1.71
N ALA A 173 -14.03 0.14 1.37
CA ALA A 173 -15.06 0.94 2.01
C ALA A 173 -15.19 0.60 3.50
N GLN A 174 -15.06 -0.68 3.85
CA GLN A 174 -15.13 -1.11 5.22
C GLN A 174 -14.02 -0.46 6.05
N ALA A 175 -12.79 -0.55 5.56
CA ALA A 175 -11.66 0.07 6.23
C ALA A 175 -11.80 1.59 6.23
N GLU A 176 -12.34 2.13 5.15
CA GLU A 176 -12.62 3.54 5.05
C GLU A 176 -13.60 3.96 6.14
N GLN A 177 -14.64 3.16 6.32
CA GLN A 177 -15.63 3.38 7.37
C GLN A 177 -14.98 3.40 8.74
N ASP A 178 -14.05 2.48 8.98
CA ASP A 178 -13.32 2.44 10.25
C ASP A 178 -12.55 3.74 10.46
N TYR A 179 -11.66 4.06 9.52
CA TYR A 179 -10.81 5.25 9.60
C TYR A 179 -11.64 6.53 9.77
N GLU A 180 -12.68 6.66 8.95
CA GLU A 180 -13.54 7.83 8.97
C GLU A 180 -14.22 8.02 10.33
N GLN A 181 -14.33 6.93 11.07
CA GLN A 181 -14.98 6.95 12.37
C GLN A 181 -13.97 7.26 13.47
N ARG A 182 -12.73 6.83 13.26
CA ARG A 182 -11.69 6.97 14.28
C ARG A 182 -11.39 8.44 14.57
N LEU A 183 -10.71 9.09 13.63
CA LEU A 183 -10.27 10.45 13.80
C LEU A 183 -9.86 11.00 12.43
N LEU A 184 -10.29 12.22 12.12
CA LEU A 184 -10.02 12.77 10.80
C LEU A 184 -9.82 14.28 10.86
N GLU A 185 -9.21 14.79 9.80
CA GLU A 185 -9.08 16.22 9.56
C GLU A 185 -9.33 16.49 8.10
N HIS A 186 -9.68 17.73 7.77
CA HIS A 186 -9.76 18.14 6.39
C HIS A 186 -8.61 19.08 6.08
N HIS A 187 -7.43 18.51 5.95
CA HIS A 187 -6.21 19.29 5.88
C HIS A 187 -5.68 19.37 4.45
N HIS A 188 -6.27 20.25 3.66
CA HIS A 188 -5.83 20.49 2.29
C HIS A 188 -5.36 21.92 2.13
N HIS A 189 -4.08 22.09 1.87
CA HIS A 189 -3.51 23.42 1.74
C HIS A 189 -3.08 23.66 0.30
N HIS A 190 -3.91 24.36 -0.44
CA HIS A 190 -3.65 24.63 -1.85
C HIS A 190 -3.02 26.00 -2.01
N HIS A 191 -1.77 26.03 -2.47
CA HIS A 191 -1.06 27.28 -2.72
C HIS A 191 -1.82 28.14 -3.72
N MET A 1 7.44 -16.51 -14.17
CA MET A 1 6.71 -16.00 -12.99
C MET A 1 6.43 -17.13 -12.00
N THR A 2 7.24 -17.19 -10.95
CA THR A 2 7.07 -18.20 -9.92
C THR A 2 5.90 -17.85 -9.01
N SER A 3 4.77 -18.48 -9.26
CA SER A 3 3.56 -18.23 -8.48
C SER A 3 2.96 -19.54 -8.01
N PRO A 4 2.89 -19.74 -6.68
CA PRO A 4 2.31 -20.94 -6.07
C PRO A 4 0.78 -20.92 -6.12
N SER A 5 0.16 -21.68 -5.22
CA SER A 5 -1.30 -21.74 -5.15
C SER A 5 -1.72 -22.05 -3.71
N SER A 6 -1.02 -21.45 -2.77
CA SER A 6 -1.23 -21.69 -1.36
C SER A 6 -2.40 -20.84 -0.84
N ALA A 7 -2.91 -21.19 0.33
CA ALA A 7 -4.03 -20.48 0.92
C ALA A 7 -3.59 -19.60 2.08
N PHE A 8 -3.69 -18.29 1.89
CA PHE A 8 -3.38 -17.33 2.95
C PHE A 8 -4.53 -16.35 3.12
N PRO A 9 -5.27 -16.45 4.23
CA PRO A 9 -6.41 -15.58 4.51
C PRO A 9 -6.00 -14.22 5.08
N ASP A 10 -6.89 -13.25 5.01
CA ASP A 10 -6.65 -11.91 5.54
C ASP A 10 -7.98 -11.34 6.06
N GLY A 11 -8.05 -10.02 6.20
CA GLY A 11 -9.24 -9.40 6.73
C GLY A 11 -9.23 -9.39 8.24
N HIS A 12 -8.20 -8.78 8.81
CA HIS A 12 -8.06 -8.73 10.26
C HIS A 12 -8.22 -7.28 10.74
N GLY A 13 -8.84 -6.46 9.91
CA GLY A 13 -9.05 -5.07 10.25
C GLY A 13 -10.21 -4.89 11.22
N ALA A 14 -9.93 -4.23 12.34
CA ALA A 14 -10.95 -3.93 13.33
C ALA A 14 -10.45 -2.86 14.30
N ARG A 15 -10.43 -1.62 13.84
CA ARG A 15 -9.97 -0.46 14.60
C ARG A 15 -8.55 -0.62 15.13
N LEU A 16 -7.59 -0.17 14.33
CA LEU A 16 -6.21 -0.08 14.76
C LEU A 16 -5.95 1.33 15.29
N ASP A 17 -4.90 1.50 16.06
CA ASP A 17 -4.62 2.81 16.65
C ASP A 17 -3.13 3.10 16.68
N ALA A 18 -2.76 4.26 16.13
CA ALA A 18 -1.38 4.72 16.10
C ALA A 18 -1.35 6.17 15.64
N GLN A 19 -0.18 6.79 15.70
CA GLN A 19 -0.04 8.15 15.19
C GLN A 19 0.34 8.10 13.72
N SER A 20 1.14 7.10 13.40
CA SER A 20 1.53 6.82 12.03
C SER A 20 0.81 5.56 11.54
N ILE A 21 1.08 5.15 10.32
CA ILE A 21 0.51 3.93 9.79
C ILE A 21 1.53 2.82 9.82
N ARG A 22 1.17 1.70 10.42
CA ARG A 22 2.05 0.54 10.47
C ARG A 22 1.20 -0.73 10.41
N PHE A 23 1.62 -1.66 9.57
CA PHE A 23 0.87 -2.90 9.37
C PHE A 23 1.81 -4.08 9.23
N GLU A 24 1.68 -5.04 10.12
CA GLU A 24 2.49 -6.24 10.09
C GLU A 24 1.73 -7.41 9.45
N ARG A 25 2.21 -7.85 8.30
CA ARG A 25 1.60 -8.98 7.60
C ARG A 25 2.66 -10.04 7.30
N LEU A 26 2.34 -11.29 7.59
CA LEU A 26 3.23 -12.39 7.27
C LEU A 26 2.96 -12.86 5.84
N LEU A 27 4.02 -12.98 5.06
CA LEU A 27 3.92 -13.35 3.66
C LEU A 27 4.80 -14.55 3.35
N PRO A 28 4.41 -15.37 2.35
CA PRO A 28 5.17 -16.55 1.97
C PRO A 28 6.35 -16.24 1.05
N GLY A 29 7.42 -16.99 1.22
CA GLY A 29 8.60 -16.81 0.41
C GLY A 29 9.84 -16.56 1.26
N PRO A 30 11.03 -16.90 0.76
CA PRO A 30 12.28 -16.76 1.52
C PRO A 30 12.59 -15.31 1.86
N ILE A 31 12.49 -14.46 0.86
CA ILE A 31 12.73 -13.02 0.97
C ILE A 31 12.64 -12.40 -0.41
N GLU A 32 13.05 -13.20 -1.40
CA GLU A 32 13.11 -12.77 -2.79
C GLU A 32 11.71 -12.72 -3.42
N ARG A 33 10.84 -13.66 -3.03
CA ARG A 33 9.54 -13.81 -3.66
C ARG A 33 8.70 -12.56 -3.49
N VAL A 34 8.49 -12.16 -2.25
CA VAL A 34 7.65 -11.02 -1.94
C VAL A 34 8.23 -9.73 -2.53
N TRP A 35 9.55 -9.65 -2.58
CA TRP A 35 10.22 -8.47 -3.12
C TRP A 35 9.87 -8.28 -4.60
N ALA A 36 9.81 -9.39 -5.33
CA ALA A 36 9.51 -9.37 -6.76
C ALA A 36 8.27 -8.55 -7.07
N TRP A 37 7.23 -8.78 -6.29
CA TRP A 37 5.97 -8.09 -6.46
C TRP A 37 6.10 -6.61 -6.11
N LEU A 38 7.04 -6.29 -5.25
CA LEU A 38 7.28 -4.93 -4.83
C LEU A 38 8.07 -4.17 -5.88
N ALA A 39 8.95 -4.87 -6.59
CA ALA A 39 9.86 -4.23 -7.51
C ALA A 39 9.39 -4.31 -8.97
N ASP A 40 8.95 -5.47 -9.40
CA ASP A 40 8.63 -5.70 -10.81
C ASP A 40 7.42 -4.91 -11.26
N ALA A 41 7.64 -3.97 -12.18
CA ALA A 41 6.58 -3.15 -12.71
C ALA A 41 5.61 -3.96 -13.54
N ASP A 42 6.08 -5.07 -14.11
CA ASP A 42 5.25 -5.87 -14.99
C ASP A 42 4.06 -6.39 -14.22
N LYS A 43 4.33 -7.07 -13.13
CA LYS A 43 3.29 -7.61 -12.28
C LYS A 43 2.62 -6.54 -11.43
N ARG A 44 3.40 -5.59 -10.91
CA ARG A 44 2.85 -4.63 -9.96
C ARG A 44 1.93 -3.63 -10.64
N ALA A 45 2.04 -3.52 -11.96
CA ALA A 45 1.11 -2.70 -12.73
C ALA A 45 -0.23 -3.41 -12.86
N ARG A 46 -0.29 -4.64 -12.36
CA ARG A 46 -1.48 -5.45 -12.44
C ARG A 46 -2.15 -5.54 -11.07
N TRP A 47 -1.40 -5.27 -10.00
CA TRP A 47 -1.97 -5.36 -8.66
C TRP A 47 -1.90 -4.02 -7.90
N LEU A 48 -1.13 -3.05 -8.40
CA LEU A 48 -0.99 -1.77 -7.74
C LEU A 48 -0.94 -0.63 -8.77
N ALA A 49 0.19 -0.53 -9.46
CA ALA A 49 0.43 0.53 -10.43
C ALA A 49 1.71 0.26 -11.22
N GLY A 50 1.82 0.85 -12.39
CA GLY A 50 2.96 0.61 -13.25
C GLY A 50 4.15 1.50 -12.91
N GLY A 51 5.21 1.35 -13.67
CA GLY A 51 6.44 2.08 -13.40
C GLY A 51 7.47 1.20 -12.75
N GLU A 52 8.67 1.15 -13.33
CA GLU A 52 9.77 0.35 -12.80
C GLU A 52 10.48 1.09 -11.66
N LEU A 53 11.64 0.58 -11.28
CA LEU A 53 12.46 1.23 -10.27
C LEU A 53 13.74 1.76 -10.91
N PRO A 54 14.22 2.92 -10.44
CA PRO A 54 15.44 3.54 -10.92
C PRO A 54 16.70 2.83 -10.39
N ARG A 55 17.84 3.50 -10.51
CA ARG A 55 19.10 2.90 -10.13
C ARG A 55 19.65 3.50 -8.84
N GLN A 56 19.43 4.80 -8.65
CA GLN A 56 19.98 5.50 -7.50
C GLN A 56 18.91 5.86 -6.48
N PRO A 57 19.29 5.78 -5.20
CA PRO A 57 18.51 6.35 -4.10
C PRO A 57 18.58 7.88 -4.14
N GLY A 58 17.48 8.51 -4.51
CA GLY A 58 17.49 9.94 -4.74
C GLY A 58 16.97 10.27 -6.11
N GLN A 59 16.91 9.25 -6.97
CA GLN A 59 16.28 9.38 -8.26
C GLN A 59 14.77 9.26 -8.11
N THR A 60 14.04 9.71 -9.10
CA THR A 60 12.59 9.65 -9.05
C THR A 60 12.06 8.57 -9.99
N PHE A 61 11.09 7.80 -9.51
CA PHE A 61 10.42 6.82 -10.37
C PHE A 61 9.01 7.27 -10.58
N GLU A 62 8.41 6.78 -11.63
CA GLU A 62 7.06 7.20 -11.98
C GLU A 62 6.09 6.07 -11.71
N LEU A 63 5.18 6.29 -10.77
CA LEU A 63 4.16 5.31 -10.49
C LEU A 63 2.92 5.65 -11.29
N HIS A 64 2.36 4.66 -11.95
CA HIS A 64 1.28 4.90 -12.89
C HIS A 64 0.07 4.03 -12.54
N PHE A 65 -0.95 4.65 -11.99
CA PHE A 65 -2.13 3.92 -11.56
C PHE A 65 -2.96 3.49 -12.77
N ASN A 66 -3.37 2.24 -12.75
CA ASN A 66 -4.13 1.66 -13.85
C ASN A 66 -5.50 1.24 -13.35
N HIS A 67 -6.54 1.64 -14.07
CA HIS A 67 -7.91 1.38 -13.62
C HIS A 67 -8.32 -0.06 -13.92
N ALA A 68 -7.36 -0.87 -14.35
CA ALA A 68 -7.56 -2.29 -14.54
C ALA A 68 -6.58 -3.07 -13.67
N ALA A 69 -5.94 -2.36 -12.74
CA ALA A 69 -4.95 -2.96 -11.87
C ALA A 69 -5.59 -3.39 -10.55
N LEU A 70 -6.19 -4.57 -10.58
CA LEU A 70 -6.80 -5.17 -9.41
C LEU A 70 -8.01 -4.36 -8.93
N THR A 71 -9.14 -4.58 -9.59
CA THR A 71 -10.40 -3.94 -9.24
C THR A 71 -10.35 -2.42 -9.48
N ALA A 72 -11.32 -1.70 -8.93
CA ALA A 72 -11.49 -0.25 -9.13
C ALA A 72 -11.80 0.07 -10.60
N GLU A 73 -12.08 -0.98 -11.37
CA GLU A 73 -12.49 -0.83 -12.77
C GLU A 73 -13.88 -0.22 -12.82
N THR A 74 -14.59 -0.36 -11.71
CA THR A 74 -15.86 0.29 -11.48
C THR A 74 -16.03 0.48 -9.98
N ALA A 75 -16.50 1.65 -9.58
CA ALA A 75 -16.54 2.01 -8.17
C ALA A 75 -17.73 2.90 -7.87
N PRO A 76 -18.15 2.98 -6.59
CA PRO A 76 -19.26 3.84 -6.17
C PRO A 76 -19.06 5.29 -6.57
N ALA A 77 -17.94 5.88 -6.15
CA ALA A 77 -17.62 7.27 -6.50
C ALA A 77 -16.21 7.66 -6.07
N ARG A 78 -16.01 7.85 -4.77
CA ARG A 78 -14.75 8.41 -4.27
C ARG A 78 -13.59 7.42 -4.37
N TYR A 79 -13.82 6.29 -5.00
CA TYR A 79 -12.77 5.30 -5.22
C TYR A 79 -12.39 5.28 -6.69
N ALA A 80 -13.13 6.03 -7.50
CA ALA A 80 -12.91 6.09 -8.93
C ALA A 80 -11.69 6.93 -9.28
N GLN A 81 -10.94 7.34 -8.27
CA GLN A 81 -9.68 8.05 -8.47
C GLN A 81 -8.71 7.16 -9.24
N TYR A 82 -8.79 5.87 -8.97
CA TYR A 82 -7.93 4.88 -9.62
C TYR A 82 -8.44 4.55 -11.01
N ASP A 83 -9.65 4.99 -11.32
CA ASP A 83 -10.25 4.77 -12.63
C ASP A 83 -9.73 5.80 -13.63
N ARG A 84 -8.90 6.69 -13.13
CA ARG A 84 -8.30 7.72 -13.95
C ARG A 84 -6.90 7.31 -14.36
N PRO A 85 -6.49 7.65 -15.60
CA PRO A 85 -5.12 7.48 -16.04
C PRO A 85 -4.21 8.49 -15.36
N ILE A 86 -3.61 8.06 -14.26
CA ILE A 86 -2.83 8.98 -13.43
C ILE A 86 -1.43 8.45 -13.22
N VAL A 87 -0.49 9.37 -13.23
CA VAL A 87 0.91 9.05 -12.99
C VAL A 87 1.49 10.05 -11.99
N ALA A 88 2.18 9.54 -10.99
CA ALA A 88 2.79 10.38 -9.98
C ALA A 88 4.18 9.86 -9.64
N ARG A 89 5.20 10.65 -9.95
CA ARG A 89 6.56 10.24 -9.71
C ARG A 89 6.98 10.66 -8.31
N HIS A 90 7.86 9.88 -7.71
CA HIS A 90 8.32 10.13 -6.36
C HIS A 90 9.78 9.73 -6.19
N THR A 91 10.45 10.36 -5.23
CA THR A 91 11.84 10.09 -4.97
C THR A 91 12.02 8.84 -4.12
N LEU A 92 13.01 8.03 -4.47
CA LEU A 92 13.36 6.85 -3.68
C LEU A 92 14.08 7.28 -2.41
N LEU A 93 13.65 6.72 -1.29
CA LEU A 93 14.23 7.05 0.00
C LEU A 93 15.40 6.10 0.29
N ARG A 94 15.08 4.84 0.51
CA ARG A 94 16.07 3.83 0.82
C ARG A 94 15.69 2.49 0.19
N CYS A 95 16.57 1.94 -0.63
CA CYS A 95 16.26 0.70 -1.33
C CYS A 95 17.47 -0.25 -1.35
N GLU A 96 17.34 -1.39 -0.68
CA GLU A 96 18.38 -2.39 -0.66
C GLU A 96 17.80 -3.78 -0.93
N PRO A 97 17.69 -4.16 -2.20
CA PRO A 97 17.13 -5.45 -2.62
C PRO A 97 18.04 -6.64 -2.30
N PRO A 98 17.47 -7.75 -1.83
CA PRO A 98 16.07 -7.87 -1.47
C PRO A 98 15.85 -7.80 0.04
N ARG A 99 15.36 -6.67 0.53
CA ARG A 99 15.14 -6.48 1.95
C ARG A 99 14.18 -5.34 2.21
N VAL A 100 14.66 -4.11 2.01
CA VAL A 100 13.90 -2.92 2.35
C VAL A 100 13.85 -1.95 1.17
N LEU A 101 12.67 -1.42 0.89
CA LEU A 101 12.51 -0.37 -0.11
C LEU A 101 11.64 0.72 0.47
N ALA A 102 11.91 1.95 0.09
CA ALA A 102 11.20 3.08 0.65
C ALA A 102 11.00 4.19 -0.37
N LEU A 103 9.80 4.73 -0.39
CA LEU A 103 9.48 5.85 -1.24
C LEU A 103 8.69 6.87 -0.44
N THR A 104 8.36 8.00 -1.04
CA THR A 104 7.51 8.96 -0.36
C THR A 104 6.14 9.01 -1.03
N TRP A 105 5.13 9.24 -0.23
CA TRP A 105 3.75 9.16 -0.66
C TRP A 105 3.06 10.50 -0.40
N GLY A 106 2.30 10.97 -1.37
CA GLY A 106 1.75 12.31 -1.28
C GLY A 106 2.70 13.32 -1.87
N GLY A 107 3.11 14.28 -1.06
CA GLY A 107 4.05 15.29 -1.52
C GLY A 107 3.35 16.53 -2.04
N GLY A 108 2.23 16.87 -1.43
CA GLY A 108 1.48 18.02 -1.86
C GLY A 108 1.64 19.19 -0.91
N ALA A 109 0.78 20.19 -1.05
CA ALA A 109 0.84 21.35 -0.19
C ALA A 109 0.16 21.07 1.14
N GLY A 110 0.89 20.44 2.04
CA GLY A 110 0.35 20.08 3.33
C GLY A 110 1.34 19.27 4.13
N GLU A 111 2.14 19.98 4.93
CA GLU A 111 3.16 19.39 5.77
C GLU A 111 4.22 18.66 4.95
N ALA A 112 5.08 17.91 5.63
CA ALA A 112 6.14 17.17 4.97
C ALA A 112 5.56 15.97 4.22
N PRO A 113 6.15 15.63 3.06
CA PRO A 113 5.73 14.47 2.28
C PRO A 113 5.89 13.18 3.09
N SER A 114 4.80 12.48 3.28
CA SER A 114 4.80 11.25 4.04
C SER A 114 5.65 10.21 3.33
N GLU A 115 6.31 9.33 4.07
CA GLU A 115 7.14 8.33 3.45
C GLU A 115 6.56 6.93 3.68
N VAL A 116 6.80 6.05 2.73
CA VAL A 116 6.33 4.68 2.82
C VAL A 116 7.50 3.73 2.85
N LEU A 117 7.59 2.99 3.94
CA LEU A 117 8.65 2.03 4.14
C LEU A 117 8.14 0.62 3.97
N PHE A 118 8.74 -0.10 3.05
CA PHE A 118 8.51 -1.53 2.96
C PHE A 118 9.71 -2.24 3.55
N GLU A 119 9.48 -2.99 4.60
CA GLU A 119 10.55 -3.66 5.30
C GLU A 119 10.23 -5.13 5.43
N LEU A 120 10.98 -5.96 4.71
CA LEU A 120 10.77 -7.39 4.75
C LEU A 120 11.84 -8.05 5.60
N SER A 121 11.41 -8.86 6.54
CA SER A 121 12.33 -9.64 7.34
C SER A 121 12.17 -11.10 6.98
N GLU A 122 13.28 -11.80 6.89
CA GLU A 122 13.29 -13.14 6.34
C GLU A 122 13.17 -14.17 7.46
N ALA A 123 12.22 -15.06 7.31
CA ALA A 123 11.99 -16.10 8.28
C ALA A 123 11.92 -17.47 7.61
N GLY A 124 13.06 -17.91 7.10
CA GLY A 124 13.14 -19.19 6.43
C GLY A 124 12.35 -19.21 5.13
N GLU A 125 11.17 -19.80 5.18
CA GLU A 125 10.32 -19.94 4.00
C GLU A 125 9.25 -18.85 3.97
N GLN A 126 9.30 -17.94 4.94
CA GLN A 126 8.32 -16.86 4.99
C GLN A 126 9.01 -15.55 5.32
N VAL A 127 8.28 -14.47 5.17
CA VAL A 127 8.79 -13.16 5.47
C VAL A 127 7.77 -12.32 6.23
N ARG A 128 8.25 -11.59 7.21
CA ARG A 128 7.42 -10.62 7.89
C ARG A 128 7.52 -9.28 7.17
N LEU A 129 6.39 -8.80 6.73
CA LEU A 129 6.32 -7.51 6.05
C LEU A 129 5.66 -6.49 6.96
N VAL A 130 6.37 -5.41 7.21
CA VAL A 130 5.82 -4.32 7.97
C VAL A 130 5.65 -3.09 7.08
N LEU A 131 4.42 -2.67 6.92
CA LEU A 131 4.12 -1.48 6.13
C LEU A 131 4.21 -0.28 7.04
N THR A 132 5.18 0.57 6.77
CA THR A 132 5.41 1.75 7.59
C THR A 132 5.11 3.01 6.81
N HIS A 133 4.30 3.88 7.37
CA HIS A 133 3.99 5.13 6.73
C HIS A 133 4.21 6.28 7.70
N THR A 134 5.24 7.04 7.41
CA THR A 134 5.74 8.05 8.30
C THR A 134 5.37 9.44 7.80
N ARG A 135 5.53 10.44 8.69
CA ARG A 135 5.07 11.80 8.45
C ARG A 135 3.54 11.84 8.45
N LEU A 136 2.97 11.31 9.52
CA LEU A 136 1.53 11.33 9.71
C LEU A 136 1.19 11.98 11.04
N ALA A 137 0.15 12.80 11.04
CA ALA A 137 -0.23 13.51 12.25
C ALA A 137 -1.73 13.44 12.52
N ASP A 138 -2.52 13.23 11.48
CA ASP A 138 -3.97 13.33 11.62
C ASP A 138 -4.67 12.21 10.86
N ARG A 139 -5.82 11.81 11.39
CA ARG A 139 -6.64 10.76 10.78
C ARG A 139 -6.99 11.11 9.33
N ALA A 140 -7.05 12.40 9.02
CA ALA A 140 -7.32 12.84 7.66
C ALA A 140 -6.21 12.43 6.71
N ALA A 141 -4.97 12.44 7.20
CA ALA A 141 -3.84 12.02 6.38
C ALA A 141 -3.95 10.53 6.08
N MET A 142 -4.16 9.76 7.15
CA MET A 142 -4.44 8.34 7.01
C MET A 142 -5.55 8.11 5.99
N LEU A 143 -6.65 8.85 6.13
CA LEU A 143 -7.76 8.75 5.18
C LEU A 143 -7.36 9.24 3.79
N ASP A 144 -6.37 10.11 3.72
CA ASP A 144 -5.92 10.67 2.46
C ASP A 144 -5.28 9.58 1.61
N VAL A 145 -4.44 8.79 2.24
CA VAL A 145 -3.79 7.68 1.55
C VAL A 145 -4.68 6.43 1.54
N ALA A 146 -5.55 6.31 2.54
CA ALA A 146 -6.33 5.10 2.77
C ALA A 146 -7.26 4.79 1.61
N GLY A 147 -7.59 5.81 0.82
CA GLY A 147 -8.52 5.66 -0.30
C GLY A 147 -8.26 4.43 -1.16
N GLY A 148 -7.00 4.01 -1.24
CA GLY A 148 -6.69 2.78 -1.95
C GLY A 148 -5.42 2.11 -1.45
N TRP A 149 -4.74 2.73 -0.49
CA TRP A 149 -3.42 2.27 -0.07
C TRP A 149 -3.51 1.00 0.77
N HIS A 150 -4.27 1.05 1.87
CA HIS A 150 -4.29 -0.05 2.84
C HIS A 150 -4.63 -1.39 2.18
N ALA A 151 -5.61 -1.35 1.30
CA ALA A 151 -6.11 -2.54 0.62
C ALA A 151 -5.01 -3.31 -0.10
N HIS A 152 -3.96 -2.61 -0.55
CA HIS A 152 -2.90 -3.24 -1.34
C HIS A 152 -2.23 -4.36 -0.54
N LEU A 153 -2.32 -4.28 0.79
CA LEU A 153 -1.73 -5.28 1.66
C LEU A 153 -2.46 -6.62 1.53
N ALA A 154 -3.76 -6.56 1.31
CA ALA A 154 -4.56 -7.77 1.16
C ALA A 154 -4.34 -8.38 -0.22
N VAL A 155 -4.18 -7.50 -1.19
CA VAL A 155 -3.89 -7.93 -2.56
C VAL A 155 -2.57 -8.67 -2.61
N LEU A 156 -1.57 -8.11 -1.92
CA LEU A 156 -0.27 -8.76 -1.80
C LEU A 156 -0.40 -10.18 -1.30
N ALA A 157 -0.94 -10.33 -0.10
CA ALA A 157 -1.09 -11.63 0.53
C ALA A 157 -1.82 -12.62 -0.38
N GLY A 158 -2.92 -12.15 -0.97
CA GLY A 158 -3.70 -13.00 -1.86
C GLY A 158 -2.90 -13.56 -3.02
N LYS A 159 -2.22 -12.68 -3.76
CA LYS A 159 -1.48 -13.12 -4.92
C LYS A 159 -0.16 -13.79 -4.54
N LEU A 160 0.48 -13.30 -3.49
CA LEU A 160 1.73 -13.89 -3.02
C LEU A 160 1.52 -15.31 -2.54
N ALA A 161 0.31 -15.60 -2.07
CA ALA A 161 -0.07 -16.96 -1.73
C ALA A 161 -0.20 -17.81 -2.98
N GLY A 162 -0.55 -17.16 -4.09
CA GLY A 162 -0.77 -17.88 -5.33
C GLY A 162 -2.23 -18.15 -5.57
N GLN A 163 -3.09 -17.59 -4.74
CA GLN A 163 -4.51 -17.76 -4.87
C GLN A 163 -5.16 -16.49 -5.42
N ALA A 164 -6.48 -16.44 -5.38
CA ALA A 164 -7.20 -15.24 -5.76
C ALA A 164 -7.22 -14.25 -4.60
N PRO A 165 -7.22 -12.95 -4.90
CA PRO A 165 -7.21 -11.92 -3.86
C PRO A 165 -8.58 -11.76 -3.20
N PRO A 166 -8.60 -11.28 -1.94
CA PRO A 166 -9.83 -11.02 -1.21
C PRO A 166 -10.62 -9.87 -1.83
N PRO A 167 -11.94 -9.79 -1.53
CA PRO A 167 -12.79 -8.71 -2.05
C PRO A 167 -12.20 -7.33 -1.82
N PHE A 168 -11.76 -6.69 -2.89
CA PHE A 168 -11.08 -5.41 -2.81
C PHE A 168 -11.99 -4.35 -2.21
N TRP A 169 -13.21 -4.24 -2.74
CA TRP A 169 -14.14 -3.22 -2.29
C TRP A 169 -14.52 -3.45 -0.83
N THR A 170 -14.77 -4.69 -0.46
CA THR A 170 -15.12 -5.03 0.91
C THR A 170 -14.00 -4.63 1.87
N THR A 171 -12.80 -5.08 1.58
CA THR A 171 -11.64 -4.78 2.42
C THR A 171 -11.38 -3.26 2.47
N LEU A 172 -11.38 -2.65 1.30
CA LEU A 172 -11.09 -1.22 1.19
C LEU A 172 -12.13 -0.41 1.96
N ALA A 173 -13.40 -0.62 1.64
CA ALA A 173 -14.49 0.13 2.24
C ALA A 173 -14.54 -0.06 3.75
N GLN A 174 -14.41 -1.32 4.20
CA GLN A 174 -14.43 -1.63 5.61
C GLN A 174 -13.34 -0.87 6.36
N ALA A 175 -12.11 -0.96 5.87
CA ALA A 175 -11.00 -0.26 6.51
C ALA A 175 -11.16 1.25 6.36
N GLU A 176 -11.76 1.69 5.26
CA GLU A 176 -12.07 3.09 5.03
C GLU A 176 -13.05 3.58 6.09
N GLN A 177 -14.09 2.78 6.30
CA GLN A 177 -15.09 3.05 7.32
C GLN A 177 -14.49 2.99 8.72
N ASP A 178 -13.44 2.19 8.85
CA ASP A 178 -12.70 2.09 10.11
C ASP A 178 -12.00 3.41 10.43
N TYR A 179 -11.26 3.94 9.45
CA TYR A 179 -10.60 5.23 9.61
C TYR A 179 -11.62 6.35 9.73
N GLU A 180 -12.76 6.18 9.08
CA GLU A 180 -13.84 7.13 9.15
C GLU A 180 -14.62 6.99 10.46
N GLN A 181 -14.32 5.95 11.22
CA GLN A 181 -14.93 5.75 12.52
C GLN A 181 -14.09 6.46 13.57
N ARG A 182 -13.01 5.81 14.00
CA ARG A 182 -12.10 6.35 15.02
C ARG A 182 -12.86 6.93 16.21
N LEU A 183 -13.19 6.09 17.17
CA LEU A 183 -13.97 6.52 18.33
C LEU A 183 -13.11 7.31 19.31
N LEU A 184 -12.81 8.55 18.94
CA LEU A 184 -12.06 9.47 19.78
C LEU A 184 -12.65 10.86 19.63
N GLU A 185 -13.07 11.45 20.73
CA GLU A 185 -13.70 12.77 20.68
C GLU A 185 -12.66 13.86 20.56
N HIS A 186 -12.48 14.34 19.33
CA HIS A 186 -11.58 15.46 19.07
C HIS A 186 -12.35 16.77 19.25
N HIS A 187 -12.18 17.38 20.41
CA HIS A 187 -12.94 18.57 20.78
C HIS A 187 -12.29 19.83 20.21
N HIS A 188 -13.10 20.68 19.61
CA HIS A 188 -12.63 21.92 19.01
C HIS A 188 -12.68 23.06 20.03
N HIS A 189 -11.82 24.05 19.84
CA HIS A 189 -11.80 25.23 20.68
C HIS A 189 -11.50 26.47 19.86
N HIS A 190 -12.54 27.09 19.32
CA HIS A 190 -12.40 28.36 18.63
C HIS A 190 -12.02 29.47 19.62
N HIS A 191 -12.41 29.26 20.88
CA HIS A 191 -11.94 30.08 21.99
C HIS A 191 -12.06 29.30 23.29
N MET A 1 13.69 -14.16 -13.55
CA MET A 1 14.05 -14.62 -12.19
C MET A 1 12.97 -15.55 -11.63
N THR A 2 13.29 -16.82 -11.57
CA THR A 2 12.39 -17.83 -11.04
C THR A 2 12.98 -18.43 -9.76
N SER A 3 12.15 -18.64 -8.75
CA SER A 3 12.65 -19.18 -7.49
C SER A 3 11.60 -20.06 -6.80
N PRO A 4 11.81 -21.38 -6.81
CA PRO A 4 10.98 -22.33 -6.07
C PRO A 4 11.33 -22.34 -4.59
N SER A 5 10.35 -22.07 -3.75
CA SER A 5 10.58 -22.00 -2.32
C SER A 5 9.40 -22.57 -1.54
N SER A 6 9.65 -22.98 -0.31
CA SER A 6 8.61 -23.47 0.57
C SER A 6 7.86 -22.29 1.16
N ALA A 7 6.73 -21.96 0.55
CA ALA A 7 5.99 -20.77 0.93
C ALA A 7 4.70 -21.14 1.65
N PHE A 8 4.63 -20.80 2.93
CA PHE A 8 3.42 -21.01 3.72
C PHE A 8 2.97 -19.70 4.35
N PRO A 9 1.72 -19.28 4.08
CA PRO A 9 1.16 -18.05 4.62
C PRO A 9 0.78 -18.17 6.10
N ASP A 10 0.79 -17.05 6.79
CA ASP A 10 0.45 -17.01 8.21
C ASP A 10 -0.13 -15.66 8.57
N GLY A 11 -1.00 -15.62 9.56
CA GLY A 11 -1.57 -14.37 9.99
C GLY A 11 -0.85 -13.79 11.19
N HIS A 12 0.36 -13.30 10.99
CA HIS A 12 1.10 -12.66 12.05
C HIS A 12 0.78 -11.18 12.09
N GLY A 13 -0.06 -10.79 13.03
CA GLY A 13 -0.41 -9.41 13.21
C GLY A 13 -0.63 -9.09 14.68
N ALA A 14 0.46 -8.75 15.36
CA ALA A 14 0.43 -8.58 16.80
C ALA A 14 -0.11 -7.20 17.18
N ARG A 15 0.79 -6.22 17.28
CA ARG A 15 0.41 -4.88 17.66
C ARG A 15 1.01 -3.85 16.72
N LEU A 16 0.16 -3.05 16.13
CA LEU A 16 0.59 -1.98 15.24
C LEU A 16 1.23 -0.85 16.03
N ASP A 17 2.13 -0.12 15.39
CA ASP A 17 2.74 1.04 16.01
C ASP A 17 1.93 2.27 15.67
N ALA A 18 1.54 3.03 16.68
CA ALA A 18 0.57 4.11 16.51
C ALA A 18 1.24 5.40 16.05
N GLN A 19 0.43 6.47 15.99
CA GLN A 19 0.88 7.82 15.59
C GLN A 19 1.15 7.90 14.09
N SER A 20 0.97 6.78 13.41
CA SER A 20 1.17 6.66 11.98
C SER A 20 0.58 5.33 11.52
N ILE A 21 0.73 4.99 10.25
CA ILE A 21 0.22 3.72 9.76
C ILE A 21 1.36 2.72 9.69
N ARG A 22 1.29 1.71 10.55
CA ARG A 22 2.29 0.65 10.58
C ARG A 22 1.61 -0.69 10.75
N PHE A 23 1.53 -1.45 9.67
CA PHE A 23 0.91 -2.76 9.69
C PHE A 23 1.89 -3.82 9.24
N GLU A 24 2.24 -4.72 10.13
CA GLU A 24 3.10 -5.85 9.77
C GLU A 24 2.24 -7.07 9.46
N ARG A 25 2.55 -7.72 8.34
CA ARG A 25 1.79 -8.86 7.91
C ARG A 25 2.73 -9.98 7.50
N LEU A 26 2.32 -11.21 7.73
CA LEU A 26 3.13 -12.37 7.42
C LEU A 26 2.75 -12.91 6.04
N LEU A 27 3.74 -13.11 5.20
CA LEU A 27 3.54 -13.61 3.85
C LEU A 27 4.41 -14.84 3.61
N PRO A 28 4.09 -15.65 2.59
CA PRO A 28 4.87 -16.85 2.29
C PRO A 28 6.11 -16.58 1.42
N GLY A 29 7.19 -17.27 1.74
CA GLY A 29 8.42 -17.12 0.99
C GLY A 29 9.63 -16.87 1.88
N PRO A 30 10.84 -17.15 1.40
CA PRO A 30 12.07 -16.93 2.17
C PRO A 30 12.32 -15.43 2.43
N ILE A 31 12.37 -14.67 1.34
CA ILE A 31 12.42 -13.21 1.39
C ILE A 31 12.63 -12.63 -0.01
N GLU A 32 13.50 -13.28 -0.78
CA GLU A 32 13.83 -12.83 -2.14
C GLU A 32 12.62 -12.91 -3.06
N ARG A 33 11.84 -13.97 -2.91
CA ARG A 33 10.66 -14.18 -3.74
C ARG A 33 9.68 -13.01 -3.58
N VAL A 34 9.58 -12.49 -2.37
CA VAL A 34 8.62 -11.43 -2.05
C VAL A 34 8.98 -10.13 -2.78
N TRP A 35 10.28 -9.91 -2.96
CA TRP A 35 10.77 -8.70 -3.61
C TRP A 35 10.33 -8.64 -5.07
N ALA A 36 10.22 -9.80 -5.70
CA ALA A 36 9.83 -9.88 -7.11
C ALA A 36 8.56 -9.08 -7.39
N TRP A 37 7.59 -9.21 -6.50
CA TRP A 37 6.33 -8.53 -6.64
C TRP A 37 6.50 -7.03 -6.43
N LEU A 38 7.50 -6.65 -5.65
CA LEU A 38 7.80 -5.26 -5.37
C LEU A 38 8.50 -4.61 -6.55
N ALA A 39 9.29 -5.39 -7.29
CA ALA A 39 10.12 -4.85 -8.36
C ALA A 39 9.53 -5.06 -9.76
N ASP A 40 8.90 -6.21 -10.00
CA ASP A 40 8.37 -6.52 -11.33
C ASP A 40 7.24 -5.57 -11.72
N ALA A 41 7.45 -4.81 -12.79
CA ALA A 41 6.49 -3.79 -13.21
C ALA A 41 5.23 -4.38 -13.84
N ASP A 42 5.29 -5.64 -14.23
CA ASP A 42 4.15 -6.26 -14.89
C ASP A 42 3.08 -6.61 -13.87
N LYS A 43 3.44 -7.43 -12.90
CA LYS A 43 2.48 -7.86 -11.89
C LYS A 43 2.21 -6.79 -10.84
N ARG A 44 3.25 -6.01 -10.49
CA ARG A 44 3.13 -5.03 -9.42
C ARG A 44 2.10 -3.98 -9.77
N ALA A 45 1.98 -3.66 -11.04
CA ALA A 45 1.04 -2.65 -11.50
C ALA A 45 -0.41 -3.09 -11.31
N ARG A 46 -0.61 -4.32 -10.82
CA ARG A 46 -1.94 -4.83 -10.52
C ARG A 46 -2.17 -4.93 -9.01
N TRP A 47 -1.15 -4.63 -8.20
CA TRP A 47 -1.33 -4.69 -6.76
C TRP A 47 -0.79 -3.42 -6.06
N LEU A 48 0.08 -2.69 -6.74
CA LEU A 48 0.70 -1.48 -6.19
C LEU A 48 0.77 -0.39 -7.26
N ALA A 49 0.74 -0.83 -8.52
CA ALA A 49 0.88 0.02 -9.70
C ALA A 49 2.34 0.35 -9.99
N GLY A 50 2.68 0.33 -11.28
CA GLY A 50 4.04 0.55 -11.71
C GLY A 50 4.95 -0.62 -11.35
N GLY A 51 6.24 -0.44 -11.54
CA GLY A 51 7.18 -1.44 -11.14
C GLY A 51 8.61 -0.94 -11.08
N GLU A 52 9.12 -0.56 -12.24
CA GLU A 52 10.50 -0.14 -12.37
C GLU A 52 10.76 1.15 -11.60
N LEU A 53 12.00 1.32 -11.17
CA LEU A 53 12.40 2.45 -10.37
C LEU A 53 13.59 3.15 -11.01
N PRO A 54 13.69 4.48 -10.83
CA PRO A 54 14.86 5.24 -11.28
C PRO A 54 16.12 4.83 -10.51
N ARG A 55 17.27 4.96 -11.13
CA ARG A 55 18.51 4.48 -10.55
C ARG A 55 19.05 5.44 -9.50
N GLN A 56 18.81 6.74 -9.69
CA GLN A 56 19.25 7.72 -8.71
C GLN A 56 18.27 7.85 -7.56
N PRO A 57 18.81 8.07 -6.35
CA PRO A 57 18.01 8.34 -5.17
C PRO A 57 17.75 9.84 -5.04
N GLY A 58 16.51 10.19 -4.70
CA GLY A 58 16.14 11.60 -4.64
C GLY A 58 15.32 12.00 -5.85
N GLN A 59 15.44 11.22 -6.91
CA GLN A 59 14.63 11.41 -8.09
C GLN A 59 13.22 10.89 -7.84
N THR A 60 12.29 11.22 -8.72
CA THR A 60 10.93 10.76 -8.57
C THR A 60 10.61 9.68 -9.59
N PHE A 61 9.79 8.72 -9.21
CA PHE A 61 9.31 7.72 -10.13
C PHE A 61 7.84 7.93 -10.36
N GLU A 62 7.34 7.37 -11.44
CA GLU A 62 5.96 7.55 -11.82
C GLU A 62 5.13 6.34 -11.43
N LEU A 63 4.18 6.55 -10.54
CA LEU A 63 3.25 5.50 -10.18
C LEU A 63 2.09 5.56 -11.16
N HIS A 64 1.75 4.43 -11.74
CA HIS A 64 0.84 4.43 -12.87
C HIS A 64 -0.26 3.41 -12.68
N PHE A 65 -1.48 3.90 -12.47
CA PHE A 65 -2.62 3.02 -12.23
C PHE A 65 -3.91 3.62 -12.76
N ASN A 66 -4.92 2.76 -12.86
CA ASN A 66 -6.25 3.15 -13.32
C ASN A 66 -7.19 1.96 -13.22
N HIS A 67 -8.45 2.15 -13.62
CA HIS A 67 -9.42 1.06 -13.62
C HIS A 67 -8.95 -0.07 -14.53
N ALA A 68 -9.51 -1.27 -14.32
CA ALA A 68 -9.14 -2.48 -15.08
C ALA A 68 -7.78 -3.02 -14.65
N ALA A 69 -6.82 -2.12 -14.43
CA ALA A 69 -5.53 -2.51 -13.89
C ALA A 69 -5.69 -2.92 -12.43
N LEU A 70 -6.57 -2.20 -11.75
CA LEU A 70 -6.98 -2.55 -10.39
C LEU A 70 -8.46 -2.88 -10.40
N THR A 71 -9.10 -2.77 -9.24
CA THR A 71 -10.52 -3.02 -9.14
C THR A 71 -11.35 -1.85 -9.68
N ALA A 72 -12.66 -1.90 -9.44
CA ALA A 72 -13.59 -0.87 -9.87
C ALA A 72 -13.75 -0.86 -11.39
N GLU A 73 -14.74 -1.60 -11.86
CA GLU A 73 -15.12 -1.57 -13.26
C GLU A 73 -15.87 -0.27 -13.51
N THR A 74 -16.98 -0.12 -12.80
CA THR A 74 -17.72 1.12 -12.80
C THR A 74 -18.04 1.53 -11.37
N ALA A 75 -17.45 2.62 -10.95
CA ALA A 75 -17.55 3.05 -9.56
C ALA A 75 -17.93 4.51 -9.46
N PRO A 76 -18.66 4.88 -8.39
CA PRO A 76 -18.98 6.29 -8.08
C PRO A 76 -17.71 7.10 -7.83
N ALA A 77 -17.82 8.41 -7.96
CA ALA A 77 -16.67 9.31 -7.87
C ALA A 77 -15.80 9.05 -6.63
N ARG A 78 -16.45 8.80 -5.49
CA ARG A 78 -15.73 8.58 -4.23
C ARG A 78 -14.95 7.25 -4.23
N TYR A 79 -15.20 6.42 -5.23
CA TYR A 79 -14.47 5.16 -5.39
C TYR A 79 -13.87 5.09 -6.79
N ALA A 80 -13.89 6.23 -7.47
CA ALA A 80 -13.40 6.30 -8.84
C ALA A 80 -12.18 7.20 -8.93
N GLN A 81 -11.53 7.43 -7.80
CA GLN A 81 -10.33 8.26 -7.78
C GLN A 81 -9.22 7.58 -8.56
N TYR A 82 -9.13 6.26 -8.46
CA TYR A 82 -8.12 5.49 -9.18
C TYR A 82 -8.71 4.91 -10.46
N ASP A 83 -9.87 5.42 -10.85
CA ASP A 83 -10.56 4.97 -12.07
C ASP A 83 -10.03 5.71 -13.30
N ARG A 84 -9.19 6.69 -13.05
CA ARG A 84 -8.63 7.49 -14.11
C ARG A 84 -7.17 7.16 -14.30
N PRO A 85 -6.61 7.36 -15.51
CA PRO A 85 -5.19 7.12 -15.78
C PRO A 85 -4.31 8.01 -14.92
N ILE A 86 -3.81 7.46 -13.82
CA ILE A 86 -3.03 8.22 -12.88
C ILE A 86 -1.55 7.92 -13.01
N VAL A 87 -0.79 8.97 -13.27
CA VAL A 87 0.65 8.92 -13.20
C VAL A 87 1.13 9.93 -12.15
N ALA A 88 1.53 9.42 -10.99
CA ALA A 88 1.89 10.28 -9.87
C ALA A 88 3.34 10.06 -9.46
N ARG A 89 4.08 11.15 -9.32
CA ARG A 89 5.48 11.08 -8.97
C ARG A 89 5.66 10.81 -7.48
N HIS A 90 6.71 10.06 -7.17
CA HIS A 90 7.06 9.71 -5.81
C HIS A 90 8.57 9.59 -5.70
N THR A 91 9.14 10.10 -4.62
CA THR A 91 10.59 10.10 -4.47
C THR A 91 11.05 8.79 -3.83
N LEU A 92 12.05 8.13 -4.43
CA LEU A 92 12.58 6.92 -3.83
C LEU A 92 13.65 7.28 -2.80
N LEU A 93 13.51 6.69 -1.61
CA LEU A 93 14.40 7.00 -0.51
C LEU A 93 15.51 5.95 -0.43
N ARG A 94 15.12 4.73 -0.12
CA ARG A 94 16.06 3.63 0.02
C ARG A 94 15.65 2.46 -0.86
N CYS A 95 16.63 1.84 -1.51
CA CYS A 95 16.38 0.67 -2.34
C CYS A 95 17.45 -0.39 -2.10
N GLU A 96 17.20 -1.26 -1.12
CA GLU A 96 18.14 -2.33 -0.77
C GLU A 96 17.51 -3.70 -1.07
N PRO A 97 17.65 -4.20 -2.29
CA PRO A 97 17.06 -5.46 -2.71
C PRO A 97 17.94 -6.68 -2.40
N PRO A 98 17.34 -7.74 -1.85
CA PRO A 98 15.98 -7.76 -1.36
C PRO A 98 15.90 -7.66 0.17
N ARG A 99 15.54 -6.49 0.68
CA ARG A 99 15.46 -6.31 2.12
C ARG A 99 14.60 -5.11 2.48
N VAL A 100 15.12 -3.91 2.26
CA VAL A 100 14.43 -2.70 2.67
C VAL A 100 14.08 -1.84 1.45
N LEU A 101 12.78 -1.61 1.27
CA LEU A 101 12.28 -0.83 0.17
C LEU A 101 11.61 0.45 0.70
N ALA A 102 12.15 1.60 0.35
CA ALA A 102 11.66 2.85 0.90
C ALA A 102 11.39 3.89 -0.18
N LEU A 103 10.19 4.46 -0.14
CA LEU A 103 9.82 5.54 -1.05
C LEU A 103 9.08 6.60 -0.26
N THR A 104 8.91 7.77 -0.83
CA THR A 104 8.13 8.79 -0.18
C THR A 104 6.79 8.95 -0.90
N TRP A 105 5.77 9.29 -0.16
CA TRP A 105 4.42 9.32 -0.71
C TRP A 105 4.02 10.74 -1.07
N GLY A 106 4.47 11.18 -2.25
CA GLY A 106 4.09 12.48 -2.76
C GLY A 106 5.28 13.27 -3.23
N GLY A 107 5.09 14.56 -3.43
CA GLY A 107 6.16 15.45 -3.81
C GLY A 107 5.66 16.69 -4.51
N GLY A 108 5.43 17.74 -3.72
CA GLY A 108 4.91 18.98 -4.27
C GLY A 108 3.43 18.91 -4.58
N ALA A 109 2.60 19.22 -3.59
CA ALA A 109 1.15 19.17 -3.76
C ALA A 109 0.44 20.11 -2.79
N GLY A 110 1.20 21.00 -2.17
CA GLY A 110 0.63 21.87 -1.15
C GLY A 110 0.92 21.33 0.24
N GLU A 111 1.85 20.41 0.30
CA GLU A 111 2.23 19.73 1.53
C GLU A 111 3.49 18.92 1.29
N ALA A 112 4.21 18.63 2.35
CA ALA A 112 5.41 17.83 2.23
C ALA A 112 5.04 16.37 1.98
N PRO A 113 5.82 15.66 1.16
CA PRO A 113 5.57 14.26 0.88
C PRO A 113 5.85 13.39 2.08
N SER A 114 4.96 12.45 2.36
CA SER A 114 5.19 11.49 3.43
C SER A 114 6.20 10.46 3.00
N GLU A 115 6.43 9.45 3.81
CA GLU A 115 7.38 8.41 3.48
C GLU A 115 6.79 7.04 3.77
N VAL A 116 7.13 6.06 2.94
CA VAL A 116 6.62 4.72 3.10
C VAL A 116 7.76 3.72 3.11
N LEU A 117 7.91 3.04 4.24
CA LEU A 117 8.94 2.04 4.39
C LEU A 117 8.35 0.64 4.32
N PHE A 118 8.82 -0.13 3.37
CA PHE A 118 8.57 -1.55 3.36
C PHE A 118 9.83 -2.24 3.85
N GLU A 119 9.73 -2.94 4.95
CA GLU A 119 10.87 -3.62 5.50
C GLU A 119 10.59 -5.11 5.56
N LEU A 120 11.28 -5.86 4.72
CA LEU A 120 11.07 -7.29 4.63
C LEU A 120 12.10 -8.01 5.49
N SER A 121 11.62 -8.92 6.33
CA SER A 121 12.50 -9.72 7.14
C SER A 121 12.31 -11.19 6.78
N GLU A 122 13.32 -11.99 7.03
CA GLU A 122 13.32 -13.37 6.58
C GLU A 122 13.08 -14.30 7.75
N ALA A 123 12.15 -15.20 7.57
CA ALA A 123 11.89 -16.23 8.53
C ALA A 123 12.11 -17.61 7.90
N GLY A 124 12.77 -17.61 6.75
CA GLY A 124 13.12 -18.86 6.08
C GLY A 124 11.99 -19.40 5.24
N GLU A 125 10.94 -19.83 5.90
CA GLU A 125 9.76 -20.37 5.22
C GLU A 125 8.72 -19.27 5.04
N GLN A 126 8.82 -18.24 5.87
CA GLN A 126 7.89 -17.14 5.87
C GLN A 126 8.63 -15.82 5.87
N VAL A 127 7.90 -14.75 5.59
CA VAL A 127 8.44 -13.40 5.64
C VAL A 127 7.49 -12.48 6.38
N ARG A 128 8.03 -11.68 7.29
CA ARG A 128 7.23 -10.65 7.92
C ARG A 128 7.51 -9.31 7.25
N LEU A 129 6.46 -8.75 6.66
CA LEU A 129 6.53 -7.46 6.01
C LEU A 129 5.82 -6.43 6.86
N VAL A 130 6.48 -5.34 7.16
CA VAL A 130 5.86 -4.28 7.91
C VAL A 130 5.72 -3.03 7.05
N LEU A 131 4.49 -2.56 6.91
CA LEU A 131 4.22 -1.36 6.15
C LEU A 131 4.35 -0.17 7.08
N THR A 132 5.42 0.57 6.92
CA THR A 132 5.71 1.68 7.81
C THR A 132 5.49 3.00 7.07
N HIS A 133 4.26 3.51 7.13
CA HIS A 133 3.96 4.78 6.51
C HIS A 133 4.22 5.89 7.51
N THR A 134 5.28 6.66 7.25
CA THR A 134 5.73 7.68 8.17
C THR A 134 5.61 9.06 7.52
N ARG A 135 6.03 10.08 8.26
CA ARG A 135 6.12 11.44 7.73
C ARG A 135 4.72 11.96 7.41
N LEU A 136 3.74 11.43 8.13
CA LEU A 136 2.34 11.79 7.94
C LEU A 136 2.02 13.11 8.61
N ALA A 137 1.22 13.92 7.93
CA ALA A 137 0.90 15.26 8.40
C ALA A 137 -0.17 15.24 9.50
N ASP A 138 -1.27 14.54 9.25
CA ASP A 138 -2.41 14.56 10.17
C ASP A 138 -3.29 13.35 9.93
N ARG A 139 -4.33 13.19 10.75
CA ARG A 139 -5.26 12.06 10.63
C ARG A 139 -5.91 12.06 9.24
N ALA A 140 -6.10 13.26 8.69
CA ALA A 140 -6.65 13.40 7.35
C ALA A 140 -5.72 12.81 6.30
N ALA A 141 -4.43 12.80 6.61
CA ALA A 141 -3.45 12.17 5.71
C ALA A 141 -3.70 10.68 5.67
N MET A 142 -3.85 10.07 6.85
CA MET A 142 -4.23 8.66 6.95
C MET A 142 -5.46 8.40 6.09
N LEU A 143 -6.48 9.24 6.27
CA LEU A 143 -7.71 9.14 5.51
C LEU A 143 -7.50 9.42 4.02
N ASP A 144 -6.45 10.17 3.69
CA ASP A 144 -6.15 10.50 2.31
C ASP A 144 -5.62 9.29 1.57
N VAL A 145 -4.63 8.66 2.18
CA VAL A 145 -3.96 7.51 1.56
C VAL A 145 -4.72 6.21 1.84
N ALA A 146 -5.67 6.28 2.77
CA ALA A 146 -6.53 5.15 3.07
C ALA A 146 -7.21 4.61 1.81
N GLY A 147 -7.52 5.51 0.88
CA GLY A 147 -8.14 5.12 -0.37
C GLY A 147 -7.17 4.42 -1.30
N GLY A 148 -6.69 3.26 -0.89
CA GLY A 148 -5.79 2.48 -1.72
C GLY A 148 -4.87 1.60 -0.91
N TRP A 149 -4.17 2.18 0.06
CA TRP A 149 -3.12 1.48 0.79
C TRP A 149 -3.58 0.18 1.45
N HIS A 150 -4.42 0.29 2.47
CA HIS A 150 -4.74 -0.88 3.32
C HIS A 150 -5.15 -2.10 2.51
N ALA A 151 -6.03 -1.88 1.55
CA ALA A 151 -6.59 -2.97 0.76
C ALA A 151 -5.52 -3.76 0.01
N HIS A 152 -4.43 -3.10 -0.39
CA HIS A 152 -3.41 -3.77 -1.20
C HIS A 152 -2.74 -4.88 -0.38
N LEU A 153 -2.83 -4.78 0.94
CA LEU A 153 -2.22 -5.77 1.82
C LEU A 153 -2.92 -7.12 1.66
N ALA A 154 -4.18 -7.09 1.24
CA ALA A 154 -4.93 -8.30 1.01
C ALA A 154 -4.52 -8.92 -0.33
N VAL A 155 -4.35 -8.04 -1.32
CA VAL A 155 -3.93 -8.47 -2.65
C VAL A 155 -2.55 -9.12 -2.59
N LEU A 156 -1.65 -8.52 -1.81
CA LEU A 156 -0.31 -9.06 -1.61
C LEU A 156 -0.34 -10.52 -1.17
N ALA A 157 -1.04 -10.78 -0.06
CA ALA A 157 -1.10 -12.12 0.49
C ALA A 157 -1.78 -13.09 -0.48
N GLY A 158 -2.86 -12.65 -1.11
CA GLY A 158 -3.56 -13.49 -2.07
C GLY A 158 -2.67 -13.87 -3.23
N LYS A 159 -1.98 -12.88 -3.78
CA LYS A 159 -1.12 -13.09 -4.93
C LYS A 159 0.11 -13.93 -4.55
N LEU A 160 0.79 -13.53 -3.48
CA LEU A 160 2.00 -14.21 -3.03
C LEU A 160 1.73 -15.65 -2.62
N ALA A 161 0.55 -15.92 -2.08
CA ALA A 161 0.19 -17.28 -1.70
C ALA A 161 -0.24 -18.08 -2.92
N GLY A 162 -0.43 -17.39 -4.05
CA GLY A 162 -0.83 -18.06 -5.27
C GLY A 162 -2.28 -18.47 -5.23
N GLN A 163 -3.09 -17.73 -4.49
CA GLN A 163 -4.50 -18.04 -4.36
C GLN A 163 -5.34 -16.98 -5.06
N ALA A 164 -6.66 -17.10 -4.95
CA ALA A 164 -7.57 -16.15 -5.58
C ALA A 164 -7.49 -14.80 -4.88
N PRO A 165 -7.61 -13.70 -5.64
CA PRO A 165 -7.54 -12.36 -5.07
C PRO A 165 -8.79 -12.01 -4.26
N PRO A 166 -8.64 -11.12 -3.26
CA PRO A 166 -9.75 -10.66 -2.44
C PRO A 166 -10.44 -9.44 -3.04
N PRO A 167 -11.68 -9.15 -2.60
CA PRO A 167 -12.43 -8.00 -3.08
C PRO A 167 -11.86 -6.67 -2.56
N PHE A 168 -10.88 -6.14 -3.29
CA PHE A 168 -10.24 -4.86 -2.97
C PHE A 168 -11.30 -3.77 -2.77
N TRP A 169 -12.35 -3.84 -3.57
CA TRP A 169 -13.43 -2.87 -3.56
C TRP A 169 -14.07 -2.76 -2.16
N THR A 170 -14.36 -3.91 -1.56
CA THR A 170 -15.06 -3.91 -0.28
C THR A 170 -14.09 -3.58 0.86
N THR A 171 -12.84 -4.04 0.74
CA THR A 171 -11.82 -3.75 1.74
C THR A 171 -11.56 -2.27 1.79
N LEU A 172 -11.60 -1.63 0.63
CA LEU A 172 -11.43 -0.19 0.52
C LEU A 172 -12.45 0.53 1.40
N ALA A 173 -13.72 0.34 1.08
CA ALA A 173 -14.81 1.03 1.78
C ALA A 173 -14.87 0.64 3.26
N GLN A 174 -14.83 -0.65 3.53
CA GLN A 174 -14.95 -1.17 4.89
C GLN A 174 -13.86 -0.60 5.79
N ALA A 175 -12.60 -0.68 5.33
CA ALA A 175 -11.50 -0.17 6.12
C ALA A 175 -11.51 1.35 6.17
N GLU A 176 -12.04 2.00 5.14
CA GLU A 176 -12.22 3.43 5.16
C GLU A 176 -13.20 3.82 6.25
N GLN A 177 -14.28 3.04 6.34
CA GLN A 177 -15.27 3.22 7.39
C GLN A 177 -14.64 3.02 8.77
N ASP A 178 -13.70 2.09 8.84
CA ASP A 178 -12.94 1.87 10.07
C ASP A 178 -12.09 3.10 10.44
N TYR A 179 -11.35 3.62 9.47
CA TYR A 179 -10.51 4.80 9.69
C TYR A 179 -11.35 6.04 10.02
N GLU A 180 -12.43 6.22 9.28
CA GLU A 180 -13.30 7.37 9.44
C GLU A 180 -13.98 7.34 10.81
N GLN A 181 -14.20 6.15 11.35
CA GLN A 181 -14.83 5.98 12.65
C GLN A 181 -13.82 6.09 13.78
N ARG A 182 -13.10 4.99 14.04
CA ARG A 182 -12.17 4.89 15.17
C ARG A 182 -12.88 5.17 16.50
N LEU A 183 -14.20 5.01 16.49
CA LEU A 183 -15.02 5.14 17.67
C LEU A 183 -16.26 4.29 17.50
N LEU A 184 -17.06 4.18 18.55
CA LEU A 184 -18.32 3.47 18.48
C LEU A 184 -19.32 4.30 17.69
N GLU A 185 -19.17 5.61 17.77
CA GLU A 185 -19.97 6.56 17.01
C GLU A 185 -19.42 7.97 17.19
N HIS A 186 -19.55 8.78 16.16
CA HIS A 186 -19.18 10.19 16.24
C HIS A 186 -19.91 10.97 15.16
N HIS A 187 -21.13 11.36 15.47
CA HIS A 187 -21.99 12.04 14.49
C HIS A 187 -21.89 13.55 14.63
N HIS A 188 -21.03 14.15 13.82
CA HIS A 188 -20.87 15.59 13.81
C HIS A 188 -21.55 16.17 12.58
N HIS A 189 -22.64 16.89 12.80
CA HIS A 189 -23.44 17.40 11.69
C HIS A 189 -23.88 18.83 11.95
N HIS A 190 -24.42 19.48 10.93
CA HIS A 190 -24.99 20.81 11.06
C HIS A 190 -26.22 20.93 10.16
N HIS A 191 -27.38 20.88 10.78
CA HIS A 191 -28.65 20.99 10.08
C HIS A 191 -29.58 21.91 10.83
N MET A 1 0.55 -12.89 -14.71
CA MET A 1 1.93 -13.12 -14.24
C MET A 1 1.95 -13.32 -12.73
N THR A 2 1.81 -14.58 -12.32
CA THR A 2 1.86 -14.96 -10.93
C THR A 2 2.36 -16.40 -10.84
N SER A 3 3.25 -16.68 -9.89
CA SER A 3 3.78 -18.02 -9.74
C SER A 3 3.53 -18.53 -8.31
N PRO A 4 2.28 -18.92 -8.01
CA PRO A 4 1.91 -19.49 -6.73
C PRO A 4 1.80 -21.02 -6.75
N SER A 5 2.76 -21.69 -6.15
CA SER A 5 2.72 -23.14 -6.06
C SER A 5 1.76 -23.55 -4.96
N SER A 6 1.79 -22.79 -3.87
CA SER A 6 0.93 -23.05 -2.73
C SER A 6 -0.29 -22.14 -2.76
N ALA A 7 -1.45 -22.69 -2.42
CA ALA A 7 -2.66 -21.91 -2.32
C ALA A 7 -3.25 -22.08 -0.93
N PHE A 8 -2.99 -21.11 -0.07
CA PHE A 8 -3.42 -21.18 1.32
C PHE A 8 -3.76 -19.80 1.86
N PRO A 9 -4.66 -19.72 2.84
CA PRO A 9 -5.00 -18.45 3.50
C PRO A 9 -3.82 -17.88 4.29
N ASP A 10 -3.45 -16.65 3.99
CA ASP A 10 -2.28 -16.04 4.59
C ASP A 10 -2.63 -15.37 5.92
N GLY A 11 -3.88 -15.00 6.07
CA GLY A 11 -4.32 -14.34 7.29
C GLY A 11 -5.37 -13.29 7.00
N HIS A 12 -6.03 -12.80 8.05
CA HIS A 12 -7.09 -11.82 7.88
C HIS A 12 -7.17 -10.93 9.11
N GLY A 13 -6.58 -9.75 9.03
CA GLY A 13 -6.61 -8.83 10.16
C GLY A 13 -6.72 -7.39 9.71
N ALA A 14 -7.18 -6.53 10.61
CA ALA A 14 -7.32 -5.11 10.33
C ALA A 14 -6.98 -4.30 11.58
N ARG A 15 -6.71 -3.02 11.40
CA ARG A 15 -6.38 -2.16 12.53
C ARG A 15 -7.27 -0.94 12.55
N LEU A 16 -7.58 -0.48 13.75
CA LEU A 16 -8.58 0.56 13.95
C LEU A 16 -7.96 1.94 14.13
N ASP A 17 -7.00 2.04 15.04
CA ASP A 17 -6.46 3.35 15.42
C ASP A 17 -4.96 3.28 15.66
N ALA A 18 -4.26 4.28 15.13
CA ALA A 18 -2.82 4.41 15.33
C ALA A 18 -2.38 5.82 14.93
N GLN A 19 -1.15 6.19 15.28
CA GLN A 19 -0.63 7.50 14.93
C GLN A 19 -0.14 7.52 13.49
N SER A 20 0.00 6.34 12.92
CA SER A 20 0.48 6.20 11.57
C SER A 20 -0.17 4.98 10.91
N ILE A 21 0.19 4.71 9.68
CA ILE A 21 -0.32 3.54 8.99
C ILE A 21 0.73 2.46 9.01
N ARG A 22 0.38 1.35 9.61
CA ARG A 22 1.35 0.30 9.88
C ARG A 22 0.68 -1.06 9.91
N PHE A 23 1.08 -1.92 8.99
CA PHE A 23 0.54 -3.27 8.91
C PHE A 23 1.66 -4.26 8.65
N GLU A 24 1.90 -5.14 9.60
CA GLU A 24 2.85 -6.22 9.41
C GLU A 24 2.10 -7.51 9.11
N ARG A 25 2.49 -8.17 8.05
CA ARG A 25 1.77 -9.32 7.54
C ARG A 25 2.75 -10.44 7.19
N LEU A 26 2.30 -11.67 7.33
CA LEU A 26 3.16 -12.82 7.07
C LEU A 26 3.00 -13.28 5.62
N LEU A 27 4.12 -13.46 4.94
CA LEU A 27 4.11 -13.81 3.52
C LEU A 27 5.03 -15.01 3.25
N PRO A 28 4.78 -15.75 2.16
CA PRO A 28 5.56 -16.95 1.81
C PRO A 28 6.89 -16.64 1.13
N GLY A 29 7.88 -17.49 1.36
CA GLY A 29 9.18 -17.32 0.75
C GLY A 29 10.25 -17.03 1.79
N PRO A 30 11.54 -17.13 1.43
CA PRO A 30 12.64 -16.76 2.33
C PRO A 30 12.65 -15.26 2.63
N ILE A 31 12.72 -14.46 1.55
CA ILE A 31 12.54 -13.02 1.62
C ILE A 31 12.61 -12.41 0.22
N GLU A 32 13.46 -12.99 -0.62
CA GLU A 32 13.61 -12.53 -2.00
C GLU A 32 12.34 -12.83 -2.80
N ARG A 33 11.61 -13.85 -2.37
CA ARG A 33 10.38 -14.26 -3.03
C ARG A 33 9.37 -13.12 -3.02
N VAL A 34 9.08 -12.63 -1.83
CA VAL A 34 8.12 -11.55 -1.64
C VAL A 34 8.61 -10.27 -2.32
N TRP A 35 9.93 -10.08 -2.31
CA TRP A 35 10.55 -8.89 -2.85
C TRP A 35 10.28 -8.75 -4.35
N ALA A 36 10.25 -9.88 -5.05
CA ALA A 36 10.06 -9.90 -6.50
C ALA A 36 8.83 -9.10 -6.92
N TRP A 37 7.75 -9.26 -6.18
CA TRP A 37 6.49 -8.59 -6.46
C TRP A 37 6.60 -7.09 -6.19
N LEU A 38 7.51 -6.72 -5.30
CA LEU A 38 7.71 -5.32 -4.95
C LEU A 38 8.63 -4.64 -5.97
N ALA A 39 9.56 -5.42 -6.51
CA ALA A 39 10.61 -4.87 -7.37
C ALA A 39 10.24 -4.95 -8.86
N ASP A 40 9.82 -6.12 -9.30
CA ASP A 40 9.53 -6.34 -10.73
C ASP A 40 8.40 -5.43 -11.18
N ALA A 41 8.75 -4.41 -11.95
CA ALA A 41 7.80 -3.40 -12.37
C ALA A 41 6.70 -3.99 -13.27
N ASP A 42 6.93 -5.17 -13.82
CA ASP A 42 5.97 -5.75 -14.75
C ASP A 42 4.83 -6.42 -14.00
N LYS A 43 5.16 -7.35 -13.12
CA LYS A 43 4.13 -8.04 -12.36
C LYS A 43 3.53 -7.09 -11.32
N ARG A 44 4.34 -6.17 -10.83
CA ARG A 44 3.89 -5.18 -9.88
C ARG A 44 2.86 -4.27 -10.54
N ALA A 45 3.06 -3.97 -11.82
CA ALA A 45 2.14 -3.12 -12.56
C ALA A 45 0.76 -3.74 -12.68
N ARG A 46 0.65 -5.00 -12.28
CA ARG A 46 -0.61 -5.72 -12.39
C ARG A 46 -1.34 -5.80 -11.04
N TRP A 47 -0.64 -5.46 -9.95
CA TRP A 47 -1.27 -5.53 -8.62
C TRP A 47 -1.04 -4.24 -7.82
N LEU A 48 -0.06 -3.45 -8.22
CA LEU A 48 0.34 -2.26 -7.46
C LEU A 48 0.56 -1.09 -8.41
N ALA A 49 0.79 -1.44 -9.67
CA ALA A 49 1.27 -0.53 -10.72
C ALA A 49 2.77 -0.33 -10.60
N GLY A 50 3.40 -0.05 -11.75
CA GLY A 50 4.84 -0.09 -11.83
C GLY A 50 5.53 1.11 -11.23
N GLY A 51 6.55 1.58 -11.91
CA GLY A 51 7.40 2.61 -11.36
C GLY A 51 8.66 2.01 -10.77
N GLU A 52 9.51 1.53 -11.66
CA GLU A 52 10.74 0.87 -11.27
C GLU A 52 11.77 1.86 -10.74
N LEU A 53 12.89 1.34 -10.26
CA LEU A 53 13.82 2.16 -9.50
C LEU A 53 14.88 2.80 -10.38
N PRO A 54 15.23 4.06 -10.09
CA PRO A 54 16.29 4.78 -10.79
C PRO A 54 17.68 4.40 -10.28
N ARG A 55 18.70 4.99 -10.88
CA ARG A 55 20.08 4.63 -10.55
C ARG A 55 20.67 5.54 -9.47
N GLN A 56 20.08 6.72 -9.30
CA GLN A 56 20.55 7.64 -8.27
C GLN A 56 19.66 7.58 -7.04
N PRO A 57 20.26 7.74 -5.86
CA PRO A 57 19.53 7.85 -4.60
C PRO A 57 19.00 9.27 -4.40
N GLY A 58 17.69 9.41 -4.41
CA GLY A 58 17.08 10.71 -4.27
C GLY A 58 16.34 11.14 -5.52
N GLN A 59 16.47 10.34 -6.57
CA GLN A 59 15.74 10.60 -7.80
C GLN A 59 14.29 10.16 -7.64
N THR A 60 13.43 10.78 -8.42
CA THR A 60 12.02 10.44 -8.43
C THR A 60 11.71 9.47 -9.56
N PHE A 61 10.83 8.51 -9.30
CA PHE A 61 10.35 7.63 -10.35
C PHE A 61 8.89 7.88 -10.62
N GLU A 62 8.45 7.57 -11.82
CA GLU A 62 7.09 7.84 -12.22
C GLU A 62 6.28 6.56 -12.29
N LEU A 63 5.21 6.51 -11.52
CA LEU A 63 4.32 5.37 -11.57
C LEU A 63 3.02 5.76 -12.25
N HIS A 64 2.19 4.77 -12.51
CA HIS A 64 0.99 4.96 -13.29
C HIS A 64 -0.14 4.16 -12.69
N PHE A 65 -1.20 4.85 -12.25
CA PHE A 65 -2.31 4.20 -11.52
C PHE A 65 -3.02 3.11 -12.33
N ASN A 66 -4.17 2.65 -11.82
CA ASN A 66 -4.82 1.43 -12.27
C ASN A 66 -4.90 1.32 -13.79
N HIS A 67 -4.12 0.40 -14.33
CA HIS A 67 -4.19 0.03 -15.73
C HIS A 67 -4.27 -1.48 -15.85
N ALA A 68 -4.69 -2.11 -14.76
CA ALA A 68 -4.84 -3.56 -14.71
C ALA A 68 -6.31 -3.92 -14.56
N ALA A 69 -7.02 -3.12 -13.76
CA ALA A 69 -8.47 -3.24 -13.59
C ALA A 69 -8.88 -4.61 -13.04
N LEU A 70 -8.02 -5.20 -12.22
CA LEU A 70 -8.33 -6.46 -11.56
C LEU A 70 -9.14 -6.20 -10.30
N THR A 71 -8.97 -4.99 -9.76
CA THR A 71 -9.64 -4.59 -8.55
C THR A 71 -10.41 -3.28 -8.78
N ALA A 72 -11.36 -3.00 -7.87
CA ALA A 72 -12.21 -1.80 -7.95
C ALA A 72 -13.18 -1.90 -9.13
N GLU A 73 -12.64 -1.73 -10.34
CA GLU A 73 -13.42 -1.79 -11.57
C GLU A 73 -14.44 -0.66 -11.65
N THR A 74 -15.54 -0.81 -10.95
CA THR A 74 -16.58 0.21 -10.90
C THR A 74 -16.49 0.96 -9.58
N ALA A 75 -16.43 2.27 -9.63
CA ALA A 75 -16.30 3.08 -8.44
C ALA A 75 -17.09 4.38 -8.58
N PRO A 76 -17.62 4.89 -7.46
CA PRO A 76 -18.49 6.08 -7.47
C PRO A 76 -17.76 7.33 -7.92
N ALA A 77 -16.68 7.67 -7.23
CA ALA A 77 -15.91 8.88 -7.55
C ALA A 77 -14.52 8.85 -6.95
N ARG A 78 -14.47 8.79 -5.63
CA ARG A 78 -13.21 8.91 -4.90
C ARG A 78 -12.30 7.71 -5.14
N TYR A 79 -12.89 6.57 -5.47
CA TYR A 79 -12.11 5.36 -5.65
C TYR A 79 -11.77 5.24 -7.13
N ALA A 80 -12.51 5.99 -7.92
CA ALA A 80 -12.29 6.05 -9.34
C ALA A 80 -11.04 6.86 -9.64
N GLN A 81 -10.62 7.64 -8.65
CA GLN A 81 -9.40 8.44 -8.75
C GLN A 81 -8.19 7.52 -8.89
N TYR A 82 -8.19 6.44 -8.12
CA TYR A 82 -7.11 5.46 -8.16
C TYR A 82 -7.25 4.60 -9.42
N ASP A 83 -8.46 4.57 -9.95
CA ASP A 83 -8.80 3.70 -11.08
C ASP A 83 -8.48 4.37 -12.41
N ARG A 84 -8.08 5.62 -12.36
CA ARG A 84 -7.71 6.34 -13.56
C ARG A 84 -6.20 6.37 -13.71
N PRO A 85 -5.68 6.25 -14.95
CA PRO A 85 -4.24 6.29 -15.20
C PRO A 85 -3.64 7.67 -14.95
N ILE A 86 -3.13 7.86 -13.76
CA ILE A 86 -2.44 9.07 -13.39
C ILE A 86 -0.97 8.77 -13.20
N VAL A 87 -0.12 9.64 -13.71
CA VAL A 87 1.31 9.49 -13.55
C VAL A 87 1.84 10.53 -12.56
N ALA A 88 2.58 10.06 -11.56
CA ALA A 88 3.13 10.93 -10.54
C ALA A 88 4.49 10.44 -10.11
N ARG A 89 5.45 11.34 -10.09
CA ARG A 89 6.80 11.00 -9.67
C ARG A 89 6.87 10.94 -8.16
N HIS A 90 7.71 10.06 -7.64
CA HIS A 90 7.88 9.90 -6.20
C HIS A 90 9.34 9.63 -5.88
N THR A 91 9.85 10.33 -4.87
CA THR A 91 11.23 10.16 -4.45
C THR A 91 11.40 8.87 -3.68
N LEU A 92 12.46 8.13 -3.97
CA LEU A 92 12.78 6.95 -3.20
C LEU A 92 13.48 7.37 -1.91
N LEU A 93 13.36 6.57 -0.88
CA LEU A 93 13.99 6.86 0.39
C LEU A 93 15.17 5.94 0.60
N ARG A 94 14.88 4.69 0.88
CA ARG A 94 15.91 3.69 1.13
C ARG A 94 15.53 2.35 0.54
N CYS A 95 16.18 1.96 -0.55
CA CYS A 95 15.91 0.67 -1.17
C CYS A 95 17.17 -0.19 -1.15
N GLU A 96 17.15 -1.22 -0.32
CA GLU A 96 18.31 -2.11 -0.15
C GLU A 96 17.89 -3.57 -0.39
N PRO A 97 17.94 -4.02 -1.65
CA PRO A 97 17.51 -5.37 -2.03
C PRO A 97 18.51 -6.46 -1.61
N PRO A 98 18.00 -7.60 -1.12
CA PRO A 98 16.60 -7.78 -0.80
C PRO A 98 16.33 -7.69 0.71
N ARG A 99 15.79 -6.57 1.16
CA ARG A 99 15.46 -6.41 2.57
C ARG A 99 14.37 -5.35 2.74
N VAL A 100 14.73 -4.09 2.53
CA VAL A 100 13.80 -3.01 2.72
C VAL A 100 13.76 -2.11 1.49
N LEU A 101 12.60 -1.53 1.22
CA LEU A 101 12.47 -0.53 0.17
C LEU A 101 11.61 0.60 0.70
N ALA A 102 11.90 1.83 0.29
CA ALA A 102 11.21 2.98 0.83
C ALA A 102 11.04 4.06 -0.22
N LEU A 103 9.94 4.78 -0.12
CA LEU A 103 9.61 5.87 -1.03
C LEU A 103 8.73 6.87 -0.32
N THR A 104 8.38 7.95 -0.99
CA THR A 104 7.35 8.85 -0.48
C THR A 104 6.08 8.65 -1.27
N TRP A 105 4.94 8.84 -0.61
CA TRP A 105 3.66 8.45 -1.17
C TRP A 105 2.78 9.66 -1.39
N GLY A 106 1.86 9.54 -2.35
CA GLY A 106 1.00 10.65 -2.69
C GLY A 106 1.74 11.72 -3.45
N GLY A 107 2.45 12.57 -2.72
CA GLY A 107 3.16 13.67 -3.33
C GLY A 107 2.21 14.79 -3.74
N GLY A 108 1.20 15.02 -2.91
CA GLY A 108 0.25 16.06 -3.17
C GLY A 108 0.75 17.41 -2.72
N ALA A 109 0.33 18.45 -3.42
CA ALA A 109 0.72 19.81 -3.07
C ALA A 109 -0.08 20.30 -1.87
N GLY A 110 0.55 20.26 -0.71
CA GLY A 110 -0.10 20.65 0.52
C GLY A 110 0.42 19.86 1.69
N GLU A 111 1.05 20.54 2.63
CA GLU A 111 1.71 19.91 3.76
C GLU A 111 2.87 19.05 3.26
N ALA A 112 3.38 18.16 4.09
CA ALA A 112 4.48 17.30 3.69
C ALA A 112 3.95 15.99 3.12
N PRO A 113 4.61 15.47 2.08
CA PRO A 113 4.25 14.18 1.49
C PRO A 113 4.64 13.01 2.38
N SER A 114 3.68 12.17 2.68
CA SER A 114 3.89 11.06 3.59
C SER A 114 4.80 10.02 2.96
N GLU A 115 5.64 9.39 3.74
CA GLU A 115 6.61 8.46 3.22
C GLU A 115 6.23 7.02 3.56
N VAL A 116 6.74 6.08 2.77
CA VAL A 116 6.42 4.68 2.93
C VAL A 116 7.67 3.84 3.13
N LEU A 117 7.71 3.12 4.23
CA LEU A 117 8.80 2.20 4.50
C LEU A 117 8.30 0.77 4.44
N PHE A 118 8.85 0.02 3.50
CA PHE A 118 8.62 -1.42 3.48
C PHE A 118 9.84 -2.10 4.06
N GLU A 119 9.64 -2.85 5.13
CA GLU A 119 10.75 -3.52 5.75
C GLU A 119 10.45 -5.02 5.86
N LEU A 120 11.16 -5.80 5.08
CA LEU A 120 10.96 -7.24 5.06
C LEU A 120 11.94 -7.91 6.01
N SER A 121 11.42 -8.76 6.86
CA SER A 121 12.25 -9.57 7.72
C SER A 121 12.18 -11.01 7.24
N GLU A 122 13.21 -11.77 7.50
CA GLU A 122 13.26 -13.14 7.07
C GLU A 122 13.08 -14.04 8.27
N ALA A 123 12.25 -15.03 8.11
CA ALA A 123 11.98 -15.95 9.18
C ALA A 123 12.60 -17.32 8.88
N GLY A 124 12.14 -18.35 9.57
CA GLY A 124 12.74 -19.66 9.43
C GLY A 124 12.24 -20.39 8.19
N GLU A 125 11.45 -19.70 7.38
CA GLU A 125 10.91 -20.26 6.15
C GLU A 125 10.00 -19.24 5.46
N GLN A 126 9.55 -18.25 6.19
CA GLN A 126 8.59 -17.29 5.68
C GLN A 126 9.10 -15.87 5.77
N VAL A 127 8.34 -14.93 5.23
CA VAL A 127 8.73 -13.52 5.24
C VAL A 127 7.79 -12.71 6.12
N ARG A 128 8.36 -11.80 6.89
CA ARG A 128 7.57 -10.88 7.68
C ARG A 128 7.69 -9.48 7.12
N LEU A 129 6.59 -9.00 6.58
CA LEU A 129 6.55 -7.68 5.94
C LEU A 129 5.79 -6.69 6.81
N VAL A 130 6.30 -5.48 6.94
CA VAL A 130 5.56 -4.44 7.62
C VAL A 130 5.58 -3.15 6.82
N LEU A 131 4.40 -2.62 6.54
CA LEU A 131 4.25 -1.36 5.85
C LEU A 131 4.21 -0.24 6.88
N THR A 132 5.24 0.60 6.87
CA THR A 132 5.29 1.72 7.77
C THR A 132 5.09 3.02 7.00
N HIS A 133 3.91 3.62 7.15
CA HIS A 133 3.60 4.85 6.46
C HIS A 133 3.83 6.04 7.39
N THR A 134 4.87 6.78 7.09
CA THR A 134 5.31 7.89 7.93
C THR A 134 4.91 9.23 7.32
N ARG A 135 5.26 10.31 8.03
CA ARG A 135 5.06 11.68 7.54
C ARG A 135 3.57 11.99 7.39
N LEU A 136 2.77 11.41 8.26
CA LEU A 136 1.34 11.65 8.26
C LEU A 136 1.02 12.94 8.99
N ALA A 137 0.59 13.94 8.24
CA ALA A 137 0.33 15.25 8.78
C ALA A 137 -0.99 15.29 9.56
N ASP A 138 -1.95 14.47 9.14
CA ASP A 138 -3.29 14.52 9.71
C ASP A 138 -3.99 13.18 9.55
N ARG A 139 -5.01 12.93 10.38
CA ARG A 139 -5.84 11.74 10.26
C ARG A 139 -6.42 11.66 8.85
N ALA A 140 -6.76 12.81 8.30
CA ALA A 140 -7.30 12.89 6.96
C ALA A 140 -6.31 12.38 5.92
N ALA A 141 -5.02 12.52 6.21
CA ALA A 141 -3.98 12.04 5.30
C ALA A 141 -3.98 10.51 5.27
N MET A 142 -3.98 9.92 6.46
CA MET A 142 -4.10 8.47 6.61
C MET A 142 -5.30 7.98 5.80
N LEU A 143 -6.40 8.71 5.94
CA LEU A 143 -7.62 8.41 5.21
C LEU A 143 -7.48 8.69 3.71
N ASP A 144 -6.62 9.65 3.36
CA ASP A 144 -6.46 10.06 1.98
C ASP A 144 -5.77 8.97 1.17
N VAL A 145 -4.83 8.28 1.80
CA VAL A 145 -4.19 7.13 1.17
C VAL A 145 -5.04 5.86 1.40
N ALA A 146 -5.78 5.84 2.51
CA ALA A 146 -6.58 4.68 2.89
C ALA A 146 -7.64 4.32 1.84
N GLY A 147 -7.89 5.23 0.91
CA GLY A 147 -8.88 4.97 -0.13
C GLY A 147 -8.47 3.86 -1.08
N GLY A 148 -7.24 3.38 -0.96
CA GLY A 148 -6.79 2.28 -1.79
C GLY A 148 -5.45 1.71 -1.34
N TRP A 149 -4.65 2.52 -0.66
CA TRP A 149 -3.30 2.15 -0.28
C TRP A 149 -3.25 0.86 0.54
N HIS A 150 -3.85 0.87 1.72
CA HIS A 150 -3.77 -0.28 2.63
C HIS A 150 -4.22 -1.57 1.95
N ALA A 151 -5.24 -1.44 1.14
CA ALA A 151 -5.85 -2.58 0.46
C ALA A 151 -4.87 -3.34 -0.42
N HIS A 152 -3.82 -2.66 -0.90
CA HIS A 152 -2.83 -3.28 -1.79
C HIS A 152 -2.14 -4.44 -1.07
N LEU A 153 -2.12 -4.38 0.26
CA LEU A 153 -1.49 -5.42 1.06
C LEU A 153 -2.25 -6.72 0.94
N ALA A 154 -3.55 -6.62 0.67
CA ALA A 154 -4.39 -7.79 0.52
C ALA A 154 -4.23 -8.37 -0.88
N VAL A 155 -3.86 -7.52 -1.83
CA VAL A 155 -3.73 -7.94 -3.21
C VAL A 155 -2.43 -8.71 -3.38
N LEU A 156 -1.34 -8.15 -2.85
CA LEU A 156 -0.05 -8.80 -2.95
C LEU A 156 -0.07 -10.13 -2.21
N ALA A 157 -0.64 -10.12 -1.02
CA ALA A 157 -0.77 -11.33 -0.21
C ALA A 157 -1.65 -12.35 -0.90
N GLY A 158 -2.74 -11.87 -1.50
CA GLY A 158 -3.61 -12.74 -2.26
C GLY A 158 -2.87 -13.46 -3.35
N LYS A 159 -2.03 -12.74 -4.09
CA LYS A 159 -1.25 -13.33 -5.16
C LYS A 159 -0.15 -14.24 -4.60
N LEU A 160 0.61 -13.73 -3.64
CA LEU A 160 1.74 -14.45 -3.05
C LEU A 160 1.32 -15.79 -2.45
N ALA A 161 0.16 -15.83 -1.80
CA ALA A 161 -0.29 -17.03 -1.13
C ALA A 161 -1.15 -17.90 -2.03
N GLY A 162 -1.22 -17.54 -3.32
CA GLY A 162 -1.99 -18.32 -4.28
C GLY A 162 -3.48 -18.27 -4.01
N GLN A 163 -3.92 -17.16 -3.44
CA GLN A 163 -5.32 -16.96 -3.11
C GLN A 163 -6.04 -16.24 -4.25
N ALA A 164 -7.27 -15.81 -3.99
CA ALA A 164 -8.03 -15.07 -4.96
C ALA A 164 -7.85 -13.57 -4.72
N PRO A 165 -7.93 -12.75 -5.78
CA PRO A 165 -7.87 -11.29 -5.63
C PRO A 165 -9.10 -10.77 -4.90
N PRO A 166 -8.97 -9.63 -4.20
CA PRO A 166 -10.05 -9.05 -3.43
C PRO A 166 -10.98 -8.19 -4.29
N PRO A 167 -12.25 -8.05 -3.88
CA PRO A 167 -13.22 -7.19 -4.57
C PRO A 167 -12.79 -5.73 -4.54
N PHE A 168 -11.91 -5.40 -3.58
CA PHE A 168 -11.36 -4.06 -3.43
C PHE A 168 -12.48 -3.09 -3.05
N TRP A 169 -13.45 -3.59 -2.31
CA TRP A 169 -14.55 -2.76 -1.85
C TRP A 169 -14.85 -3.01 -0.38
N THR A 170 -15.08 -4.27 -0.04
CA THR A 170 -15.37 -4.65 1.34
C THR A 170 -14.28 -4.17 2.29
N THR A 171 -13.03 -4.52 1.97
CA THR A 171 -11.88 -4.17 2.80
C THR A 171 -11.76 -2.65 2.94
N LEU A 172 -11.94 -1.93 1.83
CA LEU A 172 -11.79 -0.48 1.83
C LEU A 172 -12.79 0.17 2.76
N ALA A 173 -14.07 0.02 2.45
CA ALA A 173 -15.12 0.69 3.19
C ALA A 173 -15.11 0.29 4.66
N GLN A 174 -14.88 -1.00 4.93
CA GLN A 174 -14.85 -1.48 6.30
C GLN A 174 -13.74 -0.81 7.11
N ALA A 175 -12.52 -0.90 6.60
CA ALA A 175 -11.37 -0.34 7.31
C ALA A 175 -11.41 1.18 7.32
N GLU A 176 -11.92 1.77 6.25
CA GLU A 176 -12.05 3.20 6.17
C GLU A 176 -13.12 3.70 7.11
N GLN A 177 -14.19 2.93 7.28
CA GLN A 177 -15.19 3.22 8.30
C GLN A 177 -14.57 3.12 9.68
N ASP A 178 -13.62 2.21 9.83
CA ASP A 178 -12.83 2.11 11.06
C ASP A 178 -12.04 3.40 11.31
N TYR A 179 -11.37 3.89 10.27
CA TYR A 179 -10.57 5.12 10.38
C TYR A 179 -11.46 6.35 10.59
N GLU A 180 -12.54 6.44 9.82
CA GLU A 180 -13.46 7.56 9.88
C GLU A 180 -14.17 7.61 11.24
N GLN A 181 -14.17 6.48 11.92
CA GLN A 181 -14.73 6.36 13.26
C GLN A 181 -13.83 7.07 14.25
N ARG A 182 -12.58 7.23 13.85
CA ARG A 182 -11.58 7.92 14.66
C ARG A 182 -11.43 9.37 14.22
N LEU A 183 -12.50 9.93 13.64
CA LEU A 183 -12.50 11.31 13.17
C LEU A 183 -12.24 12.27 14.32
N LEU A 184 -11.53 13.36 14.02
CA LEU A 184 -11.21 14.36 15.02
C LEU A 184 -11.30 15.76 14.44
N GLU A 185 -12.21 16.55 14.97
CA GLU A 185 -12.36 17.95 14.56
C GLU A 185 -12.88 18.75 15.74
N HIS A 186 -12.27 19.90 15.99
CA HIS A 186 -12.63 20.72 17.13
C HIS A 186 -13.19 22.06 16.66
N HIS A 187 -12.62 22.54 15.56
CA HIS A 187 -13.05 23.78 14.91
C HIS A 187 -12.79 25.02 15.79
N HIS A 188 -12.47 26.12 15.14
CA HIS A 188 -12.31 27.39 15.82
C HIS A 188 -12.76 28.52 14.92
N HIS A 189 -13.69 29.33 15.41
CA HIS A 189 -14.20 30.46 14.65
C HIS A 189 -13.28 31.66 14.77
N HIS A 190 -13.16 32.41 13.68
CA HIS A 190 -12.45 33.68 13.70
C HIS A 190 -13.42 34.74 14.18
N HIS A 191 -14.58 34.73 13.55
CA HIS A 191 -15.74 35.53 13.96
C HIS A 191 -16.91 35.21 13.04
N MET A 1 -11.52 -10.08 -17.85
CA MET A 1 -10.48 -11.13 -17.73
C MET A 1 -10.52 -11.75 -16.34
N THR A 2 -10.90 -13.02 -16.27
CA THR A 2 -11.06 -13.69 -15.00
C THR A 2 -10.11 -14.89 -14.90
N SER A 3 -10.02 -15.47 -13.73
CA SER A 3 -9.21 -16.66 -13.51
C SER A 3 -10.00 -17.67 -12.67
N PRO A 4 -9.78 -18.97 -12.89
CA PRO A 4 -10.53 -20.04 -12.20
C PRO A 4 -10.32 -20.03 -10.69
N SER A 5 -9.24 -19.40 -10.23
CA SER A 5 -8.96 -19.30 -8.81
C SER A 5 -9.90 -18.31 -8.15
N SER A 6 -10.99 -18.82 -7.58
CA SER A 6 -11.96 -17.98 -6.90
C SER A 6 -11.82 -18.15 -5.39
N ALA A 7 -10.98 -17.33 -4.79
CA ALA A 7 -10.75 -17.34 -3.35
C ALA A 7 -10.60 -15.91 -2.85
N PHE A 8 -11.41 -15.55 -1.86
CA PHE A 8 -11.43 -14.17 -1.39
C PHE A 8 -11.13 -14.09 0.10
N PRO A 9 -9.96 -13.56 0.48
CA PRO A 9 -9.64 -13.25 1.88
C PRO A 9 -10.69 -12.34 2.50
N ASP A 10 -11.32 -12.81 3.57
CA ASP A 10 -12.44 -12.09 4.16
C ASP A 10 -12.01 -11.20 5.32
N GLY A 11 -11.81 -9.93 5.01
CA GLY A 11 -11.54 -8.94 6.03
C GLY A 11 -10.22 -9.15 6.76
N HIS A 12 -10.25 -8.83 8.05
CA HIS A 12 -9.06 -8.86 8.92
C HIS A 12 -7.95 -7.96 8.38
N GLY A 13 -8.05 -6.68 8.70
CA GLY A 13 -7.07 -5.72 8.25
C GLY A 13 -7.39 -4.31 8.72
N ALA A 14 -7.84 -4.21 9.96
CA ALA A 14 -8.23 -2.93 10.53
C ALA A 14 -7.16 -2.39 11.46
N ARG A 15 -6.98 -1.07 11.41
CA ARG A 15 -6.06 -0.37 12.29
C ARG A 15 -6.66 0.97 12.67
N LEU A 16 -7.35 1.00 13.79
CA LEU A 16 -7.98 2.23 14.24
C LEU A 16 -7.07 2.93 15.24
N ASP A 17 -6.29 2.13 15.96
CA ASP A 17 -5.27 2.67 16.84
C ASP A 17 -4.04 3.01 16.01
N ALA A 18 -4.01 4.22 15.48
CA ALA A 18 -2.98 4.60 14.55
C ALA A 18 -2.48 6.02 14.79
N GLN A 19 -1.20 6.11 15.13
CA GLN A 19 -0.50 7.38 15.14
C GLN A 19 0.48 7.36 13.98
N SER A 20 0.58 6.18 13.40
CA SER A 20 1.36 5.91 12.21
C SER A 20 0.76 4.68 11.54
N ILE A 21 1.17 4.38 10.33
CA ILE A 21 0.66 3.20 9.66
C ILE A 21 1.69 2.09 9.71
N ARG A 22 1.35 1.01 10.42
CA ARG A 22 2.28 -0.09 10.60
C ARG A 22 1.56 -1.42 10.53
N PHE A 23 2.05 -2.30 9.67
CA PHE A 23 1.49 -3.63 9.48
C PHE A 23 2.59 -4.67 9.42
N GLU A 24 2.64 -5.57 10.39
CA GLU A 24 3.59 -6.67 10.36
C GLU A 24 2.91 -7.95 9.89
N ARG A 25 3.48 -8.58 8.88
CA ARG A 25 2.92 -9.80 8.31
C ARG A 25 4.01 -10.84 8.06
N LEU A 26 3.60 -12.09 7.98
CA LEU A 26 4.50 -13.18 7.65
C LEU A 26 4.11 -13.72 6.27
N LEU A 27 5.09 -13.82 5.38
CA LEU A 27 4.86 -14.25 4.02
C LEU A 27 5.63 -15.52 3.71
N PRO A 28 5.12 -16.37 2.82
CA PRO A 28 5.82 -17.58 2.39
C PRO A 28 6.91 -17.30 1.36
N GLY A 29 8.00 -18.02 1.47
CA GLY A 29 9.12 -17.83 0.56
C GLY A 29 10.34 -17.33 1.30
N PRO A 30 11.54 -17.47 0.72
CA PRO A 30 12.79 -17.01 1.35
C PRO A 30 12.77 -15.50 1.60
N ILE A 31 12.50 -14.74 0.53
CA ILE A 31 12.36 -13.29 0.59
C ILE A 31 12.20 -12.74 -0.83
N GLU A 32 12.89 -13.39 -1.77
CA GLU A 32 12.87 -12.97 -3.18
C GLU A 32 11.48 -13.08 -3.79
N ARG A 33 10.76 -14.14 -3.46
CA ARG A 33 9.40 -14.36 -3.98
C ARG A 33 8.48 -13.21 -3.57
N VAL A 34 8.62 -12.78 -2.33
CA VAL A 34 7.81 -11.71 -1.79
C VAL A 34 8.23 -10.37 -2.38
N TRP A 35 9.53 -10.20 -2.52
CA TRP A 35 10.10 -8.98 -3.10
C TRP A 35 9.67 -8.85 -4.56
N ALA A 36 9.60 -9.97 -5.25
CA ALA A 36 9.29 -10.01 -6.68
C ALA A 36 8.09 -9.17 -7.01
N TRP A 37 7.01 -9.29 -6.24
CA TRP A 37 5.80 -8.59 -6.60
C TRP A 37 5.96 -7.11 -6.26
N LEU A 38 6.83 -6.83 -5.29
CA LEU A 38 7.08 -5.48 -4.85
C LEU A 38 7.86 -4.70 -5.90
N ALA A 39 8.77 -5.38 -6.59
CA ALA A 39 9.66 -4.70 -7.53
C ALA A 39 9.23 -4.84 -9.00
N ASP A 40 8.75 -6.02 -9.38
CA ASP A 40 8.34 -6.25 -10.77
C ASP A 40 7.27 -5.24 -11.19
N ALA A 41 7.65 -4.33 -12.08
CA ALA A 41 6.75 -3.27 -12.53
C ALA A 41 5.59 -3.81 -13.34
N ASP A 42 5.76 -5.02 -13.89
CA ASP A 42 4.70 -5.66 -14.65
C ASP A 42 3.56 -5.99 -13.71
N LYS A 43 3.95 -6.57 -12.60
CA LYS A 43 3.04 -6.97 -11.55
C LYS A 43 2.57 -5.76 -10.75
N ARG A 44 3.50 -4.84 -10.51
CA ARG A 44 3.22 -3.64 -9.74
C ARG A 44 2.09 -2.85 -10.39
N ALA A 45 2.03 -2.93 -11.71
CA ALA A 45 1.00 -2.23 -12.47
C ALA A 45 -0.33 -2.97 -12.41
N ARG A 46 -0.35 -4.10 -11.74
CA ARG A 46 -1.54 -4.93 -11.62
C ARG A 46 -2.12 -4.86 -10.22
N TRP A 47 -1.25 -4.78 -9.20
CA TRP A 47 -1.72 -4.83 -7.81
C TRP A 47 -1.48 -3.50 -7.08
N LEU A 48 -0.63 -2.64 -7.63
CA LEU A 48 -0.31 -1.39 -6.95
C LEU A 48 -0.69 -0.18 -7.80
N ALA A 49 0.00 0.01 -8.92
CA ALA A 49 -0.23 1.17 -9.78
C ALA A 49 0.63 1.12 -11.03
N GLY A 50 1.85 0.67 -10.86
CA GLY A 50 2.78 0.58 -11.97
C GLY A 50 3.87 1.63 -11.90
N GLY A 51 4.92 1.44 -12.67
CA GLY A 51 6.04 2.38 -12.65
C GLY A 51 7.20 1.86 -11.83
N GLU A 52 8.32 1.57 -12.49
CA GLU A 52 9.50 1.07 -11.81
C GLU A 52 10.33 2.21 -11.23
N LEU A 53 11.17 1.86 -10.26
CA LEU A 53 12.02 2.82 -9.56
C LEU A 53 13.18 3.24 -10.45
N PRO A 54 13.64 4.49 -10.31
CA PRO A 54 14.84 4.97 -11.01
C PRO A 54 16.12 4.40 -10.40
N ARG A 55 17.27 4.85 -10.87
CA ARG A 55 18.54 4.34 -10.38
C ARG A 55 19.05 5.13 -9.18
N GLN A 56 18.61 6.37 -9.04
CA GLN A 56 19.06 7.20 -7.93
C GLN A 56 18.04 7.24 -6.80
N PRO A 57 18.54 7.24 -5.56
CA PRO A 57 17.72 7.44 -4.38
C PRO A 57 17.60 8.92 -4.04
N GLY A 58 16.37 9.40 -3.94
CA GLY A 58 16.13 10.81 -3.77
C GLY A 58 15.50 11.42 -4.99
N GLN A 59 15.51 10.65 -6.08
CA GLN A 59 14.83 11.06 -7.30
C GLN A 59 13.32 10.81 -7.17
N THR A 60 12.59 11.10 -8.22
CA THR A 60 11.17 10.88 -8.22
C THR A 60 10.76 9.95 -9.37
N PHE A 61 9.94 8.97 -9.06
CA PHE A 61 9.44 8.04 -10.06
C PHE A 61 7.95 8.26 -10.26
N GLU A 62 7.38 7.59 -11.23
CA GLU A 62 5.99 7.81 -11.58
C GLU A 62 5.09 6.74 -10.95
N LEU A 63 4.21 7.19 -10.07
CA LEU A 63 3.28 6.31 -9.41
C LEU A 63 1.88 6.64 -9.88
N HIS A 64 1.17 5.62 -10.34
CA HIS A 64 -0.15 5.81 -10.92
C HIS A 64 -1.19 5.95 -9.81
N PHE A 65 -1.98 7.01 -9.86
CA PHE A 65 -3.06 7.18 -8.89
C PHE A 65 -4.19 6.21 -9.15
N ASN A 66 -4.07 5.43 -10.22
CA ASN A 66 -4.99 4.34 -10.45
C ASN A 66 -4.52 3.13 -9.68
N HIS A 67 -5.15 2.90 -8.55
CA HIS A 67 -4.80 1.78 -7.70
C HIS A 67 -6.05 0.99 -7.34
N ALA A 68 -7.02 1.06 -8.24
CA ALA A 68 -8.17 0.18 -8.20
C ALA A 68 -7.91 -0.99 -9.13
N ALA A 69 -8.00 -0.72 -10.44
CA ALA A 69 -7.48 -1.60 -11.50
C ALA A 69 -8.15 -2.98 -11.56
N LEU A 70 -7.90 -3.81 -10.57
CA LEU A 70 -8.37 -5.19 -10.57
C LEU A 70 -9.76 -5.29 -9.95
N THR A 71 -10.26 -4.19 -9.42
CA THR A 71 -11.57 -4.16 -8.83
C THR A 71 -12.24 -2.80 -9.11
N ALA A 72 -13.41 -2.59 -8.51
CA ALA A 72 -14.20 -1.37 -8.69
C ALA A 72 -14.91 -1.34 -10.03
N GLU A 73 -14.14 -1.08 -11.11
CA GLU A 73 -14.70 -0.87 -12.46
C GLU A 73 -15.66 0.33 -12.47
N THR A 74 -16.83 0.14 -11.91
CA THR A 74 -17.82 1.18 -11.82
C THR A 74 -18.05 1.54 -10.35
N ALA A 75 -18.02 2.82 -10.05
CA ALA A 75 -18.11 3.28 -8.67
C ALA A 75 -18.58 4.72 -8.62
N PRO A 76 -19.04 5.19 -7.45
CA PRO A 76 -19.44 6.60 -7.26
C PRO A 76 -18.32 7.56 -7.66
N ALA A 77 -18.69 8.83 -7.84
CA ALA A 77 -17.76 9.84 -8.35
C ALA A 77 -16.54 10.01 -7.44
N ARG A 78 -16.71 9.69 -6.17
CA ARG A 78 -15.62 9.85 -5.20
C ARG A 78 -14.86 8.55 -5.00
N TYR A 79 -15.25 7.51 -5.73
CA TYR A 79 -14.58 6.22 -5.65
C TYR A 79 -13.90 5.90 -6.96
N ALA A 80 -14.49 6.41 -8.05
CA ALA A 80 -13.90 6.28 -9.37
C ALA A 80 -12.59 7.08 -9.45
N GLN A 81 -12.36 7.90 -8.43
CA GLN A 81 -11.17 8.71 -8.31
C GLN A 81 -9.92 7.84 -8.28
N TYR A 82 -10.03 6.67 -7.67
CA TYR A 82 -8.88 5.80 -7.46
C TYR A 82 -8.65 4.88 -8.66
N ASP A 83 -9.57 4.89 -9.61
CA ASP A 83 -9.52 3.96 -10.74
C ASP A 83 -9.12 4.68 -12.02
N ARG A 84 -8.75 5.94 -11.87
CA ARG A 84 -8.34 6.74 -13.02
C ARG A 84 -6.84 7.01 -12.97
N PRO A 85 -6.17 7.02 -14.12
CA PRO A 85 -4.73 7.20 -14.19
C PRO A 85 -4.31 8.65 -13.97
N ILE A 86 -3.89 8.95 -12.76
CA ILE A 86 -3.32 10.24 -12.44
C ILE A 86 -1.82 10.06 -12.20
N VAL A 87 -1.01 10.70 -13.01
CA VAL A 87 0.43 10.54 -12.91
C VAL A 87 1.02 11.53 -11.92
N ALA A 88 1.39 11.02 -10.75
CA ALA A 88 2.04 11.83 -9.74
C ALA A 88 3.39 11.21 -9.39
N ARG A 89 4.44 12.01 -9.44
CA ARG A 89 5.77 11.51 -9.16
C ARG A 89 5.98 11.41 -7.65
N HIS A 90 6.73 10.40 -7.25
CA HIS A 90 7.00 10.15 -5.83
C HIS A 90 8.48 9.89 -5.61
N THR A 91 8.96 10.27 -4.44
CA THR A 91 10.37 10.12 -4.12
C THR A 91 10.66 8.72 -3.59
N LEU A 92 11.70 8.09 -4.11
CA LEU A 92 12.17 6.83 -3.54
C LEU A 92 13.31 7.15 -2.56
N LEU A 93 13.21 6.60 -1.36
CA LEU A 93 14.13 6.97 -0.29
C LEU A 93 15.23 5.92 -0.16
N ARG A 94 14.94 4.89 0.62
CA ARG A 94 15.90 3.82 0.84
C ARG A 94 15.55 2.61 -0.01
N CYS A 95 16.26 2.45 -1.11
CA CYS A 95 16.03 1.33 -2.01
C CYS A 95 17.27 0.43 -2.04
N GLU A 96 17.25 -0.63 -1.25
CA GLU A 96 18.37 -1.53 -1.14
C GLU A 96 17.91 -2.98 -1.22
N PRO A 97 17.80 -3.51 -2.45
CA PRO A 97 17.35 -4.88 -2.71
C PRO A 97 18.46 -5.90 -2.53
N PRO A 98 18.11 -7.10 -2.05
CA PRO A 98 16.78 -7.43 -1.57
C PRO A 98 16.68 -7.39 -0.05
N ARG A 99 16.06 -6.33 0.47
CA ARG A 99 15.90 -6.18 1.91
C ARG A 99 14.88 -5.09 2.23
N VAL A 100 15.22 -3.87 1.87
CA VAL A 100 14.39 -2.72 2.22
C VAL A 100 14.12 -1.84 1.01
N LEU A 101 12.86 -1.49 0.81
CA LEU A 101 12.51 -0.50 -0.20
C LEU A 101 11.64 0.56 0.45
N ALA A 102 11.89 1.81 0.15
CA ALA A 102 11.14 2.90 0.76
C ALA A 102 10.83 3.98 -0.25
N LEU A 103 9.61 4.47 -0.19
CA LEU A 103 9.19 5.58 -1.03
C LEU A 103 8.49 6.61 -0.16
N THR A 104 8.16 7.74 -0.72
CA THR A 104 7.39 8.73 0.01
C THR A 104 5.97 8.81 -0.58
N TRP A 105 4.99 8.97 0.29
CA TRP A 105 3.60 8.88 -0.11
C TRP A 105 2.92 10.23 -0.01
N GLY A 106 1.99 10.50 -0.92
CA GLY A 106 1.38 11.81 -0.99
C GLY A 106 2.40 12.88 -1.32
N GLY A 107 2.20 14.07 -0.79
CA GLY A 107 3.15 15.15 -0.97
C GLY A 107 3.22 15.63 -2.40
N GLY A 108 4.36 16.21 -2.74
CA GLY A 108 4.58 16.70 -4.08
C GLY A 108 3.98 18.08 -4.28
N ALA A 109 2.66 18.12 -4.41
CA ALA A 109 1.98 19.37 -4.70
C ALA A 109 1.72 20.17 -3.43
N GLY A 110 2.59 21.14 -3.17
CA GLY A 110 2.37 22.07 -2.07
C GLY A 110 2.74 21.51 -0.72
N GLU A 111 2.05 20.45 -0.31
CA GLU A 111 2.24 19.86 1.00
C GLU A 111 3.49 18.99 1.06
N ALA A 112 3.81 18.52 2.25
CA ALA A 112 4.96 17.64 2.43
C ALA A 112 4.53 16.19 2.27
N PRO A 113 5.40 15.36 1.68
CA PRO A 113 5.12 13.95 1.46
C PRO A 113 5.40 13.10 2.69
N SER A 114 4.53 12.14 2.93
CA SER A 114 4.76 11.14 3.94
C SER A 114 5.78 10.13 3.41
N GLU A 115 6.11 9.11 4.17
CA GLU A 115 7.05 8.12 3.71
C GLU A 115 6.55 6.72 4.01
N VAL A 116 6.89 5.78 3.14
CA VAL A 116 6.49 4.40 3.28
C VAL A 116 7.70 3.49 3.27
N LEU A 117 7.91 2.80 4.37
CA LEU A 117 9.03 1.90 4.51
C LEU A 117 8.57 0.45 4.37
N PHE A 118 9.13 -0.24 3.39
CA PHE A 118 8.95 -1.68 3.29
C PHE A 118 10.23 -2.36 3.74
N GLU A 119 10.11 -3.18 4.77
CA GLU A 119 11.27 -3.86 5.33
C GLU A 119 11.04 -5.35 5.35
N LEU A 120 11.84 -6.08 4.59
CA LEU A 120 11.71 -7.53 4.52
C LEU A 120 12.89 -8.21 5.19
N SER A 121 12.59 -9.08 6.12
CA SER A 121 13.60 -9.89 6.75
C SER A 121 13.37 -11.34 6.38
N GLU A 122 14.44 -12.11 6.33
CA GLU A 122 14.36 -13.46 5.80
C GLU A 122 14.50 -14.48 6.92
N ALA A 123 13.57 -15.39 6.96
CA ALA A 123 13.57 -16.45 7.95
C ALA A 123 13.71 -17.81 7.25
N GLY A 124 13.31 -18.88 7.93
CA GLY A 124 13.38 -20.21 7.33
C GLY A 124 12.37 -20.38 6.22
N GLU A 125 12.72 -19.86 5.04
CA GLU A 125 11.82 -19.80 3.89
C GLU A 125 10.53 -19.09 4.27
N GLN A 126 10.65 -18.16 5.20
CA GLN A 126 9.57 -17.27 5.57
C GLN A 126 10.07 -15.84 5.48
N VAL A 127 9.14 -14.93 5.33
CA VAL A 127 9.48 -13.53 5.18
C VAL A 127 8.71 -12.68 6.17
N ARG A 128 9.42 -11.92 6.97
CA ARG A 128 8.81 -10.94 7.84
C ARG A 128 8.78 -9.58 7.17
N LEU A 129 7.59 -9.05 7.03
CA LEU A 129 7.38 -7.77 6.39
C LEU A 129 6.64 -6.82 7.31
N VAL A 130 7.19 -5.63 7.47
CA VAL A 130 6.55 -4.58 8.23
C VAL A 130 6.44 -3.32 7.37
N LEU A 131 5.22 -2.87 7.14
CA LEU A 131 5.01 -1.63 6.42
C LEU A 131 4.99 -0.48 7.41
N THR A 132 6.00 0.37 7.31
CA THR A 132 6.12 1.51 8.20
C THR A 132 5.85 2.80 7.44
N HIS A 133 4.64 3.33 7.61
CA HIS A 133 4.27 4.56 6.94
C HIS A 133 4.39 5.73 7.91
N THR A 134 5.38 6.57 7.67
CA THR A 134 5.68 7.68 8.54
C THR A 134 5.32 9.01 7.88
N ARG A 135 5.58 10.10 8.59
CA ARG A 135 5.45 11.44 8.05
C ARG A 135 4.01 11.76 7.68
N LEU A 136 3.08 11.14 8.39
CA LEU A 136 1.67 11.39 8.17
C LEU A 136 1.27 12.73 8.77
N ALA A 137 0.65 13.57 7.95
CA ALA A 137 0.22 14.89 8.40
C ALA A 137 -0.96 14.78 9.35
N ASP A 138 -1.94 13.95 8.99
CA ASP A 138 -3.15 13.79 9.79
C ASP A 138 -4.02 12.70 9.19
N ARG A 139 -5.22 12.55 9.76
CA ARG A 139 -6.12 11.46 9.38
C ARG A 139 -6.55 11.56 7.93
N ALA A 140 -6.46 12.74 7.32
CA ALA A 140 -6.80 12.89 5.91
C ALA A 140 -5.79 12.16 5.05
N ALA A 141 -4.55 12.08 5.53
CA ALA A 141 -3.53 11.32 4.83
C ALA A 141 -3.89 9.84 4.90
N MET A 142 -4.15 9.37 6.13
CA MET A 142 -4.67 8.03 6.33
C MET A 142 -5.91 7.78 5.48
N LEU A 143 -6.75 8.80 5.34
CA LEU A 143 -7.95 8.72 4.51
C LEU A 143 -7.60 8.62 3.03
N ASP A 144 -6.46 9.19 2.64
CA ASP A 144 -6.00 9.09 1.26
C ASP A 144 -5.60 7.65 0.97
N VAL A 145 -4.75 7.11 1.84
CA VAL A 145 -4.26 5.74 1.68
C VAL A 145 -5.38 4.75 1.96
N ALA A 146 -6.43 5.20 2.64
CA ALA A 146 -7.61 4.38 2.89
C ALA A 146 -8.20 3.87 1.58
N GLY A 147 -8.16 4.71 0.55
CA GLY A 147 -8.75 4.35 -0.71
C GLY A 147 -7.84 3.49 -1.57
N GLY A 148 -7.37 2.38 -1.03
CA GLY A 148 -6.64 1.43 -1.85
C GLY A 148 -5.35 0.92 -1.24
N TRP A 149 -4.65 1.77 -0.48
CA TRP A 149 -3.31 1.42 -0.02
C TRP A 149 -3.34 0.16 0.88
N HIS A 150 -3.95 0.27 2.06
CA HIS A 150 -3.96 -0.86 2.99
C HIS A 150 -4.53 -2.10 2.32
N ALA A 151 -5.50 -1.88 1.47
CA ALA A 151 -6.17 -2.96 0.74
C ALA A 151 -5.17 -3.82 -0.03
N HIS A 152 -4.16 -3.20 -0.63
CA HIS A 152 -3.22 -3.94 -1.45
C HIS A 152 -2.38 -4.88 -0.59
N LEU A 153 -2.33 -4.61 0.72
CA LEU A 153 -1.63 -5.48 1.66
C LEU A 153 -2.34 -6.82 1.75
N ALA A 154 -3.66 -6.79 1.56
CA ALA A 154 -4.46 -8.01 1.56
C ALA A 154 -4.22 -8.76 0.25
N VAL A 155 -4.02 -7.99 -0.82
CA VAL A 155 -3.71 -8.53 -2.13
C VAL A 155 -2.33 -9.17 -2.13
N LEU A 156 -1.38 -8.52 -1.45
CA LEU A 156 -0.02 -9.04 -1.31
C LEU A 156 -0.04 -10.44 -0.71
N ALA A 157 -0.65 -10.57 0.46
CA ALA A 157 -0.73 -11.85 1.14
C ALA A 157 -1.48 -12.87 0.28
N GLY A 158 -2.58 -12.43 -0.32
CA GLY A 158 -3.35 -13.29 -1.19
C GLY A 158 -2.53 -13.81 -2.34
N LYS A 159 -1.80 -12.93 -3.01
CA LYS A 159 -1.01 -13.33 -4.17
C LYS A 159 0.15 -14.21 -3.76
N LEU A 160 0.84 -13.83 -2.69
CA LEU A 160 1.96 -14.60 -2.17
C LEU A 160 1.53 -15.97 -1.68
N ALA A 161 0.26 -16.09 -1.27
CA ALA A 161 -0.29 -17.38 -0.85
C ALA A 161 -0.71 -18.20 -2.07
N GLY A 162 -0.61 -17.60 -3.25
CA GLY A 162 -0.93 -18.30 -4.48
C GLY A 162 -2.40 -18.24 -4.84
N GLN A 163 -3.19 -17.59 -3.99
CA GLN A 163 -4.63 -17.52 -4.19
C GLN A 163 -5.02 -16.22 -4.89
N ALA A 164 -6.32 -15.94 -4.91
CA ALA A 164 -6.85 -14.75 -5.57
C ALA A 164 -6.91 -13.58 -4.58
N PRO A 165 -7.03 -12.34 -5.10
CA PRO A 165 -7.14 -11.14 -4.27
C PRO A 165 -8.49 -11.06 -3.56
N PRO A 166 -8.53 -10.34 -2.42
CA PRO A 166 -9.77 -10.14 -1.64
C PRO A 166 -10.68 -9.11 -2.28
N PRO A 167 -11.91 -8.95 -1.73
CA PRO A 167 -12.84 -7.90 -2.16
C PRO A 167 -12.25 -6.52 -1.92
N PHE A 168 -11.64 -5.96 -2.96
CA PHE A 168 -10.93 -4.69 -2.87
C PHE A 168 -11.90 -3.55 -2.61
N TRP A 169 -13.06 -3.63 -3.25
CA TRP A 169 -14.08 -2.59 -3.12
C TRP A 169 -14.56 -2.51 -1.67
N THR A 170 -14.87 -3.67 -1.12
CA THR A 170 -15.33 -3.77 0.26
C THR A 170 -14.26 -3.26 1.23
N THR A 171 -13.04 -3.80 1.11
CA THR A 171 -11.93 -3.39 1.95
C THR A 171 -11.73 -1.87 1.91
N LEU A 172 -11.70 -1.33 0.69
CA LEU A 172 -11.46 0.09 0.47
C LEU A 172 -12.54 0.92 1.17
N ALA A 173 -13.78 0.75 0.74
CA ALA A 173 -14.88 1.60 1.19
C ALA A 173 -15.12 1.47 2.69
N GLN A 174 -15.14 0.23 3.18
CA GLN A 174 -15.44 -0.03 4.57
C GLN A 174 -14.35 0.52 5.48
N ALA A 175 -13.09 0.33 5.10
CA ALA A 175 -12.00 0.84 5.91
C ALA A 175 -11.92 2.37 5.77
N GLU A 176 -12.32 2.89 4.62
CA GLU A 176 -12.42 4.32 4.43
C GLU A 176 -13.40 4.90 5.43
N GLN A 177 -14.53 4.23 5.59
CA GLN A 177 -15.53 4.62 6.57
C GLN A 177 -15.03 4.39 8.00
N ASP A 178 -14.17 3.40 8.18
CA ASP A 178 -13.61 3.11 9.50
C ASP A 178 -12.71 4.26 9.96
N TYR A 179 -11.86 4.77 9.07
CA TYR A 179 -11.02 5.91 9.41
C TYR A 179 -11.86 7.18 9.52
N GLU A 180 -12.80 7.35 8.60
CA GLU A 180 -13.68 8.52 8.58
C GLU A 180 -14.58 8.56 9.81
N GLN A 181 -14.68 7.42 10.50
CA GLN A 181 -15.46 7.32 11.71
C GLN A 181 -14.94 8.25 12.79
N ARG A 182 -13.63 8.41 12.82
CA ARG A 182 -12.98 9.21 13.85
C ARG A 182 -13.17 10.71 13.59
N LEU A 183 -13.40 11.05 12.32
CA LEU A 183 -13.54 12.44 11.87
C LEU A 183 -12.23 13.21 12.04
N LEU A 184 -12.20 14.44 11.53
CA LEU A 184 -11.00 15.28 11.59
C LEU A 184 -11.24 16.64 10.97
N GLU A 185 -10.67 17.66 11.61
CA GLU A 185 -10.56 18.97 11.01
C GLU A 185 -9.16 19.50 11.29
N HIS A 186 -8.50 20.02 10.26
CA HIS A 186 -7.11 20.43 10.39
C HIS A 186 -6.73 21.42 9.28
N HIS A 187 -7.28 21.18 8.09
CA HIS A 187 -6.96 22.00 6.92
C HIS A 187 -5.47 22.03 6.66
N HIS A 188 -4.90 20.87 6.35
CA HIS A 188 -3.48 20.82 6.02
C HIS A 188 -3.27 21.34 4.60
N HIS A 189 -2.90 22.61 4.51
CA HIS A 189 -2.72 23.29 3.24
C HIS A 189 -1.88 24.53 3.46
N HIS A 190 -0.57 24.36 3.49
CA HIS A 190 0.33 25.46 3.77
C HIS A 190 0.82 26.11 2.48
N HIS A 191 0.27 27.29 2.18
CA HIS A 191 0.70 28.06 1.02
C HIS A 191 2.12 28.59 1.24
N MET A 1 4.77 -18.31 -14.38
CA MET A 1 4.47 -17.68 -13.07
C MET A 1 3.95 -18.72 -12.09
N THR A 2 4.47 -18.68 -10.87
CA THR A 2 4.10 -19.65 -9.83
C THR A 2 2.60 -19.61 -9.53
N SER A 3 1.96 -20.77 -9.64
CA SER A 3 0.55 -20.88 -9.33
C SER A 3 0.34 -21.31 -7.86
N PRO A 4 0.87 -22.46 -7.42
CA PRO A 4 0.75 -22.90 -6.03
C PRO A 4 1.87 -22.32 -5.17
N SER A 5 1.57 -21.23 -4.49
CA SER A 5 2.56 -20.57 -3.66
C SER A 5 2.24 -20.78 -2.17
N SER A 6 0.94 -20.74 -1.85
CA SER A 6 0.44 -21.02 -0.49
C SER A 6 0.73 -19.88 0.49
N ALA A 7 -0.34 -19.22 0.94
CA ALA A 7 -0.23 -18.15 1.93
C ALA A 7 -1.57 -17.96 2.63
N PHE A 8 -1.56 -17.22 3.72
CA PHE A 8 -2.78 -17.00 4.50
C PHE A 8 -3.41 -15.65 4.14
N PRO A 9 -4.63 -15.67 3.59
CA PRO A 9 -5.34 -14.47 3.17
C PRO A 9 -6.07 -13.79 4.34
N ASP A 10 -6.52 -12.56 4.08
CA ASP A 10 -7.26 -11.76 5.07
C ASP A 10 -6.39 -11.42 6.30
N GLY A 11 -6.94 -10.62 7.19
CA GLY A 11 -6.25 -10.24 8.41
C GLY A 11 -7.19 -9.53 9.36
N HIS A 12 -7.74 -8.42 8.88
CA HIS A 12 -8.78 -7.66 9.59
C HIS A 12 -8.32 -7.29 11.00
N GLY A 13 -7.61 -6.18 11.13
CA GLY A 13 -7.14 -5.73 12.42
C GLY A 13 -6.57 -4.34 12.36
N ALA A 14 -7.44 -3.34 12.42
CA ALA A 14 -7.01 -1.95 12.36
C ALA A 14 -7.41 -1.21 13.62
N ARG A 15 -6.42 -0.82 14.41
CA ARG A 15 -6.67 -0.05 15.61
C ARG A 15 -6.22 1.38 15.43
N LEU A 16 -6.99 2.32 15.96
CA LEU A 16 -6.79 3.74 15.70
C LEU A 16 -5.75 4.35 16.62
N ASP A 17 -5.03 3.51 17.34
CA ASP A 17 -3.95 3.98 18.20
C ASP A 17 -2.68 4.13 17.36
N ALA A 18 -1.73 4.92 17.87
CA ALA A 18 -0.51 5.29 17.16
C ALA A 18 -0.79 6.42 16.17
N GLN A 19 0.27 7.08 15.75
CA GLN A 19 0.16 8.23 14.87
C GLN A 19 0.88 7.94 13.57
N SER A 20 1.03 6.65 13.29
CA SER A 20 1.61 6.15 12.07
C SER A 20 0.81 4.94 11.61
N ILE A 21 0.96 4.57 10.35
CA ILE A 21 0.28 3.38 9.84
C ILE A 21 1.26 2.23 9.77
N ARG A 22 0.91 1.15 10.43
CA ARG A 22 1.83 0.04 10.60
C ARG A 22 1.11 -1.29 10.55
N PHE A 23 1.36 -2.03 9.47
CA PHE A 23 0.74 -3.33 9.26
C PHE A 23 1.80 -4.37 8.89
N GLU A 24 2.02 -5.32 9.77
CA GLU A 24 3.01 -6.37 9.49
C GLU A 24 2.33 -7.69 9.16
N ARG A 25 2.78 -8.31 8.09
CA ARG A 25 2.22 -9.56 7.62
C ARG A 25 3.31 -10.58 7.34
N LEU A 26 2.90 -11.83 7.20
CA LEU A 26 3.81 -12.91 6.91
C LEU A 26 3.56 -13.41 5.49
N LEU A 27 4.62 -13.52 4.71
CA LEU A 27 4.52 -13.91 3.31
C LEU A 27 5.42 -15.11 3.01
N PRO A 28 5.15 -15.84 1.91
CA PRO A 28 5.87 -17.06 1.56
C PRO A 28 7.14 -16.81 0.76
N GLY A 29 8.21 -17.53 1.11
CA GLY A 29 9.46 -17.43 0.38
C GLY A 29 10.64 -17.18 1.29
N PRO A 30 11.89 -17.27 0.77
CA PRO A 30 13.08 -16.97 1.55
C PRO A 30 13.15 -15.49 1.94
N ILE A 31 13.04 -14.62 0.91
CA ILE A 31 12.93 -13.18 1.11
C ILE A 31 12.86 -12.47 -0.24
N GLU A 32 13.67 -12.93 -1.20
CA GLU A 32 13.69 -12.36 -2.53
C GLU A 32 12.39 -12.66 -3.27
N ARG A 33 11.77 -13.77 -2.92
CA ARG A 33 10.53 -14.20 -3.57
C ARG A 33 9.45 -13.14 -3.45
N VAL A 34 9.28 -12.64 -2.23
CA VAL A 34 8.30 -11.59 -1.97
C VAL A 34 8.73 -10.28 -2.62
N TRP A 35 10.03 -10.06 -2.66
CA TRP A 35 10.60 -8.83 -3.22
C TRP A 35 10.29 -8.71 -4.71
N ALA A 36 10.22 -9.84 -5.39
CA ALA A 36 9.97 -9.88 -6.83
C ALA A 36 8.76 -9.04 -7.23
N TRP A 37 7.70 -9.16 -6.45
CA TRP A 37 6.47 -8.42 -6.71
C TRP A 37 6.66 -6.93 -6.45
N LEU A 38 7.58 -6.61 -5.56
CA LEU A 38 7.87 -5.22 -5.24
C LEU A 38 8.73 -4.58 -6.33
N ALA A 39 9.58 -5.40 -6.94
CA ALA A 39 10.54 -4.91 -7.92
C ALA A 39 9.98 -4.92 -9.33
N ASP A 40 9.47 -6.08 -9.76
CA ASP A 40 8.97 -6.23 -11.12
C ASP A 40 7.75 -5.37 -11.37
N ALA A 41 7.94 -4.31 -12.14
CA ALA A 41 6.86 -3.37 -12.43
C ALA A 41 5.78 -3.99 -13.29
N ASP A 42 6.10 -5.11 -13.94
CA ASP A 42 5.14 -5.77 -14.82
C ASP A 42 4.01 -6.36 -14.00
N LYS A 43 4.35 -7.17 -13.02
CA LYS A 43 3.36 -7.73 -12.12
C LYS A 43 2.88 -6.67 -11.13
N ARG A 44 3.77 -5.72 -10.83
CA ARG A 44 3.48 -4.64 -9.90
C ARG A 44 2.35 -3.77 -10.43
N ALA A 45 2.28 -3.65 -11.75
CA ALA A 45 1.21 -2.90 -12.39
C ALA A 45 -0.15 -3.54 -12.09
N ARG A 46 -0.13 -4.84 -11.78
CA ARG A 46 -1.36 -5.56 -11.50
C ARG A 46 -1.46 -5.96 -10.03
N TRP A 47 -0.94 -5.12 -9.15
CA TRP A 47 -1.21 -5.26 -7.72
C TRP A 47 -1.01 -3.92 -6.99
N LEU A 48 -0.19 -3.05 -7.57
CA LEU A 48 0.03 -1.72 -7.02
C LEU A 48 -0.20 -0.68 -8.10
N ALA A 49 0.84 -0.44 -8.91
CA ALA A 49 0.79 0.53 -9.99
C ALA A 49 2.03 0.38 -10.85
N GLY A 50 1.85 0.45 -12.16
CA GLY A 50 2.97 0.33 -13.08
C GLY A 50 4.00 1.41 -12.90
N GLY A 51 5.19 1.01 -12.50
CA GLY A 51 6.28 1.94 -12.27
C GLY A 51 7.40 1.29 -11.51
N GLU A 52 8.52 1.07 -12.18
CA GLU A 52 9.67 0.40 -11.60
C GLU A 52 10.44 1.32 -10.66
N LEU A 53 11.41 0.76 -9.96
CA LEU A 53 12.18 1.52 -8.98
C LEU A 53 13.43 2.10 -9.60
N PRO A 54 13.83 3.31 -9.18
CA PRO A 54 15.07 3.95 -9.63
C PRO A 54 16.30 3.30 -9.02
N ARG A 55 17.46 3.89 -9.25
CA ARG A 55 18.72 3.30 -8.82
C ARG A 55 19.32 4.06 -7.65
N GLN A 56 19.08 5.36 -7.61
CA GLN A 56 19.57 6.19 -6.52
C GLN A 56 18.53 6.35 -5.43
N PRO A 57 18.99 6.55 -4.20
CA PRO A 57 18.14 6.85 -3.07
C PRO A 57 17.86 8.35 -2.96
N GLY A 58 16.63 8.75 -3.24
CA GLY A 58 16.29 10.15 -3.25
C GLY A 58 15.81 10.62 -4.62
N GLN A 59 15.79 9.71 -5.58
CA GLN A 59 15.28 10.03 -6.91
C GLN A 59 13.76 9.95 -6.93
N THR A 60 13.16 10.40 -8.01
CA THR A 60 11.74 10.27 -8.18
C THR A 60 11.43 9.32 -9.33
N PHE A 61 10.47 8.42 -9.11
CA PHE A 61 10.09 7.49 -10.15
C PHE A 61 8.68 7.78 -10.62
N GLU A 62 8.39 7.34 -11.84
CA GLU A 62 7.10 7.56 -12.43
C GLU A 62 6.26 6.30 -12.39
N LEU A 63 5.14 6.37 -11.70
CA LEU A 63 4.19 5.28 -11.69
C LEU A 63 2.80 5.85 -11.83
N HIS A 64 1.82 4.97 -11.92
CA HIS A 64 0.43 5.40 -12.07
C HIS A 64 -0.15 5.74 -10.71
N PHE A 65 -1.03 6.72 -10.66
CA PHE A 65 -1.61 7.14 -9.40
C PHE A 65 -2.74 6.21 -8.98
N ASN A 66 -2.94 5.16 -9.76
CA ASN A 66 -3.85 4.11 -9.36
C ASN A 66 -3.31 3.44 -8.10
N HIS A 67 -3.88 3.82 -6.97
CA HIS A 67 -3.42 3.32 -5.69
C HIS A 67 -3.90 1.89 -5.44
N ALA A 68 -3.28 0.96 -6.18
CA ALA A 68 -3.46 -0.48 -5.97
C ALA A 68 -4.92 -0.91 -5.98
N ALA A 69 -5.69 -0.38 -6.92
CA ALA A 69 -7.10 -0.76 -7.03
C ALA A 69 -7.24 -2.26 -7.26
N LEU A 70 -6.30 -2.82 -8.04
CA LEU A 70 -6.28 -4.24 -8.40
C LEU A 70 -7.43 -4.57 -9.34
N THR A 71 -8.63 -4.40 -8.85
CA THR A 71 -9.83 -4.66 -9.63
C THR A 71 -10.90 -3.65 -9.24
N ALA A 72 -11.72 -3.25 -10.19
CA ALA A 72 -12.76 -2.29 -9.90
C ALA A 72 -14.03 -3.02 -9.47
N GLU A 73 -14.28 -4.16 -10.13
CA GLU A 73 -15.46 -4.99 -9.86
C GLU A 73 -16.73 -4.23 -10.23
N THR A 74 -17.10 -3.27 -9.41
CA THR A 74 -18.21 -2.38 -9.70
C THR A 74 -17.82 -0.97 -9.28
N ALA A 75 -17.96 -0.03 -10.18
CA ALA A 75 -17.49 1.33 -9.96
C ALA A 75 -18.56 2.35 -10.32
N PRO A 76 -19.43 2.68 -9.35
CA PRO A 76 -20.51 3.65 -9.55
C PRO A 76 -20.00 5.00 -10.08
N ALA A 77 -19.06 5.58 -9.36
CA ALA A 77 -18.43 6.84 -9.77
C ALA A 77 -17.19 7.11 -8.94
N ARG A 78 -17.36 7.00 -7.62
CA ARG A 78 -16.29 7.26 -6.66
C ARG A 78 -15.05 6.39 -6.93
N TYR A 79 -15.23 5.30 -7.64
CA TYR A 79 -14.13 4.36 -7.89
C TYR A 79 -13.76 4.35 -9.37
N ALA A 80 -14.65 4.88 -10.19
CA ALA A 80 -14.43 4.88 -11.62
C ALA A 80 -13.53 6.04 -12.03
N GLN A 81 -13.58 7.10 -11.24
CA GLN A 81 -12.85 8.33 -11.53
C GLN A 81 -11.37 8.10 -11.77
N TYR A 82 -10.75 7.23 -10.97
CA TYR A 82 -9.31 7.01 -11.07
C TYR A 82 -8.96 5.65 -11.67
N ASP A 83 -9.92 5.04 -12.38
CA ASP A 83 -9.66 3.78 -13.08
C ASP A 83 -8.99 4.06 -14.44
N ARG A 84 -8.78 5.34 -14.71
CA ARG A 84 -8.12 5.76 -15.94
C ARG A 84 -6.64 6.00 -15.68
N PRO A 85 -5.79 5.81 -16.71
CA PRO A 85 -4.34 5.95 -16.57
C PRO A 85 -3.91 7.36 -16.19
N ILE A 86 -3.48 7.53 -14.95
CA ILE A 86 -2.98 8.80 -14.46
C ILE A 86 -1.58 8.61 -13.90
N VAL A 87 -0.66 9.48 -14.27
CA VAL A 87 0.71 9.38 -13.81
C VAL A 87 1.00 10.39 -12.69
N ALA A 88 1.71 9.95 -11.66
CA ALA A 88 2.07 10.81 -10.55
C ALA A 88 3.39 10.35 -9.94
N ARG A 89 4.40 11.20 -10.03
CA ARG A 89 5.73 10.85 -9.55
C ARG A 89 5.76 10.76 -8.04
N HIS A 90 6.69 9.98 -7.54
CA HIS A 90 6.88 9.80 -6.11
C HIS A 90 8.36 9.59 -5.82
N THR A 91 8.84 10.16 -4.74
CA THR A 91 10.24 10.03 -4.38
C THR A 91 10.46 8.76 -3.58
N LEU A 92 11.51 8.03 -3.90
CA LEU A 92 11.87 6.86 -3.11
C LEU A 92 12.95 7.24 -2.11
N LEU A 93 12.89 6.66 -0.94
CA LEU A 93 13.83 6.97 0.12
C LEU A 93 15.02 6.03 0.07
N ARG A 94 14.77 4.79 0.47
CA ARG A 94 15.81 3.78 0.54
C ARG A 94 15.47 2.62 -0.37
N CYS A 95 16.47 2.13 -1.10
CA CYS A 95 16.28 0.98 -1.98
C CYS A 95 17.45 0.03 -1.86
N GLU A 96 17.25 -1.03 -1.08
CA GLU A 96 18.28 -2.05 -0.89
C GLU A 96 17.73 -3.41 -1.25
N PRO A 97 17.80 -3.79 -2.53
CA PRO A 97 17.27 -5.06 -3.02
C PRO A 97 18.22 -6.24 -2.78
N PRO A 98 17.69 -7.37 -2.31
CA PRO A 98 16.32 -7.52 -1.87
C PRO A 98 16.22 -7.53 -0.33
N ARG A 99 15.76 -6.41 0.25
CA ARG A 99 15.68 -6.31 1.69
C ARG A 99 14.70 -5.22 2.10
N VAL A 100 15.06 -3.97 1.83
CA VAL A 100 14.28 -2.83 2.27
C VAL A 100 14.04 -1.85 1.13
N LEU A 101 12.80 -1.40 0.99
CA LEU A 101 12.47 -0.38 0.00
C LEU A 101 11.56 0.65 0.64
N ALA A 102 11.76 1.91 0.30
CA ALA A 102 11.01 2.99 0.91
C ALA A 102 10.70 4.09 -0.09
N LEU A 103 9.61 4.80 0.14
CA LEU A 103 9.23 5.94 -0.69
C LEU A 103 8.47 6.94 0.16
N THR A 104 8.10 8.06 -0.42
CA THR A 104 7.19 8.98 0.25
C THR A 104 5.96 9.22 -0.62
N TRP A 105 4.84 9.40 0.04
CA TRP A 105 3.54 9.33 -0.59
C TRP A 105 2.82 10.66 -0.54
N GLY A 106 2.98 11.46 -1.58
CA GLY A 106 2.31 12.73 -1.65
C GLY A 106 3.10 13.74 -2.44
N GLY A 107 2.78 15.02 -2.27
CA GLY A 107 3.50 16.06 -2.98
C GLY A 107 2.60 17.22 -3.35
N GLY A 108 1.47 16.91 -3.99
CA GLY A 108 0.54 17.95 -4.39
C GLY A 108 -0.43 18.32 -3.28
N ALA A 109 0.12 18.81 -2.17
CA ALA A 109 -0.68 19.18 -1.01
C ALA A 109 0.00 20.31 -0.24
N GLY A 110 -0.69 20.82 0.76
CA GLY A 110 -0.12 21.87 1.59
C GLY A 110 0.79 21.34 2.66
N GLU A 111 0.52 20.12 3.11
CA GLU A 111 1.30 19.49 4.16
C GLU A 111 2.39 18.62 3.56
N ALA A 112 3.39 18.27 4.36
CA ALA A 112 4.49 17.43 3.91
C ALA A 112 4.00 16.03 3.56
N PRO A 113 4.60 15.42 2.52
CA PRO A 113 4.25 14.08 2.09
C PRO A 113 4.74 13.01 3.05
N SER A 114 3.80 12.23 3.56
CA SER A 114 4.12 11.16 4.49
C SER A 114 4.94 10.07 3.79
N GLU A 115 5.78 9.38 4.55
CA GLU A 115 6.74 8.44 3.97
C GLU A 115 6.32 6.99 4.24
N VAL A 116 6.76 6.08 3.39
CA VAL A 116 6.40 4.69 3.48
C VAL A 116 7.64 3.80 3.47
N LEU A 117 7.74 2.94 4.47
CA LEU A 117 8.84 2.00 4.58
C LEU A 117 8.35 0.57 4.41
N PHE A 118 8.97 -0.16 3.49
CA PHE A 118 8.78 -1.60 3.40
C PHE A 118 10.04 -2.30 3.88
N GLU A 119 9.90 -3.10 4.92
CA GLU A 119 11.03 -3.82 5.47
C GLU A 119 10.76 -5.32 5.42
N LEU A 120 11.54 -6.03 4.62
CA LEU A 120 11.38 -7.46 4.53
C LEU A 120 12.40 -8.17 5.40
N SER A 121 11.94 -9.17 6.10
CA SER A 121 12.80 -9.97 6.94
C SER A 121 12.66 -11.43 6.55
N GLU A 122 13.71 -12.20 6.74
CA GLU A 122 13.72 -13.57 6.31
C GLU A 122 13.41 -14.51 7.47
N ALA A 123 12.60 -15.51 7.19
CA ALA A 123 12.28 -16.51 8.18
C ALA A 123 12.45 -17.92 7.63
N GLY A 124 13.24 -18.03 6.57
CA GLY A 124 13.50 -19.32 5.95
C GLY A 124 12.53 -19.62 4.84
N GLU A 125 11.39 -20.18 5.20
CA GLU A 125 10.32 -20.43 4.23
C GLU A 125 9.37 -19.25 4.21
N GLN A 126 9.61 -18.32 5.13
CA GLN A 126 8.70 -17.22 5.34
C GLN A 126 9.42 -15.89 5.23
N VAL A 127 8.62 -14.85 5.01
CA VAL A 127 9.13 -13.50 4.91
C VAL A 127 8.26 -12.57 5.75
N ARG A 128 8.88 -11.88 6.69
CA ARG A 128 8.17 -10.87 7.47
C ARG A 128 8.19 -9.53 6.75
N LEU A 129 7.03 -8.95 6.54
CA LEU A 129 6.94 -7.64 5.91
C LEU A 129 6.08 -6.71 6.75
N VAL A 130 6.60 -5.54 7.06
CA VAL A 130 5.85 -4.56 7.80
C VAL A 130 5.66 -3.30 6.98
N LEU A 131 4.44 -2.80 6.98
CA LEU A 131 4.11 -1.52 6.36
C LEU A 131 4.35 -0.43 7.39
N THR A 132 5.27 0.45 7.10
CA THR A 132 5.58 1.54 8.00
C THR A 132 5.32 2.88 7.32
N HIS A 133 4.19 3.48 7.61
CA HIS A 133 3.85 4.75 7.03
C HIS A 133 4.10 5.85 8.06
N THR A 134 5.13 6.63 7.81
CA THR A 134 5.58 7.66 8.74
C THR A 134 5.21 9.04 8.22
N ARG A 135 5.61 10.06 8.98
CA ARG A 135 5.46 11.45 8.56
C ARG A 135 4.00 11.79 8.35
N LEU A 136 3.12 11.10 9.05
CA LEU A 136 1.69 11.35 8.95
C LEU A 136 1.32 12.52 9.83
N ALA A 137 1.17 13.68 9.19
CA ALA A 137 0.95 14.91 9.92
C ALA A 137 -0.49 15.08 10.36
N ASP A 138 -1.39 14.29 9.78
CA ASP A 138 -2.79 14.37 10.15
C ASP A 138 -3.49 13.08 9.80
N ARG A 139 -4.46 12.71 10.61
CA ARG A 139 -5.29 11.54 10.35
C ARG A 139 -6.04 11.68 9.04
N ALA A 140 -6.24 12.93 8.61
CA ALA A 140 -6.80 13.20 7.29
C ALA A 140 -5.88 12.69 6.20
N ALA A 141 -4.57 12.78 6.44
CA ALA A 141 -3.60 12.24 5.51
C ALA A 141 -3.77 10.73 5.46
N MET A 142 -3.84 10.13 6.64
CA MET A 142 -4.17 8.70 6.75
C MET A 142 -5.40 8.37 5.92
N LEU A 143 -6.44 9.17 6.04
CA LEU A 143 -7.67 8.96 5.27
C LEU A 143 -7.42 9.09 3.78
N ASP A 144 -6.51 9.97 3.39
CA ASP A 144 -6.26 10.20 1.95
C ASP A 144 -5.61 8.98 1.34
N VAL A 145 -4.61 8.46 2.03
CA VAL A 145 -3.85 7.34 1.53
C VAL A 145 -4.52 6.01 1.89
N ALA A 146 -5.47 6.08 2.81
CA ALA A 146 -6.24 4.90 3.24
C ALA A 146 -6.85 4.19 2.06
N GLY A 147 -7.35 4.96 1.11
CA GLY A 147 -7.92 4.40 -0.09
C GLY A 147 -6.85 3.92 -1.04
N GLY A 148 -6.21 2.80 -0.68
CA GLY A 148 -5.20 2.23 -1.55
C GLY A 148 -4.18 1.40 -0.80
N TRP A 149 -3.74 1.86 0.36
CA TRP A 149 -2.68 1.17 1.09
C TRP A 149 -3.15 -0.11 1.78
N HIS A 150 -3.78 0.04 2.94
CA HIS A 150 -4.07 -1.11 3.82
C HIS A 150 -4.71 -2.27 3.07
N ALA A 151 -5.72 -1.97 2.28
CA ALA A 151 -6.47 -3.00 1.56
C ALA A 151 -5.57 -3.86 0.67
N HIS A 152 -4.58 -3.26 0.03
CA HIS A 152 -3.75 -4.01 -0.91
C HIS A 152 -2.83 -4.98 -0.16
N LEU A 153 -2.66 -4.75 1.14
CA LEU A 153 -1.89 -5.69 1.97
C LEU A 153 -2.56 -7.06 1.96
N ALA A 154 -3.86 -7.08 1.69
CA ALA A 154 -4.60 -8.33 1.54
C ALA A 154 -4.38 -8.89 0.14
N VAL A 155 -4.30 -7.98 -0.84
CA VAL A 155 -4.05 -8.34 -2.22
C VAL A 155 -2.68 -9.00 -2.37
N LEU A 156 -1.71 -8.47 -1.63
CA LEU A 156 -0.37 -9.04 -1.59
C LEU A 156 -0.42 -10.51 -1.23
N ALA A 157 -1.02 -10.82 -0.09
CA ALA A 157 -1.11 -12.19 0.38
C ALA A 157 -1.88 -13.05 -0.62
N GLY A 158 -2.95 -12.49 -1.19
CA GLY A 158 -3.75 -13.20 -2.15
C GLY A 158 -2.95 -13.69 -3.34
N LYS A 159 -2.23 -12.79 -3.99
CA LYS A 159 -1.48 -13.15 -5.19
C LYS A 159 -0.19 -13.89 -4.82
N LEU A 160 0.40 -13.54 -3.67
CA LEU A 160 1.58 -14.24 -3.19
C LEU A 160 1.25 -15.65 -2.71
N ALA A 161 -0.04 -15.92 -2.51
CA ALA A 161 -0.48 -17.29 -2.26
C ALA A 161 -0.64 -18.05 -3.57
N GLY A 162 -0.65 -17.30 -4.67
CA GLY A 162 -0.80 -17.88 -5.98
C GLY A 162 -2.24 -17.86 -6.44
N GLN A 163 -3.12 -17.31 -5.62
CA GLN A 163 -4.54 -17.26 -5.91
C GLN A 163 -4.90 -15.92 -6.53
N ALA A 164 -6.18 -15.69 -6.74
CA ALA A 164 -6.65 -14.39 -7.17
C ALA A 164 -6.80 -13.49 -5.96
N PRO A 165 -6.50 -12.19 -6.10
CA PRO A 165 -6.58 -11.23 -4.99
C PRO A 165 -8.01 -11.02 -4.50
N PRO A 166 -8.15 -10.56 -3.24
CA PRO A 166 -9.46 -10.23 -2.66
C PRO A 166 -10.19 -9.14 -3.45
N PRO A 167 -11.51 -8.98 -3.22
CA PRO A 167 -12.32 -7.99 -3.94
C PRO A 167 -11.85 -6.55 -3.74
N PHE A 168 -11.01 -6.36 -2.72
CA PHE A 168 -10.42 -5.06 -2.38
C PHE A 168 -11.46 -4.09 -1.80
N TRP A 169 -12.58 -3.94 -2.51
CA TRP A 169 -13.63 -2.97 -2.17
C TRP A 169 -14.11 -3.15 -0.74
N THR A 170 -14.41 -4.38 -0.38
CA THR A 170 -14.93 -4.68 0.95
C THR A 170 -14.00 -4.17 2.06
N THR A 171 -12.74 -4.57 1.98
CA THR A 171 -11.75 -4.17 2.96
C THR A 171 -11.50 -2.67 2.89
N LEU A 172 -11.46 -2.15 1.67
CA LEU A 172 -11.24 -0.73 1.43
C LEU A 172 -12.35 0.09 2.07
N ALA A 173 -13.58 -0.16 1.64
CA ALA A 173 -14.73 0.61 2.10
C ALA A 173 -14.88 0.53 3.61
N GLN A 174 -14.78 -0.68 4.17
CA GLN A 174 -14.88 -0.88 5.60
C GLN A 174 -13.86 -0.03 6.36
N ALA A 175 -12.60 -0.15 5.97
CA ALA A 175 -11.53 0.58 6.65
C ALA A 175 -11.67 2.08 6.39
N GLU A 176 -11.98 2.45 5.16
CA GLU A 176 -12.16 3.84 4.78
C GLU A 176 -13.26 4.48 5.64
N GLN A 177 -14.35 3.76 5.77
CA GLN A 177 -15.50 4.20 6.55
C GLN A 177 -15.15 4.28 8.03
N ASP A 178 -14.31 3.38 8.51
CA ASP A 178 -13.90 3.37 9.91
C ASP A 178 -13.09 4.63 10.22
N TYR A 179 -12.15 4.97 9.34
CA TYR A 179 -11.36 6.20 9.48
C TYR A 179 -12.26 7.43 9.35
N GLU A 180 -13.08 7.45 8.31
CA GLU A 180 -13.98 8.56 8.00
C GLU A 180 -14.86 8.89 9.21
N GLN A 181 -15.30 7.85 9.90
CA GLN A 181 -16.21 8.00 11.03
C GLN A 181 -15.63 8.90 12.12
N ARG A 182 -14.31 8.92 12.22
CA ARG A 182 -13.64 9.64 13.29
C ARG A 182 -13.06 10.97 12.80
N LEU A 183 -13.31 11.32 11.54
CA LEU A 183 -12.73 12.53 10.97
C LEU A 183 -13.78 13.40 10.30
N LEU A 184 -13.41 14.64 9.99
CA LEU A 184 -14.34 15.60 9.39
C LEU A 184 -13.75 16.19 8.11
N GLU A 185 -14.49 17.08 7.47
CA GLU A 185 -14.01 17.75 6.27
C GLU A 185 -13.06 18.87 6.70
N HIS A 186 -11.86 18.85 6.15
CA HIS A 186 -10.82 19.79 6.56
C HIS A 186 -10.14 20.38 5.32
N HIS A 187 -10.81 20.25 4.17
CA HIS A 187 -10.26 20.68 2.89
C HIS A 187 -9.02 19.89 2.55
N HIS A 188 -9.17 18.93 1.64
CA HIS A 188 -8.11 18.00 1.29
C HIS A 188 -6.83 18.73 0.91
N HIS A 189 -6.92 19.66 -0.02
CA HIS A 189 -5.77 20.42 -0.46
C HIS A 189 -6.00 21.92 -0.35
N HIS A 190 -5.34 22.54 0.62
CA HIS A 190 -5.29 23.98 0.73
C HIS A 190 -3.83 24.43 0.74
N HIS A 191 -3.35 24.86 -0.41
CA HIS A 191 -1.96 25.23 -0.57
C HIS A 191 -1.86 26.74 -0.80
N MET A 1 21.80 1.87 1.41
CA MET A 1 23.23 1.60 1.68
C MET A 1 23.42 0.16 2.14
N THR A 2 23.37 -0.76 1.20
CA THR A 2 23.44 -2.18 1.50
C THR A 2 24.78 -2.55 2.14
N SER A 3 24.73 -2.86 3.43
CA SER A 3 25.92 -3.26 4.17
C SER A 3 25.52 -3.97 5.46
N PRO A 4 24.73 -3.33 6.37
CA PRO A 4 24.28 -3.96 7.60
C PRO A 4 22.94 -4.69 7.44
N SER A 5 22.91 -5.93 7.88
CA SER A 5 21.69 -6.72 7.80
C SER A 5 21.61 -7.72 8.96
N SER A 6 22.40 -7.48 10.00
CA SER A 6 22.43 -8.37 11.15
C SER A 6 21.25 -8.09 12.10
N ALA A 7 20.40 -7.16 11.71
CA ALA A 7 19.22 -6.83 12.48
C ALA A 7 18.04 -7.71 12.06
N PHE A 8 17.58 -8.55 12.98
CA PHE A 8 16.45 -9.42 12.72
C PHE A 8 15.32 -9.15 13.70
N PRO A 9 14.19 -8.61 13.23
CA PRO A 9 13.00 -8.42 14.04
C PRO A 9 12.17 -9.70 14.13
N ASP A 10 12.20 -10.34 15.30
CA ASP A 10 11.52 -11.61 15.48
C ASP A 10 10.40 -11.48 16.51
N GLY A 11 9.18 -11.80 16.10
CA GLY A 11 8.04 -11.73 17.00
C GLY A 11 7.86 -10.35 17.61
N HIS A 12 8.17 -9.32 16.83
CA HIS A 12 8.11 -7.96 17.32
C HIS A 12 6.78 -7.32 16.91
N GLY A 13 5.74 -7.56 17.70
CA GLY A 13 4.44 -7.04 17.38
C GLY A 13 3.81 -6.32 18.56
N ALA A 14 4.66 -5.71 19.38
CA ALA A 14 4.19 -4.97 20.54
C ALA A 14 4.69 -3.54 20.48
N ARG A 15 4.03 -2.65 21.24
CA ARG A 15 4.37 -1.24 21.27
C ARG A 15 4.11 -0.60 19.91
N LEU A 16 3.11 -1.12 19.22
CA LEU A 16 2.74 -0.61 17.90
C LEU A 16 1.74 0.52 18.07
N ASP A 17 2.18 1.74 17.76
CA ASP A 17 1.38 2.94 17.96
C ASP A 17 0.33 3.10 16.86
N ALA A 18 -0.60 4.02 17.05
CA ALA A 18 -1.70 4.20 16.11
C ALA A 18 -1.84 5.64 15.63
N GLN A 19 -0.89 6.49 15.98
CA GLN A 19 -0.91 7.88 15.52
C GLN A 19 -0.32 7.98 14.13
N SER A 20 0.50 6.98 13.79
CA SER A 20 1.05 6.86 12.46
C SER A 20 0.51 5.63 11.77
N ILE A 21 0.93 5.38 10.54
CA ILE A 21 0.44 4.23 9.79
C ILE A 21 1.45 3.10 9.80
N ARG A 22 1.00 1.94 10.22
CA ARG A 22 1.82 0.73 10.20
C ARG A 22 0.94 -0.50 10.01
N PHE A 23 1.30 -1.33 9.05
CA PHE A 23 0.61 -2.60 8.84
C PHE A 23 1.63 -3.70 8.67
N GLU A 24 1.71 -4.59 9.64
CA GLU A 24 2.68 -5.67 9.58
C GLU A 24 1.98 -7.00 9.29
N ARG A 25 2.45 -7.66 8.24
CA ARG A 25 1.84 -8.89 7.76
C ARG A 25 2.88 -9.97 7.56
N LEU A 26 2.44 -11.18 7.30
CA LEU A 26 3.33 -12.29 7.01
C LEU A 26 3.08 -12.76 5.57
N LEU A 27 4.15 -12.85 4.80
CA LEU A 27 4.04 -13.22 3.39
C LEU A 27 4.79 -14.54 3.13
N PRO A 28 4.35 -15.31 2.12
CA PRO A 28 5.03 -16.55 1.73
C PRO A 28 6.26 -16.29 0.88
N GLY A 29 7.23 -17.19 1.01
CA GLY A 29 8.46 -17.07 0.24
C GLY A 29 9.65 -16.83 1.15
N PRO A 30 10.88 -17.00 0.65
CA PRO A 30 12.09 -16.73 1.43
C PRO A 30 12.22 -15.25 1.79
N ILE A 31 12.21 -14.41 0.76
CA ILE A 31 12.15 -12.96 0.91
C ILE A 31 12.26 -12.28 -0.45
N GLU A 32 13.06 -12.88 -1.35
CA GLU A 32 13.26 -12.33 -2.68
C GLU A 32 11.96 -12.26 -3.47
N ARG A 33 11.09 -13.26 -3.28
CA ARG A 33 9.85 -13.34 -4.03
C ARG A 33 8.95 -12.14 -3.71
N VAL A 34 8.80 -11.86 -2.42
CA VAL A 34 8.01 -10.73 -1.97
C VAL A 34 8.66 -9.42 -2.40
N TRP A 35 9.99 -9.42 -2.39
CA TRP A 35 10.77 -8.26 -2.82
C TRP A 35 10.56 -7.99 -4.31
N ALA A 36 10.54 -9.06 -5.08
CA ALA A 36 10.38 -8.96 -6.53
C ALA A 36 9.10 -8.25 -6.90
N TRP A 37 8.04 -8.45 -6.13
CA TRP A 37 6.76 -7.80 -6.39
C TRP A 37 6.86 -6.30 -6.08
N LEU A 38 7.79 -5.97 -5.19
CA LEU A 38 8.02 -4.58 -4.80
C LEU A 38 8.89 -3.87 -5.82
N ALA A 39 9.82 -4.61 -6.42
CA ALA A 39 10.80 -4.03 -7.33
C ALA A 39 10.34 -4.09 -8.79
N ASP A 40 9.60 -5.12 -9.14
CA ASP A 40 9.15 -5.34 -10.52
C ASP A 40 8.22 -4.22 -10.98
N ALA A 41 8.06 -4.08 -12.29
CA ALA A 41 7.16 -3.07 -12.85
C ALA A 41 5.98 -3.72 -13.57
N ASP A 42 6.17 -4.95 -14.04
CA ASP A 42 5.15 -5.66 -14.82
C ASP A 42 4.02 -6.12 -13.92
N LYS A 43 4.35 -6.93 -12.94
CA LYS A 43 3.36 -7.46 -12.02
C LYS A 43 2.91 -6.40 -11.03
N ARG A 44 3.81 -5.44 -10.75
CA ARG A 44 3.51 -4.37 -9.80
C ARG A 44 2.34 -3.55 -10.28
N ALA A 45 2.18 -3.48 -11.60
CA ALA A 45 1.10 -2.73 -12.21
C ALA A 45 -0.26 -3.34 -11.90
N ARG A 46 -0.28 -4.60 -11.52
CA ARG A 46 -1.54 -5.29 -11.29
C ARG A 46 -1.89 -5.35 -9.81
N TRP A 47 -0.94 -5.00 -8.93
CA TRP A 47 -1.23 -4.99 -7.51
C TRP A 47 -1.16 -3.58 -6.94
N LEU A 48 -0.58 -2.66 -7.71
CA LEU A 48 -0.49 -1.27 -7.29
C LEU A 48 -0.40 -0.36 -8.51
N ALA A 49 0.77 -0.34 -9.12
CA ALA A 49 1.04 0.54 -10.25
C ALA A 49 2.35 0.13 -10.89
N GLY A 50 2.44 0.27 -12.21
CA GLY A 50 3.64 -0.12 -12.92
C GLY A 50 4.74 0.88 -12.72
N GLY A 51 5.93 0.38 -12.42
CA GLY A 51 7.08 1.24 -12.25
C GLY A 51 8.14 0.61 -11.38
N GLU A 52 9.29 0.34 -11.97
CA GLU A 52 10.40 -0.25 -11.25
C GLU A 52 11.32 0.84 -10.69
N LEU A 53 12.15 0.46 -9.74
CA LEU A 53 12.99 1.41 -9.02
C LEU A 53 14.39 1.47 -9.62
N PRO A 54 15.09 2.61 -9.43
CA PRO A 54 16.49 2.75 -9.79
C PRO A 54 17.40 2.24 -8.68
N ARG A 55 18.71 2.31 -8.90
CA ARG A 55 19.68 1.83 -7.92
C ARG A 55 20.10 2.91 -6.94
N GLN A 56 19.88 4.17 -7.30
CA GLN A 56 20.28 5.27 -6.44
C GLN A 56 19.15 5.66 -5.49
N PRO A 57 19.53 6.01 -4.25
CA PRO A 57 18.59 6.49 -3.24
C PRO A 57 18.43 8.01 -3.30
N GLY A 58 17.19 8.46 -3.36
CA GLY A 58 16.92 9.87 -3.47
C GLY A 58 16.56 10.26 -4.89
N GLN A 59 16.46 9.26 -5.76
CA GLN A 59 16.05 9.47 -7.14
C GLN A 59 14.55 9.20 -7.28
N THR A 60 13.98 9.58 -8.41
CA THR A 60 12.57 9.37 -8.64
C THR A 60 12.33 8.30 -9.71
N PHE A 61 11.35 7.45 -9.47
CA PHE A 61 10.93 6.48 -10.47
C PHE A 61 9.51 6.78 -10.91
N GLU A 62 9.10 6.21 -12.02
CA GLU A 62 7.80 6.51 -12.60
C GLU A 62 6.78 5.43 -12.24
N LEU A 63 5.65 5.84 -11.69
CA LEU A 63 4.55 4.92 -11.45
C LEU A 63 3.37 5.28 -12.32
N HIS A 64 2.53 4.30 -12.56
CA HIS A 64 1.35 4.47 -13.39
C HIS A 64 0.37 3.32 -13.17
N PHE A 65 -0.85 3.67 -12.82
CA PHE A 65 -1.89 2.67 -12.53
C PHE A 65 -2.34 1.97 -13.81
N ASN A 66 -2.65 0.69 -13.69
CA ASN A 66 -3.03 -0.12 -14.83
C ASN A 66 -4.55 -0.32 -14.88
N HIS A 67 -5.11 -0.31 -16.08
CA HIS A 67 -6.55 -0.34 -16.26
C HIS A 67 -7.13 -1.70 -15.91
N ALA A 68 -8.12 -1.71 -15.02
CA ALA A 68 -8.85 -2.92 -14.65
C ALA A 68 -7.95 -3.98 -14.03
N ALA A 69 -6.76 -3.57 -13.58
CA ALA A 69 -5.84 -4.49 -12.94
C ALA A 69 -6.02 -4.44 -11.43
N LEU A 70 -6.20 -3.24 -10.92
CA LEU A 70 -6.44 -3.05 -9.50
C LEU A 70 -7.84 -2.46 -9.33
N THR A 71 -8.85 -3.27 -9.63
CA THR A 71 -10.26 -2.89 -9.48
C THR A 71 -10.57 -1.58 -10.20
N ALA A 72 -11.70 -0.98 -9.81
CA ALA A 72 -12.22 0.25 -10.44
C ALA A 72 -12.81 -0.05 -11.82
N GLU A 73 -12.71 -1.31 -12.23
CA GLU A 73 -13.47 -1.82 -13.36
C GLU A 73 -14.95 -1.75 -13.04
N THR A 74 -15.25 -2.01 -11.77
CA THR A 74 -16.57 -1.80 -11.23
C THR A 74 -16.48 -0.72 -10.16
N ALA A 75 -17.03 0.43 -10.47
CA ALA A 75 -16.90 1.61 -9.61
C ALA A 75 -17.69 2.78 -10.18
N PRO A 76 -18.22 3.65 -9.31
CA PRO A 76 -18.88 4.89 -9.73
C PRO A 76 -17.87 5.90 -10.30
N ALA A 77 -18.38 7.02 -10.81
CA ALA A 77 -17.54 8.04 -11.41
C ALA A 77 -16.48 8.55 -10.44
N ARG A 78 -16.84 8.66 -9.17
CA ARG A 78 -15.92 9.15 -8.15
C ARG A 78 -14.94 8.08 -7.70
N TYR A 79 -15.06 6.88 -8.25
CA TYR A 79 -14.19 5.79 -7.86
C TYR A 79 -13.53 5.14 -9.07
N ALA A 80 -13.69 5.78 -10.23
CA ALA A 80 -13.00 5.35 -11.42
C ALA A 80 -11.51 5.42 -11.17
N GLN A 81 -11.00 6.65 -11.04
CA GLN A 81 -9.65 6.96 -10.54
C GLN A 81 -8.56 6.04 -11.09
N TYR A 82 -8.48 4.84 -10.50
CA TYR A 82 -7.42 3.89 -10.79
C TYR A 82 -7.61 3.26 -12.16
N ASP A 83 -8.87 3.27 -12.63
CA ASP A 83 -9.20 2.74 -13.95
C ASP A 83 -8.75 3.70 -15.04
N ARG A 84 -8.25 4.85 -14.60
CA ARG A 84 -7.78 5.87 -15.50
C ARG A 84 -6.27 6.02 -15.33
N PRO A 85 -5.57 6.49 -16.38
CA PRO A 85 -4.11 6.57 -16.37
C PRO A 85 -3.57 7.57 -15.35
N ILE A 86 -3.25 7.08 -14.18
CA ILE A 86 -2.61 7.89 -13.17
C ILE A 86 -1.10 7.67 -13.22
N VAL A 87 -0.40 8.64 -13.75
CA VAL A 87 1.05 8.61 -13.81
C VAL A 87 1.63 9.56 -12.78
N ALA A 88 2.46 9.04 -11.89
CA ALA A 88 3.02 9.84 -10.82
C ALA A 88 4.40 9.31 -10.42
N ARG A 89 5.42 10.14 -10.60
CA ARG A 89 6.75 9.77 -10.21
C ARG A 89 6.87 9.78 -8.68
N HIS A 90 7.69 8.89 -8.17
CA HIS A 90 7.86 8.74 -6.73
C HIS A 90 9.32 8.58 -6.39
N THR A 91 9.77 9.29 -5.38
CA THR A 91 11.14 9.22 -4.93
C THR A 91 11.33 8.00 -4.03
N LEU A 92 12.39 7.24 -4.25
CA LEU A 92 12.69 6.14 -3.35
C LEU A 92 13.77 6.59 -2.37
N LEU A 93 13.56 6.27 -1.10
CA LEU A 93 14.43 6.72 -0.04
C LEU A 93 15.45 5.63 0.29
N ARG A 94 14.94 4.46 0.62
CA ARG A 94 15.78 3.34 0.94
C ARG A 94 15.52 2.19 -0.04
N CYS A 95 16.54 1.44 -0.36
CA CYS A 95 16.40 0.27 -1.20
C CYS A 95 17.63 -0.60 -1.07
N GLU A 96 17.55 -1.57 -0.18
CA GLU A 96 18.68 -2.43 0.14
C GLU A 96 18.28 -3.89 -0.03
N PRO A 97 18.42 -4.40 -1.26
CA PRO A 97 17.96 -5.73 -1.65
C PRO A 97 18.86 -6.85 -1.13
N PRO A 98 18.24 -7.94 -0.65
CA PRO A 98 16.82 -8.03 -0.41
C PRO A 98 16.47 -7.94 1.08
N ARG A 99 16.00 -6.76 1.51
CA ARG A 99 15.64 -6.55 2.91
C ARG A 99 14.58 -5.46 3.05
N VAL A 100 15.01 -4.21 2.92
CA VAL A 100 14.14 -3.07 3.21
C VAL A 100 14.19 -2.05 2.07
N LEU A 101 13.03 -1.48 1.74
CA LEU A 101 12.98 -0.40 0.78
C LEU A 101 11.93 0.63 1.22
N ALA A 102 12.12 1.87 0.82
CA ALA A 102 11.24 2.95 1.22
C ALA A 102 11.05 3.92 0.08
N LEU A 103 9.87 4.50 0.01
CA LEU A 103 9.56 5.51 -0.98
C LEU A 103 8.75 6.62 -0.33
N THR A 104 8.40 7.63 -1.08
CA THR A 104 7.54 8.69 -0.58
C THR A 104 6.40 8.95 -1.54
N TRP A 105 5.27 9.37 -0.99
CA TRP A 105 4.14 9.79 -1.80
C TRP A 105 4.43 11.18 -2.36
N GLY A 106 5.20 11.21 -3.44
CA GLY A 106 5.70 12.45 -4.01
C GLY A 106 4.61 13.48 -4.27
N GLY A 107 4.55 14.48 -3.40
CA GLY A 107 3.63 15.59 -3.57
C GLY A 107 2.19 15.17 -3.44
N GLY A 108 1.92 14.23 -2.55
CA GLY A 108 0.56 13.80 -2.30
C GLY A 108 -0.22 14.84 -1.52
N ALA A 109 -1.33 15.31 -2.10
CA ALA A 109 -2.22 16.30 -1.48
C ALA A 109 -1.56 17.68 -1.43
N GLY A 110 -0.55 17.83 -0.59
CA GLY A 110 0.11 19.11 -0.43
C GLY A 110 1.24 19.04 0.56
N GLU A 111 2.02 20.12 0.66
CA GLU A 111 3.17 20.18 1.56
C GLU A 111 4.21 19.13 1.21
N ALA A 112 5.11 18.88 2.15
CA ALA A 112 6.16 17.89 1.95
C ALA A 112 5.54 16.50 1.84
N PRO A 113 6.09 15.66 0.96
CA PRO A 113 5.56 14.31 0.74
C PRO A 113 5.86 13.39 1.91
N SER A 114 4.84 12.66 2.36
CA SER A 114 4.98 11.70 3.44
C SER A 114 5.62 10.42 2.91
N GLU A 115 6.30 9.66 3.77
CA GLU A 115 7.08 8.53 3.29
C GLU A 115 6.46 7.20 3.65
N VAL A 116 6.72 6.22 2.79
CA VAL A 116 6.17 4.90 2.89
C VAL A 116 7.29 3.86 2.98
N LEU A 117 7.27 3.11 4.04
CA LEU A 117 8.33 2.16 4.34
C LEU A 117 7.83 0.73 4.19
N PHE A 118 8.63 -0.11 3.55
CA PHE A 118 8.42 -1.55 3.57
C PHE A 118 9.66 -2.22 4.11
N GLU A 119 9.51 -2.92 5.23
CA GLU A 119 10.63 -3.59 5.86
C GLU A 119 10.39 -5.09 5.90
N LEU A 120 11.20 -5.83 5.15
CA LEU A 120 11.03 -7.28 5.06
C LEU A 120 12.07 -8.00 5.89
N SER A 121 11.64 -9.07 6.54
CA SER A 121 12.56 -9.96 7.24
C SER A 121 12.37 -11.37 6.73
N GLU A 122 13.47 -12.10 6.62
CA GLU A 122 13.44 -13.43 6.05
C GLU A 122 13.34 -14.48 7.16
N ALA A 123 12.34 -15.31 7.06
CA ALA A 123 12.10 -16.35 8.06
C ALA A 123 11.85 -17.70 7.38
N GLY A 124 12.89 -18.25 6.77
CA GLY A 124 12.77 -19.53 6.09
C GLY A 124 11.92 -19.41 4.83
N GLU A 125 10.71 -19.95 4.92
CA GLU A 125 9.75 -19.84 3.82
C GLU A 125 8.70 -18.78 4.12
N GLN A 126 9.01 -17.91 5.06
CA GLN A 126 8.14 -16.79 5.39
C GLN A 126 8.86 -15.47 5.31
N VAL A 127 8.10 -14.43 5.06
CA VAL A 127 8.62 -13.09 4.97
C VAL A 127 7.82 -12.17 5.86
N ARG A 128 8.48 -11.55 6.81
CA ARG A 128 7.82 -10.57 7.66
C ARG A 128 7.85 -9.22 6.99
N LEU A 129 6.69 -8.63 6.79
CA LEU A 129 6.57 -7.36 6.10
C LEU A 129 5.80 -6.38 6.95
N VAL A 130 6.39 -5.22 7.21
CA VAL A 130 5.68 -4.18 7.92
C VAL A 130 5.69 -2.88 7.12
N LEU A 131 4.50 -2.42 6.79
CA LEU A 131 4.31 -1.20 6.03
C LEU A 131 4.23 -0.03 6.99
N THR A 132 5.03 0.98 6.74
CA THR A 132 5.02 2.17 7.57
C THR A 132 4.77 3.40 6.72
N HIS A 133 4.01 4.35 7.24
CA HIS A 133 3.77 5.59 6.53
C HIS A 133 3.85 6.75 7.52
N THR A 134 4.89 7.57 7.39
CA THR A 134 5.11 8.64 8.34
C THR A 134 5.03 9.99 7.65
N ARG A 135 5.09 11.05 8.47
CA ARG A 135 4.91 12.42 8.01
C ARG A 135 3.44 12.69 7.76
N LEU A 136 2.61 12.08 8.58
CA LEU A 136 1.17 12.24 8.48
C LEU A 136 0.74 13.56 9.08
N ALA A 137 0.02 14.35 8.30
CA ALA A 137 -0.42 15.66 8.75
C ALA A 137 -1.62 15.55 9.68
N ASP A 138 -2.40 14.49 9.53
CA ASP A 138 -3.62 14.31 10.31
C ASP A 138 -4.20 12.93 10.05
N ARG A 139 -5.17 12.53 10.87
CA ARG A 139 -5.85 11.25 10.70
C ARG A 139 -6.55 11.19 9.36
N ALA A 140 -6.87 12.36 8.80
CA ALA A 140 -7.43 12.44 7.46
C ALA A 140 -6.46 11.85 6.44
N ALA A 141 -5.16 12.04 6.66
CA ALA A 141 -4.15 11.47 5.77
C ALA A 141 -4.13 9.97 5.95
N MET A 142 -4.13 9.53 7.21
CA MET A 142 -4.26 8.12 7.53
C MET A 142 -5.46 7.53 6.82
N LEU A 143 -6.56 8.28 6.82
CA LEU A 143 -7.78 7.90 6.11
C LEU A 143 -7.59 7.96 4.60
N ASP A 144 -6.71 8.83 4.14
CA ASP A 144 -6.45 8.97 2.71
C ASP A 144 -5.87 7.69 2.17
N VAL A 145 -4.87 7.17 2.87
CA VAL A 145 -4.27 5.90 2.46
C VAL A 145 -5.04 4.71 3.03
N ALA A 146 -5.90 4.96 4.01
CA ALA A 146 -6.77 3.91 4.51
C ALA A 146 -7.72 3.45 3.43
N GLY A 147 -8.41 4.41 2.81
CA GLY A 147 -9.31 4.11 1.73
C GLY A 147 -8.59 3.92 0.42
N GLY A 148 -7.83 2.84 0.31
CA GLY A 148 -7.12 2.54 -0.91
C GLY A 148 -5.82 1.80 -0.66
N TRP A 149 -4.87 2.47 0.00
CA TRP A 149 -3.55 1.93 0.20
C TRP A 149 -3.60 0.71 1.13
N HIS A 150 -4.30 0.87 2.25
CA HIS A 150 -4.46 -0.21 3.24
C HIS A 150 -4.92 -1.50 2.56
N ALA A 151 -5.96 -1.39 1.76
CA ALA A 151 -6.60 -2.55 1.17
C ALA A 151 -5.66 -3.33 0.25
N HIS A 152 -4.58 -2.70 -0.22
CA HIS A 152 -3.70 -3.37 -1.15
C HIS A 152 -3.00 -4.54 -0.45
N LEU A 153 -2.95 -4.48 0.88
CA LEU A 153 -2.33 -5.55 1.68
C LEU A 153 -3.07 -6.86 1.48
N ALA A 154 -4.34 -6.79 1.11
CA ALA A 154 -5.13 -7.98 0.84
C ALA A 154 -4.75 -8.60 -0.49
N VAL A 155 -4.73 -7.78 -1.54
CA VAL A 155 -4.38 -8.24 -2.88
C VAL A 155 -2.94 -8.73 -2.92
N LEU A 156 -2.08 -8.01 -2.20
CA LEU A 156 -0.67 -8.35 -2.09
C LEU A 156 -0.49 -9.79 -1.60
N ALA A 157 -1.12 -10.10 -0.48
CA ALA A 157 -1.03 -11.43 0.11
C ALA A 157 -1.66 -12.48 -0.81
N GLY A 158 -2.81 -12.13 -1.38
CA GLY A 158 -3.52 -13.06 -2.25
C GLY A 158 -2.71 -13.47 -3.46
N LYS A 159 -2.04 -12.51 -4.09
CA LYS A 159 -1.25 -12.79 -5.28
C LYS A 159 0.08 -13.45 -4.94
N LEU A 160 0.68 -13.07 -3.80
CA LEU A 160 1.88 -13.75 -3.34
C LEU A 160 1.58 -15.20 -2.98
N ALA A 161 0.35 -15.47 -2.59
CA ALA A 161 -0.11 -16.84 -2.36
C ALA A 161 -0.29 -17.55 -3.70
N GLY A 162 -0.34 -16.78 -4.78
CA GLY A 162 -0.44 -17.36 -6.10
C GLY A 162 -1.86 -17.75 -6.48
N GLN A 163 -2.84 -17.07 -5.89
CA GLN A 163 -4.22 -17.35 -6.18
C GLN A 163 -4.96 -16.10 -6.64
N ALA A 164 -6.26 -16.22 -6.84
CA ALA A 164 -7.10 -15.09 -7.24
C ALA A 164 -7.11 -14.02 -6.16
N PRO A 165 -7.25 -12.75 -6.55
CA PRO A 165 -7.25 -11.63 -5.61
C PRO A 165 -8.57 -11.51 -4.86
N PRO A 166 -8.55 -10.92 -3.65
CA PRO A 166 -9.76 -10.64 -2.88
C PRO A 166 -10.56 -9.47 -3.47
N PRO A 167 -11.78 -9.22 -2.97
CA PRO A 167 -12.60 -8.10 -3.44
C PRO A 167 -12.09 -6.76 -2.93
N PHE A 168 -11.34 -6.06 -3.76
CA PHE A 168 -10.83 -4.73 -3.43
C PHE A 168 -11.97 -3.72 -3.56
N TRP A 169 -12.82 -3.74 -2.55
CA TRP A 169 -13.98 -2.86 -2.47
C TRP A 169 -14.55 -2.93 -1.07
N THR A 170 -14.73 -4.16 -0.61
CA THR A 170 -15.15 -4.43 0.75
C THR A 170 -14.11 -3.88 1.73
N THR A 171 -12.86 -4.22 1.46
CA THR A 171 -11.73 -3.75 2.26
C THR A 171 -11.63 -2.23 2.21
N LEU A 172 -11.98 -1.67 1.06
CA LEU A 172 -11.95 -0.23 0.84
C LEU A 172 -12.90 0.48 1.82
N ALA A 173 -14.18 0.14 1.71
CA ALA A 173 -15.20 0.76 2.55
C ALA A 173 -14.97 0.45 4.02
N GLN A 174 -14.58 -0.79 4.31
CA GLN A 174 -14.36 -1.22 5.68
C GLN A 174 -13.22 -0.42 6.32
N ALA A 175 -12.16 -0.17 5.56
CA ALA A 175 -11.04 0.63 6.05
C ALA A 175 -11.49 2.07 6.30
N GLU A 176 -12.23 2.61 5.34
CA GLU A 176 -12.80 3.94 5.48
C GLU A 176 -13.63 4.04 6.76
N GLN A 177 -14.55 3.10 6.91
CA GLN A 177 -15.45 3.07 8.06
C GLN A 177 -14.70 2.87 9.37
N ASP A 178 -13.68 2.02 9.33
CA ASP A 178 -12.89 1.71 10.53
C ASP A 178 -12.16 2.94 11.04
N TYR A 179 -11.39 3.57 10.17
CA TYR A 179 -10.58 4.71 10.59
C TYR A 179 -11.41 5.99 10.73
N GLU A 180 -12.57 6.05 10.08
CA GLU A 180 -13.49 7.16 10.26
C GLU A 180 -14.18 7.06 11.61
N GLN A 181 -14.22 5.86 12.15
CA GLN A 181 -14.79 5.61 13.46
C GLN A 181 -13.86 6.18 14.52
N ARG A 182 -12.56 6.21 14.19
CA ARG A 182 -11.54 6.66 15.11
C ARG A 182 -11.35 8.19 15.02
N LEU A 183 -12.44 8.91 15.12
CA LEU A 183 -12.40 10.37 15.01
C LEU A 183 -11.99 11.01 16.34
N LEU A 184 -11.55 12.25 16.25
CA LEU A 184 -11.16 13.02 17.44
C LEU A 184 -11.03 14.49 17.09
N GLU A 185 -11.84 15.32 17.73
CA GLU A 185 -11.78 16.75 17.52
C GLU A 185 -11.23 17.43 18.77
N HIS A 186 -10.01 17.95 18.66
CA HIS A 186 -9.41 18.73 19.72
C HIS A 186 -8.77 19.98 19.14
N HIS A 187 -9.52 21.06 19.12
CA HIS A 187 -9.06 22.31 18.52
C HIS A 187 -7.97 22.97 19.35
N HIS A 188 -6.97 23.51 18.66
CA HIS A 188 -5.96 24.34 19.29
C HIS A 188 -5.91 25.67 18.56
N HIS A 189 -5.92 26.77 19.29
CA HIS A 189 -5.95 28.10 18.68
C HIS A 189 -4.65 28.39 17.94
N HIS A 190 -4.74 29.23 16.91
CA HIS A 190 -3.58 29.52 16.06
C HIS A 190 -3.41 31.02 15.88
N HIS A 191 -2.16 31.45 15.73
CA HIS A 191 -1.83 32.85 15.52
C HIS A 191 -0.47 32.96 14.85
N MET A 1 -19.21 -22.96 9.42
CA MET A 1 -19.05 -21.77 8.56
C MET A 1 -19.66 -20.53 9.22
N THR A 2 -19.92 -20.61 10.52
CA THR A 2 -20.56 -19.52 11.23
C THR A 2 -19.92 -19.31 12.59
N SER A 3 -19.08 -18.29 12.69
CA SER A 3 -18.50 -17.91 13.96
C SER A 3 -19.57 -17.25 14.83
N PRO A 4 -19.52 -17.50 16.15
CA PRO A 4 -20.54 -17.02 17.10
C PRO A 4 -20.61 -15.50 17.22
N SER A 5 -21.54 -15.04 18.04
CA SER A 5 -21.78 -13.62 18.24
C SER A 5 -20.65 -12.95 19.04
N SER A 6 -20.77 -11.65 19.22
CA SER A 6 -19.79 -10.91 20.02
C SER A 6 -20.50 -9.82 20.84
N ALA A 7 -20.94 -8.77 20.15
CA ALA A 7 -21.60 -7.65 20.80
C ALA A 7 -22.50 -6.92 19.81
N PHE A 8 -23.09 -5.83 20.26
CA PHE A 8 -23.94 -5.00 19.39
C PHE A 8 -23.14 -4.44 18.22
N PRO A 9 -23.83 -3.96 17.16
CA PRO A 9 -23.18 -3.49 15.93
C PRO A 9 -22.00 -2.54 16.15
N ASP A 10 -20.82 -3.10 15.96
CA ASP A 10 -19.54 -2.39 16.01
C ASP A 10 -18.55 -3.18 15.17
N GLY A 11 -17.30 -2.77 15.12
CA GLY A 11 -16.33 -3.55 14.37
C GLY A 11 -14.92 -3.03 14.46
N HIS A 12 -14.76 -1.78 14.88
CA HIS A 12 -13.46 -1.14 14.86
C HIS A 12 -12.97 -0.85 16.27
N GLY A 13 -13.38 -1.69 17.20
CA GLY A 13 -13.01 -1.52 18.59
C GLY A 13 -11.63 -2.04 18.93
N ALA A 14 -10.76 -2.11 17.94
CA ALA A 14 -9.37 -2.48 18.16
C ALA A 14 -8.60 -1.24 18.56
N ARG A 15 -8.48 -1.02 19.86
CA ARG A 15 -7.91 0.23 20.37
C ARG A 15 -6.39 0.20 20.37
N LEU A 16 -5.83 1.08 19.55
CA LEU A 16 -4.40 1.38 19.57
C LEU A 16 -4.19 2.73 18.90
N ASP A 17 -3.43 3.60 19.54
CA ASP A 17 -3.26 4.94 19.03
C ASP A 17 -2.04 5.02 18.13
N ALA A 18 -2.29 4.98 16.84
CA ALA A 18 -1.23 5.07 15.86
C ALA A 18 -1.11 6.46 15.30
N GLN A 19 0.09 7.01 15.37
CA GLN A 19 0.38 8.32 14.82
C GLN A 19 0.77 8.17 13.36
N SER A 20 1.50 7.10 13.09
CA SER A 20 1.83 6.71 11.74
C SER A 20 1.08 5.43 11.40
N ILE A 21 1.27 4.92 10.19
CA ILE A 21 0.64 3.67 9.80
C ILE A 21 1.66 2.55 9.86
N ARG A 22 1.29 1.48 10.54
CA ARG A 22 2.17 0.32 10.66
C ARG A 22 1.36 -0.97 10.58
N PHE A 23 1.73 -1.83 9.66
CA PHE A 23 1.05 -3.09 9.46
C PHE A 23 2.04 -4.23 9.27
N GLU A 24 2.00 -5.18 10.19
CA GLU A 24 2.86 -6.34 10.12
C GLU A 24 2.10 -7.49 9.47
N ARG A 25 2.56 -7.89 8.30
CA ARG A 25 1.91 -8.96 7.54
C ARG A 25 2.89 -10.08 7.25
N LEU A 26 2.39 -11.30 7.20
CA LEU A 26 3.22 -12.45 6.90
C LEU A 26 2.97 -12.90 5.47
N LEU A 27 4.04 -13.02 4.71
CA LEU A 27 3.95 -13.37 3.30
C LEU A 27 4.68 -14.68 3.02
N PRO A 28 4.23 -15.44 2.01
CA PRO A 28 4.84 -16.73 1.65
C PRO A 28 6.17 -16.55 0.90
N GLY A 29 7.16 -17.32 1.31
CA GLY A 29 8.47 -17.26 0.70
C GLY A 29 9.48 -16.62 1.62
N PRO A 30 10.76 -16.96 1.48
CA PRO A 30 11.83 -16.50 2.40
C PRO A 30 11.86 -14.98 2.57
N ILE A 31 11.94 -14.28 1.44
CA ILE A 31 11.93 -12.82 1.43
C ILE A 31 12.17 -12.32 0.00
N GLU A 32 13.06 -13.00 -0.71
CA GLU A 32 13.40 -12.63 -2.08
C GLU A 32 12.22 -12.85 -3.02
N ARG A 33 11.43 -13.88 -2.74
CA ARG A 33 10.24 -14.17 -3.53
C ARG A 33 9.26 -13.00 -3.46
N VAL A 34 8.90 -12.63 -2.23
CA VAL A 34 7.96 -11.54 -1.99
C VAL A 34 8.47 -10.22 -2.55
N TRP A 35 9.78 -10.03 -2.51
CA TRP A 35 10.40 -8.81 -3.00
C TRP A 35 10.05 -8.57 -4.48
N ALA A 36 9.93 -9.66 -5.23
CA ALA A 36 9.61 -9.61 -6.64
C ALA A 36 8.37 -8.77 -6.90
N TRP A 37 7.36 -8.97 -6.08
CA TRP A 37 6.10 -8.27 -6.21
C TRP A 37 6.27 -6.78 -5.90
N LEU A 38 7.29 -6.45 -5.11
CA LEU A 38 7.59 -5.07 -4.78
C LEU A 38 8.43 -4.42 -5.88
N ALA A 39 9.26 -5.22 -6.53
CA ALA A 39 10.22 -4.70 -7.49
C ALA A 39 9.67 -4.72 -8.92
N ASP A 40 9.11 -5.84 -9.32
CA ASP A 40 8.65 -6.02 -10.71
C ASP A 40 7.52 -5.05 -11.03
N ALA A 41 7.79 -4.14 -11.95
CA ALA A 41 6.84 -3.10 -12.31
C ALA A 41 5.62 -3.65 -13.00
N ASP A 42 5.74 -4.83 -13.59
CA ASP A 42 4.67 -5.40 -14.39
C ASP A 42 3.61 -6.04 -13.51
N LYS A 43 4.02 -6.97 -12.66
CA LYS A 43 3.08 -7.68 -11.81
C LYS A 43 2.57 -6.77 -10.70
N ARG A 44 3.40 -5.82 -10.28
CA ARG A 44 3.01 -4.91 -9.21
C ARG A 44 1.85 -4.03 -9.65
N ALA A 45 1.71 -3.87 -10.96
CA ALA A 45 0.63 -3.06 -11.52
C ALA A 45 -0.70 -3.80 -11.47
N ARG A 46 -0.66 -5.06 -11.04
CA ARG A 46 -1.87 -5.87 -10.95
C ARG A 46 -2.33 -6.00 -9.49
N TRP A 47 -1.57 -5.43 -8.56
CA TRP A 47 -1.97 -5.44 -7.16
C TRP A 47 -1.80 -4.06 -6.52
N LEU A 48 -1.09 -3.17 -7.20
CA LEU A 48 -0.83 -1.83 -6.70
C LEU A 48 -0.60 -0.84 -7.84
N ALA A 49 0.63 -0.81 -8.34
CA ALA A 49 1.04 0.18 -9.30
C ALA A 49 2.31 -0.26 -10.01
N GLY A 50 2.48 0.19 -11.23
CA GLY A 50 3.63 -0.21 -12.03
C GLY A 50 4.66 0.89 -12.16
N GLY A 51 5.90 0.56 -11.87
CA GLY A 51 6.99 1.53 -11.97
C GLY A 51 8.26 1.00 -11.35
N GLU A 52 9.26 0.74 -12.18
CA GLU A 52 10.50 0.14 -11.73
C GLU A 52 11.23 1.07 -10.76
N LEU A 53 11.99 0.47 -9.85
CA LEU A 53 12.67 1.22 -8.79
C LEU A 53 13.97 1.81 -9.29
N PRO A 54 14.33 3.01 -8.81
CA PRO A 54 15.62 3.64 -9.09
C PRO A 54 16.70 3.14 -8.13
N ARG A 55 17.94 3.52 -8.40
CA ARG A 55 19.04 3.07 -7.55
C ARG A 55 19.41 4.11 -6.49
N GLN A 56 19.41 5.39 -6.88
CA GLN A 56 19.85 6.43 -5.97
C GLN A 56 18.73 6.97 -5.10
N PRO A 57 19.07 7.29 -3.86
CA PRO A 57 18.18 7.99 -2.93
C PRO A 57 17.98 9.43 -3.36
N GLY A 58 16.74 9.91 -3.25
CA GLY A 58 16.45 11.27 -3.64
C GLY A 58 15.96 11.36 -5.07
N GLN A 59 16.22 10.31 -5.85
CA GLN A 59 15.78 10.25 -7.22
C GLN A 59 14.27 10.04 -7.29
N THR A 60 13.65 10.59 -8.32
CA THR A 60 12.22 10.43 -8.51
C THR A 60 11.94 9.41 -9.61
N PHE A 61 10.96 8.57 -9.38
CA PHE A 61 10.55 7.60 -10.39
C PHE A 61 9.12 7.83 -10.79
N GLU A 62 8.84 7.55 -12.05
CA GLU A 62 7.51 7.71 -12.59
C GLU A 62 6.79 6.38 -12.65
N LEU A 63 5.73 6.26 -11.89
CA LEU A 63 4.95 5.05 -11.85
C LEU A 63 3.47 5.36 -12.02
N HIS A 64 2.73 4.35 -12.39
CA HIS A 64 1.31 4.50 -12.66
C HIS A 64 0.52 3.49 -11.86
N PHE A 65 -0.64 3.89 -11.37
CA PHE A 65 -1.50 3.00 -10.60
C PHE A 65 -2.13 1.94 -11.51
N ASN A 66 -3.05 1.18 -10.93
CA ASN A 66 -3.76 0.14 -11.67
C ASN A 66 -4.43 0.71 -12.91
N HIS A 67 -4.38 -0.03 -14.00
CA HIS A 67 -4.99 0.39 -15.26
C HIS A 67 -6.32 -0.32 -15.44
N ALA A 68 -6.37 -1.57 -14.97
CA ALA A 68 -7.55 -2.42 -15.02
C ALA A 68 -7.19 -3.82 -14.52
N ALA A 69 -7.68 -4.19 -13.35
CA ALA A 69 -7.26 -5.46 -12.72
C ALA A 69 -8.14 -5.83 -11.54
N LEU A 70 -8.14 -4.98 -10.52
CA LEU A 70 -8.85 -5.26 -9.27
C LEU A 70 -10.36 -5.12 -9.44
N THR A 71 -11.06 -5.08 -8.31
CA THR A 71 -12.50 -4.87 -8.32
C THR A 71 -12.83 -3.44 -8.73
N ALA A 72 -14.06 -3.00 -8.45
CA ALA A 72 -14.56 -1.71 -8.90
C ALA A 72 -14.85 -1.76 -10.39
N GLU A 73 -15.19 -2.97 -10.85
CA GLU A 73 -15.60 -3.19 -12.23
C GLU A 73 -16.75 -2.24 -12.54
N THR A 74 -17.58 -2.04 -11.53
CA THR A 74 -18.51 -0.93 -11.52
C THR A 74 -18.38 -0.22 -10.19
N ALA A 75 -18.51 1.09 -10.23
CA ALA A 75 -18.21 1.91 -9.07
C ALA A 75 -18.57 3.36 -9.32
N PRO A 76 -18.90 4.10 -8.25
CA PRO A 76 -19.09 5.55 -8.33
C PRO A 76 -17.82 6.25 -8.79
N ALA A 77 -17.94 7.46 -9.31
CA ALA A 77 -16.81 8.21 -9.85
C ALA A 77 -15.68 8.35 -8.84
N ARG A 78 -16.05 8.52 -7.58
CA ARG A 78 -15.07 8.69 -6.50
C ARG A 78 -14.39 7.39 -6.11
N TYR A 79 -14.85 6.27 -6.68
CA TYR A 79 -14.24 4.98 -6.40
C TYR A 79 -13.64 4.42 -7.66
N ALA A 80 -14.00 5.01 -8.80
CA ALA A 80 -13.34 4.70 -10.06
C ALA A 80 -11.96 5.34 -10.08
N GLN A 81 -11.72 6.19 -9.09
CA GLN A 81 -10.44 6.85 -8.91
C GLN A 81 -9.33 5.83 -8.65
N TYR A 82 -9.71 4.67 -8.16
CA TYR A 82 -8.75 3.65 -7.76
C TYR A 82 -8.59 2.60 -8.86
N ASP A 83 -9.25 2.82 -9.98
CA ASP A 83 -9.15 1.91 -11.13
C ASP A 83 -8.76 2.71 -12.38
N ARG A 84 -8.61 4.01 -12.20
CA ARG A 84 -8.32 4.91 -13.31
C ARG A 84 -6.82 5.10 -13.48
N PRO A 85 -6.37 5.34 -14.72
CA PRO A 85 -4.95 5.58 -15.02
C PRO A 85 -4.41 6.85 -14.36
N ILE A 86 -3.54 6.66 -13.38
CA ILE A 86 -2.89 7.78 -12.71
C ILE A 86 -1.38 7.56 -12.72
N VAL A 87 -0.65 8.48 -13.35
CA VAL A 87 0.79 8.40 -13.37
C VAL A 87 1.39 9.67 -12.75
N ALA A 88 2.26 9.47 -11.76
CA ALA A 88 2.88 10.59 -11.06
C ALA A 88 4.20 10.16 -10.46
N ARG A 89 5.22 10.97 -10.64
CA ARG A 89 6.53 10.68 -10.09
C ARG A 89 6.50 10.73 -8.57
N HIS A 90 7.31 9.91 -7.95
CA HIS A 90 7.43 9.89 -6.50
C HIS A 90 8.89 9.77 -6.12
N THR A 91 9.25 10.36 -4.99
CA THR A 91 10.63 10.38 -4.55
C THR A 91 11.02 9.05 -3.90
N LEU A 92 12.16 8.51 -4.31
CA LEU A 92 12.72 7.33 -3.67
C LEU A 92 13.47 7.75 -2.43
N LEU A 93 13.07 7.21 -1.29
CA LEU A 93 13.71 7.54 -0.02
C LEU A 93 15.04 6.80 0.07
N ARG A 94 14.96 5.49 0.19
CA ARG A 94 16.14 4.63 0.11
C ARG A 94 15.71 3.20 -0.18
N CYS A 95 16.67 2.34 -0.50
CA CYS A 95 16.37 0.94 -0.80
C CYS A 95 17.65 0.10 -0.77
N GLU A 96 17.57 -1.09 -0.19
CA GLU A 96 18.65 -2.06 -0.33
C GLU A 96 18.09 -3.41 -0.78
N PRO A 97 17.97 -3.60 -2.10
CA PRO A 97 17.42 -4.84 -2.68
C PRO A 97 18.35 -6.03 -2.50
N PRO A 98 17.81 -7.18 -2.07
CA PRO A 98 16.43 -7.34 -1.64
C PRO A 98 16.29 -7.39 -0.11
N ARG A 99 15.77 -6.33 0.48
CA ARG A 99 15.61 -6.28 1.94
C ARG A 99 14.57 -5.24 2.32
N VAL A 100 14.87 -3.98 2.03
CA VAL A 100 14.01 -2.88 2.42
C VAL A 100 14.02 -1.79 1.36
N LEU A 101 12.87 -1.17 1.13
CA LEU A 101 12.77 -0.08 0.18
C LEU A 101 11.84 0.99 0.75
N ALA A 102 12.05 2.23 0.35
CA ALA A 102 11.31 3.35 0.90
C ALA A 102 11.09 4.41 -0.15
N LEU A 103 9.96 5.06 -0.04
CA LEU A 103 9.51 6.03 -1.01
C LEU A 103 8.52 6.95 -0.33
N THR A 104 7.98 7.90 -1.05
CA THR A 104 7.00 8.79 -0.46
C THR A 104 5.63 8.58 -1.10
N TRP A 105 4.60 8.81 -0.33
CA TRP A 105 3.24 8.51 -0.74
C TRP A 105 2.34 9.70 -0.49
N GLY A 106 1.88 10.33 -1.56
CA GLY A 106 1.14 11.57 -1.43
C GLY A 106 2.07 12.76 -1.42
N GLY A 107 2.17 13.43 -2.55
CA GLY A 107 3.06 14.56 -2.67
C GLY A 107 2.44 15.81 -2.11
N GLY A 108 3.27 16.76 -1.75
CA GLY A 108 2.79 17.96 -1.12
C GLY A 108 3.66 19.16 -1.38
N ALA A 109 3.04 20.22 -1.87
CA ALA A 109 3.71 21.51 -2.00
C ALA A 109 3.54 22.27 -0.69
N GLY A 110 2.30 22.30 -0.22
CA GLY A 110 2.03 22.69 1.15
C GLY A 110 2.16 21.48 2.04
N GLU A 111 2.58 21.68 3.28
CA GLU A 111 2.87 20.56 4.17
C GLU A 111 4.03 19.74 3.62
N ALA A 112 4.21 18.53 4.14
CA ALA A 112 5.25 17.64 3.64
C ALA A 112 4.64 16.36 3.09
N PRO A 113 5.21 15.81 2.00
CA PRO A 113 4.74 14.56 1.44
C PRO A 113 4.95 13.40 2.40
N SER A 114 3.93 12.56 2.53
CA SER A 114 4.03 11.40 3.41
C SER A 114 5.02 10.40 2.84
N GLU A 115 5.56 9.54 3.68
CA GLU A 115 6.62 8.64 3.30
C GLU A 115 6.25 7.20 3.66
N VAL A 116 6.78 6.25 2.92
CA VAL A 116 6.47 4.85 3.12
C VAL A 116 7.74 4.01 3.21
N LEU A 117 7.78 3.16 4.22
CA LEU A 117 8.85 2.20 4.39
C LEU A 117 8.30 0.80 4.22
N PHE A 118 8.86 0.07 3.28
CA PHE A 118 8.62 -1.36 3.21
C PHE A 118 9.84 -2.05 3.76
N GLU A 119 9.67 -2.76 4.86
CA GLU A 119 10.80 -3.41 5.50
C GLU A 119 10.49 -4.89 5.69
N LEU A 120 11.21 -5.72 4.95
CA LEU A 120 10.96 -7.15 4.98
C LEU A 120 11.94 -7.84 5.91
N SER A 121 11.41 -8.66 6.79
CA SER A 121 12.23 -9.46 7.68
C SER A 121 12.05 -10.91 7.30
N GLU A 122 13.12 -11.66 7.31
CA GLU A 122 13.12 -12.99 6.74
C GLU A 122 12.93 -14.01 7.83
N ALA A 123 12.13 -15.00 7.54
CA ALA A 123 11.90 -16.08 8.47
C ALA A 123 12.31 -17.41 7.85
N GLY A 124 11.85 -18.51 8.44
CA GLY A 124 12.24 -19.83 7.96
C GLY A 124 11.98 -20.02 6.47
N GLU A 125 10.72 -20.09 6.11
CA GLU A 125 10.33 -20.18 4.72
C GLU A 125 9.29 -19.11 4.41
N GLN A 126 9.25 -18.09 5.25
CA GLN A 126 8.28 -17.04 5.10
C GLN A 126 8.94 -15.69 5.40
N VAL A 127 8.21 -14.62 5.16
CA VAL A 127 8.74 -13.28 5.37
C VAL A 127 7.72 -12.42 6.11
N ARG A 128 8.20 -11.66 7.06
CA ARG A 128 7.35 -10.75 7.80
C ARG A 128 7.60 -9.33 7.35
N LEU A 129 6.58 -8.73 6.77
CA LEU A 129 6.66 -7.39 6.24
C LEU A 129 6.04 -6.41 7.21
N VAL A 130 6.77 -5.36 7.53
CA VAL A 130 6.21 -4.26 8.29
C VAL A 130 6.00 -3.07 7.37
N LEU A 131 4.75 -2.67 7.22
CA LEU A 131 4.42 -1.50 6.44
C LEU A 131 4.48 -0.29 7.34
N THR A 132 5.44 0.57 7.08
CA THR A 132 5.65 1.75 7.90
C THR A 132 5.36 3.02 7.10
N HIS A 133 4.21 3.61 7.32
CA HIS A 133 3.86 4.84 6.62
C HIS A 133 4.05 6.02 7.55
N THR A 134 5.08 6.81 7.24
CA THR A 134 5.46 7.94 8.06
C THR A 134 5.09 9.26 7.39
N ARG A 135 5.35 10.37 8.09
CA ARG A 135 5.19 11.70 7.52
C ARG A 135 3.74 12.00 7.16
N LEU A 136 2.82 11.36 7.87
CA LEU A 136 1.40 11.58 7.64
C LEU A 136 0.99 12.96 8.11
N ALA A 137 0.01 13.54 7.45
CA ALA A 137 -0.53 14.83 7.87
C ALA A 137 -1.36 14.67 9.13
N ASP A 138 -2.44 13.89 9.01
CA ASP A 138 -3.35 13.68 10.13
C ASP A 138 -4.23 12.47 9.85
N ARG A 139 -5.30 12.33 10.63
CA ARG A 139 -6.27 11.24 10.46
C ARG A 139 -6.84 11.20 9.03
N ALA A 140 -7.05 12.37 8.45
CA ALA A 140 -7.55 12.46 7.08
C ALA A 140 -6.53 11.90 6.08
N ALA A 141 -5.25 11.94 6.46
CA ALA A 141 -4.20 11.37 5.62
C ALA A 141 -4.33 9.85 5.61
N MET A 142 -4.53 9.28 6.79
CA MET A 142 -4.83 7.85 6.91
C MET A 142 -6.04 7.50 6.07
N LEU A 143 -7.00 8.42 6.02
CA LEU A 143 -8.18 8.27 5.18
C LEU A 143 -7.84 8.42 3.70
N ASP A 144 -6.79 9.20 3.43
CA ASP A 144 -6.34 9.45 2.06
C ASP A 144 -5.76 8.17 1.46
N VAL A 145 -4.96 7.50 2.26
CA VAL A 145 -4.35 6.24 1.83
C VAL A 145 -5.30 5.07 2.04
N ALA A 146 -6.25 5.21 2.97
CA ALA A 146 -7.24 4.16 3.24
C ALA A 146 -7.87 3.66 1.94
N GLY A 147 -8.09 4.60 1.03
CA GLY A 147 -8.60 4.27 -0.27
C GLY A 147 -7.54 3.72 -1.18
N GLY A 148 -7.25 2.43 -1.05
CA GLY A 148 -6.35 1.77 -1.95
C GLY A 148 -5.13 1.21 -1.26
N TRP A 149 -4.50 2.00 -0.41
CA TRP A 149 -3.28 1.61 0.26
C TRP A 149 -3.54 0.41 1.18
N HIS A 150 -4.35 0.63 2.22
CA HIS A 150 -4.68 -0.44 3.17
C HIS A 150 -5.18 -1.67 2.41
N ALA A 151 -6.06 -1.44 1.44
CA ALA A 151 -6.67 -2.51 0.67
C ALA A 151 -5.62 -3.37 -0.03
N HIS A 152 -4.54 -2.76 -0.52
CA HIS A 152 -3.56 -3.51 -1.30
C HIS A 152 -2.82 -4.50 -0.42
N LEU A 153 -2.87 -4.28 0.89
CA LEU A 153 -2.23 -5.19 1.83
C LEU A 153 -2.90 -6.56 1.79
N ALA A 154 -4.18 -6.59 1.40
CA ALA A 154 -4.91 -7.83 1.26
C ALA A 154 -4.59 -8.47 -0.09
N VAL A 155 -4.45 -7.63 -1.11
CA VAL A 155 -4.14 -8.09 -2.45
C VAL A 155 -2.76 -8.73 -2.48
N LEU A 156 -1.85 -8.20 -1.66
CA LEU A 156 -0.53 -8.79 -1.48
C LEU A 156 -0.63 -10.25 -1.12
N ALA A 157 -1.36 -10.54 -0.05
CA ALA A 157 -1.54 -11.91 0.40
C ALA A 157 -2.21 -12.75 -0.67
N GLY A 158 -3.20 -12.17 -1.33
CA GLY A 158 -3.88 -12.85 -2.41
C GLY A 158 -2.93 -13.28 -3.52
N LYS A 159 -2.16 -12.33 -4.03
CA LYS A 159 -1.21 -12.60 -5.11
C LYS A 159 -0.12 -13.56 -4.65
N LEU A 160 0.45 -13.27 -3.49
CA LEU A 160 1.56 -14.05 -2.97
C LEU A 160 1.15 -15.46 -2.58
N ALA A 161 -0.14 -15.67 -2.31
CA ALA A 161 -0.62 -17.00 -2.00
C ALA A 161 -1.06 -17.73 -3.27
N GLY A 162 -0.98 -17.04 -4.40
CA GLY A 162 -1.39 -17.63 -5.67
C GLY A 162 -2.89 -17.66 -5.84
N GLN A 163 -3.57 -16.70 -5.23
CA GLN A 163 -5.02 -16.63 -5.30
C GLN A 163 -5.45 -15.53 -6.25
N ALA A 164 -6.73 -15.53 -6.59
CA ALA A 164 -7.32 -14.46 -7.36
C ALA A 164 -7.46 -13.22 -6.48
N PRO A 165 -7.60 -12.03 -7.08
CA PRO A 165 -7.70 -10.79 -6.29
C PRO A 165 -8.90 -10.81 -5.34
N PRO A 166 -8.78 -10.08 -4.22
CA PRO A 166 -9.83 -9.99 -3.22
C PRO A 166 -10.77 -8.81 -3.48
N PRO A 167 -11.87 -8.68 -2.70
CA PRO A 167 -12.76 -7.54 -2.79
C PRO A 167 -12.06 -6.24 -2.39
N PHE A 168 -11.34 -5.67 -3.33
CA PHE A 168 -10.60 -4.42 -3.11
C PHE A 168 -11.56 -3.30 -2.71
N TRP A 169 -12.74 -3.32 -3.32
CA TRP A 169 -13.78 -2.34 -3.04
C TRP A 169 -14.19 -2.42 -1.57
N THR A 170 -14.54 -3.62 -1.14
CA THR A 170 -14.97 -3.87 0.22
C THR A 170 -13.86 -3.57 1.23
N THR A 171 -12.65 -4.01 0.93
CA THR A 171 -11.51 -3.79 1.81
C THR A 171 -11.20 -2.30 1.94
N LEU A 172 -11.42 -1.56 0.86
CA LEU A 172 -11.24 -0.11 0.86
C LEU A 172 -12.25 0.52 1.80
N ALA A 173 -13.53 0.17 1.62
CA ALA A 173 -14.61 0.70 2.44
C ALA A 173 -14.40 0.36 3.91
N GLN A 174 -13.96 -0.87 4.18
CA GLN A 174 -13.65 -1.30 5.53
C GLN A 174 -12.54 -0.46 6.13
N ALA A 175 -11.49 -0.22 5.35
CA ALA A 175 -10.37 0.61 5.80
C ALA A 175 -10.86 2.03 6.08
N GLU A 176 -11.63 2.58 5.16
CA GLU A 176 -12.17 3.91 5.30
C GLU A 176 -13.01 4.02 6.57
N GLN A 177 -13.88 3.03 6.76
CA GLN A 177 -14.72 2.96 7.96
C GLN A 177 -13.86 2.86 9.22
N ASP A 178 -12.77 2.11 9.11
CA ASP A 178 -11.90 1.85 10.26
C ASP A 178 -11.19 3.11 10.73
N TYR A 179 -10.59 3.83 9.79
CA TYR A 179 -9.86 5.05 10.11
C TYR A 179 -10.81 6.18 10.44
N GLU A 180 -12.04 6.09 9.93
CA GLU A 180 -13.07 7.06 10.28
C GLU A 180 -13.69 6.72 11.63
N GLN A 181 -13.28 5.62 12.22
CA GLN A 181 -13.76 5.23 13.54
C GLN A 181 -12.69 5.46 14.60
N ARG A 182 -11.79 4.49 14.75
CA ARG A 182 -10.76 4.52 15.80
C ARG A 182 -11.36 4.74 17.18
N LEU A 183 -12.61 4.31 17.35
CA LEU A 183 -13.34 4.57 18.57
C LEU A 183 -13.20 3.41 19.57
N LEU A 184 -13.58 3.66 20.82
CA LEU A 184 -13.51 2.65 21.87
C LEU A 184 -14.72 1.72 21.79
N GLU A 185 -15.06 1.30 20.58
CA GLU A 185 -16.21 0.46 20.35
C GLU A 185 -15.85 -1.02 20.50
N HIS A 186 -16.71 -1.88 19.96
CA HIS A 186 -16.49 -3.32 20.05
C HIS A 186 -16.23 -3.89 18.65
N HIS A 187 -16.43 -5.20 18.50
CA HIS A 187 -16.40 -5.81 17.18
C HIS A 187 -17.55 -6.80 17.03
N HIS A 188 -18.34 -6.63 15.98
CA HIS A 188 -19.50 -7.47 15.73
C HIS A 188 -19.16 -8.54 14.68
N HIS A 189 -18.86 -9.74 15.15
CA HIS A 189 -18.44 -10.82 14.26
C HIS A 189 -19.64 -11.62 13.77
N HIS A 190 -20.26 -11.14 12.69
CA HIS A 190 -21.36 -11.84 12.04
C HIS A 190 -22.61 -11.89 12.93
N HIS A 191 -22.72 -12.98 13.70
CA HIS A 191 -23.88 -13.28 14.52
C HIS A 191 -23.86 -14.77 14.83
N MET A 1 -5.74 -14.24 -22.54
CA MET A 1 -6.29 -12.94 -22.12
C MET A 1 -7.63 -13.11 -21.41
N THR A 2 -7.57 -13.61 -20.19
CA THR A 2 -8.75 -13.80 -19.35
C THR A 2 -8.30 -13.87 -17.90
N SER A 3 -9.14 -13.43 -16.97
CA SER A 3 -8.82 -13.51 -15.55
C SER A 3 -9.67 -14.58 -14.86
N PRO A 4 -9.20 -15.83 -14.86
CA PRO A 4 -9.92 -16.94 -14.24
C PRO A 4 -9.44 -17.21 -12.82
N SER A 5 -8.63 -16.30 -12.30
CA SER A 5 -8.04 -16.46 -10.99
C SER A 5 -9.07 -16.18 -9.89
N SER A 6 -10.07 -15.37 -10.20
CA SER A 6 -11.07 -14.97 -9.22
C SER A 6 -12.08 -16.10 -8.96
N ALA A 7 -11.70 -17.03 -8.09
CA ALA A 7 -12.57 -18.14 -7.74
C ALA A 7 -12.63 -18.33 -6.23
N PHE A 8 -11.79 -17.60 -5.51
CA PHE A 8 -11.71 -17.73 -4.07
C PHE A 8 -11.62 -16.36 -3.40
N PRO A 9 -12.75 -15.88 -2.88
CA PRO A 9 -12.84 -14.61 -2.18
C PRO A 9 -12.67 -14.76 -0.67
N ASP A 10 -11.81 -13.93 -0.10
CA ASP A 10 -11.64 -13.89 1.36
C ASP A 10 -12.79 -13.10 1.99
N GLY A 11 -13.00 -13.27 3.29
CA GLY A 11 -14.11 -12.59 3.93
C GLY A 11 -13.82 -12.13 5.34
N HIS A 12 -12.60 -11.66 5.61
CA HIS A 12 -12.30 -11.07 6.92
C HIS A 12 -12.07 -9.57 6.79
N GLY A 13 -12.57 -8.81 7.75
CA GLY A 13 -12.48 -7.37 7.67
C GLY A 13 -12.15 -6.73 9.01
N ALA A 14 -10.92 -6.28 9.14
CA ALA A 14 -10.47 -5.55 10.31
C ALA A 14 -9.30 -4.67 9.94
N ARG A 15 -9.23 -3.47 10.50
CA ARG A 15 -8.17 -2.53 10.14
C ARG A 15 -8.05 -1.40 11.17
N LEU A 16 -7.20 -1.61 12.17
CA LEU A 16 -6.87 -0.58 13.15
C LEU A 16 -5.61 -0.98 13.91
N ASP A 17 -4.49 -0.38 13.54
CA ASP A 17 -3.22 -0.68 14.17
C ASP A 17 -2.73 0.47 15.05
N ALA A 18 -2.82 1.70 14.56
CA ALA A 18 -2.42 2.86 15.35
C ALA A 18 -2.93 4.16 14.76
N GLN A 19 -2.49 5.27 15.34
CA GLN A 19 -2.80 6.60 14.80
C GLN A 19 -2.00 6.86 13.54
N SER A 20 -0.95 6.07 13.36
CA SER A 20 -0.18 6.05 12.13
C SER A 20 -0.33 4.67 11.50
N ILE A 21 0.16 4.50 10.28
CA ILE A 21 -0.03 3.25 9.57
C ILE A 21 1.20 2.37 9.62
N ARG A 22 1.02 1.17 10.15
CA ARG A 22 2.10 0.20 10.25
C ARG A 22 1.55 -1.22 10.29
N PHE A 23 1.76 -1.95 9.20
CA PHE A 23 1.25 -3.31 9.09
C PHE A 23 2.40 -4.31 9.16
N GLU A 24 2.18 -5.42 9.86
CA GLU A 24 3.15 -6.51 9.86
C GLU A 24 2.47 -7.81 9.47
N ARG A 25 2.96 -8.43 8.41
CA ARG A 25 2.38 -9.67 7.91
C ARG A 25 3.49 -10.68 7.62
N LEU A 26 3.19 -11.96 7.81
CA LEU A 26 4.14 -13.01 7.50
C LEU A 26 3.83 -13.59 6.13
N LEU A 27 4.82 -13.64 5.26
CA LEU A 27 4.64 -14.12 3.90
C LEU A 27 5.47 -15.38 3.67
N PRO A 28 4.95 -16.29 2.82
CA PRO A 28 5.66 -17.51 2.45
C PRO A 28 6.76 -17.26 1.42
N GLY A 29 7.85 -17.97 1.56
CA GLY A 29 9.01 -17.77 0.72
C GLY A 29 10.11 -17.06 1.48
N PRO A 30 11.38 -17.24 1.09
CA PRO A 30 12.53 -16.69 1.82
C PRO A 30 12.48 -15.17 1.92
N ILE A 31 12.39 -14.50 0.78
CA ILE A 31 12.31 -13.05 0.72
C ILE A 31 12.25 -12.57 -0.73
N GLU A 32 13.08 -13.18 -1.58
CA GLU A 32 13.15 -12.81 -3.00
C GLU A 32 11.81 -13.04 -3.71
N ARG A 33 11.19 -14.17 -3.43
CA ARG A 33 9.90 -14.50 -4.05
C ARG A 33 8.84 -13.45 -3.71
N VAL A 34 8.89 -12.95 -2.48
CA VAL A 34 7.95 -11.95 -2.03
C VAL A 34 8.34 -10.57 -2.57
N TRP A 35 9.63 -10.32 -2.60
CA TRP A 35 10.18 -9.06 -3.12
C TRP A 35 9.85 -8.92 -4.61
N ALA A 36 9.77 -10.05 -5.29
CA ALA A 36 9.55 -10.08 -6.73
C ALA A 36 8.38 -9.22 -7.16
N TRP A 37 7.28 -9.24 -6.39
CA TRP A 37 6.13 -8.47 -6.82
C TRP A 37 6.36 -6.99 -6.54
N LEU A 38 7.21 -6.71 -5.55
CA LEU A 38 7.54 -5.34 -5.20
C LEU A 38 8.43 -4.72 -6.27
N ALA A 39 9.28 -5.56 -6.86
CA ALA A 39 10.23 -5.08 -7.87
C ALA A 39 9.61 -5.03 -9.26
N ASP A 40 9.02 -6.15 -9.69
CA ASP A 40 8.42 -6.23 -11.03
C ASP A 40 7.29 -5.23 -11.17
N ALA A 41 7.56 -4.15 -11.89
CA ALA A 41 6.59 -3.07 -12.05
C ALA A 41 5.39 -3.50 -12.87
N ASP A 42 5.52 -4.62 -13.58
CA ASP A 42 4.43 -5.12 -14.40
C ASP A 42 3.30 -5.64 -13.52
N LYS A 43 3.63 -6.61 -12.68
CA LYS A 43 2.65 -7.16 -11.76
C LYS A 43 2.35 -6.17 -10.66
N ARG A 44 3.32 -5.31 -10.37
CA ARG A 44 3.20 -4.30 -9.32
C ARG A 44 2.05 -3.35 -9.65
N ALA A 45 1.72 -3.25 -10.93
CA ALA A 45 0.62 -2.43 -11.38
C ALA A 45 -0.72 -3.17 -11.23
N ARG A 46 -0.63 -4.44 -10.84
CA ARG A 46 -1.80 -5.27 -10.62
C ARG A 46 -1.95 -5.65 -9.15
N TRP A 47 -1.29 -4.93 -8.25
CA TRP A 47 -1.45 -5.18 -6.82
C TRP A 47 -1.07 -3.95 -5.99
N LEU A 48 -0.19 -3.11 -6.52
CA LEU A 48 0.26 -1.92 -5.80
C LEU A 48 -0.23 -0.67 -6.54
N ALA A 49 0.30 -0.48 -7.74
CA ALA A 49 -0.03 0.65 -8.59
C ALA A 49 0.83 0.64 -9.84
N GLY A 50 2.07 0.27 -9.63
CA GLY A 50 3.07 0.24 -10.68
C GLY A 50 4.31 0.98 -10.24
N GLY A 51 5.11 1.43 -11.18
CA GLY A 51 6.24 2.27 -10.84
C GLY A 51 7.48 1.48 -10.48
N GLU A 52 8.48 1.54 -11.35
CA GLU A 52 9.76 0.93 -11.11
C GLU A 52 10.68 1.88 -10.35
N LEU A 53 11.87 1.43 -10.01
CA LEU A 53 12.82 2.23 -9.26
C LEU A 53 13.66 3.09 -10.21
N PRO A 54 14.01 4.32 -9.79
CA PRO A 54 14.83 5.24 -10.58
C PRO A 54 16.32 5.02 -10.36
N ARG A 55 17.12 5.98 -10.78
CA ARG A 55 18.56 5.88 -10.65
C ARG A 55 19.03 6.33 -9.27
N GLN A 56 18.69 7.55 -8.89
CA GLN A 56 19.11 8.09 -7.61
C GLN A 56 18.02 7.95 -6.55
N PRO A 57 18.44 7.68 -5.31
CA PRO A 57 17.58 7.76 -4.14
C PRO A 57 17.39 9.21 -3.72
N GLY A 58 16.26 9.53 -3.09
CA GLY A 58 15.98 10.91 -2.74
C GLY A 58 15.34 11.67 -3.89
N GLN A 59 15.37 11.06 -5.08
CA GLN A 59 14.73 11.62 -6.25
C GLN A 59 13.27 11.18 -6.32
N THR A 60 12.61 11.49 -7.43
CA THR A 60 11.25 11.07 -7.64
C THR A 60 11.17 10.06 -8.78
N PHE A 61 10.36 9.01 -8.59
CA PHE A 61 10.07 8.07 -9.66
C PHE A 61 8.62 8.20 -10.06
N GLU A 62 8.24 7.55 -11.14
CA GLU A 62 6.89 7.69 -11.67
C GLU A 62 6.02 6.50 -11.25
N LEU A 63 5.00 6.79 -10.47
CA LEU A 63 4.08 5.76 -10.01
C LEU A 63 2.81 5.80 -10.85
N HIS A 64 2.27 4.64 -11.15
CA HIS A 64 1.03 4.53 -11.88
C HIS A 64 -0.12 4.53 -10.88
N PHE A 65 -0.84 5.65 -10.77
CA PHE A 65 -1.76 5.86 -9.66
C PHE A 65 -2.99 4.96 -9.74
N ASN A 66 -3.21 4.38 -10.90
CA ASN A 66 -4.30 3.42 -11.05
C ASN A 66 -3.93 2.15 -10.30
N HIS A 67 -4.73 1.82 -9.30
CA HIS A 67 -4.48 0.66 -8.47
C HIS A 67 -5.73 -0.20 -8.39
N ALA A 68 -6.54 -0.12 -9.43
CA ALA A 68 -7.77 -0.89 -9.51
C ALA A 68 -7.86 -1.58 -10.87
N ALA A 69 -6.72 -1.74 -11.53
CA ALA A 69 -6.66 -2.29 -12.89
C ALA A 69 -6.84 -3.81 -12.90
N LEU A 70 -7.65 -4.32 -11.98
CA LEU A 70 -7.94 -5.73 -11.91
C LEU A 70 -9.27 -5.95 -11.19
N THR A 71 -9.53 -5.11 -10.21
CA THR A 71 -10.74 -5.18 -9.40
C THR A 71 -11.53 -3.89 -9.49
N ALA A 72 -12.45 -3.69 -8.55
CA ALA A 72 -13.26 -2.47 -8.48
C ALA A 72 -14.18 -2.36 -9.69
N GLU A 73 -14.70 -3.51 -10.11
CA GLU A 73 -15.66 -3.56 -11.21
C GLU A 73 -16.89 -2.73 -10.84
N THR A 74 -17.29 -2.83 -9.58
CA THR A 74 -18.32 -1.98 -9.04
C THR A 74 -17.67 -0.69 -8.56
N ALA A 75 -18.13 0.44 -9.05
CA ALA A 75 -17.50 1.71 -8.73
C ALA A 75 -18.41 2.88 -9.05
N PRO A 76 -19.27 3.27 -8.10
CA PRO A 76 -20.19 4.41 -8.28
C PRO A 76 -19.46 5.75 -8.23
N ALA A 77 -18.82 6.10 -9.34
CA ALA A 77 -18.15 7.39 -9.52
C ALA A 77 -16.90 7.55 -8.65
N ARG A 78 -17.10 7.63 -7.34
CA ARG A 78 -16.03 7.97 -6.39
C ARG A 78 -14.93 6.92 -6.34
N TYR A 79 -15.27 5.70 -6.74
CA TYR A 79 -14.31 4.60 -6.64
C TYR A 79 -13.79 4.26 -8.02
N ALA A 80 -14.44 4.82 -9.03
CA ALA A 80 -14.00 4.63 -10.40
C ALA A 80 -12.85 5.58 -10.70
N GLN A 81 -12.70 6.55 -9.81
CA GLN A 81 -11.65 7.55 -9.94
C GLN A 81 -10.29 6.95 -9.60
N TYR A 82 -10.29 5.82 -8.91
CA TYR A 82 -9.06 5.13 -8.56
C TYR A 82 -8.63 4.19 -9.69
N ASP A 83 -9.47 4.14 -10.72
CA ASP A 83 -9.21 3.32 -11.90
C ASP A 83 -8.79 4.21 -13.07
N ARG A 84 -8.48 5.45 -12.76
CA ARG A 84 -8.02 6.39 -13.77
C ARG A 84 -6.51 6.30 -13.93
N PRO A 85 -6.02 6.41 -15.17
CA PRO A 85 -4.59 6.40 -15.46
C PRO A 85 -3.92 7.71 -15.09
N ILE A 86 -3.36 7.75 -13.89
CA ILE A 86 -2.70 8.95 -13.40
C ILE A 86 -1.22 8.68 -13.18
N VAL A 87 -0.38 9.54 -13.75
CA VAL A 87 1.06 9.45 -13.52
C VAL A 87 1.45 10.39 -12.40
N ALA A 88 1.82 9.82 -11.26
CA ALA A 88 2.18 10.60 -10.10
C ALA A 88 3.61 10.30 -9.68
N ARG A 89 4.45 11.32 -9.63
CA ARG A 89 5.83 11.13 -9.23
C ARG A 89 5.92 11.11 -7.72
N HIS A 90 6.75 10.21 -7.22
CA HIS A 90 6.90 9.99 -5.79
C HIS A 90 8.36 9.88 -5.42
N THR A 91 8.74 10.51 -4.33
CA THR A 91 10.11 10.49 -3.85
C THR A 91 10.42 9.14 -3.20
N LEU A 92 11.61 8.62 -3.43
CA LEU A 92 12.02 7.39 -2.76
C LEU A 92 13.04 7.71 -1.67
N LEU A 93 13.03 6.93 -0.60
CA LEU A 93 13.89 7.20 0.54
C LEU A 93 15.16 6.34 0.45
N ARG A 94 15.03 5.07 0.77
CA ARG A 94 16.14 4.12 0.66
C ARG A 94 15.74 2.95 -0.22
N CYS A 95 16.71 2.24 -0.73
CA CYS A 95 16.45 1.07 -1.56
C CYS A 95 17.63 0.10 -1.50
N GLU A 96 17.47 -0.95 -0.70
CA GLU A 96 18.55 -1.91 -0.51
C GLU A 96 18.04 -3.32 -0.74
N PRO A 97 18.05 -3.78 -2.00
CA PRO A 97 17.60 -5.10 -2.38
C PRO A 97 18.70 -6.15 -2.25
N PRO A 98 18.33 -7.38 -1.84
CA PRO A 98 16.99 -7.73 -1.42
C PRO A 98 16.82 -7.65 0.09
N ARG A 99 16.16 -6.61 0.55
CA ARG A 99 15.94 -6.40 1.98
C ARG A 99 14.80 -5.43 2.20
N VAL A 100 15.08 -4.14 1.99
CA VAL A 100 14.09 -3.11 2.23
C VAL A 100 14.02 -2.13 1.07
N LEU A 101 12.88 -1.47 0.94
CA LEU A 101 12.72 -0.40 -0.03
C LEU A 101 11.83 0.67 0.59
N ALA A 102 12.04 1.92 0.22
CA ALA A 102 11.34 3.00 0.86
C ALA A 102 11.09 4.13 -0.13
N LEU A 103 9.99 4.80 0.10
CA LEU A 103 9.47 5.80 -0.80
C LEU A 103 8.46 6.62 -0.05
N THR A 104 7.88 7.59 -0.70
CA THR A 104 6.87 8.41 -0.05
C THR A 104 5.57 8.36 -0.83
N TRP A 105 4.49 8.75 -0.20
CA TRP A 105 3.16 8.64 -0.77
C TRP A 105 2.68 9.99 -1.26
N GLY A 106 3.61 10.93 -1.38
CA GLY A 106 3.27 12.25 -1.87
C GLY A 106 4.47 12.97 -2.45
N GLY A 107 4.23 14.10 -3.09
CA GLY A 107 5.31 14.89 -3.63
C GLY A 107 5.04 16.37 -3.59
N GLY A 108 4.32 16.79 -2.55
CA GLY A 108 3.97 18.20 -2.41
C GLY A 108 3.07 18.45 -1.23
N ALA A 109 1.93 19.09 -1.49
CA ALA A 109 0.95 19.44 -0.46
C ALA A 109 1.49 20.50 0.50
N GLY A 110 0.67 20.88 1.48
CA GLY A 110 1.04 21.92 2.42
C GLY A 110 1.76 21.35 3.63
N GLU A 111 2.22 20.13 3.51
CA GLU A 111 2.95 19.45 4.56
C GLU A 111 4.04 18.60 3.93
N ALA A 112 4.76 17.85 4.74
CA ALA A 112 5.75 16.93 4.24
C ALA A 112 5.07 15.73 3.60
N PRO A 113 5.64 15.20 2.50
CA PRO A 113 5.11 14.01 1.86
C PRO A 113 5.20 12.80 2.78
N SER A 114 4.08 12.16 3.04
CA SER A 114 4.04 11.00 3.91
C SER A 114 4.93 9.90 3.33
N GLU A 115 5.61 9.18 4.19
CA GLU A 115 6.63 8.22 3.78
C GLU A 115 6.14 6.78 3.98
N VAL A 116 6.67 5.89 3.16
CA VAL A 116 6.36 4.49 3.24
C VAL A 116 7.65 3.66 3.28
N LEU A 117 7.81 2.93 4.37
CA LEU A 117 8.96 2.06 4.53
C LEU A 117 8.53 0.62 4.39
N PHE A 118 9.08 -0.07 3.41
CA PHE A 118 8.90 -1.51 3.31
C PHE A 118 10.16 -2.20 3.84
N GLU A 119 9.99 -3.00 4.86
CA GLU A 119 11.12 -3.72 5.44
C GLU A 119 10.84 -5.20 5.49
N LEU A 120 11.55 -5.96 4.67
CA LEU A 120 11.41 -7.40 4.66
C LEU A 120 12.60 -8.02 5.36
N SER A 121 12.35 -9.09 6.09
CA SER A 121 13.41 -9.83 6.73
C SER A 121 13.26 -11.30 6.42
N GLU A 122 14.37 -11.94 6.15
CA GLU A 122 14.37 -13.31 5.71
C GLU A 122 14.48 -14.24 6.91
N ALA A 123 13.42 -14.99 7.13
CA ALA A 123 13.32 -15.86 8.28
C ALA A 123 13.28 -17.32 7.85
N GLY A 124 14.46 -17.87 7.62
CA GLY A 124 14.56 -19.25 7.17
C GLY A 124 14.04 -19.41 5.75
N GLU A 125 12.77 -19.77 5.64
CA GLU A 125 12.12 -19.89 4.35
C GLU A 125 10.80 -19.11 4.37
N GLN A 126 10.72 -18.17 5.31
CA GLN A 126 9.59 -17.26 5.39
C GLN A 126 10.11 -15.83 5.43
N VAL A 127 9.21 -14.88 5.32
CA VAL A 127 9.61 -13.49 5.36
C VAL A 127 8.58 -12.64 6.10
N ARG A 128 9.07 -11.83 7.03
CA ARG A 128 8.21 -10.91 7.76
C ARG A 128 8.20 -9.55 7.08
N LEU A 129 7.02 -9.12 6.68
CA LEU A 129 6.87 -7.84 6.01
C LEU A 129 6.27 -6.80 6.94
N VAL A 130 6.98 -5.71 7.12
CA VAL A 130 6.47 -4.59 7.89
C VAL A 130 6.37 -3.36 7.01
N LEU A 131 5.16 -2.84 6.90
CA LEU A 131 4.90 -1.63 6.13
C LEU A 131 4.70 -0.47 7.09
N THR A 132 5.64 0.46 7.08
CA THR A 132 5.55 1.61 7.96
C THR A 132 5.24 2.87 7.15
N HIS A 133 4.08 3.44 7.37
CA HIS A 133 3.71 4.69 6.70
C HIS A 133 3.81 5.83 7.68
N THR A 134 4.81 6.66 7.48
CA THR A 134 5.13 7.74 8.39
C THR A 134 4.92 9.10 7.74
N ARG A 135 5.28 10.16 8.47
CA ARG A 135 5.17 11.53 7.97
C ARG A 135 3.72 11.86 7.61
N LEU A 136 2.80 11.24 8.32
CA LEU A 136 1.38 11.51 8.13
C LEU A 136 1.02 12.81 8.84
N ALA A 137 0.31 13.69 8.15
CA ALA A 137 -0.19 14.92 8.76
C ALA A 137 -1.04 14.59 9.98
N ASP A 138 -1.98 13.67 9.78
CA ASP A 138 -2.83 13.16 10.85
C ASP A 138 -3.74 12.08 10.27
N ARG A 139 -4.81 11.75 11.00
CA ARG A 139 -5.77 10.74 10.56
C ARG A 139 -6.36 11.07 9.20
N ALA A 140 -6.43 12.35 8.85
CA ALA A 140 -6.91 12.77 7.53
C ALA A 140 -5.99 12.24 6.42
N ALA A 141 -4.70 12.18 6.71
CA ALA A 141 -3.74 11.64 5.77
C ALA A 141 -4.00 10.15 5.59
N MET A 142 -4.18 9.47 6.72
CA MET A 142 -4.57 8.06 6.72
C MET A 142 -5.86 7.88 5.91
N LEU A 143 -6.77 8.84 6.05
CA LEU A 143 -8.00 8.88 5.27
C LEU A 143 -7.69 9.02 3.78
N ASP A 144 -6.63 9.75 3.46
CA ASP A 144 -6.24 9.93 2.07
C ASP A 144 -5.78 8.61 1.48
N VAL A 145 -4.94 7.90 2.23
CA VAL A 145 -4.40 6.63 1.77
C VAL A 145 -5.45 5.52 1.87
N ALA A 146 -6.49 5.77 2.67
CA ALA A 146 -7.59 4.82 2.85
C ALA A 146 -8.19 4.40 1.51
N GLY A 147 -8.08 5.27 0.50
CA GLY A 147 -8.65 5.00 -0.80
C GLY A 147 -7.85 4.00 -1.64
N GLY A 148 -7.46 2.88 -1.03
CA GLY A 148 -6.83 1.82 -1.79
C GLY A 148 -5.52 1.32 -1.21
N TRP A 149 -4.76 2.21 -0.57
CA TRP A 149 -3.40 1.89 -0.13
C TRP A 149 -3.35 0.62 0.72
N HIS A 150 -4.00 0.64 1.88
CA HIS A 150 -3.99 -0.52 2.78
C HIS A 150 -4.35 -1.82 2.06
N ALA A 151 -5.37 -1.72 1.22
CA ALA A 151 -5.93 -2.88 0.53
C ALA A 151 -4.91 -3.57 -0.37
N HIS A 152 -3.86 -2.87 -0.75
CA HIS A 152 -2.84 -3.47 -1.64
C HIS A 152 -2.16 -4.66 -0.95
N LEU A 153 -2.18 -4.65 0.38
CA LEU A 153 -1.57 -5.75 1.14
C LEU A 153 -2.44 -7.00 1.08
N ALA A 154 -3.73 -6.80 0.81
CA ALA A 154 -4.66 -7.91 0.70
C ALA A 154 -4.40 -8.66 -0.60
N VAL A 155 -4.22 -7.91 -1.67
CA VAL A 155 -3.91 -8.48 -2.97
C VAL A 155 -2.53 -9.13 -2.94
N LEU A 156 -1.57 -8.45 -2.29
CA LEU A 156 -0.24 -8.99 -2.07
C LEU A 156 -0.30 -10.38 -1.44
N ALA A 157 -0.99 -10.47 -0.31
CA ALA A 157 -1.11 -11.73 0.41
C ALA A 157 -1.75 -12.81 -0.47
N GLY A 158 -2.81 -12.43 -1.17
CA GLY A 158 -3.48 -13.37 -2.06
C GLY A 158 -2.54 -13.97 -3.10
N LYS A 159 -1.78 -13.11 -3.76
CA LYS A 159 -0.87 -13.57 -4.81
C LYS A 159 0.31 -14.35 -4.23
N LEU A 160 0.88 -13.85 -3.15
CA LEU A 160 1.99 -14.51 -2.48
C LEU A 160 1.59 -15.87 -1.90
N ALA A 161 0.31 -16.03 -1.60
CA ALA A 161 -0.21 -17.30 -1.14
C ALA A 161 -0.45 -18.26 -2.30
N GLY A 162 -0.42 -17.72 -3.52
CA GLY A 162 -0.60 -18.53 -4.71
C GLY A 162 -2.06 -18.78 -5.03
N GLN A 163 -2.92 -17.89 -4.55
CA GLN A 163 -4.35 -18.03 -4.74
C GLN A 163 -4.96 -16.73 -5.25
N ALA A 164 -6.28 -16.63 -5.16
CA ALA A 164 -6.98 -15.41 -5.54
C ALA A 164 -6.96 -14.43 -4.38
N PRO A 165 -6.87 -13.13 -4.67
CA PRO A 165 -6.84 -12.11 -3.64
C PRO A 165 -8.24 -11.81 -3.09
N PRO A 166 -8.30 -11.35 -1.83
CA PRO A 166 -9.56 -10.90 -1.21
C PRO A 166 -10.17 -9.74 -1.98
N PRO A 167 -11.51 -9.56 -1.85
CA PRO A 167 -12.24 -8.52 -2.57
C PRO A 167 -11.70 -7.13 -2.29
N PHE A 168 -11.13 -6.51 -3.33
CA PHE A 168 -10.66 -5.14 -3.25
C PHE A 168 -11.84 -4.19 -3.23
N TRP A 169 -12.50 -4.14 -2.09
CA TRP A 169 -13.65 -3.29 -1.89
C TRP A 169 -14.05 -3.27 -0.43
N THR A 170 -14.27 -4.46 0.13
CA THR A 170 -14.71 -4.60 1.51
C THR A 170 -13.72 -3.94 2.48
N THR A 171 -12.45 -4.31 2.37
CA THR A 171 -11.40 -3.73 3.20
C THR A 171 -11.34 -2.21 2.98
N LEU A 172 -11.54 -1.79 1.73
CA LEU A 172 -11.47 -0.40 1.35
C LEU A 172 -12.60 0.39 2.01
N ALA A 173 -13.82 -0.07 1.81
CA ALA A 173 -15.01 0.61 2.33
C ALA A 173 -15.01 0.63 3.86
N GLN A 174 -14.61 -0.48 4.47
CA GLN A 174 -14.54 -0.57 5.91
C GLN A 174 -13.55 0.46 6.47
N ALA A 175 -12.37 0.51 5.88
CA ALA A 175 -11.36 1.47 6.30
C ALA A 175 -11.81 2.89 6.01
N GLU A 176 -12.42 3.09 4.85
CA GLU A 176 -12.98 4.38 4.49
C GLU A 176 -13.94 4.87 5.56
N GLN A 177 -14.89 4.02 5.91
CA GLN A 177 -15.88 4.32 6.94
C GLN A 177 -15.21 4.66 8.27
N ASP A 178 -14.31 3.80 8.72
CA ASP A 178 -13.68 3.97 10.02
C ASP A 178 -12.80 5.21 10.07
N TYR A 179 -12.07 5.47 9.00
CA TYR A 179 -11.17 6.62 8.96
C TYR A 179 -11.95 7.91 8.75
N GLU A 180 -13.08 7.82 8.07
CA GLU A 180 -13.96 8.96 7.88
C GLU A 180 -14.57 9.36 9.22
N GLN A 181 -14.63 8.40 10.12
CA GLN A 181 -15.15 8.62 11.46
C GLN A 181 -14.01 8.90 12.44
N ARG A 182 -13.27 7.84 12.78
CA ARG A 182 -12.13 7.91 13.72
C ARG A 182 -12.56 8.26 15.15
N LEU A 183 -13.79 8.74 15.31
CA LEU A 183 -14.35 9.07 16.62
C LEU A 183 -13.43 10.01 17.38
N LEU A 184 -13.39 11.26 16.95
CA LEU A 184 -12.48 12.22 17.55
C LEU A 184 -13.18 13.55 17.83
N GLU A 185 -12.69 14.24 18.85
CA GLU A 185 -13.14 15.56 19.20
C GLU A 185 -11.97 16.31 19.82
N HIS A 186 -11.25 17.05 19.01
CA HIS A 186 -10.00 17.65 19.43
C HIS A 186 -10.18 19.14 19.67
N HIS A 187 -9.65 19.62 20.80
CA HIS A 187 -9.70 21.04 21.13
C HIS A 187 -8.74 21.82 20.25
N HIS A 188 -9.31 22.63 19.36
CA HIS A 188 -8.51 23.49 18.51
C HIS A 188 -8.14 24.74 19.30
N HIS A 189 -6.87 24.85 19.67
CA HIS A 189 -6.45 25.91 20.59
C HIS A 189 -6.36 27.25 19.87
N HIS A 190 -5.41 27.35 18.93
CA HIS A 190 -5.19 28.58 18.15
C HIS A 190 -4.59 29.69 19.01
N HIS A 191 -3.53 30.30 18.49
CA HIS A 191 -2.93 31.45 19.14
C HIS A 191 -3.15 32.69 18.29
N MET A 1 12.09 -33.00 -2.63
CA MET A 1 12.52 -31.59 -2.80
C MET A 1 11.48 -30.64 -2.21
N THR A 2 10.25 -31.11 -2.06
CA THR A 2 9.20 -30.30 -1.48
C THR A 2 8.73 -30.93 -0.16
N SER A 3 8.98 -30.23 0.94
CA SER A 3 8.59 -30.73 2.25
C SER A 3 8.11 -29.60 3.15
N PRO A 4 6.78 -29.42 3.24
CA PRO A 4 6.19 -28.40 4.11
C PRO A 4 6.33 -28.75 5.59
N SER A 5 6.83 -27.81 6.37
CA SER A 5 7.01 -28.01 7.81
C SER A 5 7.33 -26.69 8.51
N SER A 6 8.10 -25.84 7.85
CA SER A 6 8.48 -24.57 8.43
C SER A 6 7.39 -23.51 8.21
N ALA A 7 6.37 -23.56 9.05
CA ALA A 7 5.27 -22.60 8.98
C ALA A 7 4.99 -22.03 10.36
N PHE A 8 5.76 -21.03 10.75
CA PHE A 8 5.60 -20.38 12.04
C PHE A 8 5.30 -18.90 11.85
N PRO A 9 4.04 -18.50 12.01
CA PRO A 9 3.62 -17.10 11.81
C PRO A 9 4.13 -16.18 12.91
N ASP A 10 5.00 -15.25 12.54
CA ASP A 10 5.49 -14.26 13.48
C ASP A 10 4.55 -13.08 13.54
N GLY A 11 3.86 -12.93 14.67
CA GLY A 11 2.93 -11.84 14.84
C GLY A 11 2.81 -11.41 16.28
N HIS A 12 2.03 -10.37 16.52
CA HIS A 12 1.81 -9.80 17.86
C HIS A 12 3.05 -9.06 18.35
N GLY A 13 2.82 -8.12 19.26
CA GLY A 13 3.90 -7.28 19.74
C GLY A 13 4.20 -6.15 18.78
N ALA A 14 5.27 -5.40 19.06
CA ALA A 14 5.72 -4.31 18.19
C ALA A 14 4.69 -3.19 18.09
N ARG A 15 3.67 -3.23 18.95
CA ARG A 15 2.63 -2.22 18.94
C ARG A 15 3.06 -1.02 19.79
N LEU A 16 3.76 -0.08 19.16
CA LEU A 16 4.22 1.11 19.84
C LEU A 16 3.84 2.36 19.05
N ASP A 17 3.04 3.21 19.68
CA ASP A 17 2.68 4.53 19.14
C ASP A 17 1.73 4.44 17.93
N ALA A 18 0.65 5.21 18.00
CA ALA A 18 -0.31 5.27 16.93
C ALA A 18 -0.57 6.72 16.50
N GLN A 19 0.38 7.26 15.75
CA GLN A 19 0.25 8.60 15.18
C GLN A 19 0.43 8.52 13.67
N SER A 20 1.39 7.70 13.26
CA SER A 20 1.59 7.38 11.86
C SER A 20 0.92 6.04 11.55
N ILE A 21 1.07 5.56 10.32
CA ILE A 21 0.41 4.34 9.90
C ILE A 21 1.36 3.15 9.97
N ARG A 22 0.94 2.14 10.72
CA ARG A 22 1.73 0.92 10.89
C ARG A 22 0.81 -0.30 10.93
N PHE A 23 1.04 -1.26 10.05
CA PHE A 23 0.39 -2.56 10.15
C PHE A 23 1.23 -3.66 9.50
N GLU A 24 1.37 -4.77 10.22
CA GLU A 24 2.16 -5.89 9.77
C GLU A 24 1.30 -6.88 8.98
N ARG A 25 1.87 -7.48 7.96
CA ARG A 25 1.20 -8.50 7.21
C ARG A 25 2.13 -9.70 7.05
N LEU A 26 1.55 -10.89 6.92
CA LEU A 26 2.34 -12.10 6.75
C LEU A 26 2.17 -12.61 5.31
N LEU A 27 3.30 -12.82 4.66
CA LEU A 27 3.32 -13.25 3.27
C LEU A 27 4.06 -14.59 3.14
N PRO A 28 3.81 -15.35 2.07
CA PRO A 28 4.53 -16.59 1.82
C PRO A 28 5.84 -16.37 1.04
N GLY A 29 6.81 -17.24 1.27
CA GLY A 29 8.09 -17.13 0.60
C GLY A 29 9.23 -16.97 1.59
N PRO A 30 10.49 -17.16 1.17
CA PRO A 30 11.64 -16.93 2.04
C PRO A 30 11.78 -15.45 2.42
N ILE A 31 11.86 -14.60 1.40
CA ILE A 31 11.84 -13.15 1.56
C ILE A 31 11.98 -12.49 0.20
N GLU A 32 12.77 -13.10 -0.67
CA GLU A 32 12.98 -12.58 -2.02
C GLU A 32 11.69 -12.68 -2.83
N ARG A 33 10.85 -13.63 -2.45
CA ARG A 33 9.60 -13.88 -3.15
C ARG A 33 8.71 -12.66 -3.11
N VAL A 34 8.47 -12.16 -1.90
CA VAL A 34 7.60 -11.02 -1.68
C VAL A 34 8.17 -9.77 -2.34
N TRP A 35 9.50 -9.66 -2.36
CA TRP A 35 10.17 -8.51 -2.93
C TRP A 35 9.89 -8.40 -4.43
N ALA A 36 9.81 -9.54 -5.10
CA ALA A 36 9.59 -9.59 -6.54
C ALA A 36 8.37 -8.76 -6.95
N TRP A 37 7.31 -8.91 -6.19
CA TRP A 37 6.07 -8.19 -6.44
C TRP A 37 6.23 -6.70 -6.19
N LEU A 38 7.16 -6.36 -5.32
CA LEU A 38 7.45 -4.98 -4.99
C LEU A 38 8.31 -4.33 -6.07
N ALA A 39 9.14 -5.15 -6.71
CA ALA A 39 10.09 -4.65 -7.69
C ALA A 39 9.58 -4.75 -9.15
N ASP A 40 9.10 -5.92 -9.53
CA ASP A 40 8.71 -6.17 -10.92
C ASP A 40 7.55 -5.29 -11.34
N ALA A 41 7.80 -4.40 -12.29
CA ALA A 41 6.79 -3.46 -12.76
C ALA A 41 5.73 -4.17 -13.59
N ASP A 42 6.06 -5.34 -14.12
CA ASP A 42 5.13 -6.08 -14.95
C ASP A 42 3.92 -6.51 -14.13
N LYS A 43 4.18 -7.17 -13.01
CA LYS A 43 3.10 -7.54 -12.12
C LYS A 43 2.63 -6.34 -11.31
N ARG A 44 3.56 -5.42 -11.04
CA ARG A 44 3.25 -4.25 -10.23
C ARG A 44 2.16 -3.42 -10.89
N ALA A 45 2.22 -3.34 -12.22
CA ALA A 45 1.27 -2.58 -13.01
C ALA A 45 -0.12 -3.18 -12.97
N ARG A 46 -0.25 -4.32 -12.31
CA ARG A 46 -1.52 -5.02 -12.25
C ARG A 46 -2.08 -5.00 -10.82
N TRP A 47 -1.21 -5.08 -9.82
CA TRP A 47 -1.68 -5.18 -8.45
C TRP A 47 -1.63 -3.82 -7.74
N LEU A 48 -0.87 -2.88 -8.29
CA LEU A 48 -0.78 -1.55 -7.70
C LEU A 48 -0.75 -0.49 -8.81
N ALA A 49 0.36 -0.47 -9.53
CA ALA A 49 0.61 0.53 -10.56
C ALA A 49 1.96 0.23 -11.23
N GLY A 50 2.09 0.62 -12.49
CA GLY A 50 3.30 0.31 -13.24
C GLY A 50 4.41 1.30 -12.96
N GLY A 51 5.49 0.80 -12.40
CA GLY A 51 6.64 1.65 -12.13
C GLY A 51 7.83 0.83 -11.69
N GLU A 52 8.77 0.64 -12.60
CA GLU A 52 9.98 -0.09 -12.30
C GLU A 52 10.98 0.82 -11.61
N LEU A 53 11.94 0.21 -10.92
CA LEU A 53 12.89 0.96 -10.13
C LEU A 53 14.02 1.52 -11.00
N PRO A 54 14.49 2.73 -10.69
CA PRO A 54 15.63 3.34 -11.35
C PRO A 54 16.95 2.73 -10.92
N ARG A 55 18.04 3.39 -11.26
CA ARG A 55 19.37 2.86 -10.95
C ARG A 55 19.84 3.29 -9.57
N GLN A 56 19.43 4.47 -9.14
CA GLN A 56 19.89 5.01 -7.87
C GLN A 56 18.77 5.19 -6.87
N PRO A 57 19.08 5.01 -5.59
CA PRO A 57 18.17 5.28 -4.50
C PRO A 57 18.14 6.77 -4.18
N GLY A 58 16.98 7.38 -4.34
CA GLY A 58 16.88 8.81 -4.18
C GLY A 58 16.60 9.51 -5.49
N GLN A 59 16.47 8.70 -6.54
CA GLN A 59 16.10 9.20 -7.85
C GLN A 59 14.58 9.24 -7.97
N THR A 60 14.08 10.09 -8.84
CA THR A 60 12.66 10.19 -9.09
C THR A 60 12.24 9.21 -10.18
N PHE A 61 11.13 8.52 -9.92
CA PHE A 61 10.55 7.63 -10.93
C PHE A 61 9.06 7.84 -10.97
N GLU A 62 8.47 7.52 -12.11
CA GLU A 62 7.06 7.74 -12.33
C GLU A 62 6.27 6.45 -12.15
N LEU A 63 5.12 6.58 -11.52
CA LEU A 63 4.21 5.47 -11.37
C LEU A 63 3.02 5.65 -12.29
N HIS A 64 2.71 4.61 -13.03
CA HIS A 64 1.57 4.61 -13.94
C HIS A 64 0.42 3.84 -13.32
N PHE A 65 -0.59 4.56 -12.84
CA PHE A 65 -1.70 3.92 -12.16
C PHE A 65 -2.55 3.09 -13.12
N ASN A 66 -2.75 1.83 -12.75
CA ASN A 66 -3.59 0.92 -13.51
C ASN A 66 -4.01 -0.24 -12.62
N HIS A 67 -5.31 -0.35 -12.38
CA HIS A 67 -5.84 -1.43 -11.58
C HIS A 67 -6.93 -2.18 -12.32
N ALA A 68 -7.15 -1.77 -13.56
CA ALA A 68 -8.21 -2.35 -14.38
C ALA A 68 -7.77 -3.67 -15.02
N ALA A 69 -6.71 -4.25 -14.48
CA ALA A 69 -6.21 -5.52 -14.96
C ALA A 69 -6.31 -6.59 -13.89
N LEU A 70 -6.84 -6.22 -12.72
CA LEU A 70 -6.92 -7.16 -11.61
C LEU A 70 -8.21 -6.97 -10.80
N THR A 71 -8.23 -5.96 -9.95
CA THR A 71 -9.37 -5.74 -9.07
C THR A 71 -9.66 -4.24 -8.99
N ALA A 72 -10.90 -3.90 -8.60
CA ALA A 72 -11.44 -2.54 -8.76
C ALA A 72 -11.51 -2.19 -10.24
N GLU A 73 -11.59 -3.24 -11.05
CA GLU A 73 -11.72 -3.09 -12.50
C GLU A 73 -13.03 -2.37 -12.82
N THR A 74 -14.01 -2.58 -11.95
CA THR A 74 -15.24 -1.83 -12.01
C THR A 74 -15.30 -0.87 -10.84
N ALA A 75 -15.60 0.38 -11.14
CA ALA A 75 -15.71 1.43 -10.14
C ALA A 75 -16.39 2.65 -10.75
N PRO A 76 -17.22 3.34 -9.98
CA PRO A 76 -17.87 4.56 -10.43
C PRO A 76 -16.92 5.74 -10.36
N ALA A 77 -17.36 6.89 -10.87
CA ALA A 77 -16.53 8.09 -10.85
C ALA A 77 -16.37 8.62 -9.43
N ARG A 78 -17.12 8.02 -8.52
CA ARG A 78 -16.96 8.25 -7.09
C ARG A 78 -15.53 7.92 -6.67
N TYR A 79 -14.92 6.99 -7.38
CA TYR A 79 -13.55 6.58 -7.10
C TYR A 79 -12.72 6.71 -8.35
N ALA A 80 -12.92 5.75 -9.26
CA ALA A 80 -12.15 5.65 -10.49
C ALA A 80 -10.67 5.50 -10.19
N GLN A 81 -9.98 6.65 -10.05
CA GLN A 81 -8.57 6.74 -9.66
C GLN A 81 -7.68 5.72 -10.38
N TYR A 82 -7.74 4.49 -9.92
CA TYR A 82 -6.88 3.42 -10.41
C TYR A 82 -7.31 2.97 -11.81
N ASP A 83 -8.50 3.40 -12.22
CA ASP A 83 -9.06 3.02 -13.51
C ASP A 83 -8.48 3.87 -14.63
N ARG A 84 -7.71 4.87 -14.26
CA ARG A 84 -7.12 5.77 -15.23
C ARG A 84 -5.61 5.78 -15.09
N PRO A 85 -4.88 5.87 -16.21
CA PRO A 85 -3.43 5.92 -16.19
C PRO A 85 -2.92 7.26 -15.71
N ILE A 86 -2.64 7.33 -14.43
CA ILE A 86 -2.09 8.54 -13.83
C ILE A 86 -0.60 8.38 -13.65
N VAL A 87 0.15 9.31 -14.20
CA VAL A 87 1.60 9.26 -14.11
C VAL A 87 2.12 10.34 -13.16
N ALA A 88 2.76 9.91 -12.10
CA ALA A 88 3.31 10.83 -11.11
C ALA A 88 4.72 10.43 -10.73
N ARG A 89 5.65 11.37 -10.79
CA ARG A 89 7.01 11.12 -10.39
C ARG A 89 7.23 11.47 -8.93
N HIS A 90 8.10 10.72 -8.30
CA HIS A 90 8.40 10.92 -6.89
C HIS A 90 9.73 10.26 -6.55
N THR A 91 10.34 10.72 -5.47
CA THR A 91 11.67 10.29 -5.09
C THR A 91 11.65 8.97 -4.31
N LEU A 92 12.64 8.11 -4.60
CA LEU A 92 12.89 6.93 -3.78
C LEU A 92 13.60 7.32 -2.50
N LEU A 93 13.42 6.54 -1.46
CA LEU A 93 14.09 6.79 -0.20
C LEU A 93 15.17 5.74 0.02
N ARG A 94 14.73 4.50 0.18
CA ARG A 94 15.64 3.38 0.38
C ARG A 94 15.24 2.20 -0.50
N CYS A 95 16.21 1.41 -0.91
CA CYS A 95 15.94 0.18 -1.65
C CYS A 95 17.12 -0.76 -1.53
N GLU A 96 17.01 -1.72 -0.62
CA GLU A 96 18.06 -2.70 -0.41
C GLU A 96 17.56 -4.09 -0.74
N PRO A 97 17.67 -4.49 -2.02
CA PRO A 97 17.10 -5.75 -2.51
C PRO A 97 17.92 -6.98 -2.12
N PRO A 98 17.23 -8.04 -1.67
CA PRO A 98 15.82 -8.00 -1.32
C PRO A 98 15.61 -7.98 0.19
N ARG A 99 15.29 -6.83 0.73
CA ARG A 99 15.09 -6.68 2.18
C ARG A 99 14.05 -5.60 2.46
N VAL A 100 14.47 -4.35 2.36
CA VAL A 100 13.61 -3.23 2.64
C VAL A 100 13.62 -2.22 1.51
N LEU A 101 12.51 -1.52 1.34
CA LEU A 101 12.43 -0.45 0.35
C LEU A 101 11.56 0.66 0.92
N ALA A 102 11.82 1.89 0.48
CA ALA A 102 11.08 3.03 0.98
C ALA A 102 10.92 4.08 -0.11
N LEU A 103 9.78 4.74 -0.10
CA LEU A 103 9.49 5.78 -1.07
C LEU A 103 8.75 6.92 -0.38
N THR A 104 8.56 8.01 -1.10
CA THR A 104 7.72 9.09 -0.63
C THR A 104 6.73 9.48 -1.71
N TRP A 105 5.57 9.97 -1.31
CA TRP A 105 4.58 10.42 -2.26
C TRP A 105 3.56 11.34 -1.60
N GLY A 106 2.78 12.03 -2.42
CA GLY A 106 1.81 12.98 -1.90
C GLY A 106 2.18 14.41 -2.21
N GLY A 107 3.44 14.60 -2.62
CA GLY A 107 3.94 15.93 -2.95
C GLY A 107 3.14 16.58 -4.06
N GLY A 108 2.37 17.59 -3.70
CA GLY A 108 1.58 18.31 -4.67
C GLY A 108 0.38 18.97 -4.02
N ALA A 109 -0.81 18.46 -4.30
CA ALA A 109 -2.03 19.00 -3.72
C ALA A 109 -2.55 18.07 -2.63
N GLY A 110 -1.68 17.20 -2.14
CA GLY A 110 -2.07 16.28 -1.10
C GLY A 110 -1.23 16.45 0.15
N GLU A 111 -1.11 17.71 0.60
CA GLU A 111 -0.31 18.05 1.78
C GLU A 111 1.17 17.76 1.52
N ALA A 112 1.99 17.72 2.56
CA ALA A 112 3.41 17.47 2.41
C ALA A 112 3.66 16.02 2.03
N PRO A 113 4.69 15.76 1.21
CA PRO A 113 5.04 14.41 0.78
C PRO A 113 5.32 13.47 1.96
N SER A 114 4.50 12.46 2.07
CA SER A 114 4.62 11.51 3.16
C SER A 114 5.49 10.35 2.72
N GLU A 115 6.07 9.63 3.68
CA GLU A 115 7.00 8.56 3.35
C GLU A 115 6.37 7.20 3.60
N VAL A 116 6.77 6.25 2.80
CA VAL A 116 6.25 4.89 2.86
C VAL A 116 7.39 3.90 2.97
N LEU A 117 7.44 3.21 4.09
CA LEU A 117 8.50 2.26 4.38
C LEU A 117 7.98 0.84 4.32
N PHE A 118 8.67 -0.01 3.56
CA PHE A 118 8.41 -1.43 3.60
C PHE A 118 9.62 -2.13 4.15
N GLU A 119 9.44 -2.85 5.26
CA GLU A 119 10.52 -3.58 5.87
C GLU A 119 10.15 -5.05 5.98
N LEU A 120 10.85 -5.89 5.23
CA LEU A 120 10.56 -7.31 5.22
C LEU A 120 11.48 -8.06 6.15
N SER A 121 10.95 -9.09 6.79
CA SER A 121 11.72 -9.97 7.62
C SER A 121 11.52 -11.40 7.14
N GLU A 122 12.49 -12.25 7.39
CA GLU A 122 12.53 -13.56 6.78
C GLU A 122 12.27 -14.65 7.79
N ALA A 123 11.36 -15.53 7.43
CA ALA A 123 11.06 -16.70 8.22
C ALA A 123 11.33 -17.95 7.41
N GLY A 124 10.95 -19.11 7.96
CA GLY A 124 11.19 -20.38 7.28
C GLY A 124 10.66 -20.40 5.85
N GLU A 125 9.34 -20.34 5.72
CA GLU A 125 8.72 -20.27 4.41
C GLU A 125 7.77 -19.09 4.33
N GLN A 126 7.97 -18.13 5.21
CA GLN A 126 7.10 -16.97 5.28
C GLN A 126 7.91 -15.68 5.38
N VAL A 127 7.23 -14.58 5.11
CA VAL A 127 7.83 -13.27 5.16
C VAL A 127 6.90 -12.32 5.91
N ARG A 128 7.36 -11.80 7.03
CA ARG A 128 6.57 -10.81 7.75
C ARG A 128 6.96 -9.41 7.29
N LEU A 129 5.94 -8.63 6.96
CA LEU A 129 6.13 -7.29 6.43
C LEU A 129 5.52 -6.26 7.37
N VAL A 130 6.31 -5.26 7.73
CA VAL A 130 5.79 -4.16 8.53
C VAL A 130 5.56 -2.94 7.65
N LEU A 131 4.31 -2.50 7.55
CA LEU A 131 3.99 -1.34 6.74
C LEU A 131 4.13 -0.09 7.59
N THR A 132 4.97 0.83 7.13
CA THR A 132 5.21 2.06 7.86
C THR A 132 4.93 3.26 6.97
N HIS A 133 4.03 4.12 7.39
CA HIS A 133 3.72 5.33 6.67
C HIS A 133 3.85 6.52 7.59
N THR A 134 4.87 7.30 7.32
CA THR A 134 5.24 8.41 8.16
C THR A 134 5.10 9.71 7.39
N ARG A 135 5.43 10.85 8.02
CA ARG A 135 5.30 12.17 7.40
C ARG A 135 3.83 12.52 7.20
N LEU A 136 2.99 11.92 8.02
CA LEU A 136 1.54 12.18 7.98
C LEU A 136 1.22 13.39 8.82
N ALA A 137 0.87 14.48 8.15
CA ALA A 137 0.65 15.76 8.81
C ALA A 137 -0.73 15.86 9.45
N ASP A 138 -1.68 15.05 8.99
CA ASP A 138 -3.03 15.11 9.53
C ASP A 138 -3.76 13.79 9.32
N ARG A 139 -4.70 13.51 10.22
CA ARG A 139 -5.49 12.29 10.18
C ARG A 139 -6.24 12.14 8.85
N ALA A 140 -6.61 13.27 8.24
CA ALA A 140 -7.28 13.24 6.96
C ALA A 140 -6.34 12.73 5.86
N ALA A 141 -5.05 13.03 6.01
CA ALA A 141 -4.07 12.54 5.06
C ALA A 141 -4.00 11.03 5.13
N MET A 142 -3.85 10.52 6.35
CA MET A 142 -3.87 9.08 6.60
C MET A 142 -5.11 8.46 5.97
N LEU A 143 -6.25 9.09 6.22
CA LEU A 143 -7.53 8.63 5.69
C LEU A 143 -7.62 8.78 4.17
N ASP A 144 -6.85 9.70 3.60
CA ASP A 144 -6.90 9.92 2.16
C ASP A 144 -6.11 8.85 1.43
N VAL A 145 -4.93 8.52 1.97
CA VAL A 145 -4.11 7.46 1.39
C VAL A 145 -4.63 6.09 1.81
N ALA A 146 -5.47 6.07 2.85
CA ALA A 146 -6.18 4.86 3.24
C ALA A 146 -6.98 4.31 2.07
N GLY A 147 -7.46 5.21 1.22
CA GLY A 147 -8.13 4.79 0.00
C GLY A 147 -7.13 4.24 -1.02
N GLY A 148 -6.59 3.07 -0.70
CA GLY A 148 -5.63 2.44 -1.59
C GLY A 148 -4.61 1.61 -0.83
N TRP A 149 -3.94 2.22 0.16
CA TRP A 149 -2.82 1.59 0.84
C TRP A 149 -3.17 0.28 1.52
N HIS A 150 -3.91 0.33 2.63
CA HIS A 150 -4.14 -0.85 3.48
C HIS A 150 -4.64 -2.05 2.67
N ALA A 151 -5.59 -1.80 1.79
CA ALA A 151 -6.21 -2.85 0.98
C ALA A 151 -5.18 -3.65 0.17
N HIS A 152 -4.08 -3.01 -0.23
CA HIS A 152 -3.10 -3.66 -1.08
C HIS A 152 -2.48 -4.86 -0.36
N LEU A 153 -2.56 -4.88 0.97
CA LEU A 153 -2.03 -5.98 1.76
C LEU A 153 -2.76 -7.29 1.41
N ALA A 154 -4.03 -7.17 1.08
CA ALA A 154 -4.82 -8.34 0.69
C ALA A 154 -4.44 -8.78 -0.71
N VAL A 155 -4.14 -7.81 -1.55
CA VAL A 155 -3.73 -8.06 -2.92
C VAL A 155 -2.39 -8.78 -2.94
N LEU A 156 -1.49 -8.34 -2.07
CA LEU A 156 -0.18 -8.97 -1.92
C LEU A 156 -0.34 -10.45 -1.60
N ALA A 157 -1.02 -10.74 -0.49
CA ALA A 157 -1.20 -12.11 -0.04
C ALA A 157 -1.84 -12.97 -1.12
N GLY A 158 -2.90 -12.46 -1.73
CA GLY A 158 -3.60 -13.19 -2.77
C GLY A 158 -2.71 -13.54 -3.95
N LYS A 159 -1.91 -12.58 -4.40
CA LYS A 159 -1.04 -12.79 -5.54
C LYS A 159 0.20 -13.58 -5.18
N LEU A 160 0.74 -13.34 -4.00
CA LEU A 160 1.91 -14.07 -3.53
C LEU A 160 1.58 -15.53 -3.29
N ALA A 161 0.33 -15.80 -2.95
CA ALA A 161 -0.15 -17.17 -2.79
C ALA A 161 -0.43 -17.80 -4.15
N GLY A 162 -0.42 -16.97 -5.20
CA GLY A 162 -0.62 -17.47 -6.54
C GLY A 162 -2.07 -17.81 -6.84
N GLN A 163 -2.99 -17.20 -6.09
CA GLN A 163 -4.40 -17.51 -6.25
C GLN A 163 -5.19 -16.28 -6.73
N ALA A 164 -6.51 -16.40 -6.70
CA ALA A 164 -7.40 -15.35 -7.15
C ALA A 164 -7.21 -14.06 -6.34
N PRO A 165 -7.40 -12.90 -6.99
CA PRO A 165 -7.26 -11.60 -6.33
C PRO A 165 -8.44 -11.30 -5.41
N PRO A 166 -8.21 -10.46 -4.39
CA PRO A 166 -9.26 -10.05 -3.46
C PRO A 166 -10.24 -9.06 -4.10
N PRO A 167 -11.47 -8.98 -3.56
CA PRO A 167 -12.49 -8.06 -4.05
C PRO A 167 -12.08 -6.59 -3.94
N PHE A 168 -11.08 -6.34 -3.08
CA PHE A 168 -10.52 -4.99 -2.86
C PHE A 168 -11.50 -4.07 -2.14
N TRP A 169 -12.67 -3.87 -2.74
CA TRP A 169 -13.70 -2.99 -2.20
C TRP A 169 -14.02 -3.34 -0.76
N THR A 170 -14.19 -4.62 -0.50
CA THR A 170 -14.54 -5.11 0.82
C THR A 170 -13.49 -4.68 1.85
N THR A 171 -12.23 -5.01 1.58
CA THR A 171 -11.14 -4.70 2.48
C THR A 171 -10.96 -3.19 2.60
N LEU A 172 -11.13 -2.51 1.47
CA LEU A 172 -10.99 -1.06 1.40
C LEU A 172 -12.00 -0.38 2.33
N ALA A 173 -13.28 -0.58 2.04
CA ALA A 173 -14.35 0.07 2.79
C ALA A 173 -14.34 -0.35 4.25
N GLN A 174 -14.04 -1.63 4.50
CA GLN A 174 -14.01 -2.17 5.84
C GLN A 174 -12.97 -1.46 6.70
N ALA A 175 -11.73 -1.41 6.23
CA ALA A 175 -10.67 -0.76 7.00
C ALA A 175 -10.84 0.75 6.99
N GLU A 176 -11.44 1.28 5.93
CA GLU A 176 -11.78 2.68 5.87
C GLU A 176 -12.73 3.01 7.02
N GLN A 177 -13.80 2.24 7.10
CA GLN A 177 -14.79 2.37 8.16
C GLN A 177 -14.14 2.16 9.53
N ASP A 178 -13.20 1.24 9.60
CA ASP A 178 -12.52 0.93 10.85
C ASP A 178 -11.76 2.14 11.40
N TYR A 179 -10.94 2.76 10.55
CA TYR A 179 -10.12 3.89 11.00
C TYR A 179 -10.95 5.17 11.11
N GLU A 180 -11.97 5.30 10.28
CA GLU A 180 -12.89 6.43 10.35
C GLU A 180 -13.72 6.34 11.63
N GLN A 181 -13.85 5.13 12.15
CA GLN A 181 -14.59 4.88 13.38
C GLN A 181 -13.68 5.03 14.59
N ARG A 182 -12.47 4.50 14.46
CA ARG A 182 -11.45 4.58 15.51
C ARG A 182 -11.25 6.03 15.95
N LEU A 183 -10.90 6.89 15.01
CA LEU A 183 -10.65 8.29 15.33
C LEU A 183 -11.68 9.19 14.65
N LEU A 184 -12.82 9.34 15.29
CA LEU A 184 -13.88 10.20 14.78
C LEU A 184 -13.81 11.59 15.40
N GLU A 185 -12.66 12.24 15.23
CA GLU A 185 -12.46 13.58 15.74
C GLU A 185 -13.10 14.58 14.77
N HIS A 186 -13.38 15.78 15.24
CA HIS A 186 -14.03 16.80 14.41
C HIS A 186 -13.15 17.14 13.22
N HIS A 187 -13.64 16.84 12.03
CA HIS A 187 -12.86 17.03 10.81
C HIS A 187 -12.78 18.51 10.42
N HIS A 188 -11.62 19.11 10.69
CA HIS A 188 -11.31 20.48 10.28
C HIS A 188 -12.14 21.52 11.04
N HIS A 189 -11.48 22.26 11.91
CA HIS A 189 -12.13 23.36 12.62
C HIS A 189 -11.98 24.66 11.83
N HIS A 190 -13.01 25.50 11.86
CA HIS A 190 -12.92 26.80 11.20
C HIS A 190 -13.03 27.92 12.22
N HIS A 191 -12.95 27.56 13.50
CA HIS A 191 -12.90 28.52 14.59
C HIS A 191 -11.85 28.07 15.58
N MET A 1 3.22 -14.64 -16.30
CA MET A 1 3.13 -13.19 -16.03
C MET A 1 2.35 -12.93 -14.76
N THR A 2 3.02 -12.35 -13.77
CA THR A 2 2.42 -12.11 -12.46
C THR A 2 2.07 -13.45 -11.78
N SER A 3 2.79 -14.50 -12.19
CA SER A 3 2.56 -15.84 -11.69
C SER A 3 2.95 -15.95 -10.22
N PRO A 4 2.02 -16.44 -9.39
CA PRO A 4 2.21 -16.52 -7.95
C PRO A 4 2.79 -17.85 -7.49
N SER A 5 2.66 -18.12 -6.20
CA SER A 5 3.07 -19.40 -5.62
C SER A 5 2.06 -19.80 -4.56
N SER A 6 1.20 -20.75 -4.90
CA SER A 6 0.07 -21.12 -4.06
C SER A 6 0.53 -21.61 -2.69
N ALA A 7 0.02 -20.96 -1.66
CA ALA A 7 0.27 -21.33 -0.29
C ALA A 7 -0.80 -20.70 0.60
N PHE A 8 -0.89 -21.15 1.84
CA PHE A 8 -1.87 -20.58 2.77
C PHE A 8 -1.19 -20.12 4.05
N PRO A 9 -0.66 -18.88 4.06
CA PRO A 9 -0.05 -18.29 5.21
C PRO A 9 -1.03 -17.50 6.06
N ASP A 10 -0.99 -17.69 7.36
CA ASP A 10 -1.87 -16.96 8.25
C ASP A 10 -1.08 -16.00 9.12
N GLY A 11 -1.36 -14.72 8.96
CA GLY A 11 -0.74 -13.68 9.74
C GLY A 11 -1.62 -12.46 9.80
N HIS A 12 -2.78 -12.61 10.42
CA HIS A 12 -3.80 -11.58 10.37
C HIS A 12 -3.85 -10.78 11.68
N GLY A 13 -2.72 -10.71 12.37
CA GLY A 13 -2.61 -9.89 13.56
C GLY A 13 -2.56 -8.41 13.23
N ALA A 14 -3.69 -7.86 12.82
CA ALA A 14 -3.76 -6.48 12.38
C ALA A 14 -3.73 -5.50 13.55
N ARG A 15 -2.59 -4.86 13.73
CA ARG A 15 -2.46 -3.80 14.71
C ARG A 15 -2.92 -2.48 14.11
N LEU A 16 -4.16 -2.11 14.37
CA LEU A 16 -4.73 -0.92 13.78
C LEU A 16 -4.62 0.28 14.71
N ASP A 17 -4.37 1.44 14.11
CA ASP A 17 -4.29 2.72 14.80
C ASP A 17 -3.12 2.78 15.78
N ALA A 18 -2.04 3.37 15.32
CA ALA A 18 -0.88 3.65 16.16
C ALA A 18 -0.52 5.12 16.03
N GLN A 19 0.65 5.49 16.53
CA GLN A 19 1.15 6.85 16.35
C GLN A 19 1.59 7.05 14.90
N SER A 20 2.00 5.97 14.27
CA SER A 20 2.31 5.94 12.86
C SER A 20 1.46 4.87 12.19
N ILE A 21 1.63 4.66 10.91
CA ILE A 21 0.96 3.57 10.23
C ILE A 21 1.92 2.42 10.09
N ARG A 22 1.55 1.29 10.66
CA ARG A 22 2.44 0.16 10.79
C ARG A 22 1.66 -1.15 10.82
N PHE A 23 1.71 -1.86 9.72
CA PHE A 23 0.98 -3.11 9.59
C PHE A 23 1.92 -4.25 9.21
N GLU A 24 1.77 -5.38 9.90
CA GLU A 24 2.64 -6.52 9.68
C GLU A 24 1.92 -7.59 8.86
N ARG A 25 2.60 -8.08 7.84
CA ARG A 25 2.06 -9.12 6.98
C ARG A 25 3.04 -10.29 6.91
N LEU A 26 2.57 -11.49 7.19
CA LEU A 26 3.42 -12.67 7.09
C LEU A 26 3.25 -13.28 5.70
N LEU A 27 4.36 -13.44 5.01
CA LEU A 27 4.35 -13.85 3.62
C LEU A 27 5.24 -15.08 3.40
N PRO A 28 5.04 -15.81 2.28
CA PRO A 28 5.80 -17.00 1.97
C PRO A 28 7.06 -16.72 1.15
N GLY A 29 8.14 -17.42 1.48
CA GLY A 29 9.40 -17.24 0.77
C GLY A 29 10.53 -16.92 1.71
N PRO A 30 11.79 -17.06 1.29
CA PRO A 30 12.94 -16.73 2.11
C PRO A 30 13.06 -15.22 2.37
N ILE A 31 12.95 -14.46 1.29
CA ILE A 31 13.05 -13.00 1.32
C ILE A 31 13.01 -12.49 -0.12
N GLU A 32 13.66 -13.25 -0.99
CA GLU A 32 13.75 -12.96 -2.40
C GLU A 32 12.37 -12.93 -3.07
N ARG A 33 11.55 -13.94 -2.75
CA ARG A 33 10.26 -14.10 -3.41
C ARG A 33 9.38 -12.87 -3.21
N VAL A 34 9.17 -12.49 -1.97
CA VAL A 34 8.31 -11.36 -1.64
C VAL A 34 8.83 -10.08 -2.28
N TRP A 35 10.15 -9.95 -2.37
CA TRP A 35 10.76 -8.76 -2.95
C TRP A 35 10.44 -8.65 -4.44
N ALA A 36 10.39 -9.80 -5.12
CA ALA A 36 10.11 -9.84 -6.55
C ALA A 36 8.86 -9.05 -6.90
N TRP A 37 7.82 -9.23 -6.10
CA TRP A 37 6.57 -8.55 -6.33
C TRP A 37 6.69 -7.05 -6.10
N LEU A 38 7.64 -6.66 -5.25
CA LEU A 38 7.87 -5.26 -4.97
C LEU A 38 8.66 -4.61 -6.11
N ALA A 39 9.53 -5.39 -6.73
CA ALA A 39 10.43 -4.87 -7.75
C ALA A 39 9.84 -5.00 -9.15
N ASP A 40 9.43 -6.20 -9.52
CA ASP A 40 8.95 -6.49 -10.88
C ASP A 40 7.72 -5.67 -11.23
N ALA A 41 7.86 -4.84 -12.25
CA ALA A 41 6.81 -3.93 -12.66
C ALA A 41 5.61 -4.69 -13.22
N ASP A 42 5.84 -5.91 -13.69
CA ASP A 42 4.79 -6.73 -14.28
C ASP A 42 3.75 -7.10 -13.22
N LYS A 43 4.18 -7.82 -12.21
CA LYS A 43 3.28 -8.27 -11.16
C LYS A 43 2.86 -7.11 -10.27
N ARG A 44 3.77 -6.16 -10.07
CA ARG A 44 3.50 -4.99 -9.24
C ARG A 44 2.34 -4.20 -9.83
N ALA A 45 2.12 -4.34 -11.13
CA ALA A 45 1.05 -3.66 -11.82
C ALA A 45 -0.30 -4.31 -11.53
N ARG A 46 -0.28 -5.55 -11.04
CA ARG A 46 -1.51 -6.28 -10.82
C ARG A 46 -1.78 -6.53 -9.34
N TRP A 47 -0.93 -6.01 -8.46
CA TRP A 47 -1.21 -6.07 -7.03
C TRP A 47 -1.08 -4.68 -6.40
N LEU A 48 -0.35 -3.78 -7.05
CA LEU A 48 -0.18 -2.43 -6.53
C LEU A 48 -0.69 -1.39 -7.52
N ALA A 49 0.06 -1.20 -8.61
CA ALA A 49 -0.27 -0.16 -9.58
C ALA A 49 0.58 -0.30 -10.83
N GLY A 50 1.81 -0.69 -10.64
CA GLY A 50 2.74 -0.82 -11.75
C GLY A 50 3.70 0.34 -11.83
N GLY A 51 4.98 0.04 -11.91
CA GLY A 51 5.99 1.07 -11.97
C GLY A 51 7.35 0.53 -11.58
N GLU A 52 8.39 1.05 -12.21
CA GLU A 52 9.74 0.61 -11.94
C GLU A 52 10.40 1.44 -10.85
N LEU A 53 11.69 1.26 -10.70
CA LEU A 53 12.47 2.00 -9.73
C LEU A 53 13.52 2.83 -10.47
N PRO A 54 13.91 3.98 -9.89
CA PRO A 54 14.91 4.86 -10.50
C PRO A 54 16.33 4.36 -10.23
N ARG A 55 17.31 5.11 -10.70
CA ARG A 55 18.71 4.68 -10.59
C ARG A 55 19.33 5.19 -9.30
N GLN A 56 18.90 6.36 -8.84
CA GLN A 56 19.43 6.94 -7.62
C GLN A 56 18.39 7.02 -6.52
N PRO A 57 18.86 6.84 -5.29
CA PRO A 57 18.06 7.10 -4.09
C PRO A 57 17.82 8.59 -3.94
N GLY A 58 16.57 9.02 -4.05
CA GLY A 58 16.27 10.44 -4.02
C GLY A 58 15.71 10.93 -5.33
N GLN A 59 15.71 10.05 -6.33
CA GLN A 59 15.12 10.38 -7.61
C GLN A 59 13.62 10.09 -7.60
N THR A 60 12.95 10.42 -8.69
CA THR A 60 11.54 10.14 -8.83
C THR A 60 11.30 8.94 -9.75
N PHE A 61 10.40 8.06 -9.36
CA PHE A 61 10.04 6.92 -10.19
C PHE A 61 8.62 7.08 -10.67
N GLU A 62 8.26 6.32 -11.69
CA GLU A 62 6.94 6.44 -12.30
C GLU A 62 6.03 5.32 -11.83
N LEU A 63 4.96 5.69 -11.14
CA LEU A 63 4.00 4.72 -10.63
C LEU A 63 2.62 5.08 -11.16
N HIS A 64 1.76 4.08 -11.33
CA HIS A 64 0.40 4.33 -11.77
C HIS A 64 -0.46 4.79 -10.61
N PHE A 65 -0.79 6.07 -10.58
CA PHE A 65 -1.53 6.65 -9.48
C PHE A 65 -3.02 6.68 -9.78
N ASN A 66 -3.74 5.78 -9.14
CA ASN A 66 -5.20 5.75 -9.21
C ASN A 66 -5.75 4.84 -8.13
N HIS A 67 -4.91 4.61 -7.12
CA HIS A 67 -5.16 3.64 -6.04
C HIS A 67 -4.94 2.20 -6.48
N ALA A 68 -5.33 1.83 -7.71
CA ALA A 68 -5.12 0.45 -8.17
C ALA A 68 -5.34 0.28 -9.67
N ALA A 69 -6.61 0.08 -10.06
CA ALA A 69 -6.99 -0.28 -11.43
C ALA A 69 -6.49 -1.66 -11.83
N LEU A 70 -5.91 -2.38 -10.87
CA LEU A 70 -5.42 -3.72 -11.12
C LEU A 70 -6.57 -4.71 -11.24
N THR A 71 -7.69 -4.37 -10.60
CA THR A 71 -8.88 -5.18 -10.64
C THR A 71 -10.09 -4.35 -10.25
N ALA A 72 -11.24 -4.68 -10.82
CA ALA A 72 -12.48 -4.01 -10.48
C ALA A 72 -13.66 -4.93 -10.70
N GLU A 73 -13.88 -5.82 -9.73
CA GLU A 73 -15.02 -6.73 -9.75
C GLU A 73 -16.32 -5.95 -9.83
N THR A 74 -16.38 -4.84 -9.12
CA THR A 74 -17.48 -3.90 -9.23
C THR A 74 -16.99 -2.49 -8.92
N ALA A 75 -17.16 -1.61 -9.87
CA ALA A 75 -16.73 -0.23 -9.74
C ALA A 75 -17.85 0.70 -10.20
N PRO A 76 -18.81 1.00 -9.30
CA PRO A 76 -19.96 1.84 -9.62
C PRO A 76 -19.59 3.33 -9.67
N ALA A 77 -19.22 3.79 -10.87
CA ALA A 77 -18.90 5.19 -11.15
C ALA A 77 -17.65 5.68 -10.40
N ARG A 78 -17.76 5.74 -9.08
CA ARG A 78 -16.73 6.33 -8.21
C ARG A 78 -15.37 5.68 -8.41
N TYR A 79 -15.36 4.39 -8.75
CA TYR A 79 -14.11 3.66 -8.87
C TYR A 79 -13.76 3.45 -10.32
N ALA A 80 -14.77 3.64 -11.17
CA ALA A 80 -14.62 3.38 -12.59
C ALA A 80 -13.88 4.53 -13.28
N GLN A 81 -14.01 5.72 -12.71
CA GLN A 81 -13.42 6.91 -13.29
C GLN A 81 -11.89 6.85 -13.31
N TYR A 82 -11.31 6.11 -12.37
CA TYR A 82 -9.87 5.92 -12.35
C TYR A 82 -9.49 4.46 -12.57
N ASP A 83 -10.30 3.76 -13.37
CA ASP A 83 -9.98 2.39 -13.79
C ASP A 83 -8.87 2.42 -14.85
N ARG A 84 -8.41 3.62 -15.14
CA ARG A 84 -7.34 3.82 -16.10
C ARG A 84 -6.02 4.10 -15.38
N PRO A 85 -4.90 3.58 -15.89
CA PRO A 85 -3.57 3.81 -15.32
C PRO A 85 -3.03 5.21 -15.62
N ILE A 86 -2.83 5.99 -14.57
CA ILE A 86 -2.23 7.33 -14.69
C ILE A 86 -0.80 7.28 -14.19
N VAL A 87 0.14 7.68 -15.04
CA VAL A 87 1.55 7.67 -14.65
C VAL A 87 1.89 8.93 -13.86
N ALA A 88 2.20 8.76 -12.58
CA ALA A 88 2.60 9.87 -11.74
C ALA A 88 3.92 9.55 -11.05
N ARG A 89 4.87 10.46 -11.16
CA ARG A 89 6.18 10.23 -10.58
C ARG A 89 6.20 10.62 -9.11
N HIS A 90 6.94 9.84 -8.33
CA HIS A 90 7.07 10.07 -6.89
C HIS A 90 8.51 9.82 -6.46
N THR A 91 8.95 10.54 -5.44
CA THR A 91 10.30 10.39 -4.94
C THR A 91 10.42 9.16 -4.05
N LEU A 92 11.54 8.45 -4.15
CA LEU A 92 11.80 7.33 -3.25
C LEU A 92 12.88 7.73 -2.25
N LEU A 93 13.06 6.92 -1.22
CA LEU A 93 14.05 7.18 -0.21
C LEU A 93 15.30 6.35 -0.50
N ARG A 94 15.23 5.08 -0.14
CA ARG A 94 16.29 4.12 -0.47
C ARG A 94 15.70 2.73 -0.74
N CYS A 95 16.54 1.84 -1.24
CA CYS A 95 16.10 0.48 -1.57
C CYS A 95 17.29 -0.47 -1.61
N GLU A 96 17.36 -1.34 -0.61
CA GLU A 96 18.43 -2.32 -0.50
C GLU A 96 17.90 -3.73 -0.77
N PRO A 97 17.92 -4.16 -2.03
CA PRO A 97 17.41 -5.47 -2.44
C PRO A 97 18.34 -6.61 -2.02
N PRO A 98 17.79 -7.71 -1.51
CA PRO A 98 16.38 -7.84 -1.18
C PRO A 98 16.11 -7.73 0.33
N ARG A 99 15.59 -6.59 0.78
CA ARG A 99 15.29 -6.41 2.18
C ARG A 99 14.31 -5.25 2.40
N VAL A 100 14.80 -4.04 2.17
CA VAL A 100 14.03 -2.84 2.50
C VAL A 100 13.97 -1.89 1.32
N LEU A 101 12.80 -1.31 1.09
CA LEU A 101 12.64 -0.28 0.09
C LEU A 101 11.75 0.82 0.67
N ALA A 102 12.00 2.06 0.26
CA ALA A 102 11.29 3.18 0.83
C ALA A 102 11.03 4.22 -0.23
N LEU A 103 9.87 4.83 -0.13
CA LEU A 103 9.41 5.79 -1.10
C LEU A 103 8.52 6.78 -0.39
N THR A 104 7.99 7.73 -1.12
CA THR A 104 7.15 8.74 -0.51
C THR A 104 5.73 8.66 -1.07
N TRP A 105 4.75 8.95 -0.22
CA TRP A 105 3.36 8.74 -0.55
C TRP A 105 2.52 9.94 -0.10
N GLY A 106 1.62 10.37 -0.96
CA GLY A 106 0.82 11.54 -0.64
C GLY A 106 1.39 12.79 -1.27
N GLY A 107 1.25 13.91 -0.59
CA GLY A 107 1.77 15.15 -1.12
C GLY A 107 0.67 16.08 -1.58
N GLY A 108 -0.57 15.62 -1.45
CA GLY A 108 -1.70 16.44 -1.81
C GLY A 108 -2.03 17.44 -0.73
N ALA A 109 -1.55 18.68 -0.91
CA ALA A 109 -1.76 19.77 0.04
C ALA A 109 -0.86 19.59 1.27
N GLY A 110 -0.95 20.54 2.19
CA GLY A 110 -0.10 20.50 3.37
C GLY A 110 1.34 20.83 3.05
N GLU A 111 2.26 20.23 3.79
CA GLU A 111 3.68 20.42 3.52
C GLU A 111 4.36 19.09 3.30
N ALA A 112 4.99 18.97 2.14
CA ALA A 112 5.72 17.76 1.74
C ALA A 112 4.83 16.52 1.65
N PRO A 113 5.22 15.56 0.81
CA PRO A 113 4.57 14.25 0.79
C PRO A 113 5.05 13.39 1.95
N SER A 114 4.19 12.49 2.40
CA SER A 114 4.57 11.55 3.44
C SER A 114 5.51 10.48 2.86
N GLU A 115 5.96 9.56 3.68
CA GLU A 115 6.93 8.57 3.25
C GLU A 115 6.47 7.17 3.65
N VAL A 116 6.81 6.18 2.85
CA VAL A 116 6.43 4.80 3.11
C VAL A 116 7.65 3.91 3.15
N LEU A 117 7.77 3.15 4.22
CA LEU A 117 8.85 2.21 4.41
C LEU A 117 8.34 0.79 4.27
N PHE A 118 8.94 0.05 3.35
CA PHE A 118 8.71 -1.38 3.29
C PHE A 118 9.92 -2.09 3.88
N GLU A 119 9.70 -2.83 4.94
CA GLU A 119 10.78 -3.50 5.63
C GLU A 119 10.47 -4.99 5.74
N LEU A 120 11.22 -5.80 5.01
CA LEU A 120 11.01 -7.24 5.01
C LEU A 120 12.05 -7.94 5.86
N SER A 121 11.59 -8.76 6.78
CA SER A 121 12.50 -9.59 7.57
C SER A 121 12.35 -11.04 7.15
N GLU A 122 13.44 -11.78 7.20
CA GLU A 122 13.41 -13.16 6.73
C GLU A 122 13.26 -14.10 7.91
N ALA A 123 12.36 -15.04 7.76
CA ALA A 123 12.12 -16.05 8.77
C ALA A 123 12.06 -17.44 8.14
N GLY A 124 13.19 -17.87 7.62
CA GLY A 124 13.28 -19.17 6.98
C GLY A 124 12.54 -19.19 5.66
N GLU A 125 11.37 -19.80 5.66
CA GLU A 125 10.53 -19.83 4.47
C GLU A 125 9.40 -18.82 4.60
N GLN A 126 9.55 -17.90 5.54
CA GLN A 126 8.58 -16.84 5.72
C GLN A 126 9.26 -15.48 5.62
N VAL A 127 8.43 -14.49 5.35
CA VAL A 127 8.89 -13.12 5.24
C VAL A 127 7.86 -12.21 5.89
N ARG A 128 8.24 -11.58 7.00
CA ARG A 128 7.35 -10.62 7.62
C ARG A 128 7.57 -9.25 7.00
N LEU A 129 6.49 -8.68 6.51
CA LEU A 129 6.52 -7.37 5.87
C LEU A 129 5.94 -6.34 6.82
N VAL A 130 6.71 -5.30 7.07
CA VAL A 130 6.25 -4.20 7.90
C VAL A 130 5.92 -2.99 7.04
N LEU A 131 4.65 -2.64 6.99
CA LEU A 131 4.22 -1.45 6.26
C LEU A 131 4.27 -0.24 7.17
N THR A 132 5.26 0.61 6.97
CA THR A 132 5.43 1.77 7.80
C THR A 132 5.18 3.06 7.00
N HIS A 133 4.15 3.79 7.37
CA HIS A 133 3.88 5.07 6.72
C HIS A 133 4.30 6.19 7.66
N THR A 134 5.36 6.88 7.29
CA THR A 134 5.93 7.94 8.08
C THR A 134 5.60 9.31 7.50
N ARG A 135 5.96 10.35 8.24
CA ARG A 135 5.78 11.74 7.80
C ARG A 135 4.29 12.06 7.59
N LEU A 136 3.45 11.42 8.41
CA LEU A 136 2.02 11.66 8.37
C LEU A 136 1.68 12.99 9.03
N ALA A 137 0.74 13.71 8.47
CA ALA A 137 0.37 15.01 8.99
C ALA A 137 -0.72 14.93 10.04
N ASP A 138 -1.67 14.02 9.85
CA ASP A 138 -2.84 13.95 10.71
C ASP A 138 -3.55 12.61 10.53
N ARG A 139 -4.52 12.31 11.40
CA ARG A 139 -5.33 11.11 11.26
C ARG A 139 -6.07 11.12 9.92
N ALA A 140 -6.31 12.32 9.40
CA ALA A 140 -6.90 12.48 8.07
C ALA A 140 -6.01 11.87 7.00
N ALA A 141 -4.70 11.91 7.22
CA ALA A 141 -3.76 11.32 6.28
C ALA A 141 -3.92 9.81 6.28
N MET A 142 -3.87 9.22 7.48
CA MET A 142 -4.16 7.80 7.64
C MET A 142 -5.48 7.44 6.96
N LEU A 143 -6.49 8.27 7.19
CA LEU A 143 -7.80 8.07 6.58
C LEU A 143 -7.74 8.20 5.06
N ASP A 144 -6.84 9.05 4.56
CA ASP A 144 -6.74 9.27 3.13
C ASP A 144 -6.22 8.03 2.43
N VAL A 145 -5.14 7.49 2.95
CA VAL A 145 -4.55 6.30 2.36
C VAL A 145 -5.32 5.05 2.76
N ALA A 146 -6.13 5.15 3.80
CA ALA A 146 -7.01 4.06 4.20
C ALA A 146 -7.89 3.64 3.02
N GLY A 147 -8.54 4.63 2.41
CA GLY A 147 -9.40 4.37 1.28
C GLY A 147 -8.61 4.13 0.00
N GLY A 148 -7.94 2.98 -0.07
CA GLY A 148 -7.22 2.63 -1.27
C GLY A 148 -5.91 1.94 -0.99
N TRP A 149 -5.03 2.64 -0.27
CA TRP A 149 -3.69 2.14 -0.01
C TRP A 149 -3.72 0.97 0.97
N HIS A 150 -4.51 1.10 2.03
CA HIS A 150 -4.64 0.05 3.05
C HIS A 150 -4.95 -1.30 2.38
N ALA A 151 -5.92 -1.27 1.49
CA ALA A 151 -6.41 -2.47 0.82
C ALA A 151 -5.30 -3.23 0.10
N HIS A 152 -4.25 -2.54 -0.34
CA HIS A 152 -3.21 -3.18 -1.14
C HIS A 152 -2.53 -4.29 -0.34
N LEU A 153 -2.63 -4.23 0.99
CA LEU A 153 -2.02 -5.23 1.85
C LEU A 153 -2.65 -6.59 1.66
N ALA A 154 -3.95 -6.59 1.34
CA ALA A 154 -4.68 -7.82 1.12
C ALA A 154 -4.44 -8.34 -0.29
N VAL A 155 -4.12 -7.43 -1.20
CA VAL A 155 -3.98 -7.77 -2.61
C VAL A 155 -2.65 -8.45 -2.85
N LEU A 156 -1.60 -7.88 -2.27
CA LEU A 156 -0.27 -8.45 -2.43
C LEU A 156 -0.19 -9.81 -1.75
N ALA A 157 -0.82 -9.89 -0.59
CA ALA A 157 -0.89 -11.14 0.16
C ALA A 157 -1.61 -12.21 -0.64
N GLY A 158 -2.76 -11.84 -1.20
CA GLY A 158 -3.51 -12.76 -2.03
C GLY A 158 -2.72 -13.22 -3.24
N LYS A 159 -1.96 -12.31 -3.82
CA LYS A 159 -1.10 -12.65 -4.96
C LYS A 159 0.04 -13.54 -4.53
N LEU A 160 0.74 -13.15 -3.47
CA LEU A 160 1.88 -13.90 -2.97
C LEU A 160 1.50 -15.32 -2.54
N ALA A 161 0.29 -15.47 -2.04
CA ALA A 161 -0.19 -16.76 -1.59
C ALA A 161 -0.84 -17.54 -2.74
N GLY A 162 -0.93 -16.90 -3.90
CA GLY A 162 -1.55 -17.53 -5.05
C GLY A 162 -3.01 -17.90 -4.80
N GLN A 163 -3.72 -17.00 -4.15
CA GLN A 163 -5.11 -17.24 -3.80
C GLN A 163 -6.04 -16.47 -4.73
N ALA A 164 -7.34 -16.63 -4.52
CA ALA A 164 -8.34 -15.90 -5.28
C ALA A 164 -8.31 -14.42 -4.90
N PRO A 165 -8.76 -13.53 -5.80
CA PRO A 165 -8.75 -12.09 -5.52
C PRO A 165 -9.58 -11.73 -4.28
N PRO A 166 -9.21 -10.64 -3.60
CA PRO A 166 -9.90 -10.19 -2.40
C PRO A 166 -11.05 -9.24 -2.71
N PRO A 167 -11.92 -8.96 -1.73
CA PRO A 167 -13.00 -7.98 -1.87
C PRO A 167 -12.44 -6.58 -2.02
N PHE A 168 -12.08 -6.24 -3.23
CA PHE A 168 -11.49 -4.96 -3.51
C PHE A 168 -12.59 -3.93 -3.70
N TRP A 169 -12.24 -2.69 -3.41
CA TRP A 169 -13.14 -1.54 -3.42
C TRP A 169 -14.02 -1.57 -2.17
N THR A 170 -14.52 -2.76 -1.85
CA THR A 170 -15.16 -3.01 -0.58
C THR A 170 -14.15 -2.77 0.54
N THR A 171 -12.90 -3.14 0.29
CA THR A 171 -11.82 -2.90 1.23
C THR A 171 -11.63 -1.40 1.48
N LEU A 172 -11.80 -0.61 0.43
CA LEU A 172 -11.73 0.85 0.56
C LEU A 172 -12.81 1.33 1.49
N ALA A 173 -14.05 0.93 1.21
CA ALA A 173 -15.19 1.30 2.03
C ALA A 173 -14.97 0.88 3.48
N GLN A 174 -14.56 -0.36 3.68
CA GLN A 174 -14.31 -0.89 5.01
C GLN A 174 -13.26 -0.06 5.75
N ALA A 175 -12.10 0.13 5.13
CA ALA A 175 -11.02 0.89 5.75
C ALA A 175 -11.44 2.33 5.99
N GLU A 176 -12.11 2.91 5.00
CA GLU A 176 -12.63 4.26 5.11
C GLU A 176 -13.56 4.36 6.32
N GLN A 177 -14.51 3.43 6.38
CA GLN A 177 -15.48 3.37 7.46
C GLN A 177 -14.81 3.08 8.80
N ASP A 178 -13.80 2.24 8.78
CA ASP A 178 -13.09 1.85 10.01
C ASP A 178 -12.37 3.03 10.63
N TYR A 179 -11.61 3.74 9.82
CA TYR A 179 -10.84 4.88 10.31
C TYR A 179 -11.75 6.08 10.59
N GLU A 180 -12.90 6.13 9.94
CA GLU A 180 -13.91 7.13 10.26
C GLU A 180 -14.59 6.78 11.60
N GLN A 181 -14.67 5.48 11.86
CA GLN A 181 -15.26 4.97 13.10
C GLN A 181 -14.30 5.17 14.27
N ARG A 182 -13.03 5.32 13.91
CA ARG A 182 -11.98 5.61 14.88
C ARG A 182 -12.33 6.88 15.68
N LEU A 183 -13.12 7.76 15.03
CA LEU A 183 -13.63 8.99 15.65
C LEU A 183 -12.57 10.07 15.72
N LEU A 184 -12.97 11.27 15.31
CA LEU A 184 -12.13 12.45 15.41
C LEU A 184 -12.87 13.51 16.22
N GLU A 185 -12.22 14.63 16.50
CA GLU A 185 -12.86 15.68 17.29
C GLU A 185 -13.99 16.33 16.49
N HIS A 186 -15.20 16.24 17.03
CA HIS A 186 -16.35 16.88 16.42
C HIS A 186 -16.58 18.23 17.06
N HIS A 187 -17.40 19.05 16.43
CA HIS A 187 -17.68 20.38 16.94
C HIS A 187 -19.12 20.77 16.63
N HIS A 188 -19.69 21.65 17.43
CA HIS A 188 -21.07 22.06 17.27
C HIS A 188 -21.16 23.56 17.01
N HIS A 189 -22.36 24.05 16.75
CA HIS A 189 -22.57 25.46 16.47
C HIS A 189 -23.00 26.20 17.74
N HIS A 190 -23.13 27.51 17.61
CA HIS A 190 -23.59 28.37 18.69
C HIS A 190 -24.43 29.50 18.09
N HIS A 191 -24.73 30.52 18.89
CA HIS A 191 -25.43 31.68 18.37
C HIS A 191 -24.50 32.88 18.35
N MET A 1 -3.64 -7.43 -21.37
CA MET A 1 -2.84 -7.90 -20.22
C MET A 1 -3.68 -8.83 -19.36
N THR A 2 -3.09 -9.40 -18.32
CA THR A 2 -3.82 -10.26 -17.39
C THR A 2 -5.01 -9.49 -16.81
N SER A 3 -6.21 -9.96 -17.11
CA SER A 3 -7.43 -9.27 -16.73
C SER A 3 -7.99 -9.83 -15.43
N PRO A 4 -8.92 -9.10 -14.77
CA PRO A 4 -9.54 -9.55 -13.52
C PRO A 4 -10.13 -10.95 -13.62
N SER A 5 -9.97 -11.73 -12.56
CA SER A 5 -10.40 -13.11 -12.54
C SER A 5 -11.46 -13.32 -11.47
N SER A 6 -11.92 -14.55 -11.31
CA SER A 6 -12.91 -14.88 -10.30
C SER A 6 -12.27 -14.82 -8.91
N ALA A 7 -12.80 -13.98 -8.04
CA ALA A 7 -12.19 -13.76 -6.73
C ALA A 7 -13.20 -13.98 -5.60
N PHE A 8 -12.76 -14.70 -4.57
CA PHE A 8 -13.57 -14.90 -3.38
C PHE A 8 -13.07 -13.99 -2.27
N PRO A 9 -13.90 -13.03 -1.86
CA PRO A 9 -13.49 -11.97 -0.93
C PRO A 9 -13.40 -12.38 0.54
N ASP A 10 -12.22 -12.19 1.09
CA ASP A 10 -12.03 -12.18 2.54
C ASP A 10 -11.50 -10.81 2.94
N GLY A 11 -12.38 -9.99 3.50
CA GLY A 11 -12.09 -8.57 3.63
C GLY A 11 -11.54 -8.17 4.98
N HIS A 12 -11.76 -8.99 6.01
CA HIS A 12 -11.35 -8.61 7.36
C HIS A 12 -9.84 -8.50 7.48
N GLY A 13 -9.35 -7.28 7.37
CA GLY A 13 -7.93 -7.01 7.50
C GLY A 13 -7.67 -5.59 7.97
N ALA A 14 -8.02 -5.32 9.23
CA ALA A 14 -7.88 -3.99 9.79
C ALA A 14 -7.31 -4.06 11.20
N ARG A 15 -6.87 -2.93 11.72
CA ARG A 15 -6.30 -2.87 13.05
C ARG A 15 -6.51 -1.48 13.66
N LEU A 16 -7.07 -1.45 14.86
CA LEU A 16 -7.35 -0.18 15.52
C LEU A 16 -6.18 0.23 16.41
N ASP A 17 -5.22 0.91 15.78
CA ASP A 17 -4.05 1.46 16.48
C ASP A 17 -3.35 2.44 15.57
N ALA A 18 -4.15 3.13 14.76
CA ALA A 18 -3.64 3.96 13.70
C ALA A 18 -3.15 5.32 14.19
N GLN A 19 -1.88 5.39 14.52
CA GLN A 19 -1.21 6.65 14.78
C GLN A 19 -0.21 6.89 13.67
N SER A 20 0.43 5.80 13.27
CA SER A 20 1.14 5.73 12.01
C SER A 20 0.66 4.45 11.33
N ILE A 21 1.03 4.21 10.10
CA ILE A 21 0.59 2.99 9.43
C ILE A 21 1.70 1.97 9.43
N ARG A 22 1.43 0.86 10.08
CA ARG A 22 2.39 -0.23 10.18
C ARG A 22 1.67 -1.54 10.05
N PHE A 23 2.30 -2.49 9.38
CA PHE A 23 1.69 -3.79 9.16
C PHE A 23 2.78 -4.86 9.12
N GLU A 24 2.79 -5.69 10.15
CA GLU A 24 3.76 -6.78 10.24
C GLU A 24 3.08 -8.11 9.98
N ARG A 25 3.42 -8.74 8.87
CA ARG A 25 2.84 -10.03 8.53
C ARG A 25 3.92 -10.99 8.07
N LEU A 26 3.67 -12.28 8.26
CA LEU A 26 4.57 -13.32 7.80
C LEU A 26 4.15 -13.73 6.39
N LEU A 27 5.10 -13.75 5.47
CA LEU A 27 4.82 -14.06 4.08
C LEU A 27 5.57 -15.32 3.64
N PRO A 28 5.04 -16.03 2.63
CA PRO A 28 5.62 -17.27 2.12
C PRO A 28 6.81 -17.01 1.20
N GLY A 29 7.87 -17.77 1.40
CA GLY A 29 9.08 -17.59 0.62
C GLY A 29 10.18 -16.95 1.45
N PRO A 30 11.45 -17.22 1.12
CA PRO A 30 12.60 -16.74 1.90
C PRO A 30 12.58 -15.22 2.09
N ILE A 31 12.45 -14.50 0.98
CA ILE A 31 12.45 -13.04 0.98
C ILE A 31 12.40 -12.54 -0.46
N GLU A 32 13.07 -13.26 -1.36
CA GLU A 32 13.15 -12.88 -2.76
C GLU A 32 11.80 -13.01 -3.45
N ARG A 33 11.10 -14.11 -3.18
CA ARG A 33 9.78 -14.35 -3.77
C ARG A 33 8.82 -13.21 -3.46
N VAL A 34 8.84 -12.77 -2.21
CA VAL A 34 7.99 -11.70 -1.74
C VAL A 34 8.41 -10.36 -2.33
N TRP A 35 9.71 -10.19 -2.51
CA TRP A 35 10.25 -8.96 -3.08
C TRP A 35 9.84 -8.82 -4.54
N ALA A 36 9.91 -9.93 -5.28
CA ALA A 36 9.60 -9.94 -6.71
C ALA A 36 8.32 -9.21 -7.02
N TRP A 37 7.28 -9.50 -6.27
CA TRP A 37 5.99 -8.95 -6.60
C TRP A 37 5.94 -7.48 -6.22
N LEU A 38 6.81 -7.10 -5.29
CA LEU A 38 6.97 -5.70 -4.90
C LEU A 38 7.65 -4.93 -6.03
N ALA A 39 8.61 -5.57 -6.70
CA ALA A 39 9.42 -4.88 -7.70
C ALA A 39 8.80 -4.91 -9.09
N ASP A 40 8.47 -6.11 -9.58
CA ASP A 40 7.96 -6.25 -10.95
C ASP A 40 6.75 -5.36 -11.22
N ALA A 41 6.89 -4.48 -12.22
CA ALA A 41 5.85 -3.50 -12.52
C ALA A 41 4.68 -4.14 -13.25
N ASP A 42 4.91 -5.28 -13.87
CA ASP A 42 3.86 -5.96 -14.62
C ASP A 42 2.89 -6.60 -13.64
N LYS A 43 3.45 -7.29 -12.66
CA LYS A 43 2.65 -7.95 -11.64
C LYS A 43 2.05 -6.95 -10.66
N ARG A 44 2.83 -5.92 -10.30
CA ARG A 44 2.35 -4.94 -9.32
C ARG A 44 1.16 -4.17 -9.88
N ALA A 45 1.04 -4.12 -11.19
CA ALA A 45 -0.09 -3.47 -11.83
C ALA A 45 -1.40 -4.17 -11.49
N ARG A 46 -1.28 -5.42 -11.05
CA ARG A 46 -2.44 -6.24 -10.75
C ARG A 46 -2.50 -6.56 -9.25
N TRP A 47 -1.95 -5.67 -8.44
CA TRP A 47 -2.17 -5.71 -6.99
C TRP A 47 -2.00 -4.31 -6.39
N LEU A 48 -1.46 -3.40 -7.19
CA LEU A 48 -1.21 -2.03 -6.75
C LEU A 48 -1.40 -1.05 -7.91
N ALA A 49 -0.38 -0.97 -8.77
CA ALA A 49 -0.36 -0.03 -9.87
C ALA A 49 0.83 -0.32 -10.77
N GLY A 50 0.92 0.37 -11.88
CA GLY A 50 1.97 0.09 -12.84
C GLY A 50 3.06 1.14 -12.81
N GLY A 51 4.30 0.70 -12.87
CA GLY A 51 5.41 1.63 -12.85
C GLY A 51 6.65 0.99 -12.28
N GLU A 52 7.74 1.05 -13.04
CA GLU A 52 9.01 0.46 -12.62
C GLU A 52 9.76 1.41 -11.70
N LEU A 53 10.71 0.86 -10.97
CA LEU A 53 11.49 1.63 -10.04
C LEU A 53 12.70 2.25 -10.74
N PRO A 54 13.09 3.45 -10.33
CA PRO A 54 14.30 4.11 -10.82
C PRO A 54 15.57 3.36 -10.41
N ARG A 55 16.71 3.96 -10.67
CA ARG A 55 17.98 3.32 -10.39
C ARG A 55 18.62 3.85 -9.11
N GLN A 56 18.23 5.05 -8.71
CA GLN A 56 18.77 5.63 -7.51
C GLN A 56 17.73 5.82 -6.41
N PRO A 57 18.16 5.60 -5.17
CA PRO A 57 17.37 5.95 -4.00
C PRO A 57 17.38 7.46 -3.80
N GLY A 58 16.27 8.09 -4.14
CA GLY A 58 16.20 9.53 -4.08
C GLY A 58 15.74 10.12 -5.39
N GLN A 59 15.52 9.25 -6.38
CA GLN A 59 14.95 9.66 -7.64
C GLN A 59 13.43 9.56 -7.59
N THR A 60 12.76 10.38 -8.37
CA THR A 60 11.31 10.34 -8.46
C THR A 60 10.89 9.47 -9.62
N PHE A 61 9.83 8.70 -9.44
CA PHE A 61 9.28 7.93 -10.55
C PHE A 61 7.79 8.16 -10.66
N GLU A 62 7.29 7.92 -11.85
CA GLU A 62 5.89 8.16 -12.14
C GLU A 62 5.12 6.85 -12.11
N LEU A 63 4.19 6.76 -11.18
CA LEU A 63 3.39 5.57 -11.01
C LEU A 63 2.06 5.74 -11.74
N HIS A 64 1.55 4.66 -12.30
CA HIS A 64 0.30 4.70 -13.03
C HIS A 64 -0.75 3.82 -12.36
N PHE A 65 -1.70 4.46 -11.71
CA PHE A 65 -2.82 3.77 -11.10
C PHE A 65 -3.81 3.39 -12.21
N ASN A 66 -4.16 2.12 -12.30
CA ASN A 66 -4.92 1.64 -13.44
C ASN A 66 -6.35 1.30 -13.06
N HIS A 67 -7.21 1.16 -14.07
CA HIS A 67 -8.65 0.97 -13.87
C HIS A 67 -8.98 -0.42 -13.30
N ALA A 68 -7.97 -1.26 -13.16
CA ALA A 68 -8.18 -2.59 -12.61
C ALA A 68 -7.59 -2.69 -11.22
N ALA A 69 -6.27 -2.88 -11.15
CA ALA A 69 -5.55 -3.10 -9.90
C ALA A 69 -6.03 -4.37 -9.21
N LEU A 70 -7.22 -4.31 -8.64
CA LEU A 70 -7.87 -5.48 -8.07
C LEU A 70 -9.37 -5.39 -8.33
N THR A 71 -9.67 -4.92 -9.54
CA THR A 71 -11.01 -4.91 -10.15
C THR A 71 -11.99 -3.92 -9.48
N ALA A 72 -12.78 -3.29 -10.34
CA ALA A 72 -13.92 -2.48 -9.93
C ALA A 72 -15.13 -2.89 -10.75
N GLU A 73 -15.89 -3.83 -10.21
CA GLU A 73 -17.01 -4.44 -10.94
C GLU A 73 -18.07 -3.41 -11.28
N THR A 74 -18.53 -2.68 -10.28
CA THR A 74 -19.46 -1.60 -10.49
C THR A 74 -18.93 -0.33 -9.87
N ALA A 75 -18.83 0.71 -10.67
CA ALA A 75 -18.25 1.97 -10.21
C ALA A 75 -19.15 3.13 -10.60
N PRO A 76 -20.14 3.45 -9.76
CA PRO A 76 -21.11 4.51 -10.03
C PRO A 76 -20.50 5.91 -9.94
N ALA A 77 -19.60 6.21 -10.89
CA ALA A 77 -18.94 7.52 -11.00
C ALA A 77 -17.96 7.78 -9.85
N ARG A 78 -18.46 7.65 -8.64
CA ARG A 78 -17.69 7.94 -7.42
C ARG A 78 -16.42 7.11 -7.35
N TYR A 79 -16.46 5.90 -7.91
CA TYR A 79 -15.32 5.00 -7.84
C TYR A 79 -14.69 4.84 -9.21
N ALA A 80 -15.27 5.53 -10.17
CA ALA A 80 -14.74 5.55 -11.52
C ALA A 80 -13.66 6.61 -11.66
N GLN A 81 -13.18 7.11 -10.52
CA GLN A 81 -12.11 8.11 -10.52
C GLN A 81 -10.76 7.45 -10.79
N TYR A 82 -10.65 6.17 -10.43
CA TYR A 82 -9.45 5.41 -10.73
C TYR A 82 -9.69 4.51 -11.95
N ASP A 83 -10.73 4.84 -12.70
CA ASP A 83 -11.08 4.13 -13.91
C ASP A 83 -10.20 4.57 -15.07
N ARG A 84 -9.35 5.53 -14.77
CA ARG A 84 -8.43 6.10 -15.75
C ARG A 84 -7.02 6.04 -15.20
N PRO A 85 -6.01 5.87 -16.07
CA PRO A 85 -4.60 5.79 -15.64
C PRO A 85 -4.13 7.05 -14.94
N ILE A 86 -4.10 7.01 -13.62
CA ILE A 86 -3.68 8.14 -12.81
C ILE A 86 -2.18 8.12 -12.63
N VAL A 87 -1.51 9.13 -13.16
CA VAL A 87 -0.07 9.25 -13.02
C VAL A 87 0.27 10.05 -11.76
N ALA A 88 1.18 9.52 -10.96
CA ALA A 88 1.61 10.18 -9.75
C ALA A 88 3.10 9.92 -9.52
N ARG A 89 3.90 10.98 -9.57
CA ARG A 89 5.32 10.84 -9.33
C ARG A 89 5.62 11.02 -7.85
N HIS A 90 6.67 10.38 -7.37
CA HIS A 90 7.09 10.53 -5.98
C HIS A 90 8.50 9.97 -5.82
N THR A 91 9.16 10.40 -4.75
CA THR A 91 10.56 10.07 -4.52
C THR A 91 10.74 8.72 -3.84
N LEU A 92 11.85 8.06 -4.15
CA LEU A 92 12.27 6.89 -3.38
C LEU A 92 13.18 7.34 -2.25
N LEU A 93 13.27 6.53 -1.20
CA LEU A 93 14.12 6.83 -0.07
C LEU A 93 15.29 5.86 -0.04
N ARG A 94 14.95 4.58 0.05
CA ARG A 94 15.95 3.52 0.08
C ARG A 94 15.47 2.36 -0.79
N CYS A 95 16.32 1.89 -1.70
CA CYS A 95 15.97 0.75 -2.53
C CYS A 95 17.18 -0.16 -2.71
N GLU A 96 17.29 -1.15 -1.82
CA GLU A 96 18.43 -2.07 -1.84
C GLU A 96 17.94 -3.51 -1.94
N PRO A 97 17.73 -4.00 -3.17
CA PRO A 97 17.18 -5.33 -3.43
C PRO A 97 18.18 -6.46 -3.21
N PRO A 98 17.72 -7.59 -2.66
CA PRO A 98 16.39 -7.75 -2.11
C PRO A 98 16.39 -7.69 -0.58
N ARG A 99 15.92 -6.57 -0.04
CA ARG A 99 15.92 -6.39 1.42
C ARG A 99 14.90 -5.34 1.84
N VAL A 100 15.19 -4.08 1.55
CA VAL A 100 14.36 -2.98 2.00
C VAL A 100 14.08 -2.01 0.85
N LEU A 101 12.83 -1.59 0.72
CA LEU A 101 12.47 -0.57 -0.24
C LEU A 101 11.63 0.49 0.45
N ALA A 102 11.91 1.74 0.17
CA ALA A 102 11.26 2.84 0.83
C ALA A 102 10.93 3.94 -0.15
N LEU A 103 9.73 4.47 -0.03
CA LEU A 103 9.28 5.56 -0.89
C LEU A 103 8.54 6.58 -0.06
N THR A 104 8.32 7.76 -0.60
CA THR A 104 7.45 8.72 0.06
C THR A 104 6.05 8.59 -0.50
N TRP A 105 5.07 8.77 0.37
CA TRP A 105 3.68 8.50 0.04
C TRP A 105 2.78 9.50 0.76
N GLY A 106 2.42 10.55 0.05
CA GLY A 106 1.60 11.60 0.61
C GLY A 106 1.84 12.92 -0.10
N GLY A 107 1.56 14.01 0.57
CA GLY A 107 1.77 15.32 -0.02
C GLY A 107 0.49 16.09 -0.20
N GLY A 108 -0.63 15.42 0.04
CA GLY A 108 -1.92 16.08 -0.03
C GLY A 108 -2.11 17.08 1.10
N ALA A 109 -3.15 17.90 0.99
CA ALA A 109 -3.40 18.97 1.94
C ALA A 109 -2.22 19.93 2.01
N GLY A 110 -2.10 20.64 3.12
CA GLY A 110 -0.99 21.55 3.30
C GLY A 110 -0.02 21.06 4.35
N GLU A 111 0.26 19.76 4.32
CA GLU A 111 1.18 19.16 5.29
C GLU A 111 2.35 18.49 4.59
N ALA A 112 3.30 17.99 5.37
CA ALA A 112 4.47 17.32 4.82
C ALA A 112 4.13 15.91 4.37
N PRO A 113 4.75 15.44 3.28
CA PRO A 113 4.52 14.09 2.77
C PRO A 113 4.96 13.01 3.75
N SER A 114 4.17 11.95 3.84
CA SER A 114 4.51 10.81 4.66
C SER A 114 5.37 9.84 3.85
N GLU A 115 6.00 8.86 4.48
CA GLU A 115 6.83 7.92 3.73
C GLU A 115 6.52 6.48 4.10
N VAL A 116 6.68 5.58 3.13
CA VAL A 116 6.43 4.17 3.34
C VAL A 116 7.73 3.38 3.31
N LEU A 117 8.01 2.73 4.42
CA LEU A 117 9.17 1.86 4.53
C LEU A 117 8.74 0.41 4.43
N PHE A 118 9.17 -0.25 3.37
CA PHE A 118 9.00 -1.69 3.30
C PHE A 118 10.27 -2.35 3.79
N GLU A 119 10.15 -3.09 4.88
CA GLU A 119 11.30 -3.69 5.50
C GLU A 119 11.11 -5.19 5.57
N LEU A 120 11.88 -5.92 4.78
CA LEU A 120 11.78 -7.37 4.76
C LEU A 120 12.98 -7.99 5.45
N SER A 121 12.72 -9.02 6.21
CA SER A 121 13.78 -9.80 6.83
C SER A 121 13.38 -11.26 6.76
N GLU A 122 14.36 -12.12 6.61
CA GLU A 122 14.10 -13.48 6.24
C GLU A 122 13.96 -14.34 7.47
N ALA A 123 13.17 -15.39 7.36
CA ALA A 123 13.02 -16.35 8.42
C ALA A 123 13.02 -17.76 7.85
N GLY A 124 14.22 -18.22 7.50
CA GLY A 124 14.37 -19.52 6.87
C GLY A 124 13.83 -19.52 5.46
N GLU A 125 12.71 -20.20 5.26
CA GLU A 125 12.05 -20.21 3.97
C GLU A 125 10.78 -19.38 4.02
N GLN A 126 10.72 -18.48 4.99
CA GLN A 126 9.64 -17.52 5.11
C GLN A 126 10.21 -16.14 5.34
N VAL A 127 9.36 -15.12 5.29
CA VAL A 127 9.83 -13.76 5.44
C VAL A 127 8.85 -12.92 6.26
N ARG A 128 9.39 -12.05 7.10
CA ARG A 128 8.57 -11.12 7.85
C ARG A 128 8.55 -9.76 7.15
N LEU A 129 7.36 -9.32 6.80
CA LEU A 129 7.19 -8.06 6.11
C LEU A 129 6.62 -7.03 7.07
N VAL A 130 7.26 -5.88 7.15
CA VAL A 130 6.74 -4.75 7.92
C VAL A 130 6.64 -3.52 7.03
N LEU A 131 5.43 -3.01 6.88
CA LEU A 131 5.22 -1.77 6.17
C LEU A 131 5.15 -0.63 7.18
N THR A 132 6.12 0.24 7.14
CA THR A 132 6.16 1.37 8.06
C THR A 132 5.89 2.68 7.34
N HIS A 133 4.65 3.13 7.38
CA HIS A 133 4.26 4.41 6.79
C HIS A 133 4.30 5.49 7.87
N THR A 134 5.28 6.37 7.77
CA THR A 134 5.55 7.32 8.82
C THR A 134 5.18 8.73 8.40
N ARG A 135 5.19 9.64 9.38
CA ARG A 135 5.00 11.07 9.14
C ARG A 135 3.56 11.36 8.68
N LEU A 136 2.62 10.62 9.24
CA LEU A 136 1.21 10.88 8.99
C LEU A 136 0.74 12.02 9.88
N ALA A 137 0.44 13.14 9.26
CA ALA A 137 0.24 14.39 9.98
C ALA A 137 -1.18 14.56 10.51
N ASP A 138 -2.16 13.95 9.85
CA ASP A 138 -3.56 14.27 10.19
C ASP A 138 -4.50 13.13 9.82
N ARG A 139 -5.71 13.17 10.37
CA ARG A 139 -6.72 12.15 10.10
C ARG A 139 -7.07 12.09 8.61
N ALA A 140 -6.92 13.21 7.93
CA ALA A 140 -7.15 13.26 6.49
C ALA A 140 -6.10 12.45 5.75
N ALA A 141 -4.90 12.35 6.34
CA ALA A 141 -3.84 11.56 5.74
C ALA A 141 -4.21 10.08 5.79
N MET A 142 -4.55 9.61 6.99
CA MET A 142 -5.07 8.25 7.17
C MET A 142 -6.18 7.96 6.18
N LEU A 143 -7.14 8.87 6.08
CA LEU A 143 -8.25 8.72 5.15
C LEU A 143 -7.80 8.85 3.70
N ASP A 144 -6.69 9.53 3.45
CA ASP A 144 -6.18 9.69 2.10
C ASP A 144 -5.67 8.37 1.57
N VAL A 145 -4.89 7.68 2.40
CA VAL A 145 -4.34 6.38 2.03
C VAL A 145 -5.33 5.27 2.31
N ALA A 146 -6.37 5.57 3.09
CA ALA A 146 -7.44 4.62 3.34
C ALA A 146 -8.04 4.13 2.03
N GLY A 147 -8.45 5.08 1.19
CA GLY A 147 -9.04 4.75 -0.09
C GLY A 147 -8.00 4.35 -1.12
N GLY A 148 -7.46 3.16 -0.95
CA GLY A 148 -6.52 2.63 -1.92
C GLY A 148 -5.34 1.92 -1.27
N TRP A 149 -4.61 2.63 -0.42
CA TRP A 149 -3.37 2.10 0.12
C TRP A 149 -3.64 0.96 1.10
N HIS A 150 -4.51 1.19 2.09
CA HIS A 150 -4.82 0.17 3.10
C HIS A 150 -5.18 -1.15 2.42
N ALA A 151 -6.02 -1.06 1.40
CA ALA A 151 -6.50 -2.22 0.66
C ALA A 151 -5.36 -3.11 0.18
N HIS A 152 -4.25 -2.50 -0.25
CA HIS A 152 -3.18 -3.25 -0.90
C HIS A 152 -2.55 -4.23 0.08
N LEU A 153 -2.71 -3.97 1.38
CA LEU A 153 -2.16 -4.83 2.41
C LEU A 153 -2.82 -6.21 2.39
N ALA A 154 -4.10 -6.23 2.02
CA ALA A 154 -4.84 -7.49 1.94
C ALA A 154 -4.53 -8.18 0.63
N VAL A 155 -4.36 -7.38 -0.41
CA VAL A 155 -4.06 -7.88 -1.73
C VAL A 155 -2.67 -8.54 -1.75
N LEU A 156 -1.74 -7.94 -1.01
CA LEU A 156 -0.40 -8.50 -0.85
C LEU A 156 -0.47 -9.94 -0.36
N ALA A 157 -1.20 -10.14 0.72
CA ALA A 157 -1.35 -11.48 1.30
C ALA A 157 -2.02 -12.43 0.33
N GLY A 158 -3.11 -11.98 -0.28
CA GLY A 158 -3.81 -12.81 -1.26
C GLY A 158 -2.91 -13.22 -2.41
N LYS A 159 -2.13 -12.27 -2.91
CA LYS A 159 -1.23 -12.52 -4.03
C LYS A 159 -0.11 -13.47 -3.62
N LEU A 160 0.62 -13.08 -2.58
CA LEU A 160 1.76 -13.86 -2.09
C LEU A 160 1.37 -15.26 -1.62
N ALA A 161 0.14 -15.42 -1.14
CA ALA A 161 -0.34 -16.73 -0.73
C ALA A 161 -0.55 -17.63 -1.93
N GLY A 162 -0.71 -17.03 -3.11
CA GLY A 162 -0.91 -17.80 -4.32
C GLY A 162 -2.36 -18.08 -4.59
N GLN A 163 -3.23 -17.22 -4.07
CA GLN A 163 -4.66 -17.37 -4.24
C GLN A 163 -5.25 -16.08 -4.79
N ALA A 164 -6.57 -15.97 -4.79
CA ALA A 164 -7.21 -14.75 -5.22
C ALA A 164 -7.32 -13.77 -4.05
N PRO A 165 -7.10 -12.49 -4.30
CA PRO A 165 -7.25 -11.44 -3.29
C PRO A 165 -8.66 -10.87 -3.26
N PRO A 166 -9.07 -10.29 -2.14
CA PRO A 166 -10.37 -9.62 -2.03
C PRO A 166 -10.45 -8.43 -2.98
N PRO A 167 -11.66 -8.07 -3.44
CA PRO A 167 -11.84 -6.94 -4.37
C PRO A 167 -11.35 -5.64 -3.78
N PHE A 168 -10.67 -4.86 -4.61
CA PHE A 168 -10.12 -3.57 -4.20
C PHE A 168 -11.24 -2.65 -3.76
N TRP A 169 -12.43 -2.95 -4.26
CA TRP A 169 -13.63 -2.16 -3.99
C TRP A 169 -14.00 -2.20 -2.50
N THR A 170 -14.16 -3.40 -1.95
CA THR A 170 -14.66 -3.54 -0.60
C THR A 170 -13.62 -3.06 0.41
N THR A 171 -12.35 -3.23 0.09
CA THR A 171 -11.27 -2.84 0.98
C THR A 171 -11.12 -1.33 1.03
N LEU A 172 -11.40 -0.69 -0.10
CA LEU A 172 -11.40 0.76 -0.17
C LEU A 172 -12.50 1.32 0.72
N ALA A 173 -13.71 0.81 0.55
CA ALA A 173 -14.86 1.26 1.32
C ALA A 173 -14.68 0.91 2.80
N GLN A 174 -14.15 -0.28 3.06
CA GLN A 174 -13.90 -0.75 4.41
C GLN A 174 -12.95 0.18 5.14
N ALA A 175 -11.82 0.49 4.50
CA ALA A 175 -10.83 1.37 5.08
C ALA A 175 -11.40 2.76 5.30
N GLU A 176 -12.13 3.25 4.30
CA GLU A 176 -12.82 4.53 4.42
C GLU A 176 -13.69 4.55 5.66
N GLN A 177 -14.54 3.55 5.80
CA GLN A 177 -15.43 3.42 6.93
C GLN A 177 -14.66 3.23 8.24
N ASP A 178 -13.54 2.52 8.18
CA ASP A 178 -12.73 2.24 9.35
C ASP A 178 -12.20 3.52 9.98
N TYR A 179 -11.52 4.32 9.18
CA TYR A 179 -10.93 5.56 9.69
C TYR A 179 -11.99 6.64 9.87
N GLU A 180 -13.06 6.57 9.09
CA GLU A 180 -14.18 7.51 9.23
C GLU A 180 -14.89 7.28 10.56
N GLN A 181 -14.92 6.02 10.99
CA GLN A 181 -15.59 5.61 12.22
C GLN A 181 -15.03 6.35 13.43
N ARG A 182 -13.75 6.70 13.36
CA ARG A 182 -13.06 7.37 14.46
C ARG A 182 -13.72 8.71 14.77
N LEU A 183 -14.19 9.40 13.74
CA LEU A 183 -14.89 10.69 13.87
C LEU A 183 -14.11 11.70 14.71
N LEU A 184 -13.19 12.40 14.06
CA LEU A 184 -12.41 13.44 14.71
C LEU A 184 -12.33 14.65 13.80
N GLU A 185 -13.05 15.70 14.17
CA GLU A 185 -13.08 16.91 13.36
C GLU A 185 -12.50 18.09 14.12
N HIS A 186 -11.87 18.99 13.38
CA HIS A 186 -11.21 20.15 13.95
C HIS A 186 -11.59 21.40 13.15
N HIS A 187 -12.41 21.18 12.12
CA HIS A 187 -12.82 22.25 11.20
C HIS A 187 -11.65 22.72 10.37
N HIS A 188 -11.45 22.06 9.23
CA HIS A 188 -10.40 22.44 8.31
C HIS A 188 -10.88 23.57 7.42
N HIS A 189 -12.19 23.59 7.17
CA HIS A 189 -12.82 24.57 6.29
C HIS A 189 -12.46 24.27 4.83
N HIS A 190 -13.46 24.39 3.96
CA HIS A 190 -13.27 24.11 2.54
C HIS A 190 -12.83 25.39 1.82
N HIS A 191 -11.90 25.27 0.89
CA HIS A 191 -11.47 26.44 0.13
C HIS A 191 -12.20 26.46 -1.22
N MET A 1 -21.60 5.76 1.94
CA MET A 1 -22.75 5.81 1.00
C MET A 1 -22.58 4.79 -0.12
N THR A 2 -23.37 3.72 -0.05
CA THR A 2 -23.39 2.69 -1.08
C THR A 2 -22.00 2.05 -1.24
N SER A 3 -21.37 1.75 -0.11
CA SER A 3 -20.04 1.17 -0.12
C SER A 3 -20.10 -0.33 0.19
N PRO A 4 -19.49 -1.16 -0.67
CA PRO A 4 -19.47 -2.62 -0.50
C PRO A 4 -18.78 -3.06 0.79
N SER A 5 -19.17 -4.21 1.31
CA SER A 5 -18.65 -4.68 2.58
C SER A 5 -17.82 -5.95 2.40
N SER A 6 -17.10 -6.33 3.44
CA SER A 6 -16.26 -7.50 3.43
C SER A 6 -16.33 -8.20 4.77
N ALA A 7 -15.95 -9.47 4.81
CA ALA A 7 -16.02 -10.27 6.04
C ALA A 7 -14.90 -9.91 7.00
N PHE A 8 -13.96 -9.09 6.55
CA PHE A 8 -12.84 -8.70 7.38
C PHE A 8 -12.74 -7.19 7.54
N PRO A 9 -12.91 -6.71 8.78
CA PRO A 9 -12.59 -5.34 9.15
C PRO A 9 -11.09 -5.17 9.33
N ASP A 10 -10.64 -3.93 9.50
CA ASP A 10 -9.21 -3.67 9.55
C ASP A 10 -8.85 -2.69 10.65
N GLY A 11 -9.35 -1.47 10.54
CA GLY A 11 -8.94 -0.41 11.43
C GLY A 11 -9.72 -0.39 12.72
N HIS A 12 -9.47 -1.35 13.58
CA HIS A 12 -10.12 -1.41 14.87
C HIS A 12 -9.12 -1.23 15.99
N GLY A 13 -8.89 0.02 16.34
CA GLY A 13 -8.01 0.36 17.44
C GLY A 13 -8.50 1.58 18.16
N ALA A 14 -8.92 1.41 19.41
CA ALA A 14 -9.49 2.50 20.18
C ALA A 14 -8.44 3.58 20.44
N ARG A 15 -7.20 3.18 20.67
CA ARG A 15 -6.11 4.12 20.89
C ARG A 15 -4.79 3.57 20.38
N LEU A 16 -4.34 4.12 19.27
CA LEU A 16 -3.01 3.83 18.74
C LEU A 16 -2.34 5.15 18.37
N ASP A 17 -1.98 5.90 19.40
CA ASP A 17 -1.42 7.23 19.21
C ASP A 17 0.00 7.16 18.69
N ALA A 18 0.14 7.26 17.38
CA ALA A 18 1.43 7.25 16.72
C ALA A 18 1.43 8.28 15.60
N GLN A 19 2.62 8.75 15.23
CA GLN A 19 2.74 9.72 14.16
C GLN A 19 3.21 9.04 12.88
N SER A 20 3.03 7.73 12.83
CA SER A 20 3.39 6.94 11.67
C SER A 20 2.48 5.72 11.57
N ILE A 21 2.42 5.12 10.38
CA ILE A 21 1.60 3.93 10.15
C ILE A 21 2.49 2.70 10.17
N ARG A 22 2.14 1.75 11.02
CA ARG A 22 3.00 0.59 11.27
C ARG A 22 2.20 -0.70 11.27
N PHE A 23 2.36 -1.50 10.23
CA PHE A 23 1.71 -2.80 10.14
C PHE A 23 2.69 -3.87 9.69
N GLU A 24 2.76 -4.97 10.42
CA GLU A 24 3.60 -6.09 10.02
C GLU A 24 2.74 -7.33 9.81
N ARG A 25 3.10 -8.13 8.82
CA ARG A 25 2.36 -9.35 8.52
C ARG A 25 3.32 -10.45 8.06
N LEU A 26 2.87 -11.69 8.17
CA LEU A 26 3.67 -12.82 7.73
C LEU A 26 3.29 -13.18 6.30
N LEU A 27 4.30 -13.38 5.46
CA LEU A 27 4.11 -13.73 4.07
C LEU A 27 4.95 -14.93 3.70
N PRO A 28 4.46 -15.78 2.77
CA PRO A 28 5.17 -16.98 2.35
C PRO A 28 6.34 -16.69 1.40
N GLY A 29 7.41 -17.44 1.58
CA GLY A 29 8.57 -17.28 0.73
C GLY A 29 9.81 -16.97 1.55
N PRO A 30 11.01 -17.16 0.99
CA PRO A 30 12.26 -16.83 1.69
C PRO A 30 12.34 -15.33 1.99
N ILE A 31 12.10 -14.53 0.96
CA ILE A 31 12.01 -13.08 1.06
C ILE A 31 11.86 -12.49 -0.34
N GLU A 32 12.46 -13.18 -1.31
CA GLU A 32 12.45 -12.75 -2.71
C GLU A 32 11.04 -12.78 -3.29
N ARG A 33 10.27 -13.82 -2.96
CA ARG A 33 8.89 -13.95 -3.44
C ARG A 33 8.06 -12.74 -3.04
N VAL A 34 8.31 -12.26 -1.83
CA VAL A 34 7.61 -11.11 -1.29
C VAL A 34 8.18 -9.81 -1.87
N TRP A 35 9.45 -9.79 -2.17
CA TRP A 35 10.08 -8.62 -2.77
C TRP A 35 9.60 -8.44 -4.22
N ALA A 36 9.31 -9.55 -4.88
CA ALA A 36 8.97 -9.57 -6.29
C ALA A 36 7.91 -8.53 -6.68
N TRP A 37 6.84 -8.39 -5.90
CA TRP A 37 5.81 -7.40 -6.26
C TRP A 37 6.28 -5.99 -5.97
N LEU A 38 7.23 -5.86 -5.07
CA LEU A 38 7.82 -4.57 -4.78
C LEU A 38 8.72 -4.13 -5.91
N ALA A 39 9.36 -5.10 -6.56
CA ALA A 39 10.30 -4.82 -7.64
C ALA A 39 9.65 -4.89 -9.03
N ASP A 40 8.80 -5.89 -9.25
CA ASP A 40 8.18 -6.08 -10.57
C ASP A 40 7.04 -5.11 -10.78
N ALA A 41 7.04 -4.44 -11.93
CA ALA A 41 6.07 -3.40 -12.22
C ALA A 41 4.69 -3.98 -12.50
N ASP A 42 4.64 -5.21 -13.00
CA ASP A 42 3.36 -5.80 -13.35
C ASP A 42 2.66 -6.30 -12.11
N LYS A 43 3.37 -7.07 -11.30
CA LYS A 43 2.80 -7.59 -10.07
C LYS A 43 2.46 -6.44 -9.14
N ARG A 44 3.28 -5.40 -9.20
CA ARG A 44 3.05 -4.19 -8.42
C ARG A 44 1.73 -3.54 -8.85
N ALA A 45 1.41 -3.66 -10.12
CA ALA A 45 0.20 -3.11 -10.69
C ALA A 45 -1.03 -3.91 -10.25
N ARG A 46 -0.78 -5.00 -9.55
CA ARG A 46 -1.86 -5.86 -9.10
C ARG A 46 -2.18 -5.60 -7.63
N TRP A 47 -1.26 -4.95 -6.91
CA TRP A 47 -1.48 -4.64 -5.50
C TRP A 47 -1.45 -3.14 -5.24
N LEU A 48 -1.00 -2.36 -6.21
CA LEU A 48 -0.92 -0.92 -6.05
C LEU A 48 -1.07 -0.21 -7.39
N ALA A 49 0.00 -0.27 -8.20
CA ALA A 49 0.05 0.45 -9.47
C ALA A 49 1.28 0.01 -10.27
N GLY A 50 1.23 0.19 -11.58
CA GLY A 50 2.32 -0.25 -12.42
C GLY A 50 3.47 0.72 -12.44
N GLY A 51 4.52 0.40 -11.69
CA GLY A 51 5.67 1.27 -11.63
C GLY A 51 6.95 0.51 -11.36
N GLU A 52 7.89 0.63 -12.28
CA GLU A 52 9.19 0.01 -12.16
C GLU A 52 10.13 0.85 -11.29
N LEU A 53 11.39 0.46 -11.22
CA LEU A 53 12.38 1.23 -10.49
C LEU A 53 13.25 2.01 -11.47
N PRO A 54 13.65 3.23 -11.12
CA PRO A 54 14.45 4.10 -11.97
C PRO A 54 15.95 3.84 -11.84
N ARG A 55 16.75 4.76 -12.35
CA ARG A 55 18.20 4.68 -12.26
C ARG A 55 18.69 4.94 -10.85
N GLN A 56 18.48 6.15 -10.37
CA GLN A 56 18.99 6.58 -9.09
C GLN A 56 17.91 6.81 -8.05
N PRO A 57 18.27 6.59 -6.78
CA PRO A 57 17.48 7.03 -5.63
C PRO A 57 17.60 8.54 -5.47
N GLY A 58 16.51 9.18 -5.05
CA GLY A 58 16.49 10.62 -5.01
C GLY A 58 15.91 11.21 -6.28
N GLN A 59 15.84 10.37 -7.31
CA GLN A 59 15.20 10.74 -8.56
C GLN A 59 13.69 10.48 -8.45
N THR A 60 12.96 10.82 -9.49
CA THR A 60 11.53 10.54 -9.52
C THR A 60 11.21 9.44 -10.53
N PHE A 61 10.36 8.52 -10.14
CA PHE A 61 9.86 7.51 -11.06
C PHE A 61 8.38 7.74 -11.29
N GLU A 62 7.90 7.30 -12.43
CA GLU A 62 6.52 7.55 -12.80
C GLU A 62 5.68 6.29 -12.70
N LEU A 63 4.66 6.35 -11.86
CA LEU A 63 3.78 5.23 -11.60
C LEU A 63 2.52 5.34 -12.45
N HIS A 64 2.05 4.20 -12.94
CA HIS A 64 0.78 4.16 -13.62
C HIS A 64 -0.33 4.16 -12.59
N PHE A 65 -1.02 5.30 -12.49
CA PHE A 65 -2.10 5.50 -11.52
C PHE A 65 -1.55 5.69 -10.10
N ASN A 66 -2.45 5.68 -9.13
CA ASN A 66 -2.08 5.95 -7.74
C ASN A 66 -2.80 4.99 -6.78
N HIS A 67 -2.70 5.27 -5.48
CA HIS A 67 -3.19 4.34 -4.44
C HIS A 67 -4.69 4.05 -4.56
N ALA A 68 -5.47 5.01 -5.04
CA ALA A 68 -6.91 4.80 -5.17
C ALA A 68 -7.29 4.54 -6.62
N ALA A 69 -6.40 3.90 -7.37
CA ALA A 69 -6.63 3.66 -8.79
C ALA A 69 -6.21 2.26 -9.22
N LEU A 70 -6.09 1.34 -8.26
CA LEU A 70 -5.81 -0.05 -8.59
C LEU A 70 -7.00 -0.62 -9.35
N THR A 71 -8.13 -0.68 -8.67
CA THR A 71 -9.36 -1.07 -9.31
C THR A 71 -10.40 0.03 -9.16
N ALA A 72 -11.33 0.09 -10.08
CA ALA A 72 -12.39 1.08 -10.05
C ALA A 72 -13.52 0.63 -10.94
N GLU A 73 -13.31 0.76 -12.26
CA GLU A 73 -14.27 0.28 -13.26
C GLU A 73 -15.58 1.06 -13.16
N THR A 74 -16.45 0.66 -12.25
CA THR A 74 -17.64 1.42 -11.93
C THR A 74 -17.40 2.18 -10.64
N ALA A 75 -17.48 3.49 -10.72
CA ALA A 75 -17.10 4.34 -9.61
C ALA A 75 -17.91 5.62 -9.61
N PRO A 76 -18.16 6.18 -8.42
CA PRO A 76 -18.85 7.47 -8.26
C PRO A 76 -18.09 8.62 -8.94
N ALA A 77 -18.76 9.77 -9.04
CA ALA A 77 -18.21 10.92 -9.75
C ALA A 77 -16.82 11.31 -9.26
N ARG A 78 -16.60 11.25 -7.95
CA ARG A 78 -15.34 11.69 -7.37
C ARG A 78 -14.30 10.56 -7.35
N TYR A 79 -14.65 9.43 -7.93
CA TYR A 79 -13.73 8.29 -7.97
C TYR A 79 -13.41 7.90 -9.41
N ALA A 80 -14.33 8.23 -10.32
CA ALA A 80 -14.18 7.87 -11.72
C ALA A 80 -12.94 8.51 -12.35
N GLN A 81 -12.46 9.58 -11.73
CA GLN A 81 -11.27 10.27 -12.20
C GLN A 81 -10.05 9.35 -12.14
N TYR A 82 -10.04 8.43 -11.18
CA TYR A 82 -8.91 7.54 -10.97
C TYR A 82 -8.98 6.30 -11.85
N ASP A 83 -10.05 6.19 -12.64
CA ASP A 83 -10.22 5.05 -13.55
C ASP A 83 -9.70 5.43 -14.93
N ARG A 84 -9.20 6.64 -15.03
CA ARG A 84 -8.67 7.19 -16.28
C ARG A 84 -7.14 7.20 -16.25
N PRO A 85 -6.51 6.95 -17.42
CA PRO A 85 -5.04 6.82 -17.52
C PRO A 85 -4.28 7.98 -16.88
N ILE A 86 -3.51 7.67 -15.84
CA ILE A 86 -2.73 8.69 -15.13
C ILE A 86 -1.29 8.23 -14.95
N VAL A 87 -0.35 9.08 -15.32
CA VAL A 87 1.05 8.85 -15.03
C VAL A 87 1.48 9.76 -13.88
N ALA A 88 1.67 9.17 -12.71
CA ALA A 88 1.94 9.93 -11.51
C ALA A 88 3.32 9.59 -10.95
N ARG A 89 4.22 10.57 -10.97
CA ARG A 89 5.58 10.36 -10.52
C ARG A 89 5.69 10.50 -9.00
N HIS A 90 6.69 9.83 -8.44
CA HIS A 90 6.94 9.85 -7.00
C HIS A 90 8.44 9.69 -6.76
N THR A 91 8.90 10.20 -5.64
CA THR A 91 10.33 10.18 -5.34
C THR A 91 10.68 8.97 -4.47
N LEU A 92 11.81 8.33 -4.76
CA LEU A 92 12.29 7.23 -3.92
C LEU A 92 13.44 7.70 -3.05
N LEU A 93 13.50 7.14 -1.84
CA LEU A 93 14.51 7.53 -0.87
C LEU A 93 15.60 6.48 -0.78
N ARG A 94 15.27 5.34 -0.19
CA ARG A 94 16.23 4.27 0.01
C ARG A 94 15.78 3.03 -0.75
N CYS A 95 16.73 2.18 -1.15
CA CYS A 95 16.40 0.94 -1.82
C CYS A 95 17.58 -0.03 -1.75
N GLU A 96 17.43 -1.05 -0.91
CA GLU A 96 18.44 -2.09 -0.76
C GLU A 96 17.81 -3.46 -1.03
N PRO A 97 17.78 -3.88 -2.30
CA PRO A 97 17.16 -5.14 -2.71
C PRO A 97 18.04 -6.35 -2.41
N PRO A 98 17.45 -7.45 -1.90
CA PRO A 98 16.06 -7.49 -1.45
C PRO A 98 15.95 -7.46 0.09
N ARG A 99 15.52 -6.33 0.63
CA ARG A 99 15.46 -6.17 2.08
C ARG A 99 14.63 -4.94 2.47
N VAL A 100 15.11 -3.76 2.09
CA VAL A 100 14.46 -2.51 2.48
C VAL A 100 14.33 -1.56 1.30
N LEU A 101 13.15 -0.96 1.15
CA LEU A 101 12.94 0.04 0.12
C LEU A 101 12.06 1.15 0.67
N ALA A 102 12.35 2.39 0.29
CA ALA A 102 11.64 3.54 0.81
C ALA A 102 11.36 4.57 -0.28
N LEU A 103 10.17 5.14 -0.24
CA LEU A 103 9.78 6.20 -1.16
C LEU A 103 9.03 7.28 -0.39
N THR A 104 8.65 8.34 -1.06
CA THR A 104 7.78 9.32 -0.44
C THR A 104 6.46 9.37 -1.21
N TRP A 105 5.40 9.74 -0.52
CA TRP A 105 4.05 9.64 -1.05
C TRP A 105 3.62 10.93 -1.76
N GLY A 106 4.60 11.74 -2.11
CA GLY A 106 4.32 12.97 -2.83
C GLY A 106 4.93 14.18 -2.16
N GLY A 107 4.10 14.90 -1.41
CA GLY A 107 4.56 16.09 -0.73
C GLY A 107 3.42 16.98 -0.30
N GLY A 108 2.34 16.96 -1.08
CA GLY A 108 1.18 17.78 -0.78
C GLY A 108 1.27 19.14 -1.41
N ALA A 109 0.41 20.05 -0.97
CA ALA A 109 0.40 21.41 -1.49
C ALA A 109 1.16 22.34 -0.57
N GLY A 110 0.94 22.16 0.72
CA GLY A 110 1.62 22.95 1.72
C GLY A 110 1.85 22.15 2.98
N GLU A 111 1.97 20.84 2.81
CA GLU A 111 2.20 19.93 3.91
C GLU A 111 3.64 19.45 3.88
N ALA A 112 3.91 18.38 4.63
CA ALA A 112 5.20 17.73 4.58
C ALA A 112 5.07 16.42 3.84
N PRO A 113 6.08 16.01 3.06
CA PRO A 113 6.03 14.76 2.31
C PRO A 113 6.12 13.55 3.23
N SER A 114 5.05 12.80 3.28
CA SER A 114 5.04 11.55 4.02
C SER A 114 5.84 10.50 3.27
N GLU A 115 6.64 9.74 3.98
CA GLU A 115 7.47 8.73 3.35
C GLU A 115 6.95 7.34 3.67
N VAL A 116 7.38 6.37 2.87
CA VAL A 116 6.92 5.01 3.03
C VAL A 116 8.10 4.04 3.04
N LEU A 117 8.23 3.32 4.14
CA LEU A 117 9.26 2.32 4.29
C LEU A 117 8.67 0.92 4.15
N PHE A 118 9.22 0.16 3.23
CA PHE A 118 8.90 -1.26 3.16
C PHE A 118 10.12 -2.04 3.62
N GLU A 119 9.93 -2.81 4.67
CA GLU A 119 11.02 -3.57 5.25
C GLU A 119 10.66 -5.05 5.31
N LEU A 120 11.38 -5.85 4.55
CA LEU A 120 11.12 -7.28 4.51
C LEU A 120 12.18 -8.03 5.30
N SER A 121 11.75 -8.88 6.20
CA SER A 121 12.66 -9.68 7.00
C SER A 121 12.40 -11.15 6.72
N GLU A 122 13.46 -11.94 6.76
CA GLU A 122 13.36 -13.34 6.39
C GLU A 122 13.39 -14.22 7.63
N ALA A 123 12.46 -15.16 7.69
CA ALA A 123 12.38 -16.09 8.81
C ALA A 123 12.13 -17.51 8.33
N GLY A 124 13.12 -18.09 7.65
CA GLY A 124 13.05 -19.49 7.23
C GLY A 124 11.84 -19.79 6.37
N GLU A 125 11.91 -19.37 5.11
CA GLU A 125 10.81 -19.55 4.15
C GLU A 125 9.56 -18.80 4.59
N GLN A 126 9.73 -17.91 5.55
CA GLN A 126 8.70 -16.96 5.93
C GLN A 126 9.26 -15.56 5.82
N VAL A 127 8.38 -14.62 5.64
CA VAL A 127 8.76 -13.23 5.49
C VAL A 127 7.88 -12.35 6.34
N ARG A 128 8.48 -11.55 7.19
CA ARG A 128 7.74 -10.51 7.88
C ARG A 128 7.91 -9.19 7.16
N LEU A 129 6.79 -8.68 6.68
CA LEU A 129 6.77 -7.40 5.99
C LEU A 129 6.23 -6.34 6.93
N VAL A 130 6.97 -5.25 7.04
CA VAL A 130 6.55 -4.13 7.86
C VAL A 130 6.29 -2.91 6.99
N LEU A 131 5.05 -2.49 6.92
CA LEU A 131 4.69 -1.28 6.19
C LEU A 131 4.78 -0.10 7.14
N THR A 132 5.77 0.74 6.93
CA THR A 132 5.97 1.90 7.78
C THR A 132 5.75 3.18 7.00
N HIS A 133 4.67 3.87 7.30
CA HIS A 133 4.38 5.14 6.66
C HIS A 133 4.76 6.25 7.62
N THR A 134 5.82 6.95 7.28
CA THR A 134 6.45 7.89 8.19
C THR A 134 6.09 9.34 7.87
N ARG A 135 6.21 10.21 8.87
CA ARG A 135 5.98 11.64 8.73
C ARG A 135 4.50 11.94 8.42
N LEU A 136 3.69 11.95 9.47
CA LEU A 136 2.26 12.19 9.34
C LEU A 136 1.83 13.32 10.27
N ALA A 137 0.88 14.12 9.82
CA ALA A 137 0.42 15.28 10.57
C ALA A 137 -0.65 14.91 11.60
N ASP A 138 -1.50 13.95 11.24
CA ASP A 138 -2.61 13.57 12.11
C ASP A 138 -3.24 12.27 11.64
N ARG A 139 -4.10 11.69 12.48
CA ARG A 139 -4.79 10.45 12.17
C ARG A 139 -5.67 10.63 10.93
N ALA A 140 -6.08 11.87 10.68
CA ALA A 140 -6.82 12.20 9.47
C ALA A 140 -5.97 11.92 8.23
N ALA A 141 -4.67 12.19 8.33
CA ALA A 141 -3.76 11.92 7.23
C ALA A 141 -3.71 10.43 6.98
N MET A 142 -3.56 9.68 8.07
CA MET A 142 -3.65 8.22 8.01
C MET A 142 -4.92 7.79 7.29
N LEU A 143 -6.04 8.40 7.65
CA LEU A 143 -7.32 8.10 7.03
C LEU A 143 -7.35 8.56 5.57
N ASP A 144 -6.54 9.54 5.22
CA ASP A 144 -6.51 10.05 3.86
C ASP A 144 -5.84 9.05 2.93
N VAL A 145 -4.68 8.56 3.37
CA VAL A 145 -3.93 7.59 2.59
C VAL A 145 -4.43 6.17 2.85
N ALA A 146 -5.28 6.03 3.87
CA ALA A 146 -5.93 4.76 4.18
C ALA A 146 -6.69 4.23 2.97
N GLY A 147 -7.11 5.12 2.09
CA GLY A 147 -7.74 4.72 0.85
C GLY A 147 -6.74 4.14 -0.13
N GLY A 148 -6.10 3.03 0.25
CA GLY A 148 -5.15 2.40 -0.62
C GLY A 148 -4.17 1.50 0.12
N TRP A 149 -3.54 2.04 1.16
CA TRP A 149 -2.46 1.31 1.85
C TRP A 149 -2.94 0.02 2.52
N HIS A 150 -3.47 0.11 3.74
CA HIS A 150 -3.80 -1.08 4.52
C HIS A 150 -4.65 -2.07 3.72
N ALA A 151 -5.61 -1.53 2.99
CA ALA A 151 -6.49 -2.34 2.15
C ALA A 151 -5.71 -3.27 1.22
N HIS A 152 -4.66 -2.75 0.59
CA HIS A 152 -3.92 -3.54 -0.39
C HIS A 152 -3.18 -4.68 0.29
N LEU A 153 -2.97 -4.57 1.60
CA LEU A 153 -2.33 -5.65 2.36
C LEU A 153 -3.15 -6.93 2.31
N ALA A 154 -4.46 -6.78 2.10
CA ALA A 154 -5.34 -7.93 2.00
C ALA A 154 -5.17 -8.62 0.65
N VAL A 155 -5.26 -7.82 -0.41
CA VAL A 155 -5.06 -8.31 -1.78
C VAL A 155 -3.65 -8.90 -1.90
N LEU A 156 -2.71 -8.26 -1.21
CA LEU A 156 -1.33 -8.67 -1.19
C LEU A 156 -1.20 -10.13 -0.76
N ALA A 157 -1.65 -10.43 0.45
CA ALA A 157 -1.54 -11.77 1.01
C ALA A 157 -2.33 -12.77 0.18
N GLY A 158 -3.53 -12.38 -0.22
CA GLY A 158 -4.36 -13.24 -1.04
C GLY A 158 -3.68 -13.65 -2.33
N LYS A 159 -2.96 -12.72 -2.93
CA LYS A 159 -2.28 -12.99 -4.20
C LYS A 159 -1.01 -13.80 -3.98
N LEU A 160 -0.23 -13.44 -2.96
CA LEU A 160 1.01 -14.15 -2.66
C LEU A 160 0.76 -15.61 -2.30
N ALA A 161 -0.38 -15.87 -1.67
CA ALA A 161 -0.77 -17.22 -1.31
C ALA A 161 -1.20 -18.02 -2.55
N GLY A 162 -1.44 -17.31 -3.64
CA GLY A 162 -1.88 -17.95 -4.87
C GLY A 162 -3.38 -18.16 -4.90
N GLN A 163 -4.09 -17.31 -4.18
CA GLN A 163 -5.53 -17.41 -4.09
C GLN A 163 -6.21 -16.31 -4.91
N ALA A 164 -7.51 -16.18 -4.75
CA ALA A 164 -8.27 -15.12 -5.38
C ALA A 164 -8.70 -14.11 -4.33
N PRO A 165 -7.85 -13.11 -4.05
CA PRO A 165 -8.09 -12.14 -2.99
C PRO A 165 -9.35 -11.32 -3.22
N PRO A 166 -9.90 -10.71 -2.17
CA PRO A 166 -11.10 -9.88 -2.28
C PRO A 166 -10.90 -8.71 -3.24
N PRO A 167 -11.98 -8.21 -3.84
CA PRO A 167 -11.91 -7.08 -4.77
C PRO A 167 -11.41 -5.83 -4.05
N PHE A 168 -10.31 -5.28 -4.55
CA PHE A 168 -9.70 -4.09 -3.97
C PHE A 168 -10.70 -2.95 -3.89
N TRP A 169 -11.55 -2.83 -4.90
CA TRP A 169 -12.56 -1.78 -4.94
C TRP A 169 -13.53 -1.94 -3.77
N THR A 170 -13.79 -3.19 -3.39
CA THR A 170 -14.63 -3.50 -2.25
C THR A 170 -13.89 -3.21 -0.94
N THR A 171 -12.71 -3.80 -0.81
CA THR A 171 -11.90 -3.65 0.40
C THR A 171 -11.53 -2.19 0.65
N LEU A 172 -11.31 -1.45 -0.44
CA LEU A 172 -10.96 -0.03 -0.36
C LEU A 172 -12.00 0.74 0.43
N ALA A 173 -13.23 0.75 -0.09
CA ALA A 173 -14.31 1.49 0.52
C ALA A 173 -14.64 0.94 1.90
N GLN A 174 -14.65 -0.38 2.03
CA GLN A 174 -14.95 -1.02 3.30
C GLN A 174 -13.91 -0.64 4.35
N ALA A 175 -12.63 -0.67 3.99
CA ALA A 175 -11.58 -0.30 4.92
C ALA A 175 -11.62 1.18 5.25
N GLU A 176 -12.06 1.98 4.28
CA GLU A 176 -12.26 3.39 4.51
C GLU A 176 -13.39 3.63 5.49
N GLN A 177 -14.50 2.95 5.27
CA GLN A 177 -15.66 3.03 6.15
C GLN A 177 -15.32 2.50 7.54
N ASP A 178 -14.63 1.37 7.57
CA ASP A 178 -14.26 0.72 8.82
C ASP A 178 -13.32 1.61 9.62
N TYR A 179 -12.39 2.26 8.93
CA TYR A 179 -11.43 3.15 9.56
C TYR A 179 -12.09 4.49 9.93
N GLU A 180 -13.08 4.88 9.13
CA GLU A 180 -13.86 6.09 9.37
C GLU A 180 -14.62 5.97 10.69
N GLN A 181 -15.13 4.77 10.94
CA GLN A 181 -15.84 4.48 12.18
C GLN A 181 -14.88 4.50 13.37
N ARG A 182 -13.63 4.14 13.11
CA ARG A 182 -12.59 4.11 14.14
C ARG A 182 -12.38 5.51 14.73
N LEU A 183 -12.50 6.53 13.88
CA LEU A 183 -12.31 7.91 14.31
C LEU A 183 -13.63 8.53 14.72
N LEU A 184 -13.63 9.24 15.84
CA LEU A 184 -14.84 9.89 16.32
C LEU A 184 -14.97 11.26 15.66
N GLU A 185 -15.50 11.26 14.45
CA GLU A 185 -15.74 12.47 13.68
C GLU A 185 -16.65 12.15 12.51
N HIS A 186 -17.73 12.89 12.36
CA HIS A 186 -18.68 12.60 11.31
C HIS A 186 -18.43 13.49 10.09
N HIS A 187 -19.04 13.11 8.98
CA HIS A 187 -18.95 13.88 7.75
C HIS A 187 -20.28 13.85 7.03
N HIS A 188 -20.80 15.04 6.71
CA HIS A 188 -22.12 15.16 6.10
C HIS A 188 -22.03 15.08 4.58
N HIS A 189 -23.18 14.94 3.94
CA HIS A 189 -23.25 14.93 2.49
C HIS A 189 -23.20 16.34 1.93
N HIS A 190 -22.04 16.74 1.44
CA HIS A 190 -21.90 18.03 0.79
C HIS A 190 -21.82 17.82 -0.71
N HIS A 191 -22.59 18.59 -1.46
CA HIS A 191 -22.64 18.47 -2.91
C HIS A 191 -21.31 18.87 -3.53
N MET A 1 -10.04 0.48 -18.78
CA MET A 1 -8.86 0.86 -17.97
C MET A 1 -8.83 0.07 -16.66
N THR A 2 -9.99 -0.39 -16.23
CA THR A 2 -10.11 -1.11 -14.98
C THR A 2 -9.66 -2.55 -15.13
N SER A 3 -9.10 -3.12 -14.07
CA SER A 3 -8.68 -4.51 -14.09
C SER A 3 -9.35 -5.29 -12.97
N PRO A 4 -10.47 -5.97 -13.28
CA PRO A 4 -11.27 -6.70 -12.30
C PRO A 4 -10.51 -7.88 -11.68
N SER A 5 -10.69 -8.05 -10.39
CA SER A 5 -10.03 -9.11 -9.65
C SER A 5 -11.03 -10.16 -9.18
N SER A 6 -10.67 -11.43 -9.33
CA SER A 6 -11.50 -12.51 -8.84
C SER A 6 -11.56 -12.47 -7.32
N ALA A 7 -12.77 -12.43 -6.78
CA ALA A 7 -12.99 -12.14 -5.38
C ALA A 7 -12.56 -13.28 -4.46
N PHE A 8 -11.35 -13.15 -3.92
CA PHE A 8 -10.91 -14.01 -2.83
C PHE A 8 -10.60 -13.14 -1.61
N PRO A 9 -11.62 -12.86 -0.80
CA PRO A 9 -11.54 -11.86 0.28
C PRO A 9 -10.54 -12.21 1.38
N ASP A 10 -9.74 -11.23 1.76
CA ASP A 10 -8.86 -11.33 2.92
C ASP A 10 -9.09 -10.15 3.84
N GLY A 11 -9.90 -10.35 4.86
CA GLY A 11 -10.25 -9.28 5.76
C GLY A 11 -9.88 -9.58 7.19
N HIS A 12 -9.01 -8.75 7.76
CA HIS A 12 -8.56 -8.97 9.13
C HIS A 12 -8.69 -7.69 9.95
N GLY A 13 -8.26 -6.58 9.37
CA GLY A 13 -8.30 -5.31 10.06
C GLY A 13 -7.17 -5.16 11.06
N ALA A 14 -6.88 -3.94 11.44
CA ALA A 14 -5.84 -3.67 12.43
C ALA A 14 -5.93 -2.24 12.93
N ARG A 15 -6.27 -2.08 14.20
CA ARG A 15 -6.31 -0.76 14.81
C ARG A 15 -5.12 -0.58 15.74
N LEU A 16 -4.20 0.29 15.34
CA LEU A 16 -3.02 0.58 16.13
C LEU A 16 -2.94 2.07 16.44
N ASP A 17 -2.54 2.84 15.42
CA ASP A 17 -2.38 4.29 15.53
C ASP A 17 -1.23 4.65 16.46
N ALA A 18 -0.09 4.96 15.87
CA ALA A 18 1.08 5.40 16.60
C ALA A 18 1.82 6.45 15.81
N GLN A 19 1.12 7.55 15.51
CA GLN A 19 1.69 8.70 14.78
C GLN A 19 2.05 8.30 13.34
N SER A 20 1.59 7.12 12.94
CA SER A 20 1.88 6.58 11.62
C SER A 20 1.05 5.33 11.38
N ILE A 21 1.06 4.84 10.15
CA ILE A 21 0.35 3.62 9.80
C ILE A 21 1.34 2.46 9.71
N ARG A 22 1.14 1.47 10.57
CA ARG A 22 2.11 0.40 10.73
C ARG A 22 1.41 -0.96 10.74
N PHE A 23 1.79 -1.81 9.80
CA PHE A 23 1.18 -3.13 9.63
C PHE A 23 2.24 -4.21 9.46
N GLU A 24 2.38 -5.09 10.43
CA GLU A 24 3.31 -6.20 10.29
C GLU A 24 2.56 -7.50 10.03
N ARG A 25 2.72 -8.04 8.84
CA ARG A 25 2.01 -9.25 8.44
C ARG A 25 2.96 -10.32 7.94
N LEU A 26 2.50 -11.57 8.01
CA LEU A 26 3.27 -12.70 7.54
C LEU A 26 2.85 -13.01 6.10
N LEU A 27 3.82 -13.18 5.21
CA LEU A 27 3.55 -13.47 3.82
C LEU A 27 4.23 -14.77 3.40
N PRO A 28 3.69 -15.44 2.38
CA PRO A 28 4.30 -16.64 1.82
C PRO A 28 5.57 -16.35 1.03
N GLY A 29 6.52 -17.26 1.12
CA GLY A 29 7.79 -17.07 0.46
C GLY A 29 8.87 -16.64 1.43
N PRO A 30 10.14 -16.95 1.12
CA PRO A 30 11.28 -16.64 1.99
C PRO A 30 11.59 -15.15 2.10
N ILE A 31 11.80 -14.54 0.93
CA ILE A 31 12.28 -13.17 0.85
C ILE A 31 12.42 -12.77 -0.62
N GLU A 32 12.84 -13.73 -1.44
CA GLU A 32 12.97 -13.54 -2.88
C GLU A 32 11.63 -13.13 -3.49
N ARG A 33 10.60 -13.92 -3.20
CA ARG A 33 9.26 -13.64 -3.72
C ARG A 33 8.75 -12.31 -3.19
N VAL A 34 9.16 -11.98 -1.99
CA VAL A 34 8.66 -10.80 -1.29
C VAL A 34 9.32 -9.53 -1.82
N TRP A 35 10.58 -9.63 -2.19
CA TRP A 35 11.26 -8.50 -2.80
C TRP A 35 10.74 -8.28 -4.21
N ALA A 36 10.42 -9.39 -4.88
CA ALA A 36 10.01 -9.38 -6.28
C ALA A 36 8.89 -8.37 -6.56
N TRP A 37 7.86 -8.31 -5.73
CA TRP A 37 6.78 -7.35 -5.98
C TRP A 37 7.22 -5.92 -5.70
N LEU A 38 8.22 -5.78 -4.87
CA LEU A 38 8.77 -4.47 -4.58
C LEU A 38 9.57 -3.96 -5.77
N ALA A 39 10.21 -4.88 -6.49
CA ALA A 39 11.05 -4.50 -7.62
C ALA A 39 10.35 -4.65 -8.97
N ASP A 40 9.72 -5.80 -9.20
CA ASP A 40 9.18 -6.15 -10.50
C ASP A 40 7.90 -5.38 -10.81
N ALA A 41 7.88 -4.72 -11.96
CA ALA A 41 6.77 -3.88 -12.37
C ALA A 41 5.53 -4.70 -12.73
N ASP A 42 5.75 -5.95 -13.14
CA ASP A 42 4.65 -6.81 -13.57
C ASP A 42 3.84 -7.27 -12.37
N LYS A 43 4.55 -7.67 -11.32
CA LYS A 43 3.90 -8.19 -10.13
C LYS A 43 3.19 -7.07 -9.37
N ARG A 44 3.87 -5.94 -9.21
CA ARG A 44 3.34 -4.85 -8.41
C ARG A 44 2.25 -4.08 -9.16
N ALA A 45 2.07 -4.41 -10.44
CA ALA A 45 1.02 -3.79 -11.24
C ALA A 45 -0.36 -4.22 -10.74
N ARG A 46 -0.39 -5.23 -9.91
CA ARG A 46 -1.66 -5.75 -9.38
C ARG A 46 -1.94 -5.22 -7.98
N TRP A 47 -0.92 -5.00 -7.17
CA TRP A 47 -1.14 -4.58 -5.79
C TRP A 47 -0.88 -3.08 -5.62
N LEU A 48 -0.29 -2.47 -6.63
CA LEU A 48 0.03 -1.05 -6.58
C LEU A 48 -0.16 -0.40 -7.94
N ALA A 49 0.79 -0.65 -8.83
CA ALA A 49 0.86 0.08 -10.08
C ALA A 49 1.96 -0.47 -10.97
N GLY A 50 1.85 -0.17 -12.25
CA GLY A 50 2.85 -0.59 -13.20
C GLY A 50 3.96 0.44 -13.31
N GLY A 51 5.10 0.00 -13.78
CA GLY A 51 6.27 0.85 -13.84
C GLY A 51 7.35 0.37 -12.90
N GLU A 52 8.57 0.30 -13.40
CA GLU A 52 9.70 -0.21 -12.63
C GLU A 52 10.34 0.86 -11.75
N LEU A 53 11.47 0.51 -11.14
CA LEU A 53 12.21 1.42 -10.29
C LEU A 53 13.44 1.94 -11.01
N PRO A 54 13.93 3.12 -10.61
CA PRO A 54 15.16 3.70 -11.16
C PRO A 54 16.40 3.01 -10.60
N ARG A 55 17.55 3.64 -10.79
CA ARG A 55 18.81 3.04 -10.36
C ARG A 55 19.29 3.64 -9.06
N GLN A 56 19.22 4.95 -8.97
CA GLN A 56 19.72 5.66 -7.81
C GLN A 56 18.62 6.00 -6.82
N PRO A 57 18.95 5.90 -5.52
CA PRO A 57 18.10 6.40 -4.45
C PRO A 57 18.11 7.93 -4.45
N GLY A 58 16.98 8.52 -4.77
CA GLY A 58 16.92 9.96 -4.93
C GLY A 58 16.42 10.33 -6.30
N GLN A 59 16.47 9.39 -7.22
CA GLN A 59 15.92 9.57 -8.56
C GLN A 59 14.39 9.49 -8.52
N THR A 60 13.75 9.98 -9.55
CA THR A 60 12.30 9.93 -9.63
C THR A 60 11.86 9.03 -10.77
N PHE A 61 10.86 8.20 -10.52
CA PHE A 61 10.33 7.32 -11.55
C PHE A 61 8.86 7.64 -11.79
N GLU A 62 8.34 7.16 -12.90
CA GLU A 62 6.96 7.38 -13.24
C GLU A 62 6.14 6.14 -12.88
N LEU A 63 5.22 6.31 -11.97
CA LEU A 63 4.43 5.21 -11.47
C LEU A 63 2.96 5.52 -11.69
N HIS A 64 2.10 4.61 -11.27
CA HIS A 64 0.67 4.82 -11.40
C HIS A 64 0.06 4.95 -10.01
N PHE A 65 -1.19 5.41 -9.96
CA PHE A 65 -1.96 5.44 -8.71
C PHE A 65 -1.52 6.60 -7.80
N ASN A 66 -2.48 7.12 -7.04
CA ASN A 66 -2.24 8.28 -6.20
C ASN A 66 -2.28 7.94 -4.71
N HIS A 67 -3.46 7.55 -4.21
CA HIS A 67 -3.62 7.16 -2.82
C HIS A 67 -4.78 6.17 -2.68
N ALA A 68 -5.57 6.04 -3.74
CA ALA A 68 -6.72 5.14 -3.73
C ALA A 68 -7.10 4.69 -5.14
N ALA A 69 -6.72 5.48 -6.14
CA ALA A 69 -7.05 5.18 -7.52
C ALA A 69 -6.19 4.06 -8.08
N LEU A 70 -6.52 2.85 -7.69
CA LEU A 70 -5.83 1.66 -8.18
C LEU A 70 -6.76 0.91 -9.12
N THR A 71 -7.91 0.53 -8.60
CA THR A 71 -8.95 -0.12 -9.37
C THR A 71 -10.28 0.03 -8.63
N ALA A 72 -11.36 0.03 -9.37
CA ALA A 72 -12.68 0.15 -8.76
C ALA A 72 -13.58 -0.97 -9.23
N GLU A 73 -13.02 -1.86 -10.05
CA GLU A 73 -13.75 -2.97 -10.66
C GLU A 73 -14.89 -2.44 -11.54
N THR A 74 -15.99 -2.06 -10.90
CA THR A 74 -17.06 -1.32 -11.52
C THR A 74 -17.76 -0.52 -10.44
N ALA A 75 -17.95 0.76 -10.68
CA ALA A 75 -18.41 1.67 -9.65
C ALA A 75 -19.37 2.72 -10.21
N PRO A 76 -20.21 3.30 -9.34
CA PRO A 76 -21.12 4.38 -9.72
C PRO A 76 -20.37 5.62 -10.22
N ALA A 77 -21.11 6.57 -10.78
CA ALA A 77 -20.52 7.75 -11.41
C ALA A 77 -19.61 8.52 -10.47
N ARG A 78 -20.07 8.78 -9.25
CA ARG A 78 -19.31 9.59 -8.30
C ARG A 78 -18.14 8.81 -7.70
N TYR A 79 -18.06 7.52 -8.01
CA TYR A 79 -17.05 6.66 -7.43
C TYR A 79 -16.04 6.24 -8.50
N ALA A 80 -16.30 6.63 -9.73
CA ALA A 80 -15.47 6.25 -10.87
C ALA A 80 -14.18 7.07 -10.90
N GLN A 81 -14.00 7.93 -9.91
CA GLN A 81 -12.81 8.77 -9.82
C GLN A 81 -11.56 7.92 -9.57
N TYR A 82 -11.72 6.84 -8.81
CA TYR A 82 -10.60 5.97 -8.48
C TYR A 82 -10.54 4.78 -9.44
N ASP A 83 -11.29 4.88 -10.53
CA ASP A 83 -11.42 3.78 -11.48
C ASP A 83 -10.47 3.95 -12.66
N ARG A 84 -9.79 5.08 -12.70
CA ARG A 84 -8.94 5.40 -13.83
C ARG A 84 -7.47 5.39 -13.45
N PRO A 85 -6.60 5.00 -14.39
CA PRO A 85 -5.16 4.95 -14.17
C PRO A 85 -4.53 6.33 -14.07
N ILE A 86 -3.80 6.54 -13.00
CA ILE A 86 -3.11 7.79 -12.75
C ILE A 86 -1.62 7.61 -12.93
N VAL A 87 -0.97 8.58 -13.55
CA VAL A 87 0.47 8.56 -13.66
C VAL A 87 1.09 9.63 -12.76
N ALA A 88 1.92 9.19 -11.83
CA ALA A 88 2.52 10.08 -10.85
C ALA A 88 3.96 9.70 -10.58
N ARG A 89 4.84 10.68 -10.57
CA ARG A 89 6.23 10.43 -10.25
C ARG A 89 6.41 10.24 -8.75
N HIS A 90 7.34 9.37 -8.40
CA HIS A 90 7.66 9.11 -7.01
C HIS A 90 9.16 9.00 -6.85
N THR A 91 9.66 9.45 -5.71
CA THR A 91 11.08 9.36 -5.41
C THR A 91 11.33 8.17 -4.49
N LEU A 92 12.34 7.38 -4.80
CA LEU A 92 12.74 6.31 -3.92
C LEU A 92 13.77 6.83 -2.92
N LEU A 93 13.50 6.61 -1.65
CA LEU A 93 14.36 7.14 -0.59
C LEU A 93 15.57 6.26 -0.40
N ARG A 94 15.33 5.06 0.09
CA ARG A 94 16.40 4.09 0.27
C ARG A 94 16.00 2.75 -0.31
N CYS A 95 16.96 2.06 -0.90
CA CYS A 95 16.73 0.73 -1.44
C CYS A 95 17.92 -0.16 -1.15
N GLU A 96 17.83 -0.90 -0.07
CA GLU A 96 18.92 -1.74 0.40
C GLU A 96 18.51 -3.21 0.36
N PRO A 97 18.71 -3.85 -0.80
CA PRO A 97 18.20 -5.18 -1.09
C PRO A 97 19.09 -6.31 -0.55
N PRO A 98 18.47 -7.45 -0.21
CA PRO A 98 17.02 -7.57 -0.16
C PRO A 98 16.50 -7.59 1.28
N ARG A 99 15.99 -6.44 1.73
CA ARG A 99 15.49 -6.30 3.09
C ARG A 99 14.56 -5.10 3.20
N VAL A 100 15.15 -3.91 3.14
CA VAL A 100 14.41 -2.68 3.43
C VAL A 100 14.51 -1.70 2.27
N LEU A 101 13.38 -1.08 1.94
CA LEU A 101 13.35 -0.02 0.94
C LEU A 101 12.21 0.93 1.25
N ALA A 102 12.35 2.18 0.82
CA ALA A 102 11.37 3.20 1.13
C ALA A 102 11.13 4.11 -0.06
N LEU A 103 9.88 4.50 -0.24
CA LEU A 103 9.50 5.44 -1.28
C LEU A 103 8.77 6.61 -0.64
N THR A 104 8.63 7.70 -1.37
CA THR A 104 7.89 8.84 -0.84
C THR A 104 6.52 8.93 -1.52
N TRP A 105 5.57 9.49 -0.78
CA TRP A 105 4.19 9.53 -1.19
C TRP A 105 3.92 10.75 -2.07
N GLY A 106 2.68 10.97 -2.43
CA GLY A 106 2.33 12.10 -3.26
C GLY A 106 2.37 13.41 -2.48
N GLY A 107 2.84 14.45 -3.14
CA GLY A 107 2.90 15.75 -2.51
C GLY A 107 1.74 16.63 -2.92
N GLY A 108 0.94 17.04 -1.95
CA GLY A 108 -0.22 17.86 -2.24
C GLY A 108 -0.07 19.27 -1.71
N ALA A 109 -1.17 19.85 -1.28
CA ALA A 109 -1.18 21.21 -0.77
C ALA A 109 -0.87 21.23 0.71
N GLY A 110 0.27 21.81 1.07
CA GLY A 110 0.69 21.86 2.45
C GLY A 110 1.43 20.62 2.86
N GLU A 111 2.37 20.79 3.80
CA GLU A 111 3.15 19.70 4.36
C GLU A 111 4.13 19.12 3.33
N ALA A 112 5.14 18.44 3.83
CA ALA A 112 6.08 17.73 2.97
C ALA A 112 5.54 16.35 2.67
N PRO A 113 5.78 15.82 1.45
CA PRO A 113 5.28 14.51 1.05
C PRO A 113 5.63 13.41 2.05
N SER A 114 4.65 12.62 2.42
CA SER A 114 4.86 11.48 3.30
C SER A 114 5.76 10.46 2.62
N GLU A 115 6.03 9.36 3.31
CA GLU A 115 6.83 8.30 2.71
C GLU A 115 6.33 6.95 3.18
N VAL A 116 6.73 5.90 2.49
CA VAL A 116 6.30 4.56 2.80
C VAL A 116 7.50 3.64 2.95
N LEU A 117 7.60 3.02 4.12
CA LEU A 117 8.69 2.12 4.43
C LEU A 117 8.22 0.68 4.31
N PHE A 118 8.93 -0.10 3.50
CA PHE A 118 8.73 -1.54 3.47
C PHE A 118 9.94 -2.24 4.04
N GLU A 119 9.73 -3.01 5.10
CA GLU A 119 10.82 -3.72 5.73
C GLU A 119 10.51 -5.21 5.75
N LEU A 120 11.26 -5.97 4.98
CA LEU A 120 11.05 -7.40 4.89
C LEU A 120 12.05 -8.13 5.78
N SER A 121 11.56 -9.07 6.55
CA SER A 121 12.42 -9.93 7.35
C SER A 121 12.06 -11.38 7.04
N GLU A 122 13.06 -12.22 6.93
CA GLU A 122 12.85 -13.56 6.41
C GLU A 122 12.80 -14.55 7.55
N ALA A 123 11.92 -15.51 7.42
CA ALA A 123 11.72 -16.49 8.46
C ALA A 123 12.10 -17.89 7.99
N GLY A 124 11.82 -18.89 8.81
CA GLY A 124 12.30 -20.23 8.56
C GLY A 124 11.42 -21.01 7.59
N GLU A 125 10.74 -20.29 6.71
CA GLU A 125 9.84 -20.90 5.73
C GLU A 125 9.13 -19.79 4.97
N GLN A 126 8.85 -18.71 5.67
CA GLN A 126 8.07 -17.62 5.10
C GLN A 126 8.69 -16.28 5.45
N VAL A 127 7.94 -15.20 5.27
CA VAL A 127 8.49 -13.87 5.45
C VAL A 127 7.55 -12.99 6.26
N ARG A 128 8.12 -12.07 7.01
CA ARG A 128 7.34 -11.06 7.71
C ARG A 128 7.67 -9.68 7.15
N LEU A 129 6.64 -8.91 6.91
CA LEU A 129 6.78 -7.58 6.35
C LEU A 129 5.99 -6.57 7.17
N VAL A 130 6.60 -5.43 7.43
CA VAL A 130 5.93 -4.35 8.12
C VAL A 130 5.75 -3.13 7.22
N LEU A 131 4.51 -2.71 7.06
CA LEU A 131 4.19 -1.53 6.28
C LEU A 131 4.21 -0.33 7.21
N THR A 132 5.13 0.57 6.96
CA THR A 132 5.25 1.76 7.78
C THR A 132 5.10 3.01 6.94
N HIS A 133 3.95 3.65 7.04
CA HIS A 133 3.74 4.90 6.32
C HIS A 133 4.23 6.05 7.21
N THR A 134 5.35 6.63 6.83
CA THR A 134 6.01 7.64 7.62
C THR A 134 5.55 9.04 7.24
N ARG A 135 5.73 9.98 8.17
CA ARG A 135 5.38 11.38 7.97
C ARG A 135 3.86 11.53 7.79
N LEU A 136 3.13 11.07 8.80
CA LEU A 136 1.68 11.24 8.84
C LEU A 136 1.31 12.15 10.01
N ALA A 137 1.06 13.40 9.70
CA ALA A 137 0.83 14.40 10.73
C ALA A 137 -0.65 14.62 10.98
N ASP A 138 -1.49 14.16 10.06
CA ASP A 138 -2.91 14.42 10.16
C ASP A 138 -3.68 13.13 9.98
N ARG A 139 -4.73 12.98 10.77
CA ARG A 139 -5.54 11.78 10.71
C ARG A 139 -6.31 11.75 9.39
N ALA A 140 -6.44 12.91 8.76
CA ALA A 140 -7.01 13.00 7.43
C ALA A 140 -6.07 12.35 6.42
N ALA A 141 -4.77 12.40 6.69
CA ALA A 141 -3.80 11.74 5.82
C ALA A 141 -3.95 10.24 5.97
N MET A 142 -3.92 9.78 7.23
CA MET A 142 -4.22 8.39 7.53
C MET A 142 -5.53 7.95 6.86
N LEU A 143 -6.57 8.77 6.98
CA LEU A 143 -7.85 8.47 6.35
C LEU A 143 -7.79 8.56 4.83
N ASP A 144 -6.84 9.33 4.31
CA ASP A 144 -6.69 9.47 2.87
C ASP A 144 -6.20 8.16 2.27
N VAL A 145 -5.16 7.61 2.88
CA VAL A 145 -4.63 6.32 2.45
C VAL A 145 -5.36 5.15 3.12
N ALA A 146 -6.23 5.47 4.06
CA ALA A 146 -7.10 4.46 4.65
C ALA A 146 -8.03 3.88 3.59
N GLY A 147 -8.82 4.75 2.99
CA GLY A 147 -9.70 4.32 1.93
C GLY A 147 -8.99 4.25 0.60
N GLY A 148 -8.09 3.29 0.47
CA GLY A 148 -7.37 3.11 -0.78
C GLY A 148 -6.08 2.33 -0.59
N TRP A 149 -5.08 3.00 -0.03
CA TRP A 149 -3.76 2.41 0.14
C TRP A 149 -3.82 1.13 0.98
N HIS A 150 -4.65 1.16 2.02
CA HIS A 150 -4.81 0.02 2.92
C HIS A 150 -5.13 -1.26 2.16
N ALA A 151 -5.96 -1.14 1.14
CA ALA A 151 -6.44 -2.30 0.40
C ALA A 151 -5.28 -3.07 -0.24
N HIS A 152 -4.17 -2.37 -0.52
CA HIS A 152 -3.04 -2.99 -1.21
C HIS A 152 -2.47 -4.13 -0.36
N LEU A 153 -2.73 -4.08 0.94
CA LEU A 153 -2.21 -5.09 1.86
C LEU A 153 -2.90 -6.42 1.66
N ALA A 154 -4.15 -6.38 1.19
CA ALA A 154 -4.90 -7.60 0.95
C ALA A 154 -4.50 -8.19 -0.40
N VAL A 155 -4.45 -7.31 -1.41
CA VAL A 155 -4.03 -7.71 -2.74
C VAL A 155 -2.62 -8.28 -2.71
N LEU A 156 -1.80 -7.71 -1.84
CA LEU A 156 -0.43 -8.17 -1.61
C LEU A 156 -0.40 -9.64 -1.25
N ALA A 157 -1.06 -9.99 -0.16
CA ALA A 157 -1.08 -11.37 0.33
C ALA A 157 -1.68 -12.30 -0.72
N GLY A 158 -2.73 -11.81 -1.39
CA GLY A 158 -3.38 -12.59 -2.43
C GLY A 158 -2.44 -12.99 -3.54
N LYS A 159 -1.73 -12.02 -4.10
CA LYS A 159 -0.78 -12.26 -5.16
C LYS A 159 0.39 -13.11 -4.66
N LEU A 160 0.88 -12.79 -3.47
CA LEU A 160 1.97 -13.53 -2.84
C LEU A 160 1.63 -15.01 -2.68
N ALA A 161 0.37 -15.29 -2.39
CA ALA A 161 -0.11 -16.66 -2.24
C ALA A 161 -0.14 -17.38 -3.58
N GLY A 162 -0.18 -16.62 -4.66
CA GLY A 162 -0.18 -17.21 -5.99
C GLY A 162 -1.58 -17.33 -6.57
N GLN A 163 -2.54 -16.66 -5.94
CA GLN A 163 -3.91 -16.66 -6.43
C GLN A 163 -4.36 -15.25 -6.77
N ALA A 164 -5.63 -15.12 -7.13
CA ALA A 164 -6.20 -13.82 -7.45
C ALA A 164 -6.38 -12.99 -6.18
N PRO A 165 -6.23 -11.66 -6.31
CA PRO A 165 -6.34 -10.75 -5.17
C PRO A 165 -7.78 -10.55 -4.69
N PRO A 166 -7.94 -10.20 -3.40
CA PRO A 166 -9.25 -9.94 -2.80
C PRO A 166 -10.01 -8.81 -3.47
N PRO A 167 -11.35 -8.79 -3.34
CA PRO A 167 -12.19 -7.73 -3.88
C PRO A 167 -11.84 -6.37 -3.29
N PHE A 168 -11.43 -5.45 -4.14
CA PHE A 168 -10.97 -4.13 -3.71
C PHE A 168 -12.08 -3.39 -2.96
N TRP A 169 -13.32 -3.56 -3.42
CA TRP A 169 -14.47 -2.84 -2.86
C TRP A 169 -14.64 -3.12 -1.37
N THR A 170 -14.57 -4.38 -1.00
CA THR A 170 -14.79 -4.79 0.37
C THR A 170 -13.79 -4.13 1.31
N THR A 171 -12.50 -4.30 1.00
CA THR A 171 -11.45 -3.76 1.83
C THR A 171 -11.46 -2.23 1.80
N LEU A 172 -11.80 -1.68 0.64
CA LEU A 172 -11.87 -0.23 0.46
C LEU A 172 -12.90 0.39 1.41
N ALA A 173 -14.15 -0.05 1.29
CA ALA A 173 -15.24 0.51 2.07
C ALA A 173 -15.05 0.22 3.56
N GLN A 174 -14.63 -0.99 3.88
CA GLN A 174 -14.43 -1.37 5.27
C GLN A 174 -13.31 -0.56 5.91
N ALA A 175 -12.20 -0.40 5.19
CA ALA A 175 -11.08 0.39 5.71
C ALA A 175 -11.50 1.83 5.97
N GLU A 176 -12.20 2.41 4.99
CA GLU A 176 -12.72 3.75 5.12
C GLU A 176 -13.57 3.89 6.37
N GLN A 177 -14.54 2.99 6.52
CA GLN A 177 -15.48 3.04 7.63
C GLN A 177 -14.82 2.66 8.95
N ASP A 178 -13.86 1.75 8.90
CA ASP A 178 -13.16 1.30 10.10
C ASP A 178 -12.39 2.44 10.73
N TYR A 179 -11.59 3.14 9.93
CA TYR A 179 -10.80 4.25 10.43
C TYR A 179 -11.63 5.52 10.63
N GLU A 180 -12.69 5.67 9.86
CA GLU A 180 -13.62 6.79 10.05
C GLU A 180 -14.29 6.65 11.40
N GLN A 181 -14.41 5.39 11.84
CA GLN A 181 -14.92 5.09 13.17
C GLN A 181 -13.78 5.23 14.18
N ARG A 182 -12.84 4.28 14.13
CA ARG A 182 -11.66 4.27 14.99
C ARG A 182 -12.03 3.99 16.45
N LEU A 183 -12.77 4.91 17.04
CA LEU A 183 -13.16 4.83 18.44
C LEU A 183 -14.55 5.43 18.61
N LEU A 184 -15.32 4.90 19.53
CA LEU A 184 -16.67 5.41 19.76
C LEU A 184 -16.62 6.61 20.71
N GLU A 185 -16.33 7.77 20.16
CA GLU A 185 -16.25 9.00 20.95
C GLU A 185 -17.35 9.95 20.53
N HIS A 186 -18.36 9.40 19.86
CA HIS A 186 -19.50 10.16 19.33
C HIS A 186 -19.07 11.02 18.16
N HIS A 187 -19.14 10.44 16.97
CA HIS A 187 -18.73 11.12 15.74
C HIS A 187 -19.96 11.62 14.99
N HIS A 188 -20.29 12.89 15.18
CA HIS A 188 -21.49 13.47 14.57
C HIS A 188 -21.12 14.58 13.58
N HIS A 189 -22.00 14.81 12.62
CA HIS A 189 -21.84 15.89 11.66
C HIS A 189 -23.19 16.31 11.10
N HIS A 190 -24.16 15.37 11.12
CA HIS A 190 -25.53 15.61 10.67
C HIS A 190 -25.63 15.79 9.16
N HIS A 191 -25.05 16.88 8.64
CA HIS A 191 -25.09 17.13 7.21
C HIS A 191 -23.67 17.09 6.64
N MET A 1 0.61 2.53 38.47
CA MET A 1 2.03 2.69 38.11
C MET A 1 2.27 2.26 36.67
N THR A 2 3.28 2.84 36.05
CA THR A 2 3.61 2.54 34.66
C THR A 2 4.23 1.15 34.54
N SER A 3 5.42 0.98 35.11
CA SER A 3 6.17 -0.26 35.03
C SER A 3 6.28 -0.75 33.57
N PRO A 4 7.15 -0.12 32.77
CA PRO A 4 7.33 -0.48 31.36
C PRO A 4 8.01 -1.83 31.19
N SER A 5 7.22 -2.87 31.04
CA SER A 5 7.75 -4.22 30.92
C SER A 5 8.52 -4.39 29.62
N SER A 6 9.84 -4.39 29.73
CA SER A 6 10.71 -4.58 28.58
C SER A 6 10.76 -6.06 28.22
N ALA A 7 10.22 -6.40 27.06
CA ALA A 7 10.10 -7.79 26.65
C ALA A 7 10.74 -8.02 25.29
N PHE A 8 10.98 -9.28 24.97
CA PHE A 8 11.58 -9.64 23.70
C PHE A 8 10.50 -9.96 22.66
N PRO A 9 10.80 -9.68 21.37
CA PRO A 9 9.87 -9.94 20.27
C PRO A 9 9.41 -11.39 20.23
N ASP A 10 8.17 -11.60 19.79
CA ASP A 10 7.57 -12.92 19.78
C ASP A 10 6.40 -12.93 18.79
N GLY A 11 5.79 -14.10 18.59
CA GLY A 11 4.67 -14.21 17.67
C GLY A 11 3.47 -13.36 18.07
N HIS A 12 3.37 -13.06 19.37
CA HIS A 12 2.28 -12.23 19.85
C HIS A 12 2.59 -10.75 19.61
N GLY A 13 1.61 -10.02 19.12
CA GLY A 13 1.81 -8.62 18.80
C GLY A 13 1.71 -7.73 20.02
N ALA A 14 1.93 -6.44 19.82
CA ALA A 14 1.88 -5.47 20.90
C ALA A 14 1.13 -4.23 20.45
N ARG A 15 1.03 -3.23 21.33
CA ARG A 15 0.33 -2.00 21.03
C ARG A 15 1.25 -1.04 20.27
N LEU A 16 1.01 -0.88 18.98
CA LEU A 16 1.79 0.02 18.17
C LEU A 16 1.15 1.41 18.15
N ASP A 17 1.97 2.44 18.08
CA ASP A 17 1.50 3.82 18.17
C ASP A 17 0.80 4.26 16.90
N ALA A 18 0.21 5.45 16.96
CA ALA A 18 -0.54 6.01 15.84
C ALA A 18 0.29 7.05 15.09
N GLN A 19 -0.40 7.89 14.30
CA GLN A 19 0.24 8.90 13.45
C GLN A 19 1.14 8.26 12.41
N SER A 20 0.90 6.98 12.17
CA SER A 20 1.63 6.23 11.19
C SER A 20 0.85 4.97 10.84
N ILE A 21 1.04 4.48 9.62
CA ILE A 21 0.40 3.26 9.21
C ILE A 21 1.40 2.13 9.25
N ARG A 22 1.11 1.15 10.06
CA ARG A 22 2.06 0.06 10.31
C ARG A 22 1.32 -1.26 10.45
N PHE A 23 1.67 -2.19 9.57
CA PHE A 23 1.05 -3.52 9.56
C PHE A 23 2.09 -4.56 9.16
N GLU A 24 2.20 -5.63 9.94
CA GLU A 24 3.09 -6.72 9.60
C GLU A 24 2.29 -7.85 8.99
N ARG A 25 2.69 -8.28 7.81
CA ARG A 25 2.02 -9.35 7.11
C ARG A 25 2.99 -10.45 6.75
N LEU A 26 2.57 -11.69 6.91
CA LEU A 26 3.40 -12.83 6.61
C LEU A 26 3.24 -13.20 5.15
N LEU A 27 4.36 -13.34 4.45
CA LEU A 27 4.36 -13.66 3.04
C LEU A 27 5.24 -14.87 2.77
N PRO A 28 4.96 -15.62 1.68
CA PRO A 28 5.69 -16.85 1.37
C PRO A 28 7.00 -16.59 0.63
N GLY A 29 8.01 -17.38 0.95
CA GLY A 29 9.30 -17.24 0.32
C GLY A 29 10.39 -16.96 1.33
N PRO A 30 11.66 -17.17 0.99
CA PRO A 30 12.77 -16.85 1.89
C PRO A 30 12.82 -15.36 2.22
N ILE A 31 12.77 -14.55 1.16
CA ILE A 31 12.68 -13.10 1.26
C ILE A 31 12.79 -12.50 -0.14
N GLU A 32 13.56 -13.19 -0.99
CA GLU A 32 13.75 -12.77 -2.37
C GLU A 32 12.44 -12.80 -3.16
N ARG A 33 11.61 -13.81 -2.90
CA ARG A 33 10.37 -13.97 -3.62
C ARG A 33 9.47 -12.76 -3.44
N VAL A 34 9.22 -12.42 -2.19
CA VAL A 34 8.36 -11.28 -1.86
C VAL A 34 8.91 -9.99 -2.44
N TRP A 35 10.24 -9.88 -2.49
CA TRP A 35 10.89 -8.68 -3.00
C TRP A 35 10.54 -8.46 -4.47
N ALA A 36 10.51 -9.55 -5.23
CA ALA A 36 10.25 -9.49 -6.67
C ALA A 36 9.00 -8.68 -6.99
N TRP A 37 7.93 -8.93 -6.25
CA TRP A 37 6.69 -8.21 -6.46
C TRP A 37 6.79 -6.78 -5.97
N LEU A 38 7.68 -6.54 -5.01
CA LEU A 38 7.86 -5.22 -4.45
C LEU A 38 8.65 -4.33 -5.39
N ALA A 39 9.50 -4.95 -6.19
CA ALA A 39 10.35 -4.20 -7.10
C ALA A 39 9.79 -4.19 -8.52
N ASP A 40 9.42 -5.37 -9.02
CA ASP A 40 8.96 -5.47 -10.40
C ASP A 40 7.49 -5.12 -10.50
N ALA A 41 7.24 -3.84 -10.69
CA ALA A 41 5.88 -3.35 -10.83
C ALA A 41 5.36 -3.59 -12.24
N ASP A 42 6.22 -4.14 -13.09
CA ASP A 42 5.83 -4.47 -14.45
C ASP A 42 5.23 -5.87 -14.46
N LYS A 43 5.81 -6.70 -13.62
CA LYS A 43 5.40 -8.07 -13.42
C LYS A 43 3.97 -8.13 -12.93
N ARG A 44 3.69 -7.34 -11.90
CA ARG A 44 2.39 -7.38 -11.26
C ARG A 44 1.85 -5.96 -11.03
N ALA A 45 1.82 -5.20 -12.10
CA ALA A 45 1.11 -3.93 -12.12
C ALA A 45 -0.35 -4.14 -11.70
N ARG A 46 -0.83 -5.38 -11.85
CA ARG A 46 -2.16 -5.74 -11.40
C ARG A 46 -2.16 -6.24 -9.95
N TRP A 47 -1.08 -5.98 -9.21
CA TRP A 47 -1.11 -6.16 -7.77
C TRP A 47 -0.89 -4.81 -7.12
N LEU A 48 0.03 -4.03 -7.69
CA LEU A 48 0.30 -2.70 -7.14
C LEU A 48 -0.17 -1.62 -8.10
N ALA A 49 0.64 -1.36 -9.12
CA ALA A 49 0.36 -0.30 -10.08
C ALA A 49 1.42 -0.30 -11.17
N GLY A 50 1.21 0.53 -12.18
CA GLY A 50 2.18 0.63 -13.25
C GLY A 50 3.26 1.64 -12.94
N GLY A 51 4.47 1.18 -12.75
CA GLY A 51 5.58 2.08 -12.48
C GLY A 51 6.75 1.37 -11.86
N GLU A 52 7.65 0.90 -12.71
CA GLU A 52 8.85 0.20 -12.25
C GLU A 52 9.77 1.18 -11.52
N LEU A 53 10.61 0.65 -10.65
CA LEU A 53 11.36 1.49 -9.73
C LEU A 53 12.76 1.80 -10.26
N PRO A 54 13.24 3.02 -9.99
CA PRO A 54 14.62 3.40 -10.26
C PRO A 54 15.57 2.66 -9.33
N ARG A 55 16.86 2.80 -9.57
CA ARG A 55 17.85 2.04 -8.84
C ARG A 55 18.71 2.95 -7.97
N GLN A 56 18.66 4.23 -8.25
CA GLN A 56 19.36 5.23 -7.44
C GLN A 56 18.47 5.77 -6.32
N PRO A 57 19.08 6.02 -5.16
CA PRO A 57 18.41 6.66 -4.03
C PRO A 57 18.31 8.17 -4.21
N GLY A 58 17.15 8.72 -3.90
CA GLY A 58 16.95 10.15 -4.05
C GLY A 58 16.32 10.51 -5.37
N GLN A 59 16.16 9.53 -6.25
CA GLN A 59 15.54 9.75 -7.54
C GLN A 59 14.02 9.59 -7.43
N THR A 60 13.30 10.06 -8.44
CA THR A 60 11.85 9.96 -8.44
C THR A 60 11.34 9.05 -9.56
N PHE A 61 10.36 8.24 -9.24
CA PHE A 61 9.70 7.41 -10.24
C PHE A 61 8.26 7.86 -10.40
N GLU A 62 7.62 7.44 -11.47
CA GLU A 62 6.23 7.81 -11.70
C GLU A 62 5.33 6.59 -11.61
N LEU A 63 4.24 6.73 -10.88
CA LEU A 63 3.29 5.66 -10.75
C LEU A 63 2.03 5.94 -11.54
N HIS A 64 1.30 4.89 -11.81
CA HIS A 64 0.02 4.98 -12.46
C HIS A 64 -0.94 4.03 -11.77
N PHE A 65 -1.90 4.62 -11.07
CA PHE A 65 -2.84 3.84 -10.27
C PHE A 65 -3.84 3.11 -11.17
N ASN A 66 -3.32 2.10 -11.87
CA ASN A 66 -4.11 1.27 -12.78
C ASN A 66 -4.81 2.14 -13.84
N HIS A 67 -5.91 1.62 -14.38
CA HIS A 67 -6.71 2.32 -15.38
C HIS A 67 -7.87 1.45 -15.82
N ALA A 68 -7.69 0.14 -15.66
CA ALA A 68 -8.72 -0.86 -15.96
C ALA A 68 -8.15 -2.26 -15.80
N ALA A 69 -8.20 -2.79 -14.57
CA ALA A 69 -7.70 -4.14 -14.29
C ALA A 69 -8.11 -4.59 -12.89
N LEU A 70 -8.02 -3.68 -11.93
CA LEU A 70 -8.35 -3.98 -10.55
C LEU A 70 -9.84 -3.78 -10.30
N THR A 71 -10.20 -3.63 -9.03
CA THR A 71 -11.58 -3.40 -8.65
C THR A 71 -11.95 -1.93 -8.81
N ALA A 72 -13.16 -1.58 -8.39
CA ALA A 72 -13.66 -0.20 -8.47
C ALA A 72 -13.95 0.21 -9.91
N GLU A 73 -13.90 -0.76 -10.82
CA GLU A 73 -14.28 -0.54 -12.21
C GLU A 73 -15.70 -0.03 -12.28
N THR A 74 -16.54 -0.56 -11.39
CA THR A 74 -17.85 -0.03 -11.18
C THR A 74 -17.95 0.48 -9.75
N ALA A 75 -18.22 1.76 -9.61
CA ALA A 75 -18.19 2.41 -8.31
C ALA A 75 -18.76 3.83 -8.38
N PRO A 76 -19.27 4.34 -7.26
CA PRO A 76 -19.79 5.71 -7.18
C PRO A 76 -18.67 6.73 -7.05
N ALA A 77 -19.03 7.97 -6.72
CA ALA A 77 -18.06 9.04 -6.55
C ALA A 77 -17.04 8.67 -5.47
N ARG A 78 -15.84 9.25 -5.59
CA ARG A 78 -14.71 8.97 -4.69
C ARG A 78 -14.08 7.61 -4.96
N TYR A 79 -14.88 6.61 -5.33
CA TYR A 79 -14.38 5.27 -5.51
C TYR A 79 -14.05 5.04 -6.96
N ALA A 80 -14.79 5.76 -7.80
CA ALA A 80 -14.59 5.67 -9.23
C ALA A 80 -13.26 6.33 -9.64
N GLN A 81 -12.67 7.05 -8.71
CA GLN A 81 -11.40 7.73 -8.95
C GLN A 81 -10.25 6.74 -8.82
N TYR A 82 -10.50 5.61 -8.18
CA TYR A 82 -9.46 4.61 -7.97
C TYR A 82 -9.31 3.73 -9.22
N ASP A 83 -10.30 3.82 -10.11
CA ASP A 83 -10.32 3.02 -11.34
C ASP A 83 -9.59 3.76 -12.45
N ARG A 84 -9.19 4.97 -12.16
CA ARG A 84 -8.61 5.84 -13.17
C ARG A 84 -7.12 6.04 -12.93
N PRO A 85 -6.34 6.14 -14.01
CA PRO A 85 -4.88 6.23 -13.93
C PRO A 85 -4.39 7.49 -13.24
N ILE A 86 -4.14 7.37 -11.95
CA ILE A 86 -3.58 8.47 -11.19
C ILE A 86 -2.05 8.43 -11.31
N VAL A 87 -1.50 9.41 -11.99
CA VAL A 87 -0.06 9.49 -12.16
C VAL A 87 0.55 10.29 -11.01
N ALA A 88 1.20 9.57 -10.11
CA ALA A 88 1.82 10.19 -8.96
C ALA A 88 3.27 9.77 -8.85
N ARG A 89 4.19 10.71 -9.05
CA ARG A 89 5.61 10.41 -8.93
C ARG A 89 6.03 10.53 -7.47
N HIS A 90 7.00 9.72 -7.08
CA HIS A 90 7.44 9.66 -5.69
C HIS A 90 8.94 9.48 -5.62
N THR A 91 9.52 9.87 -4.50
CA THR A 91 10.96 9.81 -4.31
C THR A 91 11.37 8.52 -3.60
N LEU A 92 12.46 7.93 -4.05
CA LEU A 92 13.04 6.77 -3.36
C LEU A 92 13.87 7.25 -2.18
N LEU A 93 13.45 6.85 -0.99
CA LEU A 93 14.14 7.26 0.23
C LEU A 93 15.26 6.28 0.56
N ARG A 94 14.87 5.13 1.08
CA ARG A 94 15.83 4.11 1.47
C ARG A 94 15.60 2.83 0.66
N CYS A 95 16.21 2.78 -0.52
CA CYS A 95 16.09 1.62 -1.38
C CYS A 95 17.36 0.78 -1.31
N GLU A 96 17.30 -0.30 -0.53
CA GLU A 96 18.45 -1.17 -0.32
C GLU A 96 18.09 -2.61 -0.65
N PRO A 97 18.22 -2.98 -1.93
CA PRO A 97 17.88 -4.31 -2.43
C PRO A 97 18.98 -5.34 -2.17
N PRO A 98 18.60 -6.60 -1.91
CA PRO A 98 17.22 -6.99 -1.70
C PRO A 98 16.90 -7.19 -0.21
N ARG A 99 16.20 -6.22 0.36
CA ARG A 99 15.87 -6.26 1.79
C ARG A 99 14.83 -5.22 2.15
N VAL A 100 15.19 -3.96 1.99
CA VAL A 100 14.33 -2.85 2.38
C VAL A 100 14.18 -1.87 1.24
N LEU A 101 12.96 -1.46 0.96
CA LEU A 101 12.72 -0.42 -0.03
C LEU A 101 11.83 0.65 0.58
N ALA A 102 12.09 1.89 0.23
CA ALA A 102 11.33 2.98 0.81
C ALA A 102 11.04 4.05 -0.23
N LEU A 103 9.79 4.41 -0.34
CA LEU A 103 9.37 5.52 -1.18
C LEU A 103 8.65 6.52 -0.31
N THR A 104 8.35 7.68 -0.85
CA THR A 104 7.50 8.60 -0.14
C THR A 104 6.09 8.52 -0.72
N TRP A 105 5.09 8.78 0.11
CA TRP A 105 3.72 8.64 -0.32
C TRP A 105 2.96 9.93 -0.06
N GLY A 106 2.94 10.78 -1.07
CA GLY A 106 2.28 12.07 -0.96
C GLY A 106 2.78 13.01 -2.03
N GLY A 107 2.97 14.27 -1.66
CA GLY A 107 3.47 15.25 -2.62
C GLY A 107 2.36 16.13 -3.17
N GLY A 108 1.15 15.92 -2.66
CA GLY A 108 0.02 16.68 -3.12
C GLY A 108 -0.15 17.98 -2.33
N ALA A 109 -0.67 17.87 -1.12
CA ALA A 109 -0.93 19.04 -0.29
C ALA A 109 -1.00 18.68 1.18
N GLY A 110 -0.91 19.69 2.05
CA GLY A 110 -1.08 19.48 3.47
C GLY A 110 0.18 19.76 4.25
N GLU A 111 1.24 19.04 3.91
CA GLU A 111 2.52 19.16 4.62
C GLU A 111 3.58 18.45 3.78
N ALA A 112 4.78 18.29 4.34
CA ALA A 112 5.84 17.52 3.70
C ALA A 112 5.36 16.11 3.38
N PRO A 113 5.85 15.51 2.28
CA PRO A 113 5.39 14.20 1.83
C PRO A 113 5.56 13.12 2.88
N SER A 114 4.51 12.32 3.05
CA SER A 114 4.59 11.13 3.88
C SER A 114 5.52 10.12 3.22
N GLU A 115 5.85 9.05 3.89
CA GLU A 115 6.76 8.07 3.33
C GLU A 115 6.28 6.65 3.62
N VAL A 116 6.71 5.71 2.80
CA VAL A 116 6.34 4.32 2.94
C VAL A 116 7.57 3.44 2.97
N LEU A 117 7.74 2.74 4.07
CA LEU A 117 8.83 1.81 4.23
C LEU A 117 8.35 0.40 4.04
N PHE A 118 8.97 -0.32 3.14
CA PHE A 118 8.78 -1.75 3.05
C PHE A 118 10.01 -2.40 3.63
N GLU A 119 9.81 -3.14 4.69
CA GLU A 119 10.91 -3.72 5.44
C GLU A 119 10.70 -5.21 5.60
N LEU A 120 11.52 -5.98 4.93
CA LEU A 120 11.37 -7.43 4.93
C LEU A 120 12.33 -8.08 5.91
N SER A 121 11.81 -8.99 6.71
CA SER A 121 12.61 -9.82 7.56
C SER A 121 12.51 -11.24 7.06
N GLU A 122 13.60 -11.97 7.13
CA GLU A 122 13.65 -13.29 6.52
C GLU A 122 13.50 -14.36 7.59
N ALA A 123 12.60 -15.28 7.34
CA ALA A 123 12.36 -16.39 8.24
C ALA A 123 12.52 -17.71 7.50
N GLY A 124 12.12 -18.80 8.13
CA GLY A 124 12.22 -20.12 7.52
C GLY A 124 11.30 -20.29 6.33
N GLU A 125 11.73 -19.75 5.18
CA GLU A 125 10.94 -19.76 3.95
C GLU A 125 9.63 -18.98 4.11
N GLN A 126 9.63 -18.08 5.08
CA GLN A 126 8.55 -17.13 5.25
C GLN A 126 9.15 -15.74 5.38
N VAL A 127 8.36 -14.75 5.05
CA VAL A 127 8.82 -13.37 5.10
C VAL A 127 7.87 -12.53 5.92
N ARG A 128 8.41 -11.86 6.92
CA ARG A 128 7.65 -10.88 7.66
C ARG A 128 7.88 -9.50 7.06
N LEU A 129 6.83 -8.93 6.53
CA LEU A 129 6.88 -7.61 5.93
C LEU A 129 6.14 -6.61 6.79
N VAL A 130 6.82 -5.54 7.15
CA VAL A 130 6.20 -4.46 7.90
C VAL A 130 6.10 -3.24 7.01
N LEU A 131 4.88 -2.79 6.78
CA LEU A 131 4.66 -1.56 6.03
C LEU A 131 4.67 -0.40 6.99
N THR A 132 5.72 0.39 6.94
CA THR A 132 5.85 1.54 7.81
C THR A 132 5.55 2.81 7.03
N HIS A 133 4.31 3.28 7.10
CA HIS A 133 3.93 4.52 6.46
C HIS A 133 4.00 5.64 7.46
N THR A 134 4.99 6.48 7.24
CA THR A 134 5.36 7.50 8.19
C THR A 134 4.91 8.88 7.71
N ARG A 135 4.96 9.86 8.62
CA ARG A 135 4.62 11.25 8.33
C ARG A 135 3.12 11.43 8.17
N LEU A 136 2.36 10.95 9.14
CA LEU A 136 0.93 11.20 9.18
C LEU A 136 0.62 12.21 10.27
N ALA A 137 0.46 13.45 9.85
CA ALA A 137 0.30 14.56 10.79
C ALA A 137 -1.17 14.78 11.13
N ASP A 138 -2.06 14.27 10.30
CA ASP A 138 -3.49 14.51 10.49
C ASP A 138 -4.30 13.34 9.98
N ARG A 139 -5.47 13.14 10.57
CA ARG A 139 -6.36 12.04 10.21
C ARG A 139 -6.68 12.07 8.72
N ALA A 140 -6.78 13.28 8.18
CA ALA A 140 -7.11 13.47 6.77
C ALA A 140 -6.02 12.90 5.87
N ALA A 141 -4.79 12.90 6.35
CA ALA A 141 -3.68 12.35 5.56
C ALA A 141 -3.84 10.84 5.48
N MET A 142 -4.01 10.22 6.65
CA MET A 142 -4.32 8.80 6.74
C MET A 142 -5.53 8.47 5.85
N LEU A 143 -6.53 9.35 5.88
CA LEU A 143 -7.72 9.18 5.04
C LEU A 143 -7.41 9.37 3.56
N ASP A 144 -6.39 10.18 3.27
CA ASP A 144 -6.01 10.45 1.88
C ASP A 144 -5.42 9.20 1.26
N VAL A 145 -4.52 8.56 1.98
CA VAL A 145 -3.91 7.33 1.52
C VAL A 145 -4.87 6.15 1.69
N ALA A 146 -5.82 6.30 2.62
CA ALA A 146 -6.80 5.25 2.89
C ALA A 146 -7.52 4.83 1.61
N GLY A 147 -7.66 5.77 0.68
CA GLY A 147 -8.30 5.49 -0.58
C GLY A 147 -7.45 4.58 -1.47
N GLY A 148 -7.38 3.32 -1.10
CA GLY A 148 -6.70 2.34 -1.93
C GLY A 148 -5.54 1.66 -1.23
N TRP A 149 -4.74 2.43 -0.49
CA TRP A 149 -3.46 1.95 0.01
C TRP A 149 -3.60 0.70 0.87
N HIS A 150 -4.37 0.78 1.95
CA HIS A 150 -4.45 -0.31 2.94
C HIS A 150 -4.77 -1.65 2.28
N ALA A 151 -5.72 -1.61 1.37
CA ALA A 151 -6.26 -2.82 0.74
C ALA A 151 -5.19 -3.60 -0.04
N HIS A 152 -4.13 -2.92 -0.44
CA HIS A 152 -3.08 -3.58 -1.23
C HIS A 152 -2.39 -4.66 -0.41
N LEU A 153 -2.50 -4.56 0.91
CA LEU A 153 -1.93 -5.56 1.81
C LEU A 153 -2.66 -6.88 1.69
N ALA A 154 -3.93 -6.81 1.29
CA ALA A 154 -4.72 -8.02 1.11
C ALA A 154 -4.35 -8.68 -0.21
N VAL A 155 -4.14 -7.86 -1.23
CA VAL A 155 -3.72 -8.33 -2.54
C VAL A 155 -2.37 -9.04 -2.43
N LEU A 156 -1.48 -8.46 -1.65
CA LEU A 156 -0.16 -9.04 -1.37
C LEU A 156 -0.28 -10.51 -0.98
N ALA A 157 -0.94 -10.75 0.14
CA ALA A 157 -1.04 -12.10 0.69
C ALA A 157 -1.81 -13.01 -0.23
N GLY A 158 -2.90 -12.49 -0.82
CA GLY A 158 -3.74 -13.30 -1.67
C GLY A 158 -2.98 -13.88 -2.85
N LYS A 159 -2.32 -13.04 -3.63
CA LYS A 159 -1.63 -13.50 -4.82
C LYS A 159 -0.31 -14.19 -4.48
N LEU A 160 0.42 -13.65 -3.51
CA LEU A 160 1.70 -14.22 -3.13
C LEU A 160 1.55 -15.64 -2.55
N ALA A 161 0.44 -15.88 -1.87
CA ALA A 161 0.18 -17.21 -1.33
C ALA A 161 -0.31 -18.17 -2.42
N GLY A 162 -0.48 -17.65 -3.63
CA GLY A 162 -0.91 -18.48 -4.73
C GLY A 162 -2.41 -18.69 -4.73
N GLN A 163 -3.14 -17.75 -4.16
CA GLN A 163 -4.59 -17.84 -4.10
C GLN A 163 -5.19 -16.84 -5.06
N ALA A 164 -6.51 -16.72 -5.03
CA ALA A 164 -7.19 -15.74 -5.86
C ALA A 164 -7.20 -14.38 -5.15
N PRO A 165 -7.27 -13.28 -5.90
CA PRO A 165 -7.27 -11.94 -5.32
C PRO A 165 -8.52 -11.67 -4.49
N PRO A 166 -8.41 -10.79 -3.48
CA PRO A 166 -9.52 -10.44 -2.60
C PRO A 166 -10.53 -9.53 -3.28
N PRO A 167 -11.73 -9.36 -2.69
CA PRO A 167 -12.76 -8.45 -3.21
C PRO A 167 -12.25 -7.01 -3.34
N PHE A 168 -11.35 -6.64 -2.42
CA PHE A 168 -10.70 -5.32 -2.39
C PHE A 168 -11.69 -4.21 -2.04
N TRP A 169 -12.77 -4.10 -2.81
CA TRP A 169 -13.74 -3.01 -2.66
C TRP A 169 -14.32 -2.99 -1.26
N THR A 170 -14.72 -4.16 -0.78
CA THR A 170 -15.27 -4.30 0.55
C THR A 170 -14.28 -3.81 1.60
N THR A 171 -13.05 -4.31 1.52
CA THR A 171 -12.00 -3.94 2.44
C THR A 171 -11.70 -2.44 2.34
N LEU A 172 -11.74 -1.94 1.11
CA LEU A 172 -11.50 -0.53 0.82
C LEU A 172 -12.47 0.35 1.61
N ALA A 173 -13.75 0.22 1.31
CA ALA A 173 -14.77 1.06 1.89
C ALA A 173 -14.87 0.87 3.41
N GLN A 174 -14.88 -0.38 3.84
CA GLN A 174 -15.02 -0.70 5.26
C GLN A 174 -13.89 -0.08 6.08
N ALA A 175 -12.66 -0.22 5.62
CA ALA A 175 -11.52 0.33 6.36
C ALA A 175 -11.51 1.85 6.26
N GLU A 176 -11.89 2.39 5.11
CA GLU A 176 -11.99 3.82 4.93
C GLU A 176 -13.01 4.39 5.90
N GLN A 177 -14.15 3.71 6.02
CA GLN A 177 -15.20 4.08 6.95
C GLN A 177 -14.72 3.93 8.40
N ASP A 178 -13.89 2.91 8.63
CA ASP A 178 -13.34 2.65 9.95
C ASP A 178 -12.43 3.78 10.41
N TYR A 179 -11.60 4.29 9.50
CA TYR A 179 -10.71 5.39 9.82
C TYR A 179 -11.48 6.71 9.86
N GLU A 180 -12.44 6.86 8.95
CA GLU A 180 -13.26 8.05 8.86
C GLU A 180 -14.15 8.20 10.08
N GLN A 181 -14.30 7.10 10.83
CA GLN A 181 -15.11 7.10 12.04
C GLN A 181 -14.49 8.01 13.09
N ARG A 182 -13.17 8.13 13.04
CA ARG A 182 -12.45 8.93 14.02
C ARG A 182 -12.61 10.42 13.75
N LEU A 183 -12.48 10.80 12.49
CA LEU A 183 -12.57 12.20 12.11
C LEU A 183 -13.06 12.32 10.67
N LEU A 184 -14.19 12.97 10.48
CA LEU A 184 -14.75 13.17 9.15
C LEU A 184 -14.32 14.52 8.62
N GLU A 185 -13.62 14.54 7.49
CA GLU A 185 -13.20 15.80 6.90
C GLU A 185 -13.93 16.06 5.60
N HIS A 186 -14.22 17.33 5.35
CA HIS A 186 -14.97 17.74 4.18
C HIS A 186 -14.06 18.49 3.21
N HIS A 187 -12.76 18.35 3.44
CA HIS A 187 -11.76 19.07 2.66
C HIS A 187 -11.62 18.45 1.28
N HIS A 188 -11.68 19.27 0.24
CA HIS A 188 -11.48 18.80 -1.12
C HIS A 188 -10.59 19.77 -1.88
N HIS A 189 -9.38 19.35 -2.19
CA HIS A 189 -8.42 20.21 -2.85
C HIS A 189 -7.48 19.38 -3.73
N HIS A 190 -7.62 19.55 -5.04
CA HIS A 190 -6.72 18.91 -6.00
C HIS A 190 -6.86 19.61 -7.33
N HIS A 191 -6.04 19.23 -8.30
CA HIS A 191 -6.14 19.78 -9.64
C HIS A 191 -6.67 18.72 -10.59
N MET A 1 3.83 -27.30 -11.20
CA MET A 1 5.13 -26.61 -11.13
C MET A 1 5.10 -25.55 -10.03
N THR A 2 4.16 -24.63 -10.14
CA THR A 2 3.99 -23.59 -9.14
C THR A 2 3.26 -24.16 -7.92
N SER A 3 4.03 -24.47 -6.88
CA SER A 3 3.45 -25.02 -5.66
C SER A 3 3.29 -23.94 -4.60
N PRO A 4 2.06 -23.39 -4.46
CA PRO A 4 1.76 -22.33 -3.52
C PRO A 4 1.14 -22.85 -2.23
N SER A 5 0.43 -21.98 -1.53
CA SER A 5 -0.26 -22.34 -0.30
C SER A 5 -1.77 -22.39 -0.53
N SER A 6 -2.49 -22.95 0.43
CA SER A 6 -3.94 -23.03 0.33
C SER A 6 -4.56 -21.74 0.88
N ALA A 7 -4.29 -21.45 2.14
CA ALA A 7 -4.83 -20.26 2.79
C ALA A 7 -4.21 -20.05 4.17
N PHE A 8 -4.02 -18.79 4.53
CA PHE A 8 -3.60 -18.44 5.88
C PHE A 8 -4.23 -17.09 6.28
N PRO A 9 -5.40 -17.15 6.92
CA PRO A 9 -6.16 -15.97 7.29
C PRO A 9 -5.63 -15.31 8.57
N ASP A 10 -5.50 -13.99 8.53
CA ASP A 10 -5.08 -13.21 9.69
C ASP A 10 -6.31 -12.55 10.31
N GLY A 11 -6.15 -11.93 11.47
CA GLY A 11 -7.26 -11.25 12.10
C GLY A 11 -7.08 -11.08 13.59
N HIS A 12 -7.81 -10.11 14.14
CA HIS A 12 -7.76 -9.78 15.56
C HIS A 12 -6.35 -9.36 15.99
N GLY A 13 -6.09 -8.07 15.90
CA GLY A 13 -4.80 -7.55 16.27
C GLY A 13 -4.68 -6.06 15.99
N ALA A 14 -3.99 -5.35 16.86
CA ALA A 14 -3.83 -3.91 16.72
C ALA A 14 -2.48 -3.48 17.29
N ARG A 15 -2.14 -2.22 17.08
CA ARG A 15 -0.88 -1.68 17.60
C ARG A 15 -1.17 -0.59 18.63
N LEU A 16 -0.47 -0.64 19.75
CA LEU A 16 -0.62 0.39 20.78
C LEU A 16 0.02 1.69 20.31
N ASP A 17 -0.59 2.81 20.68
CA ASP A 17 -0.13 4.15 20.28
C ASP A 17 -0.39 4.39 18.80
N ALA A 18 -0.96 5.55 18.49
CA ALA A 18 -1.25 5.90 17.10
C ALA A 18 -0.60 7.21 16.72
N GLN A 19 0.57 7.12 16.09
CA GLN A 19 1.26 8.30 15.59
C GLN A 19 1.42 8.22 14.09
N SER A 20 1.73 7.03 13.61
CA SER A 20 1.88 6.79 12.19
C SER A 20 1.32 5.41 11.85
N ILE A 21 1.43 5.02 10.58
CA ILE A 21 0.93 3.73 10.14
C ILE A 21 2.07 2.75 10.01
N ARG A 22 1.92 1.60 10.64
CA ARG A 22 2.92 0.55 10.57
C ARG A 22 2.31 -0.80 10.96
N PHE A 23 2.27 -1.70 9.99
CA PHE A 23 1.71 -3.03 10.20
C PHE A 23 2.69 -4.09 9.74
N GLU A 24 2.77 -5.19 10.46
CA GLU A 24 3.65 -6.28 10.11
C GLU A 24 2.84 -7.54 9.83
N ARG A 25 3.09 -8.17 8.69
CA ARG A 25 2.43 -9.40 8.32
C ARG A 25 3.44 -10.46 7.90
N LEU A 26 3.03 -11.71 7.98
CA LEU A 26 3.88 -12.82 7.58
C LEU A 26 3.47 -13.28 6.19
N LEU A 27 4.45 -13.40 5.30
CA LEU A 27 4.22 -13.79 3.92
C LEU A 27 4.96 -15.08 3.61
N PRO A 28 4.42 -15.89 2.68
CA PRO A 28 5.07 -17.12 2.27
C PRO A 28 6.19 -16.88 1.25
N GLY A 29 7.28 -17.60 1.44
CA GLY A 29 8.44 -17.42 0.60
C GLY A 29 9.59 -16.85 1.40
N PRO A 30 10.84 -17.11 1.00
CA PRO A 30 12.04 -16.68 1.77
C PRO A 30 12.06 -15.18 1.97
N ILE A 31 11.98 -14.45 0.86
CA ILE A 31 11.93 -12.99 0.88
C ILE A 31 11.92 -12.47 -0.56
N GLU A 32 12.54 -13.24 -1.47
CA GLU A 32 12.62 -12.83 -2.87
C GLU A 32 11.27 -12.89 -3.57
N ARG A 33 10.47 -13.91 -3.27
CA ARG A 33 9.12 -14.03 -3.84
C ARG A 33 8.31 -12.78 -3.54
N VAL A 34 8.37 -12.38 -2.29
CA VAL A 34 7.60 -11.26 -1.79
C VAL A 34 8.15 -9.94 -2.33
N TRP A 35 9.47 -9.88 -2.48
CA TRP A 35 10.13 -8.73 -3.06
C TRP A 35 9.75 -8.57 -4.53
N ALA A 36 9.73 -9.70 -5.23
CA ALA A 36 9.46 -9.73 -6.67
C ALA A 36 8.25 -8.91 -7.04
N TRP A 37 7.17 -9.08 -6.29
CA TRP A 37 5.94 -8.44 -6.67
C TRP A 37 6.00 -6.96 -6.34
N LEU A 38 6.85 -6.62 -5.37
CA LEU A 38 7.05 -5.23 -4.98
C LEU A 38 7.85 -4.49 -6.05
N ALA A 39 8.79 -5.19 -6.68
CA ALA A 39 9.67 -4.55 -7.65
C ALA A 39 9.17 -4.67 -9.09
N ASP A 40 8.76 -5.87 -9.51
CA ASP A 40 8.40 -6.11 -10.90
C ASP A 40 7.22 -5.25 -11.34
N ALA A 41 7.48 -4.32 -12.26
CA ALA A 41 6.47 -3.37 -12.69
C ALA A 41 5.34 -4.02 -13.47
N ASP A 42 5.61 -5.21 -14.00
CA ASP A 42 4.60 -5.90 -14.79
C ASP A 42 3.51 -6.42 -13.87
N LYS A 43 3.92 -7.18 -12.87
CA LYS A 43 3.00 -7.76 -11.92
C LYS A 43 2.48 -6.73 -10.92
N ARG A 44 3.32 -5.77 -10.52
CA ARG A 44 2.90 -4.78 -9.53
C ARG A 44 1.80 -3.89 -10.09
N ALA A 45 1.69 -3.87 -11.43
CA ALA A 45 0.61 -3.16 -12.09
C ALA A 45 -0.70 -3.93 -11.97
N ARG A 46 -0.62 -5.09 -11.35
CA ARG A 46 -1.78 -5.94 -11.14
C ARG A 46 -2.13 -6.04 -9.66
N TRP A 47 -1.60 -5.14 -8.84
CA TRP A 47 -1.96 -5.11 -7.42
C TRP A 47 -1.71 -3.72 -6.80
N LEU A 48 -0.81 -2.93 -7.38
CA LEU A 48 -0.54 -1.60 -6.88
C LEU A 48 -0.62 -0.57 -8.01
N ALA A 49 0.39 -0.58 -8.87
CA ALA A 49 0.49 0.37 -9.98
C ALA A 49 1.65 -0.01 -10.89
N GLY A 50 1.68 0.55 -12.08
CA GLY A 50 2.74 0.24 -13.02
C GLY A 50 3.86 1.23 -12.94
N GLY A 51 5.00 0.79 -12.43
CA GLY A 51 6.14 1.67 -12.29
C GLY A 51 7.43 0.91 -12.09
N GLU A 52 8.41 1.23 -12.92
CA GLU A 52 9.73 0.62 -12.80
C GLU A 52 10.60 1.45 -11.87
N LEU A 53 11.70 0.87 -11.43
CA LEU A 53 12.58 1.58 -10.52
C LEU A 53 13.81 2.11 -11.27
N PRO A 54 14.26 3.32 -10.91
CA PRO A 54 15.45 3.93 -11.49
C PRO A 54 16.72 3.56 -10.72
N ARG A 55 17.85 4.04 -11.19
CA ARG A 55 19.14 3.72 -10.59
C ARG A 55 19.35 4.45 -9.26
N GLN A 56 19.05 5.74 -9.21
CA GLN A 56 19.42 6.54 -8.05
C GLN A 56 18.35 6.55 -6.98
N PRO A 57 18.80 6.52 -5.71
CA PRO A 57 17.96 6.68 -4.55
C PRO A 57 17.87 8.13 -4.13
N GLY A 58 16.68 8.69 -4.15
CA GLY A 58 16.52 10.09 -3.85
C GLY A 58 15.89 10.84 -5.00
N GLN A 59 15.89 10.21 -6.17
CA GLN A 59 15.26 10.78 -7.34
C GLN A 59 13.80 10.36 -7.42
N THR A 60 13.01 11.14 -8.11
CA THR A 60 11.61 10.81 -8.33
C THR A 60 11.49 9.70 -9.35
N PHE A 61 10.55 8.78 -9.13
CA PHE A 61 10.24 7.76 -10.13
C PHE A 61 8.86 8.00 -10.67
N GLU A 62 8.67 7.61 -11.91
CA GLU A 62 7.43 7.90 -12.63
C GLU A 62 6.61 6.64 -12.83
N LEU A 63 5.39 6.66 -12.33
CA LEU A 63 4.50 5.52 -12.38
C LEU A 63 3.07 6.01 -12.52
N HIS A 64 2.18 5.10 -12.86
CA HIS A 64 0.78 5.45 -13.04
C HIS A 64 0.06 5.30 -11.72
N PHE A 65 -0.38 6.43 -11.17
CA PHE A 65 -1.04 6.45 -9.88
C PHE A 65 -2.41 5.77 -9.99
N ASN A 66 -3.13 5.70 -8.87
CA ASN A 66 -4.31 4.84 -8.70
C ASN A 66 -3.85 3.41 -8.42
N HIS A 67 -4.77 2.57 -7.97
CA HIS A 67 -4.41 1.18 -7.68
C HIS A 67 -4.71 0.28 -8.87
N ALA A 68 -3.87 0.43 -9.91
CA ALA A 68 -3.80 -0.50 -11.04
C ALA A 68 -5.01 -0.44 -11.97
N ALA A 69 -6.10 0.16 -11.50
CA ALA A 69 -7.36 0.22 -12.26
C ALA A 69 -7.98 -1.16 -12.44
N LEU A 70 -7.46 -2.15 -11.74
CA LEU A 70 -8.05 -3.48 -11.72
C LEU A 70 -9.28 -3.47 -10.82
N THR A 71 -9.33 -2.45 -9.97
CA THR A 71 -10.46 -2.22 -9.10
C THR A 71 -10.87 -0.76 -9.22
N ALA A 72 -11.99 -0.41 -8.58
CA ALA A 72 -12.62 0.91 -8.72
C ALA A 72 -13.23 1.04 -10.10
N GLU A 73 -13.47 -0.10 -10.73
CA GLU A 73 -14.07 -0.15 -12.05
C GLU A 73 -15.53 0.30 -11.97
N THR A 74 -16.11 0.12 -10.80
CA THR A 74 -17.42 0.64 -10.51
C THR A 74 -17.38 1.51 -9.27
N ALA A 75 -17.64 2.78 -9.46
CA ALA A 75 -17.63 3.73 -8.38
C ALA A 75 -18.93 4.54 -8.38
N PRO A 76 -19.45 4.88 -7.20
CA PRO A 76 -20.67 5.67 -7.08
C PRO A 76 -20.40 7.17 -7.23
N ALA A 77 -19.53 7.68 -6.36
CA ALA A 77 -19.15 9.09 -6.34
C ALA A 77 -18.06 9.29 -5.31
N ARG A 78 -17.13 10.20 -5.59
CA ARG A 78 -16.03 10.53 -4.68
C ARG A 78 -15.04 9.35 -4.59
N TYR A 79 -15.33 8.28 -5.32
CA TYR A 79 -14.48 7.11 -5.32
C TYR A 79 -13.98 6.79 -6.72
N ALA A 80 -14.37 7.62 -7.67
CA ALA A 80 -13.82 7.53 -9.01
C ALA A 80 -12.45 8.17 -9.00
N GLN A 81 -12.41 9.49 -9.22
CA GLN A 81 -11.20 10.32 -9.08
C GLN A 81 -10.04 9.80 -9.92
N TYR A 82 -9.44 8.72 -9.46
CA TYR A 82 -8.29 8.12 -10.09
C TYR A 82 -8.74 6.99 -11.02
N ASP A 83 -9.97 7.10 -11.51
CA ASP A 83 -10.50 6.18 -12.52
C ASP A 83 -9.86 6.47 -13.86
N ARG A 84 -9.08 7.53 -13.87
CA ARG A 84 -8.26 7.89 -15.02
C ARG A 84 -6.80 7.75 -14.63
N PRO A 85 -5.93 7.32 -15.56
CA PRO A 85 -4.50 7.15 -15.30
C PRO A 85 -3.84 8.45 -14.85
N ILE A 86 -3.32 8.45 -13.64
CA ILE A 86 -2.68 9.63 -13.08
C ILE A 86 -1.17 9.56 -13.25
N VAL A 87 -0.59 10.54 -13.92
CA VAL A 87 0.84 10.61 -14.05
C VAL A 87 1.42 11.46 -12.91
N ALA A 88 2.04 10.79 -11.95
CA ALA A 88 2.60 11.47 -10.80
C ALA A 88 3.91 10.82 -10.39
N ARG A 89 4.97 11.61 -10.36
CA ARG A 89 6.25 11.12 -9.90
C ARG A 89 6.55 11.64 -8.52
N HIS A 90 7.34 10.87 -7.79
CA HIS A 90 7.66 11.16 -6.41
C HIS A 90 8.92 10.42 -5.99
N THR A 91 9.52 10.86 -4.90
CA THR A 91 10.85 10.40 -4.50
C THR A 91 10.90 8.89 -4.22
N LEU A 92 11.90 8.25 -4.81
CA LEU A 92 12.26 6.89 -4.46
C LEU A 92 13.29 6.95 -3.34
N LEU A 93 13.03 6.25 -2.26
CA LEU A 93 13.91 6.28 -1.11
C LEU A 93 14.79 5.04 -1.05
N ARG A 94 15.19 4.67 0.15
CA ARG A 94 16.12 3.57 0.38
C ARG A 94 15.62 2.26 -0.21
N CYS A 95 16.28 1.79 -1.25
CA CYS A 95 15.90 0.52 -1.86
C CYS A 95 17.11 -0.42 -1.91
N GLU A 96 17.09 -1.41 -1.05
CA GLU A 96 18.17 -2.39 -0.94
C GLU A 96 17.66 -3.77 -1.32
N PRO A 97 17.71 -4.12 -2.61
CA PRO A 97 17.15 -5.37 -3.13
C PRO A 97 18.05 -6.58 -2.88
N PRO A 98 17.49 -7.69 -2.37
CA PRO A 98 16.14 -7.74 -1.83
C PRO A 98 16.11 -7.67 -0.30
N ARG A 99 15.49 -6.63 0.24
CA ARG A 99 15.44 -6.45 1.69
C ARG A 99 14.49 -5.31 2.05
N VAL A 100 14.87 -4.10 1.68
CA VAL A 100 14.12 -2.91 2.04
C VAL A 100 13.84 -2.06 0.80
N LEU A 101 12.63 -1.57 0.68
CA LEU A 101 12.32 -0.61 -0.38
C LEU A 101 11.50 0.52 0.22
N ALA A 102 11.88 1.74 -0.10
CA ALA A 102 11.23 2.90 0.46
C ALA A 102 10.90 3.92 -0.62
N LEU A 103 9.86 4.69 -0.37
CA LEU A 103 9.46 5.76 -1.28
C LEU A 103 8.69 6.80 -0.49
N THR A 104 8.30 7.88 -1.13
CA THR A 104 7.38 8.81 -0.51
C THR A 104 6.05 8.81 -1.25
N TRP A 105 5.03 9.38 -0.65
CA TRP A 105 3.69 9.35 -1.19
C TRP A 105 3.32 10.72 -1.75
N GLY A 106 2.03 10.96 -1.97
CA GLY A 106 1.57 12.25 -2.45
C GLY A 106 2.01 13.39 -1.55
N GLY A 107 2.43 14.49 -2.15
CA GLY A 107 2.91 15.62 -1.39
C GLY A 107 2.56 16.95 -2.02
N GLY A 108 1.83 17.77 -1.30
CA GLY A 108 1.44 19.07 -1.81
C GLY A 108 2.16 20.20 -1.13
N ALA A 109 1.48 20.85 -0.20
CA ALA A 109 2.06 21.95 0.55
C ALA A 109 1.72 21.83 2.03
N GLY A 110 2.35 22.65 2.86
CA GLY A 110 2.10 22.61 4.27
C GLY A 110 2.86 21.51 4.97
N GLU A 111 2.56 20.27 4.61
CA GLU A 111 3.21 19.13 5.22
C GLU A 111 4.13 18.46 4.23
N ALA A 112 5.13 17.77 4.73
CA ALA A 112 6.07 17.04 3.89
C ALA A 112 5.42 15.76 3.38
N PRO A 113 5.81 15.29 2.18
CA PRO A 113 5.26 14.08 1.61
C PRO A 113 5.47 12.88 2.52
N SER A 114 4.38 12.30 2.97
CA SER A 114 4.42 11.13 3.82
C SER A 114 5.16 10.02 3.11
N GLU A 115 6.05 9.33 3.79
CA GLU A 115 6.90 8.35 3.14
C GLU A 115 6.47 6.93 3.50
N VAL A 116 6.98 5.98 2.75
CA VAL A 116 6.64 4.59 2.92
C VAL A 116 7.90 3.75 3.00
N LEU A 117 8.00 2.97 4.06
CA LEU A 117 9.14 2.09 4.27
C LEU A 117 8.66 0.65 4.25
N PHE A 118 9.10 -0.09 3.27
CA PHE A 118 8.87 -1.53 3.27
C PHE A 118 10.11 -2.22 3.79
N GLU A 119 9.97 -2.92 4.89
CA GLU A 119 11.07 -3.63 5.49
C GLU A 119 10.75 -5.12 5.52
N LEU A 120 11.47 -5.88 4.72
CA LEU A 120 11.26 -7.31 4.66
C LEU A 120 12.36 -8.03 5.42
N SER A 121 11.97 -8.84 6.37
CA SER A 121 12.91 -9.63 7.12
C SER A 121 12.60 -11.10 6.89
N GLU A 122 13.63 -11.90 6.81
CA GLU A 122 13.48 -13.25 6.30
C GLU A 122 13.36 -14.22 7.46
N ALA A 123 12.54 -15.22 7.28
CA ALA A 123 12.30 -16.23 8.29
C ALA A 123 12.49 -17.62 7.72
N GLY A 124 13.52 -17.76 6.90
CA GLY A 124 13.82 -19.04 6.30
C GLY A 124 12.99 -19.30 5.07
N GLU A 125 11.88 -20.00 5.24
CA GLU A 125 11.00 -20.31 4.13
C GLU A 125 9.85 -19.32 4.08
N GLN A 126 9.81 -18.42 5.05
CA GLN A 126 8.80 -17.38 5.08
C GLN A 126 9.46 -16.03 5.31
N VAL A 127 8.68 -14.97 5.19
CA VAL A 127 9.19 -13.63 5.34
C VAL A 127 8.19 -12.78 6.13
N ARG A 128 8.70 -11.84 6.91
CA ARG A 128 7.84 -10.90 7.60
C ARG A 128 7.99 -9.51 6.98
N LEU A 129 6.86 -8.92 6.64
CA LEU A 129 6.83 -7.61 6.00
C LEU A 129 6.30 -6.57 6.96
N VAL A 130 7.04 -5.48 7.12
CA VAL A 130 6.59 -4.37 7.93
C VAL A 130 6.35 -3.16 7.03
N LEU A 131 5.08 -2.79 6.89
CA LEU A 131 4.72 -1.62 6.10
C LEU A 131 4.70 -0.41 7.02
N THR A 132 5.68 0.46 6.85
CA THR A 132 5.80 1.65 7.67
C THR A 132 5.46 2.88 6.84
N HIS A 133 4.62 3.75 7.36
CA HIS A 133 4.27 4.97 6.66
C HIS A 133 4.49 6.15 7.57
N THR A 134 5.49 6.93 7.22
CA THR A 134 5.97 8.01 8.06
C THR A 134 5.44 9.35 7.57
N ARG A 135 5.52 10.36 8.45
CA ARG A 135 5.07 11.72 8.15
C ARG A 135 3.56 11.78 8.04
N LEU A 136 2.89 10.96 8.83
CA LEU A 136 1.44 11.02 8.96
C LEU A 136 1.07 11.74 10.23
N ALA A 137 0.88 13.04 10.10
CA ALA A 137 0.72 13.91 11.26
C ALA A 137 -0.73 13.98 11.73
N ASP A 138 -1.66 13.60 10.87
CA ASP A 138 -3.07 13.77 11.19
C ASP A 138 -3.89 12.58 10.74
N ARG A 139 -4.95 12.29 11.49
CA ARG A 139 -5.87 11.21 11.20
C ARG A 139 -6.39 11.30 9.76
N ALA A 140 -6.67 12.52 9.31
CA ALA A 140 -7.17 12.73 7.95
C ALA A 140 -6.13 12.35 6.91
N ALA A 141 -4.86 12.49 7.25
CA ALA A 141 -3.80 12.12 6.33
C ALA A 141 -3.79 10.61 6.13
N MET A 142 -3.84 9.89 7.25
CA MET A 142 -3.98 8.45 7.24
C MET A 142 -5.20 8.06 6.41
N LEU A 143 -6.29 8.79 6.62
CA LEU A 143 -7.53 8.56 5.88
C LEU A 143 -7.36 8.89 4.40
N ASP A 144 -6.42 9.79 4.08
CA ASP A 144 -6.18 10.16 2.69
C ASP A 144 -5.50 9.02 1.95
N VAL A 145 -4.45 8.50 2.57
CA VAL A 145 -3.67 7.43 1.96
C VAL A 145 -4.35 6.08 2.16
N ALA A 146 -5.30 6.04 3.09
CA ALA A 146 -6.07 4.83 3.39
C ALA A 146 -6.64 4.20 2.12
N GLY A 147 -7.10 5.03 1.20
CA GLY A 147 -7.72 4.53 -0.03
C GLY A 147 -6.72 3.98 -1.03
N GLY A 148 -5.90 3.04 -0.58
CA GLY A 148 -4.92 2.43 -1.45
C GLY A 148 -4.06 1.42 -0.73
N TRP A 149 -3.68 1.73 0.51
CA TRP A 149 -2.76 0.87 1.24
C TRP A 149 -3.43 -0.38 1.83
N HIS A 150 -4.23 -0.21 2.88
CA HIS A 150 -4.67 -1.34 3.72
C HIS A 150 -5.25 -2.49 2.89
N ALA A 151 -6.16 -2.17 1.99
CA ALA A 151 -6.84 -3.18 1.19
C ALA A 151 -5.86 -4.09 0.45
N HIS A 152 -4.79 -3.51 -0.11
CA HIS A 152 -3.91 -4.29 -0.97
C HIS A 152 -3.08 -5.25 -0.14
N LEU A 153 -3.00 -5.01 1.17
CA LEU A 153 -2.28 -5.91 2.06
C LEU A 153 -2.96 -7.28 2.09
N ALA A 154 -4.25 -7.31 1.75
CA ALA A 154 -4.99 -8.56 1.64
C ALA A 154 -4.65 -9.24 0.32
N VAL A 155 -4.51 -8.41 -0.72
CA VAL A 155 -4.15 -8.89 -2.05
C VAL A 155 -2.74 -9.46 -2.05
N LEU A 156 -1.84 -8.78 -1.37
CA LEU A 156 -0.46 -9.24 -1.23
C LEU A 156 -0.41 -10.65 -0.66
N ALA A 157 -1.06 -10.84 0.49
CA ALA A 157 -1.09 -12.15 1.13
C ALA A 157 -1.69 -13.20 0.20
N GLY A 158 -2.80 -12.83 -0.44
CA GLY A 158 -3.45 -13.72 -1.37
C GLY A 158 -2.54 -14.14 -2.51
N LYS A 159 -1.97 -13.16 -3.21
CA LYS A 159 -1.13 -13.45 -4.36
C LYS A 159 0.14 -14.19 -3.96
N LEU A 160 0.78 -13.73 -2.90
CA LEU A 160 1.99 -14.35 -2.39
C LEU A 160 1.77 -15.78 -1.93
N ALA A 161 0.56 -16.08 -1.46
CA ALA A 161 0.22 -17.45 -1.07
C ALA A 161 -0.25 -18.27 -2.27
N GLY A 162 -0.40 -17.61 -3.42
CA GLY A 162 -0.88 -18.31 -4.59
C GLY A 162 -2.39 -18.40 -4.62
N GLN A 163 -3.03 -17.61 -3.77
CA GLN A 163 -4.49 -17.57 -3.67
C GLN A 163 -5.04 -16.55 -4.66
N ALA A 164 -6.34 -16.57 -4.85
CA ALA A 164 -7.00 -15.52 -5.60
C ALA A 164 -7.16 -14.28 -4.72
N PRO A 165 -7.01 -13.09 -5.29
CA PRO A 165 -7.08 -11.85 -4.53
C PRO A 165 -8.52 -11.47 -4.16
N PRO A 166 -8.69 -10.72 -3.06
CA PRO A 166 -9.99 -10.22 -2.62
C PRO A 166 -10.56 -9.19 -3.60
N PRO A 167 -11.85 -8.83 -3.46
CA PRO A 167 -12.48 -7.82 -4.32
C PRO A 167 -11.79 -6.46 -4.23
N PHE A 168 -11.04 -6.26 -3.14
CA PHE A 168 -10.26 -5.04 -2.91
C PHE A 168 -11.15 -3.84 -2.61
N TRP A 169 -12.09 -3.57 -3.50
CA TRP A 169 -12.95 -2.39 -3.43
C TRP A 169 -13.75 -2.39 -2.13
N THR A 170 -14.39 -3.52 -1.85
CA THR A 170 -15.15 -3.69 -0.63
C THR A 170 -14.29 -3.48 0.60
N THR A 171 -13.17 -4.20 0.66
CA THR A 171 -12.25 -4.12 1.78
C THR A 171 -11.77 -2.68 2.00
N LEU A 172 -11.43 -2.03 0.89
CA LEU A 172 -10.93 -0.66 0.93
C LEU A 172 -11.93 0.28 1.56
N ALA A 173 -13.09 0.42 0.92
CA ALA A 173 -14.11 1.38 1.34
C ALA A 173 -14.65 1.06 2.73
N GLN A 174 -14.86 -0.23 3.00
CA GLN A 174 -15.40 -0.66 4.28
C GLN A 174 -14.45 -0.26 5.42
N ALA A 175 -13.17 -0.61 5.27
CA ALA A 175 -12.19 -0.26 6.29
C ALA A 175 -12.05 1.25 6.41
N GLU A 176 -12.16 1.94 5.28
CA GLU A 176 -12.11 3.39 5.24
C GLU A 176 -13.29 3.97 6.02
N GLN A 177 -14.47 3.43 5.77
CA GLN A 177 -15.69 3.88 6.43
C GLN A 177 -15.60 3.68 7.94
N ASP A 178 -15.03 2.56 8.36
CA ASP A 178 -14.86 2.29 9.78
C ASP A 178 -13.91 3.30 10.41
N TYR A 179 -12.77 3.52 9.77
CA TYR A 179 -11.79 4.48 10.27
C TYR A 179 -12.31 5.90 10.19
N GLU A 180 -13.09 6.19 9.16
CA GLU A 180 -13.68 7.52 8.96
C GLU A 180 -14.67 7.84 10.08
N GLN A 181 -15.22 6.80 10.69
CA GLN A 181 -16.18 6.98 11.77
C GLN A 181 -15.46 7.35 13.07
N ARG A 182 -14.95 6.34 13.79
CA ARG A 182 -14.23 6.52 15.04
C ARG A 182 -14.97 7.48 15.98
N LEU A 183 -15.89 6.95 16.77
CA LEU A 183 -16.76 7.80 17.57
C LEU A 183 -16.10 8.24 18.87
N LEU A 184 -15.44 9.37 18.80
CA LEU A 184 -14.98 10.10 19.96
C LEU A 184 -14.85 11.55 19.54
N GLU A 185 -15.88 12.33 19.83
CA GLU A 185 -16.09 13.59 19.14
C GLU A 185 -15.05 14.64 19.47
N HIS A 186 -14.54 15.24 18.41
CA HIS A 186 -13.81 16.47 18.46
C HIS A 186 -14.18 17.23 17.20
N HIS A 187 -14.63 18.47 17.36
CA HIS A 187 -15.27 19.25 16.29
C HIS A 187 -14.68 18.96 14.92
N HIS A 188 -15.41 18.15 14.14
CA HIS A 188 -14.99 17.78 12.80
C HIS A 188 -15.21 18.95 11.85
N HIS A 189 -14.19 19.29 11.09
CA HIS A 189 -14.24 20.45 10.23
C HIS A 189 -13.64 20.16 8.86
N HIS A 190 -14.45 20.35 7.83
CA HIS A 190 -13.99 20.26 6.46
C HIS A 190 -13.76 21.66 5.90
N HIS A 191 -13.31 21.75 4.66
CA HIS A 191 -13.13 23.04 4.02
C HIS A 191 -14.46 23.49 3.43
N MET A 1 -11.63 -17.13 -13.08
CA MET A 1 -10.61 -16.44 -12.26
C MET A 1 -10.18 -17.32 -11.09
N THR A 2 -8.99 -17.07 -10.55
CA THR A 2 -8.45 -17.87 -9.46
C THR A 2 -9.35 -17.81 -8.21
N SER A 3 -9.06 -18.65 -7.23
CA SER A 3 -9.82 -18.73 -5.99
C SER A 3 -9.87 -17.37 -5.27
N PRO A 4 -11.02 -17.03 -4.67
CA PRO A 4 -11.21 -15.76 -3.97
C PRO A 4 -10.33 -15.63 -2.73
N SER A 5 -9.66 -14.50 -2.60
CA SER A 5 -8.79 -14.26 -1.46
C SER A 5 -9.60 -13.98 -0.19
N SER A 6 -9.06 -14.39 0.94
CA SER A 6 -9.73 -14.20 2.22
C SER A 6 -9.55 -12.77 2.71
N ALA A 7 -10.56 -11.94 2.47
CA ALA A 7 -10.53 -10.55 2.88
C ALA A 7 -10.68 -10.43 4.39
N PHE A 8 -9.63 -9.93 5.05
CA PHE A 8 -9.64 -9.77 6.49
C PHE A 8 -10.17 -8.39 6.88
N PRO A 9 -11.10 -8.35 7.85
CA PRO A 9 -11.62 -7.09 8.38
C PRO A 9 -10.69 -6.49 9.41
N ASP A 10 -9.98 -5.44 9.02
CA ASP A 10 -9.04 -4.77 9.93
C ASP A 10 -9.77 -3.77 10.82
N GLY A 11 -9.03 -3.09 11.66
CA GLY A 11 -9.64 -2.18 12.61
C GLY A 11 -9.53 -2.70 14.02
N HIS A 12 -8.31 -2.83 14.49
CA HIS A 12 -8.05 -3.38 15.83
C HIS A 12 -8.51 -2.42 16.91
N GLY A 13 -8.56 -1.14 16.56
CA GLY A 13 -8.94 -0.13 17.53
C GLY A 13 -7.78 0.70 17.98
N ALA A 14 -7.24 1.51 17.06
CA ALA A 14 -6.12 2.39 17.38
C ALA A 14 -6.60 3.55 18.26
N ARG A 15 -6.30 3.48 19.54
CA ARG A 15 -6.73 4.50 20.49
C ARG A 15 -5.58 5.41 20.86
N LEU A 16 -4.39 5.08 20.37
CA LEU A 16 -3.19 5.83 20.71
C LEU A 16 -2.61 6.52 19.48
N ASP A 17 -1.29 6.75 19.50
CA ASP A 17 -0.62 7.46 18.42
C ASP A 17 -0.83 6.78 17.08
N ALA A 18 -1.61 7.41 16.22
CA ALA A 18 -1.95 6.86 14.92
C ALA A 18 -1.52 7.82 13.81
N GLN A 19 -0.44 8.54 14.05
CA GLN A 19 0.08 9.50 13.07
C GLN A 19 0.80 8.76 11.94
N SER A 20 0.87 7.46 12.07
CA SER A 20 1.42 6.59 11.05
C SER A 20 0.69 5.27 11.04
N ILE A 21 0.67 4.60 9.90
CA ILE A 21 -0.01 3.32 9.83
C ILE A 21 1.03 2.19 9.82
N ARG A 22 0.71 1.12 10.53
CA ARG A 22 1.57 -0.06 10.62
C ARG A 22 0.73 -1.31 10.39
N PHE A 23 1.25 -2.27 9.62
CA PHE A 23 0.59 -3.55 9.47
C PHE A 23 1.64 -4.65 9.38
N GLU A 24 1.31 -5.84 9.82
CA GLU A 24 2.25 -6.96 9.77
C GLU A 24 1.64 -8.13 8.99
N ARG A 25 2.20 -8.42 7.83
CA ARG A 25 1.75 -9.54 7.01
C ARG A 25 2.84 -10.60 6.95
N LEU A 26 2.41 -11.86 7.00
CA LEU A 26 3.33 -12.96 6.80
C LEU A 26 3.23 -13.43 5.34
N LEU A 27 4.36 -13.55 4.67
CA LEU A 27 4.39 -13.92 3.26
C LEU A 27 5.23 -15.18 3.07
N PRO A 28 4.99 -15.93 1.99
CA PRO A 28 5.80 -17.10 1.66
C PRO A 28 7.04 -16.75 0.84
N GLY A 29 8.11 -17.48 1.07
CA GLY A 29 9.34 -17.24 0.34
C GLY A 29 10.49 -16.88 1.26
N PRO A 30 11.74 -17.09 0.82
CA PRO A 30 12.93 -16.74 1.61
C PRO A 30 12.97 -15.25 1.96
N ILE A 31 12.82 -14.44 0.91
CA ILE A 31 12.65 -12.99 1.03
C ILE A 31 12.65 -12.37 -0.37
N GLU A 32 13.38 -13.02 -1.28
CA GLU A 32 13.49 -12.56 -2.65
C GLU A 32 12.13 -12.53 -3.35
N ARG A 33 11.34 -13.56 -3.12
CA ARG A 33 10.03 -13.68 -3.78
C ARG A 33 9.14 -12.48 -3.44
N VAL A 34 9.20 -12.07 -2.18
CA VAL A 34 8.39 -10.97 -1.70
C VAL A 34 8.97 -9.61 -2.12
N TRP A 35 10.29 -9.54 -2.19
CA TRP A 35 10.93 -8.35 -2.72
C TRP A 35 10.59 -8.19 -4.21
N ALA A 36 10.50 -9.33 -4.88
CA ALA A 36 10.32 -9.37 -6.33
C ALA A 36 9.20 -8.46 -6.82
N TRP A 37 8.03 -8.47 -6.19
CA TRP A 37 6.95 -7.60 -6.66
C TRP A 37 7.19 -6.16 -6.27
N LEU A 38 7.95 -5.96 -5.21
CA LEU A 38 8.32 -4.63 -4.79
C LEU A 38 9.22 -3.98 -5.83
N ALA A 39 10.05 -4.81 -6.47
CA ALA A 39 10.99 -4.33 -7.46
C ALA A 39 10.45 -4.47 -8.89
N ASP A 40 9.84 -5.62 -9.18
CA ASP A 40 9.35 -5.92 -10.53
C ASP A 40 8.04 -5.21 -10.83
N ALA A 41 7.98 -4.64 -12.03
CA ALA A 41 6.82 -3.89 -12.47
C ALA A 41 5.71 -4.81 -12.97
N ASP A 42 6.07 -6.03 -13.39
CA ASP A 42 5.09 -6.99 -13.90
C ASP A 42 4.11 -7.36 -12.82
N LYS A 43 4.64 -7.70 -11.66
CA LYS A 43 3.82 -7.98 -10.52
C LYS A 43 3.24 -6.71 -9.93
N ARG A 44 4.00 -5.62 -10.04
CA ARG A 44 3.63 -4.37 -9.42
C ARG A 44 2.32 -3.86 -10.02
N ALA A 45 2.15 -4.12 -11.31
CA ALA A 45 0.93 -3.74 -12.02
C ALA A 45 -0.26 -4.60 -11.59
N ARG A 46 0.00 -5.57 -10.71
CA ARG A 46 -1.05 -6.46 -10.23
C ARG A 46 -1.25 -6.32 -8.71
N TRP A 47 -0.45 -5.49 -8.06
CA TRP A 47 -0.63 -5.25 -6.63
C TRP A 47 -0.66 -3.76 -6.30
N LEU A 48 -0.24 -2.92 -7.25
CA LEU A 48 -0.22 -1.48 -7.04
C LEU A 48 -0.41 -0.74 -8.36
N ALA A 49 0.67 -0.67 -9.15
CA ALA A 49 0.66 0.05 -10.41
C ALA A 49 1.92 -0.30 -11.21
N GLY A 50 1.93 0.07 -12.48
CA GLY A 50 3.06 -0.23 -13.33
C GLY A 50 4.21 0.71 -13.09
N GLY A 51 5.41 0.20 -13.24
CA GLY A 51 6.61 0.99 -13.00
C GLY A 51 7.48 0.37 -11.93
N GLU A 52 8.68 -0.06 -12.29
CA GLU A 52 9.56 -0.75 -11.38
C GLU A 52 10.41 0.24 -10.59
N LEU A 53 11.19 -0.29 -9.64
CA LEU A 53 12.04 0.54 -8.79
C LEU A 53 13.39 0.80 -9.44
N PRO A 54 13.93 2.01 -9.22
CA PRO A 54 15.29 2.35 -9.62
C PRO A 54 16.31 1.78 -8.65
N ARG A 55 17.50 1.47 -9.14
CA ARG A 55 18.55 0.89 -8.32
C ARG A 55 19.33 1.96 -7.58
N GLN A 56 19.24 3.19 -8.07
CA GLN A 56 19.92 4.31 -7.45
C GLN A 56 19.08 4.88 -6.30
N PRO A 57 19.75 5.29 -5.21
CA PRO A 57 19.11 5.87 -4.04
C PRO A 57 18.94 7.39 -4.15
N GLY A 58 17.72 7.87 -3.96
CA GLY A 58 17.46 9.30 -4.04
C GLY A 58 16.99 9.72 -5.42
N GLN A 59 16.73 8.74 -6.27
CA GLN A 59 16.23 8.99 -7.62
C GLN A 59 14.71 9.03 -7.62
N THR A 60 14.13 9.39 -8.76
CA THR A 60 12.68 9.46 -8.87
C THR A 60 12.16 8.44 -9.87
N PHE A 61 11.11 7.74 -9.49
CA PHE A 61 10.46 6.81 -10.39
C PHE A 61 9.02 7.22 -10.59
N GLU A 62 8.52 6.96 -11.78
CA GLU A 62 7.18 7.36 -12.16
C GLU A 62 6.25 6.16 -12.22
N LEU A 63 5.14 6.26 -11.52
CA LEU A 63 4.12 5.23 -11.57
C LEU A 63 2.94 5.71 -12.38
N HIS A 64 2.04 4.80 -12.67
CA HIS A 64 0.85 5.15 -13.42
C HIS A 64 -0.34 4.33 -12.93
N PHE A 65 -1.28 5.02 -12.32
CA PHE A 65 -2.50 4.41 -11.84
C PHE A 65 -3.58 4.57 -12.90
N ASN A 66 -4.04 3.47 -13.46
CA ASN A 66 -4.99 3.52 -14.56
C ASN A 66 -5.88 2.28 -14.61
N HIS A 67 -6.99 2.39 -15.32
CA HIS A 67 -7.96 1.31 -15.44
C HIS A 67 -7.45 0.23 -16.40
N ALA A 68 -6.33 -0.37 -16.03
CA ALA A 68 -5.76 -1.50 -16.73
C ALA A 68 -4.80 -2.22 -15.80
N ALA A 69 -4.86 -1.82 -14.53
CA ALA A 69 -4.00 -2.32 -13.49
C ALA A 69 -4.77 -2.25 -12.19
N LEU A 70 -5.11 -3.43 -11.67
CA LEU A 70 -6.02 -3.54 -10.54
C LEU A 70 -7.42 -3.06 -10.94
N THR A 71 -8.28 -2.86 -9.95
CA THR A 71 -9.63 -2.40 -10.21
C THR A 71 -10.24 -1.85 -8.93
N ALA A 72 -11.25 -1.01 -9.08
CA ALA A 72 -12.00 -0.50 -7.94
C ALA A 72 -13.39 -1.10 -7.94
N GLU A 73 -13.63 -2.03 -8.87
CA GLU A 73 -14.93 -2.66 -9.04
C GLU A 73 -16.00 -1.59 -9.29
N THR A 74 -17.27 -1.96 -9.10
CA THR A 74 -18.37 -1.03 -9.28
C THR A 74 -18.10 0.28 -8.54
N ALA A 75 -18.13 1.37 -9.27
CA ALA A 75 -17.75 2.68 -8.75
C ALA A 75 -18.74 3.74 -9.20
N PRO A 76 -19.81 3.94 -8.44
CA PRO A 76 -20.91 4.85 -8.80
C PRO A 76 -20.50 6.33 -8.73
N ALA A 77 -19.63 6.74 -9.66
CA ALA A 77 -19.16 8.13 -9.79
C ALA A 77 -18.26 8.55 -8.62
N ARG A 78 -18.79 8.43 -7.41
CA ARG A 78 -18.10 8.86 -6.20
C ARG A 78 -16.77 8.14 -6.03
N TYR A 79 -16.71 6.89 -6.44
CA TYR A 79 -15.53 6.07 -6.24
C TYR A 79 -14.78 5.93 -7.54
N ALA A 80 -15.29 6.60 -8.56
CA ALA A 80 -14.69 6.56 -9.87
C ALA A 80 -13.68 7.69 -10.05
N GLN A 81 -13.61 8.54 -9.03
CA GLN A 81 -12.68 9.66 -9.04
C GLN A 81 -11.24 9.17 -8.87
N TYR A 82 -11.10 7.95 -8.37
CA TYR A 82 -9.79 7.34 -8.19
C TYR A 82 -9.50 6.34 -9.30
N ASP A 83 -10.39 6.32 -10.30
CA ASP A 83 -10.28 5.37 -11.41
C ASP A 83 -9.62 6.06 -12.61
N ARG A 84 -9.22 7.31 -12.40
CA ARG A 84 -8.61 8.12 -13.46
C ARG A 84 -7.13 7.78 -13.60
N PRO A 85 -6.58 7.90 -14.82
CA PRO A 85 -5.17 7.63 -15.07
C PRO A 85 -4.25 8.71 -14.51
N ILE A 86 -3.51 8.38 -13.47
CA ILE A 86 -2.60 9.31 -12.84
C ILE A 86 -1.16 8.85 -12.97
N VAL A 87 -0.34 9.66 -13.63
CA VAL A 87 1.09 9.38 -13.73
C VAL A 87 1.86 10.36 -12.85
N ALA A 88 2.41 9.85 -11.76
CA ALA A 88 3.08 10.70 -10.79
C ALA A 88 4.42 10.11 -10.39
N ARG A 89 5.49 10.85 -10.67
CA ARG A 89 6.81 10.42 -10.27
C ARG A 89 7.06 10.82 -8.83
N HIS A 90 7.92 10.09 -8.15
CA HIS A 90 8.27 10.40 -6.77
C HIS A 90 9.56 9.70 -6.37
N THR A 91 10.25 10.30 -5.42
CA THR A 91 11.58 9.85 -5.01
C THR A 91 11.52 8.57 -4.17
N LEU A 92 12.55 7.74 -4.26
CA LEU A 92 12.75 6.67 -3.32
C LEU A 92 13.91 7.03 -2.40
N LEU A 93 13.67 6.93 -1.11
CA LEU A 93 14.62 7.41 -0.10
C LEU A 93 15.62 6.32 0.25
N ARG A 94 15.12 5.19 0.66
CA ARG A 94 15.95 4.08 1.10
C ARG A 94 15.68 2.86 0.24
N CYS A 95 16.72 2.14 -0.14
CA CYS A 95 16.55 0.92 -0.91
C CYS A 95 17.72 -0.03 -0.67
N GLU A 96 17.52 -0.97 0.24
CA GLU A 96 18.58 -1.91 0.59
C GLU A 96 18.12 -3.34 0.35
N PRO A 97 18.30 -3.84 -0.89
CA PRO A 97 17.86 -5.16 -1.31
C PRO A 97 18.85 -6.26 -0.95
N PRO A 98 18.34 -7.41 -0.49
CA PRO A 98 16.93 -7.61 -0.20
C PRO A 98 16.63 -7.48 1.30
N ARG A 99 16.04 -6.36 1.69
CA ARG A 99 15.66 -6.14 3.08
C ARG A 99 14.57 -5.08 3.18
N VAL A 100 14.95 -3.82 3.10
CA VAL A 100 14.01 -2.73 3.27
C VAL A 100 14.08 -1.73 2.13
N LEU A 101 12.97 -1.06 1.88
CA LEU A 101 12.90 0.00 0.89
C LEU A 101 11.95 1.08 1.38
N ALA A 102 12.16 2.30 0.92
CA ALA A 102 11.39 3.43 1.40
C ALA A 102 11.22 4.46 0.31
N LEU A 103 10.02 4.96 0.20
CA LEU A 103 9.68 5.94 -0.81
C LEU A 103 8.73 6.94 -0.20
N THR A 104 8.29 7.89 -0.98
CA THR A 104 7.38 8.90 -0.49
C THR A 104 6.04 8.81 -1.23
N TRP A 105 4.97 9.08 -0.50
CA TRP A 105 3.63 8.84 -0.97
C TRP A 105 2.73 10.03 -0.61
N GLY A 106 2.32 10.77 -1.63
CA GLY A 106 1.53 11.96 -1.40
C GLY A 106 2.16 13.16 -2.06
N GLY A 107 2.71 14.06 -1.24
CA GLY A 107 3.40 15.22 -1.77
C GLY A 107 2.97 16.51 -1.11
N GLY A 108 2.84 16.47 0.21
CA GLY A 108 2.46 17.66 0.94
C GLY A 108 1.11 17.49 1.63
N ALA A 109 0.13 18.26 1.15
CA ALA A 109 -1.23 18.24 1.69
C ALA A 109 -1.29 18.74 3.14
N GLY A 110 -0.27 19.47 3.56
CA GLY A 110 -0.24 20.01 4.91
C GLY A 110 1.12 19.89 5.54
N GLU A 111 1.61 18.66 5.62
CA GLU A 111 2.95 18.40 6.12
C GLU A 111 3.88 18.13 4.95
N ALA A 112 5.11 17.74 5.24
CA ALA A 112 6.03 17.32 4.19
C ALA A 112 5.53 16.02 3.57
N PRO A 113 5.90 15.72 2.31
CA PRO A 113 5.46 14.51 1.64
C PRO A 113 5.66 13.26 2.50
N SER A 114 4.56 12.56 2.74
CA SER A 114 4.57 11.38 3.59
C SER A 114 5.44 10.30 2.98
N GLU A 115 6.09 9.51 3.80
CA GLU A 115 6.98 8.48 3.30
C GLU A 115 6.45 7.09 3.66
N VAL A 116 6.93 6.08 2.95
CA VAL A 116 6.50 4.72 3.14
C VAL A 116 7.71 3.81 3.31
N LEU A 117 7.77 3.15 4.45
CA LEU A 117 8.85 2.22 4.75
C LEU A 117 8.35 0.79 4.65
N PHE A 118 8.90 0.05 3.71
CA PHE A 118 8.66 -1.39 3.63
C PHE A 118 9.84 -2.13 4.22
N GLU A 119 9.59 -2.94 5.22
CA GLU A 119 10.65 -3.68 5.88
C GLU A 119 10.37 -5.17 5.83
N LEU A 120 11.25 -5.91 5.18
CA LEU A 120 11.10 -7.35 5.07
C LEU A 120 12.10 -8.06 5.97
N SER A 121 11.62 -9.06 6.68
CA SER A 121 12.48 -9.89 7.51
C SER A 121 12.39 -11.32 7.02
N GLU A 122 13.51 -12.02 7.08
CA GLU A 122 13.59 -13.34 6.48
C GLU A 122 13.48 -14.41 7.56
N ALA A 123 12.57 -15.31 7.36
CA ALA A 123 12.35 -16.39 8.30
C ALA A 123 12.76 -17.72 7.68
N GLY A 124 12.47 -18.82 8.37
CA GLY A 124 12.89 -20.13 7.91
C GLY A 124 12.48 -20.44 6.48
N GLU A 125 11.19 -20.31 6.20
CA GLU A 125 10.68 -20.53 4.86
C GLU A 125 9.73 -19.41 4.46
N GLN A 126 9.55 -18.46 5.35
CA GLN A 126 8.58 -17.40 5.13
C GLN A 126 9.22 -16.06 5.41
N VAL A 127 8.45 -15.00 5.24
CA VAL A 127 8.94 -13.67 5.46
C VAL A 127 7.93 -12.80 6.18
N ARG A 128 8.44 -11.92 7.01
CA ARG A 128 7.62 -10.96 7.74
C ARG A 128 7.72 -9.59 7.07
N LEU A 129 6.58 -9.02 6.73
CA LEU A 129 6.53 -7.71 6.11
C LEU A 129 5.72 -6.74 6.97
N VAL A 130 6.31 -5.58 7.24
CA VAL A 130 5.67 -4.54 8.02
C VAL A 130 5.58 -3.26 7.20
N LEU A 131 4.42 -2.61 7.24
CA LEU A 131 4.24 -1.34 6.53
C LEU A 131 4.35 -0.20 7.52
N THR A 132 5.29 0.70 7.28
CA THR A 132 5.42 1.89 8.08
C THR A 132 5.17 3.12 7.21
N HIS A 133 3.98 3.68 7.28
CA HIS A 133 3.69 4.88 6.52
C HIS A 133 3.85 6.08 7.42
N THR A 134 4.89 6.82 7.15
CA THR A 134 5.36 7.86 8.04
C THR A 134 5.08 9.24 7.46
N ARG A 135 5.18 10.26 8.30
CA ARG A 135 5.09 11.66 7.87
C ARG A 135 3.72 11.97 7.28
N LEU A 136 2.68 11.33 7.81
CA LEU A 136 1.32 11.58 7.36
C LEU A 136 0.94 13.04 7.60
N ALA A 137 0.40 13.67 6.57
CA ALA A 137 0.02 15.07 6.66
C ALA A 137 -1.19 15.23 7.58
N ASP A 138 -2.09 14.26 7.55
CA ASP A 138 -3.29 14.33 8.36
C ASP A 138 -3.82 12.92 8.56
N ARG A 139 -4.63 12.73 9.58
CA ARG A 139 -5.27 11.44 9.81
C ARG A 139 -6.27 11.16 8.69
N ALA A 140 -6.75 12.22 8.07
CA ALA A 140 -7.57 12.11 6.86
C ALA A 140 -6.73 11.65 5.69
N ALA A 141 -5.42 11.89 5.74
CA ALA A 141 -4.52 11.40 4.70
C ALA A 141 -4.46 9.88 4.75
N MET A 142 -4.42 9.35 5.97
CA MET A 142 -4.56 7.91 6.17
C MET A 142 -5.84 7.41 5.49
N LEU A 143 -6.91 8.20 5.63
CA LEU A 143 -8.18 7.92 4.96
C LEU A 143 -8.06 8.13 3.44
N ASP A 144 -7.13 8.99 3.04
CA ASP A 144 -6.91 9.28 1.63
C ASP A 144 -6.36 8.06 0.93
N VAL A 145 -5.40 7.41 1.58
CA VAL A 145 -4.81 6.19 1.06
C VAL A 145 -5.64 4.97 1.47
N ALA A 146 -6.51 5.13 2.46
CA ALA A 146 -7.41 4.05 2.87
C ALA A 146 -8.24 3.56 1.70
N GLY A 147 -8.82 4.49 0.95
CA GLY A 147 -9.64 4.15 -0.18
C GLY A 147 -8.85 3.80 -1.43
N GLY A 148 -7.96 2.82 -1.30
CA GLY A 148 -7.16 2.39 -2.43
C GLY A 148 -5.89 1.70 -2.02
N TRP A 149 -5.01 2.45 -1.35
CA TRP A 149 -3.72 1.93 -0.91
C TRP A 149 -3.90 0.80 0.11
N HIS A 150 -4.72 1.06 1.14
CA HIS A 150 -4.94 0.09 2.21
C HIS A 150 -5.30 -1.29 1.65
N ALA A 151 -6.22 -1.31 0.70
CA ALA A 151 -6.73 -2.56 0.14
C ALA A 151 -5.63 -3.42 -0.48
N HIS A 152 -4.56 -2.79 -0.98
CA HIS A 152 -3.52 -3.54 -1.67
C HIS A 152 -2.84 -4.51 -0.71
N LEU A 153 -2.94 -4.24 0.58
CA LEU A 153 -2.33 -5.09 1.59
C LEU A 153 -2.92 -6.49 1.54
N ALA A 154 -4.19 -6.58 1.15
CA ALA A 154 -4.86 -7.86 1.03
C ALA A 154 -4.49 -8.52 -0.30
N VAL A 155 -4.29 -7.68 -1.31
CA VAL A 155 -3.94 -8.17 -2.65
C VAL A 155 -2.54 -8.76 -2.63
N LEU A 156 -1.68 -8.19 -1.79
CA LEU A 156 -0.31 -8.68 -1.61
C LEU A 156 -0.31 -10.16 -1.27
N ALA A 157 -0.98 -10.49 -0.17
CA ALA A 157 -1.05 -11.86 0.29
C ALA A 157 -1.79 -12.73 -0.70
N GLY A 158 -2.89 -12.20 -1.26
CA GLY A 158 -3.64 -12.93 -2.25
C GLY A 158 -2.79 -13.36 -3.43
N LYS A 159 -2.08 -12.41 -4.03
CA LYS A 159 -1.25 -12.70 -5.19
C LYS A 159 -0.14 -13.67 -4.82
N LEU A 160 0.58 -13.36 -3.75
CA LEU A 160 1.73 -14.15 -3.32
C LEU A 160 1.34 -15.57 -2.92
N ALA A 161 0.10 -15.75 -2.47
CA ALA A 161 -0.36 -17.07 -2.07
C ALA A 161 -0.80 -17.90 -3.27
N GLY A 162 -0.97 -17.23 -4.42
CA GLY A 162 -1.40 -17.93 -5.61
C GLY A 162 -2.91 -17.98 -5.74
N GLN A 163 -3.58 -16.96 -5.24
CA GLN A 163 -5.02 -16.84 -5.37
C GLN A 163 -5.39 -15.50 -5.99
N ALA A 164 -6.66 -15.32 -6.31
CA ALA A 164 -7.12 -14.09 -6.92
C ALA A 164 -7.32 -13.01 -5.86
N PRO A 165 -7.16 -11.74 -6.21
CA PRO A 165 -7.31 -10.63 -5.24
C PRO A 165 -8.70 -10.61 -4.62
N PRO A 166 -8.80 -10.08 -3.39
CA PRO A 166 -10.07 -10.02 -2.66
C PRO A 166 -10.98 -8.91 -3.19
N PRO A 167 -12.24 -8.86 -2.70
CA PRO A 167 -13.16 -7.78 -3.03
C PRO A 167 -12.55 -6.41 -2.71
N PHE A 168 -12.27 -5.64 -3.74
CA PHE A 168 -11.63 -4.34 -3.57
C PHE A 168 -12.72 -3.33 -3.25
N TRP A 169 -13.23 -3.44 -2.04
CA TRP A 169 -14.33 -2.63 -1.57
C TRP A 169 -14.55 -2.88 -0.09
N THR A 170 -14.59 -4.15 0.29
CA THR A 170 -14.85 -4.53 1.67
C THR A 170 -13.81 -3.96 2.62
N THR A 171 -12.53 -4.21 2.36
CA THR A 171 -11.47 -3.70 3.21
C THR A 171 -11.33 -2.19 3.04
N LEU A 172 -11.69 -1.72 1.86
CA LEU A 172 -11.65 -0.29 1.55
C LEU A 172 -12.65 0.46 2.44
N ALA A 173 -13.90 0.04 2.38
CA ALA A 173 -14.97 0.68 3.13
C ALA A 173 -14.82 0.43 4.64
N GLN A 174 -14.35 -0.76 5.00
CA GLN A 174 -14.15 -1.10 6.40
C GLN A 174 -13.07 -0.23 7.01
N ALA A 175 -11.98 -0.01 6.27
CA ALA A 175 -10.93 0.89 6.70
C ALA A 175 -11.46 2.32 6.77
N GLU A 176 -12.19 2.71 5.72
CA GLU A 176 -12.84 4.01 5.66
C GLU A 176 -13.67 4.25 6.91
N GLN A 177 -14.53 3.29 7.21
CA GLN A 177 -15.44 3.38 8.35
C GLN A 177 -14.69 3.39 9.68
N ASP A 178 -13.70 2.52 9.82
CA ASP A 178 -12.94 2.43 11.07
C ASP A 178 -12.16 3.71 11.32
N TYR A 179 -11.37 4.14 10.33
CA TYR A 179 -10.54 5.32 10.48
C TYR A 179 -11.38 6.57 10.69
N GLU A 180 -12.50 6.67 9.98
CA GLU A 180 -13.41 7.79 10.15
C GLU A 180 -13.84 7.91 11.62
N GLN A 181 -14.08 6.77 12.25
CA GLN A 181 -14.46 6.74 13.66
C GLN A 181 -13.27 7.05 14.56
N ARG A 182 -12.10 6.50 14.22
CA ARG A 182 -10.89 6.69 15.02
C ARG A 182 -10.43 8.14 14.95
N LEU A 183 -10.75 8.81 13.85
CA LEU A 183 -10.45 10.22 13.71
C LEU A 183 -11.32 11.07 14.62
N LEU A 184 -12.64 11.06 14.35
CA LEU A 184 -13.60 11.93 15.02
C LEU A 184 -13.31 13.39 14.65
N GLU A 185 -12.24 13.94 15.22
CA GLU A 185 -11.73 15.22 14.81
C GLU A 185 -10.92 15.00 13.54
N HIS A 186 -11.42 15.46 12.42
CA HIS A 186 -10.83 15.08 11.14
C HIS A 186 -9.54 15.84 10.83
N HIS A 187 -9.66 16.97 10.15
CA HIS A 187 -8.48 17.68 9.65
C HIS A 187 -7.90 18.57 10.74
N HIS A 188 -6.65 18.31 11.09
CA HIS A 188 -5.99 19.05 12.17
C HIS A 188 -5.36 20.34 11.63
N HIS A 189 -5.50 21.41 12.38
CA HIS A 189 -4.94 22.70 12.00
C HIS A 189 -3.91 23.15 13.02
N HIS A 190 -2.93 23.93 12.58
CA HIS A 190 -1.97 24.53 13.49
C HIS A 190 -1.43 25.84 12.90
N HIS A 191 -0.38 25.74 12.10
CA HIS A 191 0.25 26.91 11.49
C HIS A 191 1.47 26.46 10.68
N MET A 1 15.05 -14.52 -8.39
CA MET A 1 14.49 -14.51 -7.02
C MET A 1 13.94 -15.88 -6.65
N THR A 2 14.43 -16.44 -5.56
CA THR A 2 13.92 -17.70 -5.03
C THR A 2 12.44 -17.55 -4.72
N SER A 3 11.61 -18.29 -5.43
CA SER A 3 10.16 -18.12 -5.31
C SER A 3 9.45 -19.44 -5.01
N PRO A 4 9.58 -19.97 -3.78
CA PRO A 4 8.84 -21.17 -3.37
C PRO A 4 7.37 -20.89 -3.20
N SER A 5 6.53 -21.79 -3.67
CA SER A 5 5.09 -21.62 -3.55
C SER A 5 4.59 -22.11 -2.20
N SER A 6 4.47 -21.19 -1.26
CA SER A 6 4.00 -21.50 0.07
C SER A 6 2.89 -20.53 0.46
N ALA A 7 2.31 -20.73 1.64
CA ALA A 7 1.26 -19.84 2.15
C ALA A 7 1.30 -19.78 3.67
N PHE A 8 1.60 -18.61 4.20
CA PHE A 8 1.65 -18.42 5.65
C PHE A 8 0.89 -17.15 6.03
N PRO A 9 -0.41 -17.28 6.35
CA PRO A 9 -1.24 -16.13 6.68
C PRO A 9 -1.10 -15.69 8.14
N ASP A 10 -0.72 -14.44 8.33
CA ASP A 10 -0.57 -13.86 9.66
C ASP A 10 -0.41 -12.35 9.54
N GLY A 11 -0.82 -11.62 10.57
CA GLY A 11 -0.67 -10.18 10.54
C GLY A 11 -1.89 -9.46 11.07
N HIS A 12 -2.11 -9.55 12.37
CA HIS A 12 -3.21 -8.85 13.01
C HIS A 12 -2.69 -7.92 14.11
N GLY A 13 -2.46 -6.67 13.73
CA GLY A 13 -1.99 -5.68 14.68
C GLY A 13 -2.70 -4.35 14.48
N ALA A 14 -3.32 -3.83 15.53
CA ALA A 14 -4.09 -2.60 15.42
C ALA A 14 -3.53 -1.52 16.35
N ARG A 15 -2.89 -1.96 17.44
CA ARG A 15 -2.31 -1.06 18.44
C ARG A 15 -3.40 -0.29 19.19
N LEU A 16 -2.98 0.61 20.08
CA LEU A 16 -3.91 1.41 20.86
C LEU A 16 -3.82 2.88 20.47
N ASP A 17 -2.81 3.20 19.67
CA ASP A 17 -2.60 4.57 19.22
C ASP A 17 -2.10 4.58 17.78
N ALA A 18 -2.77 5.35 16.94
CA ALA A 18 -2.39 5.47 15.55
C ALA A 18 -2.01 6.90 15.21
N GLN A 19 -0.71 7.15 15.06
CA GLN A 19 -0.23 8.46 14.62
C GLN A 19 0.61 8.31 13.36
N SER A 20 1.10 7.10 13.12
CA SER A 20 1.75 6.76 11.86
C SER A 20 1.02 5.57 11.23
N ILE A 21 1.32 5.28 9.97
CA ILE A 21 0.65 4.18 9.28
C ILE A 21 1.55 2.96 9.28
N ARG A 22 1.01 1.86 9.76
CA ARG A 22 1.79 0.66 9.96
C ARG A 22 0.94 -0.59 9.77
N PHE A 23 1.49 -1.53 9.01
CA PHE A 23 0.87 -2.83 8.84
C PHE A 23 1.94 -3.91 8.90
N GLU A 24 1.93 -4.70 9.96
CA GLU A 24 2.89 -5.78 10.11
C GLU A 24 2.22 -7.12 9.83
N ARG A 25 2.67 -7.80 8.79
CA ARG A 25 2.10 -9.09 8.42
C ARG A 25 3.18 -10.10 8.05
N LEU A 26 2.76 -11.34 7.90
CA LEU A 26 3.67 -12.43 7.57
C LEU A 26 3.35 -12.93 6.16
N LEU A 27 4.38 -13.07 5.35
CA LEU A 27 4.22 -13.53 3.98
C LEU A 27 5.06 -14.79 3.75
N PRO A 28 4.76 -15.56 2.70
CA PRO A 28 5.49 -16.78 2.37
C PRO A 28 6.70 -16.53 1.47
N GLY A 29 7.79 -17.25 1.73
CA GLY A 29 8.99 -17.12 0.95
C GLY A 29 10.20 -16.83 1.81
N PRO A 30 11.42 -16.93 1.28
CA PRO A 30 12.62 -16.56 2.03
C PRO A 30 12.65 -15.07 2.31
N ILE A 31 12.39 -14.30 1.25
CA ILE A 31 12.25 -12.86 1.32
C ILE A 31 12.09 -12.33 -0.12
N GLU A 32 12.71 -13.05 -1.05
CA GLU A 32 12.64 -12.72 -2.47
C GLU A 32 11.22 -12.88 -3.02
N ARG A 33 10.48 -13.84 -2.48
CA ARG A 33 9.10 -14.09 -2.91
C ARG A 33 8.24 -12.85 -2.70
N VAL A 34 8.40 -12.25 -1.52
CA VAL A 34 7.63 -11.08 -1.14
C VAL A 34 8.20 -9.83 -1.81
N TRP A 35 9.51 -9.81 -1.99
CA TRP A 35 10.18 -8.68 -2.63
C TRP A 35 9.80 -8.58 -4.11
N ALA A 36 9.55 -9.72 -4.73
CA ALA A 36 9.28 -9.80 -6.17
C ALA A 36 8.25 -8.77 -6.64
N TRP A 37 7.15 -8.63 -5.90
CA TRP A 37 6.13 -7.65 -6.32
C TRP A 37 6.55 -6.23 -5.97
N LEU A 38 7.42 -6.11 -4.99
CA LEU A 38 7.96 -4.81 -4.61
C LEU A 38 8.92 -4.31 -5.68
N ALA A 39 9.56 -5.23 -6.40
CA ALA A 39 10.53 -4.89 -7.42
C ALA A 39 9.95 -4.88 -8.83
N ASP A 40 9.44 -6.03 -9.27
CA ASP A 40 9.02 -6.20 -10.66
C ASP A 40 7.86 -5.28 -11.02
N ALA A 41 7.95 -4.66 -12.20
CA ALA A 41 6.96 -3.68 -12.64
C ALA A 41 5.64 -4.32 -13.01
N ASP A 42 5.68 -5.53 -13.53
CA ASP A 42 4.47 -6.19 -14.00
C ASP A 42 3.74 -6.80 -12.83
N LYS A 43 4.48 -7.43 -11.95
CA LYS A 43 3.92 -8.05 -10.77
C LYS A 43 3.43 -6.97 -9.80
N ARG A 44 4.06 -5.80 -9.86
CA ARG A 44 3.66 -4.66 -9.03
C ARG A 44 2.44 -3.96 -9.62
N ALA A 45 2.29 -4.07 -10.93
CA ALA A 45 1.17 -3.44 -11.63
C ALA A 45 -0.16 -4.11 -11.28
N ARG A 46 -0.08 -5.16 -10.48
CA ARG A 46 -1.26 -5.94 -10.15
C ARG A 46 -1.56 -5.88 -8.65
N TRP A 47 -0.94 -4.91 -7.96
CA TRP A 47 -1.26 -4.65 -6.56
C TRP A 47 -1.10 -3.17 -6.23
N LEU A 48 -0.31 -2.45 -7.03
CA LEU A 48 -0.10 -1.02 -6.81
C LEU A 48 -0.09 -0.27 -8.13
N ALA A 49 0.97 -0.44 -8.92
CA ALA A 49 1.13 0.29 -10.16
C ALA A 49 2.24 -0.28 -11.01
N GLY A 50 2.21 0.03 -12.30
CA GLY A 50 3.22 -0.43 -13.22
C GLY A 50 4.38 0.53 -13.27
N GLY A 51 5.57 -0.02 -13.14
CA GLY A 51 6.78 0.78 -13.14
C GLY A 51 7.86 0.12 -12.32
N GLU A 52 9.06 0.03 -12.86
CA GLU A 52 10.17 -0.60 -12.17
C GLU A 52 10.77 0.34 -11.13
N LEU A 53 11.73 -0.17 -10.36
CA LEU A 53 12.41 0.64 -9.37
C LEU A 53 13.54 1.43 -10.01
N PRO A 54 13.77 2.66 -9.56
CA PRO A 54 14.89 3.48 -10.02
C PRO A 54 16.22 2.91 -9.57
N ARG A 55 17.30 3.50 -10.05
CA ARG A 55 18.63 2.98 -9.76
C ARG A 55 19.27 3.74 -8.61
N GLN A 56 18.96 5.03 -8.51
CA GLN A 56 19.49 5.84 -7.44
C GLN A 56 18.42 6.37 -6.52
N PRO A 57 18.76 6.44 -5.23
CA PRO A 57 17.93 7.12 -4.24
C PRO A 57 17.93 8.62 -4.49
N GLY A 58 16.82 9.13 -4.98
CA GLY A 58 16.76 10.52 -5.38
C GLY A 58 16.23 10.67 -6.78
N GLN A 59 16.27 9.57 -7.54
CA GLN A 59 15.73 9.55 -8.87
C GLN A 59 14.21 9.45 -8.82
N THR A 60 13.56 10.03 -9.83
CA THR A 60 12.11 10.02 -9.90
C THR A 60 11.61 8.94 -10.85
N PHE A 61 10.57 8.24 -10.42
CA PHE A 61 9.93 7.25 -11.27
C PHE A 61 8.46 7.63 -11.47
N GLU A 62 7.79 6.97 -12.40
CA GLU A 62 6.39 7.27 -12.67
C GLU A 62 5.50 6.25 -11.98
N LEU A 63 4.71 6.72 -11.04
CA LEU A 63 3.82 5.86 -10.28
C LEU A 63 2.39 6.17 -10.67
N HIS A 64 1.74 5.21 -11.32
CA HIS A 64 0.35 5.36 -11.70
C HIS A 64 -0.52 5.18 -10.47
N PHE A 65 -1.05 6.27 -9.94
CA PHE A 65 -1.68 6.25 -8.64
C PHE A 65 -3.12 6.71 -8.67
N ASN A 66 -3.99 5.94 -8.06
CA ASN A 66 -5.37 6.35 -7.83
C ASN A 66 -5.51 6.78 -6.38
N HIS A 67 -5.83 8.05 -6.17
CA HIS A 67 -5.88 8.61 -4.81
C HIS A 67 -7.05 8.03 -4.02
N ALA A 68 -7.94 7.32 -4.69
CA ALA A 68 -9.01 6.59 -4.02
C ALA A 68 -8.45 5.30 -3.42
N ALA A 69 -7.72 4.56 -4.24
CA ALA A 69 -7.07 3.32 -3.82
C ALA A 69 -6.29 2.68 -4.97
N LEU A 70 -7.00 1.89 -5.76
CA LEU A 70 -6.41 1.17 -6.89
C LEU A 70 -7.48 0.86 -7.91
N THR A 71 -8.49 0.11 -7.47
CA THR A 71 -9.58 -0.29 -8.33
C THR A 71 -10.58 0.84 -8.52
N ALA A 72 -10.54 1.45 -9.68
CA ALA A 72 -11.52 2.45 -10.09
C ALA A 72 -11.90 2.20 -11.53
N GLU A 73 -11.61 0.98 -11.97
CA GLU A 73 -11.97 0.50 -13.30
C GLU A 73 -13.48 0.64 -13.51
N THR A 74 -14.22 0.46 -12.44
CA THR A 74 -15.64 0.74 -12.43
C THR A 74 -15.99 1.53 -11.17
N ALA A 75 -16.99 2.38 -11.29
CA ALA A 75 -17.38 3.26 -10.21
C ALA A 75 -18.84 3.67 -10.36
N PRO A 76 -19.52 3.98 -9.24
CA PRO A 76 -20.89 4.47 -9.25
C PRO A 76 -20.97 5.95 -9.59
N ALA A 77 -19.81 6.51 -9.95
CA ALA A 77 -19.67 7.93 -10.30
C ALA A 77 -19.85 8.85 -9.10
N ARG A 78 -20.05 8.27 -7.92
CA ARG A 78 -20.21 9.06 -6.71
C ARG A 78 -18.85 9.48 -6.16
N TYR A 79 -17.81 9.00 -6.81
CA TYR A 79 -16.45 9.31 -6.42
C TYR A 79 -15.94 10.46 -7.26
N ALA A 80 -15.74 10.17 -8.55
CA ALA A 80 -15.44 11.18 -9.54
C ALA A 80 -14.03 11.75 -9.35
N GLN A 81 -13.38 12.04 -10.48
CA GLN A 81 -11.99 12.55 -10.51
C GLN A 81 -10.99 11.47 -10.09
N TYR A 82 -11.44 10.54 -9.25
CA TYR A 82 -10.68 9.35 -8.90
C TYR A 82 -10.99 8.25 -9.90
N ASP A 83 -11.71 8.61 -10.94
CA ASP A 83 -12.18 7.66 -11.94
C ASP A 83 -11.12 7.45 -13.02
N ARG A 84 -9.97 8.06 -12.81
CA ARG A 84 -8.84 7.94 -13.72
C ARG A 84 -7.55 7.72 -12.94
N PRO A 85 -6.60 6.95 -13.51
CA PRO A 85 -5.30 6.75 -12.90
C PRO A 85 -4.41 7.99 -13.04
N ILE A 86 -4.06 8.59 -11.92
CA ILE A 86 -3.23 9.79 -11.94
C ILE A 86 -1.76 9.40 -11.98
N VAL A 87 -1.09 9.77 -13.05
CA VAL A 87 0.33 9.50 -13.19
C VAL A 87 1.14 10.59 -12.50
N ALA A 88 1.67 10.27 -11.34
CA ALA A 88 2.48 11.22 -10.58
C ALA A 88 3.84 10.62 -10.30
N ARG A 89 4.89 11.40 -10.52
CA ARG A 89 6.23 10.92 -10.30
C ARG A 89 6.56 11.01 -8.81
N HIS A 90 7.44 10.13 -8.37
CA HIS A 90 7.85 10.10 -6.96
C HIS A 90 9.33 9.81 -6.87
N THR A 91 9.94 10.28 -5.79
CA THR A 91 11.36 10.11 -5.58
C THR A 91 11.65 8.79 -4.86
N LEU A 92 12.69 8.09 -5.30
CA LEU A 92 13.12 6.87 -4.62
C LEU A 92 13.89 7.22 -3.35
N LEU A 93 13.70 6.42 -2.32
CA LEU A 93 14.38 6.63 -1.05
C LEU A 93 15.29 5.43 -0.78
N ARG A 94 15.54 5.14 0.50
CA ARG A 94 16.45 4.07 0.89
C ARG A 94 15.97 2.71 0.37
N CYS A 95 16.51 2.28 -0.76
CA CYS A 95 16.17 0.98 -1.32
C CYS A 95 17.37 0.04 -1.22
N GLU A 96 17.24 -0.98 -0.39
CA GLU A 96 18.32 -1.93 -0.13
C GLU A 96 17.89 -3.35 -0.48
N PRO A 97 18.05 -3.75 -1.75
CA PRO A 97 17.68 -5.09 -2.20
C PRO A 97 18.74 -6.15 -1.84
N PRO A 98 18.30 -7.33 -1.37
CA PRO A 98 16.92 -7.62 -1.04
C PRO A 98 16.65 -7.59 0.47
N ARG A 99 16.03 -6.52 0.95
CA ARG A 99 15.74 -6.37 2.36
C ARG A 99 14.63 -5.34 2.56
N VAL A 100 14.96 -4.07 2.37
CA VAL A 100 14.01 -3.00 2.55
C VAL A 100 14.02 -2.08 1.35
N LEU A 101 12.97 -1.30 1.20
CA LEU A 101 12.91 -0.29 0.15
C LEU A 101 12.05 0.86 0.63
N ALA A 102 12.38 2.06 0.18
CA ALA A 102 11.66 3.24 0.62
C ALA A 102 11.37 4.16 -0.54
N LEU A 103 10.28 4.90 -0.42
CA LEU A 103 9.91 5.92 -1.38
C LEU A 103 9.19 7.04 -0.64
N THR A 104 8.97 8.15 -1.31
CA THR A 104 8.20 9.23 -0.71
C THR A 104 6.81 9.30 -1.34
N TRP A 105 5.84 9.66 -0.51
CA TRP A 105 4.44 9.51 -0.87
C TRP A 105 3.74 10.86 -0.87
N GLY A 106 3.01 11.13 -1.93
CA GLY A 106 2.32 12.40 -2.07
C GLY A 106 3.30 13.55 -2.22
N GLY A 107 3.27 14.49 -1.29
CA GLY A 107 4.13 15.63 -1.34
C GLY A 107 3.44 16.82 -1.97
N GLY A 108 4.16 17.52 -2.82
CA GLY A 108 3.60 18.66 -3.51
C GLY A 108 3.62 19.93 -2.66
N ALA A 109 2.60 20.09 -1.84
CA ALA A 109 2.46 21.29 -1.02
C ALA A 109 1.66 21.00 0.25
N GLY A 110 1.41 22.03 1.04
CA GLY A 110 0.64 21.86 2.26
C GLY A 110 1.52 21.56 3.46
N GLU A 111 2.36 20.55 3.32
CA GLU A 111 3.26 20.13 4.39
C GLU A 111 4.42 19.35 3.78
N ALA A 112 5.26 18.78 4.62
CA ALA A 112 6.35 17.93 4.16
C ALA A 112 5.80 16.65 3.54
N PRO A 113 6.45 16.15 2.48
CA PRO A 113 6.03 14.92 1.81
C PRO A 113 6.15 13.70 2.73
N SER A 114 5.10 12.90 2.74
CA SER A 114 5.13 11.63 3.46
C SER A 114 6.13 10.69 2.81
N GLU A 115 6.46 9.61 3.50
CA GLU A 115 7.35 8.61 2.93
C GLU A 115 6.88 7.22 3.31
N VAL A 116 7.34 6.22 2.58
CA VAL A 116 6.91 4.86 2.78
C VAL A 116 8.10 3.91 2.89
N LEU A 117 8.16 3.21 4.00
CA LEU A 117 9.21 2.23 4.23
C LEU A 117 8.63 0.83 4.20
N PHE A 118 9.07 0.06 3.23
CA PHE A 118 8.77 -1.37 3.22
C PHE A 118 9.95 -2.12 3.78
N GLU A 119 9.74 -2.85 4.86
CA GLU A 119 10.83 -3.58 5.48
C GLU A 119 10.48 -5.05 5.59
N LEU A 120 11.23 -5.88 4.87
CA LEU A 120 11.02 -7.31 4.88
C LEU A 120 12.11 -7.99 5.67
N SER A 121 11.73 -8.90 6.54
CA SER A 121 12.68 -9.68 7.31
C SER A 121 12.56 -11.14 6.90
N GLU A 122 13.67 -11.85 6.94
CA GLU A 122 13.73 -13.21 6.44
C GLU A 122 13.63 -14.20 7.58
N ALA A 123 12.65 -15.07 7.49
CA ALA A 123 12.40 -16.07 8.51
C ALA A 123 12.53 -17.48 7.94
N GLY A 124 13.36 -17.62 6.92
CA GLY A 124 13.59 -18.91 6.32
C GLY A 124 12.65 -19.16 5.15
N GLU A 125 11.47 -19.67 5.44
CA GLU A 125 10.46 -19.85 4.41
C GLU A 125 9.32 -18.87 4.65
N GLN A 126 9.54 -17.96 5.60
CA GLN A 126 8.57 -16.93 5.91
C GLN A 126 9.21 -15.56 5.83
N VAL A 127 8.38 -14.56 5.71
CA VAL A 127 8.84 -13.17 5.59
C VAL A 127 8.00 -12.26 6.46
N ARG A 128 8.67 -11.50 7.30
CA ARG A 128 8.00 -10.48 8.10
C ARG A 128 7.99 -9.17 7.35
N LEU A 129 6.81 -8.67 7.06
CA LEU A 129 6.66 -7.45 6.32
C LEU A 129 5.96 -6.39 7.17
N VAL A 130 6.52 -5.19 7.16
CA VAL A 130 5.87 -4.08 7.83
C VAL A 130 5.78 -2.88 6.90
N LEU A 131 4.57 -2.38 6.76
CA LEU A 131 4.34 -1.17 6.00
C LEU A 131 4.50 0.04 6.92
N THR A 132 5.60 0.75 6.77
CA THR A 132 5.88 1.88 7.63
C THR A 132 5.71 3.17 6.87
N HIS A 133 4.59 3.84 7.06
CA HIS A 133 4.34 5.10 6.39
C HIS A 133 4.70 6.25 7.31
N THR A 134 5.77 6.94 6.97
CA THR A 134 6.32 7.99 7.79
C THR A 134 5.91 9.38 7.30
N ARG A 135 6.22 10.40 8.10
CA ARG A 135 5.89 11.78 7.79
C ARG A 135 4.39 11.96 7.60
N LEU A 136 3.67 11.91 8.71
CA LEU A 136 2.24 12.12 8.71
C LEU A 136 1.89 13.33 9.54
N ALA A 137 1.48 14.38 8.85
CA ALA A 137 1.18 15.66 9.51
C ALA A 137 -0.03 15.55 10.42
N ASP A 138 -0.98 14.70 10.07
CA ASP A 138 -2.23 14.63 10.80
C ASP A 138 -2.95 13.33 10.49
N ARG A 139 -3.83 12.92 11.39
CA ARG A 139 -4.59 11.68 11.22
C ARG A 139 -5.50 11.74 10.00
N ALA A 140 -5.81 12.95 9.53
CA ALA A 140 -6.54 13.11 8.28
C ALA A 140 -5.71 12.58 7.13
N ALA A 141 -4.40 12.79 7.19
CA ALA A 141 -3.50 12.26 6.18
C ALA A 141 -3.49 10.74 6.25
N MET A 142 -3.36 10.21 7.46
CA MET A 142 -3.47 8.78 7.68
C MET A 142 -4.75 8.24 7.04
N LEU A 143 -5.87 8.86 7.38
CA LEU A 143 -7.16 8.49 6.80
C LEU A 143 -7.22 8.75 5.30
N ASP A 144 -6.39 9.66 4.82
CA ASP A 144 -6.39 10.01 3.40
C ASP A 144 -5.85 8.85 2.57
N VAL A 145 -4.67 8.38 2.96
CA VAL A 145 -4.02 7.28 2.24
C VAL A 145 -4.48 5.91 2.74
N ALA A 146 -5.11 5.89 3.91
CA ALA A 146 -5.52 4.64 4.55
C ALA A 146 -6.29 3.72 3.61
N GLY A 147 -7.23 4.30 2.86
CA GLY A 147 -8.04 3.53 1.95
C GLY A 147 -7.23 2.72 0.95
N GLY A 148 -6.18 3.33 0.42
CA GLY A 148 -5.39 2.69 -0.60
C GLY A 148 -4.48 1.60 -0.06
N TRP A 149 -3.88 1.85 1.10
CA TRP A 149 -2.92 0.90 1.67
C TRP A 149 -3.56 -0.45 2.02
N HIS A 150 -4.43 -0.47 3.04
CA HIS A 150 -4.86 -1.72 3.66
C HIS A 150 -5.31 -2.72 2.62
N ALA A 151 -6.11 -2.22 1.67
CA ALA A 151 -6.74 -3.04 0.67
C ALA A 151 -5.72 -3.89 -0.07
N HIS A 152 -4.63 -3.27 -0.49
CA HIS A 152 -3.66 -4.00 -1.30
C HIS A 152 -2.89 -4.97 -0.43
N LEU A 153 -2.89 -4.75 0.88
CA LEU A 153 -2.23 -5.68 1.80
C LEU A 153 -2.95 -7.02 1.79
N ALA A 154 -4.22 -7.01 1.38
CA ALA A 154 -4.99 -8.23 1.25
C ALA A 154 -4.66 -8.91 -0.08
N VAL A 155 -4.46 -8.08 -1.09
CA VAL A 155 -4.11 -8.54 -2.43
C VAL A 155 -2.72 -9.19 -2.41
N LEU A 156 -1.83 -8.61 -1.62
CA LEU A 156 -0.47 -9.11 -1.47
C LEU A 156 -0.49 -10.57 -1.02
N ALA A 157 -1.17 -10.83 0.08
CA ALA A 157 -1.23 -12.18 0.63
C ALA A 157 -1.96 -13.13 -0.31
N GLY A 158 -3.06 -12.65 -0.89
CA GLY A 158 -3.81 -13.46 -1.83
C GLY A 158 -2.98 -13.85 -3.04
N LYS A 159 -2.22 -12.90 -3.58
CA LYS A 159 -1.41 -13.15 -4.76
C LYS A 159 -0.20 -14.03 -4.41
N LEU A 160 0.45 -13.74 -3.29
CA LEU A 160 1.61 -14.52 -2.86
C LEU A 160 1.23 -15.96 -2.55
N ALA A 161 -0.01 -16.16 -2.10
CA ALA A 161 -0.53 -17.50 -1.85
C ALA A 161 -0.91 -18.19 -3.16
N GLY A 162 -1.04 -17.40 -4.22
CA GLY A 162 -1.38 -17.95 -5.52
C GLY A 162 -2.87 -18.17 -5.69
N GLN A 163 -3.67 -17.54 -4.84
CA GLN A 163 -5.11 -17.68 -4.88
C GLN A 163 -5.74 -16.44 -5.51
N ALA A 164 -7.06 -16.37 -5.48
CA ALA A 164 -7.78 -15.22 -6.00
C ALA A 164 -7.77 -14.09 -4.97
N PRO A 165 -7.68 -12.84 -5.41
CA PRO A 165 -7.70 -11.69 -4.51
C PRO A 165 -9.10 -11.34 -4.05
N PRO A 166 -9.23 -10.73 -2.87
CA PRO A 166 -10.52 -10.24 -2.36
C PRO A 166 -10.99 -9.01 -3.13
N PRO A 167 -12.31 -8.73 -3.10
CA PRO A 167 -12.86 -7.55 -3.78
C PRO A 167 -12.25 -6.26 -3.27
N PHE A 168 -11.38 -5.67 -4.08
CA PHE A 168 -10.64 -4.48 -3.70
C PHE A 168 -11.59 -3.31 -3.52
N TRP A 169 -12.64 -3.31 -4.32
CA TRP A 169 -13.66 -2.28 -4.24
C TRP A 169 -14.32 -2.29 -2.87
N THR A 170 -14.64 -3.49 -2.40
CA THR A 170 -15.33 -3.66 -1.13
C THR A 170 -14.42 -3.35 0.05
N THR A 171 -13.21 -3.92 0.05
CA THR A 171 -12.28 -3.71 1.16
C THR A 171 -11.95 -2.23 1.33
N LEU A 172 -11.89 -1.51 0.21
CA LEU A 172 -11.68 -0.07 0.24
C LEU A 172 -12.73 0.62 1.08
N ALA A 173 -13.98 0.56 0.63
CA ALA A 173 -15.07 1.30 1.27
C ALA A 173 -15.35 0.79 2.67
N GLN A 174 -15.30 -0.53 2.85
CA GLN A 174 -15.61 -1.14 4.13
C GLN A 174 -14.59 -0.77 5.19
N ALA A 175 -13.31 -0.96 4.89
CA ALA A 175 -12.27 -0.67 5.87
C ALA A 175 -12.04 0.84 6.02
N GLU A 176 -12.37 1.60 4.97
CA GLU A 176 -12.39 3.05 5.07
C GLU A 176 -13.38 3.46 6.14
N GLN A 177 -14.59 2.93 6.02
CA GLN A 177 -15.64 3.13 7.01
C GLN A 177 -15.21 2.61 8.38
N ASP A 178 -14.52 1.48 8.38
CA ASP A 178 -14.00 0.88 9.61
C ASP A 178 -13.04 1.85 10.31
N TYR A 179 -12.12 2.43 9.55
CA TYR A 179 -11.19 3.40 10.10
C TYR A 179 -11.92 4.66 10.51
N GLU A 180 -12.80 5.14 9.64
CA GLU A 180 -13.55 6.38 9.85
C GLU A 180 -14.51 6.27 11.05
N GLN A 181 -14.61 5.08 11.61
CA GLN A 181 -15.43 4.85 12.78
C GLN A 181 -14.62 5.14 14.05
N ARG A 182 -13.45 4.52 14.15
CA ARG A 182 -12.59 4.65 15.32
C ARG A 182 -11.70 5.88 15.22
N LEU A 183 -11.19 6.15 14.02
CA LEU A 183 -10.35 7.30 13.78
C LEU A 183 -11.22 8.47 13.32
N LEU A 184 -10.78 9.70 13.58
CA LEU A 184 -11.57 10.85 13.23
C LEU A 184 -10.72 11.97 12.65
N GLU A 185 -10.99 12.28 11.37
CA GLU A 185 -10.44 13.46 10.69
C GLU A 185 -10.79 13.41 9.21
N HIS A 186 -11.39 14.49 8.71
CA HIS A 186 -11.76 14.59 7.32
C HIS A 186 -10.53 14.93 6.47
N HIS A 187 -10.10 13.99 5.64
CA HIS A 187 -8.97 14.24 4.76
C HIS A 187 -9.35 15.28 3.71
N HIS A 188 -8.42 16.18 3.44
CA HIS A 188 -8.70 17.36 2.61
C HIS A 188 -8.73 17.04 1.13
N HIS A 189 -8.97 18.07 0.33
CA HIS A 189 -8.90 17.98 -1.12
C HIS A 189 -8.14 19.20 -1.64
N HIS A 190 -7.36 19.02 -2.69
CA HIS A 190 -6.57 20.11 -3.23
C HIS A 190 -7.19 20.64 -4.52
N HIS A 191 -7.93 19.77 -5.20
CA HIS A 191 -8.62 20.14 -6.43
C HIS A 191 -10.02 19.54 -6.41
N MET A 1 -12.92 -2.05 -17.19
CA MET A 1 -13.34 -2.30 -15.78
C MET A 1 -13.59 -3.78 -15.57
N THR A 2 -12.88 -4.37 -14.62
CA THR A 2 -13.14 -5.76 -14.24
C THR A 2 -14.46 -5.84 -13.46
N SER A 3 -14.49 -5.11 -12.35
CA SER A 3 -15.69 -4.99 -11.52
C SER A 3 -16.22 -6.35 -11.01
N PRO A 4 -15.38 -7.19 -10.38
CA PRO A 4 -15.85 -8.39 -9.71
C PRO A 4 -16.67 -8.02 -8.47
N SER A 5 -17.97 -8.20 -8.55
CA SER A 5 -18.86 -7.74 -7.51
C SER A 5 -19.13 -8.85 -6.48
N SER A 6 -18.87 -8.53 -5.22
CA SER A 6 -19.01 -9.47 -4.13
C SER A 6 -18.90 -8.75 -2.79
N ALA A 7 -19.51 -9.31 -1.75
CA ALA A 7 -19.51 -8.67 -0.45
C ALA A 7 -18.97 -9.61 0.63
N PHE A 8 -17.76 -9.33 1.09
CA PHE A 8 -17.16 -10.06 2.20
C PHE A 8 -16.58 -9.07 3.22
N PRO A 9 -17.14 -9.05 4.43
CA PRO A 9 -16.78 -8.06 5.46
C PRO A 9 -15.36 -8.24 6.00
N ASP A 10 -14.56 -7.18 5.92
CA ASP A 10 -13.24 -7.20 6.51
C ASP A 10 -13.35 -6.84 7.98
N GLY A 11 -12.46 -7.40 8.80
CA GLY A 11 -12.59 -7.24 10.24
C GLY A 11 -11.91 -6.00 10.79
N HIS A 12 -12.66 -5.23 11.56
CA HIS A 12 -12.14 -4.05 12.24
C HIS A 12 -12.79 -3.93 13.62
N GLY A 13 -12.54 -2.82 14.31
CA GLY A 13 -13.11 -2.65 15.63
C GLY A 13 -12.06 -2.73 16.71
N ALA A 14 -10.80 -2.58 16.32
CA ALA A 14 -9.71 -2.61 17.27
C ALA A 14 -9.23 -1.19 17.58
N ARG A 15 -9.71 -0.64 18.68
CA ARG A 15 -9.37 0.73 19.04
C ARG A 15 -8.36 0.76 20.17
N LEU A 16 -7.37 1.63 20.04
CA LEU A 16 -6.36 1.81 21.08
C LEU A 16 -5.64 3.14 20.85
N ASP A 17 -4.80 3.18 19.82
CA ASP A 17 -4.07 4.38 19.47
C ASP A 17 -3.46 4.24 18.09
N ALA A 18 -3.70 5.22 17.23
CA ALA A 18 -3.19 5.19 15.88
C ALA A 18 -2.68 6.56 15.47
N GLN A 19 -1.39 6.78 15.66
CA GLN A 19 -0.77 8.04 15.31
C GLN A 19 0.22 7.86 14.16
N SER A 20 0.51 6.61 13.86
CA SER A 20 1.31 6.26 12.69
C SER A 20 0.92 4.86 12.24
N ILE A 21 1.05 4.56 10.96
CA ILE A 21 0.57 3.30 10.43
C ILE A 21 1.71 2.32 10.23
N ARG A 22 1.57 1.18 10.86
CA ARG A 22 2.53 0.10 10.72
C ARG A 22 1.80 -1.22 10.68
N PHE A 23 1.93 -1.93 9.58
CA PHE A 23 1.17 -3.15 9.37
C PHE A 23 2.08 -4.25 8.83
N GLU A 24 2.05 -5.40 9.49
CA GLU A 24 2.88 -6.51 9.08
C GLU A 24 2.04 -7.68 8.56
N ARG A 25 2.58 -8.39 7.58
CA ARG A 25 1.95 -9.57 7.02
C ARG A 25 3.02 -10.62 6.73
N LEU A 26 2.63 -11.88 6.76
CA LEU A 26 3.56 -12.96 6.47
C LEU A 26 3.38 -13.39 5.01
N LEU A 27 4.50 -13.48 4.30
CA LEU A 27 4.49 -13.80 2.88
C LEU A 27 5.46 -14.96 2.61
N PRO A 28 5.22 -15.75 1.56
CA PRO A 28 6.04 -16.92 1.23
C PRO A 28 7.31 -16.58 0.43
N GLY A 29 8.39 -17.30 0.72
CA GLY A 29 9.64 -17.09 0.02
C GLY A 29 10.77 -16.77 0.98
N PRO A 30 12.04 -16.93 0.58
CA PRO A 30 13.17 -16.57 1.44
C PRO A 30 13.13 -15.10 1.83
N ILE A 31 13.03 -14.25 0.82
CA ILE A 31 12.84 -12.81 0.97
C ILE A 31 12.90 -12.14 -0.39
N GLU A 32 13.72 -12.69 -1.29
CA GLU A 32 13.88 -12.14 -2.62
C GLU A 32 12.61 -12.31 -3.46
N ARG A 33 11.87 -13.39 -3.19
CA ARG A 33 10.66 -13.69 -3.93
C ARG A 33 9.66 -12.55 -3.80
N VAL A 34 9.33 -12.23 -2.55
CA VAL A 34 8.36 -11.19 -2.26
C VAL A 34 8.79 -9.85 -2.87
N TRP A 35 10.09 -9.61 -2.92
CA TRP A 35 10.64 -8.37 -3.46
C TRP A 35 10.18 -8.17 -4.91
N ALA A 36 10.20 -9.25 -5.68
CA ALA A 36 9.81 -9.21 -7.09
C ALA A 36 8.45 -8.58 -7.27
N TRP A 37 7.51 -9.01 -6.45
CA TRP A 37 6.14 -8.54 -6.49
C TRP A 37 6.06 -7.07 -6.07
N LEU A 38 7.05 -6.60 -5.32
CA LEU A 38 7.06 -5.21 -4.86
C LEU A 38 7.75 -4.30 -5.88
N ALA A 39 8.72 -4.85 -6.59
CA ALA A 39 9.60 -4.02 -7.43
C ALA A 39 9.34 -4.20 -8.93
N ASP A 40 8.88 -5.37 -9.33
CA ASP A 40 8.67 -5.65 -10.74
C ASP A 40 7.40 -4.99 -11.24
N ALA A 41 7.56 -3.91 -11.98
CA ALA A 41 6.43 -3.15 -12.48
C ALA A 41 5.75 -3.86 -13.65
N ASP A 42 6.39 -4.90 -14.15
CA ASP A 42 5.82 -5.65 -15.27
C ASP A 42 4.71 -6.55 -14.78
N LYS A 43 5.00 -7.36 -13.79
CA LYS A 43 4.01 -8.28 -13.25
C LYS A 43 2.98 -7.55 -12.40
N ARG A 44 3.44 -6.58 -11.62
CA ARG A 44 2.64 -6.06 -10.53
C ARG A 44 1.99 -4.71 -10.85
N ALA A 45 2.02 -4.34 -12.13
CA ALA A 45 1.28 -3.18 -12.60
C ALA A 45 -0.22 -3.46 -12.51
N ARG A 46 -0.56 -4.67 -12.12
CA ARG A 46 -1.94 -5.12 -12.03
C ARG A 46 -2.34 -5.47 -10.59
N TRP A 47 -1.50 -5.13 -9.62
CA TRP A 47 -1.93 -5.20 -8.21
C TRP A 47 -1.70 -3.86 -7.53
N LEU A 48 -0.60 -3.19 -7.90
CA LEU A 48 -0.31 -1.87 -7.38
C LEU A 48 -0.25 -0.87 -8.51
N ALA A 49 0.85 -0.89 -9.23
CA ALA A 49 1.11 0.09 -10.26
C ALA A 49 2.35 -0.27 -11.04
N GLY A 50 2.45 0.28 -12.23
CA GLY A 50 3.63 0.08 -13.05
C GLY A 50 4.72 1.05 -12.69
N GLY A 51 5.08 1.05 -11.42
CA GLY A 51 6.07 1.96 -10.91
C GLY A 51 7.47 1.42 -11.04
N GLU A 52 8.05 1.62 -12.21
CA GLU A 52 9.41 1.17 -12.47
C GLU A 52 10.41 2.05 -11.77
N LEU A 53 11.56 1.49 -11.48
CA LEU A 53 12.59 2.18 -10.73
C LEU A 53 13.54 2.90 -11.66
N PRO A 54 14.04 4.08 -11.25
CA PRO A 54 15.02 4.84 -12.02
C PRO A 54 16.43 4.30 -11.81
N ARG A 55 17.43 5.08 -12.23
CA ARG A 55 18.81 4.65 -12.12
C ARG A 55 19.43 5.08 -10.79
N GLN A 56 19.03 6.25 -10.29
CA GLN A 56 19.58 6.76 -9.04
C GLN A 56 18.59 6.65 -7.89
N PRO A 57 19.12 6.33 -6.70
CA PRO A 57 18.38 6.45 -5.46
C PRO A 57 18.27 7.90 -5.05
N GLY A 58 17.06 8.43 -5.07
CA GLY A 58 16.87 9.85 -4.82
C GLY A 58 16.20 10.52 -5.99
N GLN A 59 16.15 9.81 -7.12
CA GLN A 59 15.41 10.27 -8.27
C GLN A 59 13.93 9.97 -8.08
N THR A 60 13.10 10.61 -8.88
CA THR A 60 11.69 10.33 -8.87
C THR A 60 11.36 9.24 -9.88
N PHE A 61 10.51 8.31 -9.51
CA PHE A 61 10.07 7.29 -10.43
C PHE A 61 8.61 7.52 -10.76
N GLU A 62 8.14 6.87 -11.81
CA GLU A 62 6.79 7.07 -12.26
C GLU A 62 5.91 5.94 -11.80
N LEU A 63 4.93 6.27 -10.97
CA LEU A 63 3.97 5.29 -10.50
C LEU A 63 2.74 5.37 -11.38
N HIS A 64 2.29 4.24 -11.87
CA HIS A 64 1.20 4.21 -12.84
C HIS A 64 0.15 3.17 -12.44
N PHE A 65 -0.99 3.66 -11.97
CA PHE A 65 -2.06 2.79 -11.49
C PHE A 65 -2.50 1.78 -12.57
N ASN A 66 -3.11 0.70 -12.13
CA ASN A 66 -3.49 -0.40 -13.02
C ASN A 66 -4.41 0.05 -14.16
N HIS A 67 -4.20 -0.53 -15.32
CA HIS A 67 -5.09 -0.31 -16.46
C HIS A 67 -5.95 -1.56 -16.65
N ALA A 68 -6.85 -1.76 -15.69
CA ALA A 68 -7.71 -2.95 -15.63
C ALA A 68 -8.57 -2.88 -14.38
N ALA A 69 -7.98 -2.33 -13.31
CA ALA A 69 -8.64 -2.17 -12.01
C ALA A 69 -8.76 -3.50 -11.28
N LEU A 70 -8.33 -3.50 -10.03
CA LEU A 70 -8.48 -4.66 -9.16
C LEU A 70 -9.94 -5.02 -9.02
N THR A 71 -10.75 -4.03 -8.67
CA THR A 71 -12.19 -4.20 -8.60
C THR A 71 -12.86 -2.88 -8.24
N ALA A 72 -14.08 -2.72 -8.71
CA ALA A 72 -14.91 -1.56 -8.42
C ALA A 72 -16.32 -1.82 -8.91
N GLU A 73 -17.18 -2.25 -7.98
CA GLU A 73 -18.56 -2.58 -8.30
C GLU A 73 -19.28 -1.36 -8.86
N THR A 74 -19.29 -0.31 -8.08
CA THR A 74 -19.72 1.01 -8.53
C THR A 74 -19.02 2.05 -7.68
N ALA A 75 -18.40 3.03 -8.30
CA ALA A 75 -17.56 3.94 -7.56
C ALA A 75 -17.76 5.38 -7.96
N PRO A 76 -17.70 6.29 -6.97
CA PRO A 76 -17.66 7.72 -7.19
C PRO A 76 -16.21 8.23 -7.27
N ALA A 77 -16.05 9.55 -7.14
CA ALA A 77 -14.78 10.23 -7.37
C ALA A 77 -13.59 9.57 -6.69
N ARG A 78 -13.66 9.38 -5.37
CA ARG A 78 -12.48 8.95 -4.61
C ARG A 78 -12.18 7.45 -4.79
N TYR A 79 -13.07 6.72 -5.45
CA TYR A 79 -12.83 5.30 -5.66
C TYR A 79 -12.50 5.04 -7.11
N ALA A 80 -12.83 6.00 -7.96
CA ALA A 80 -12.61 5.87 -9.39
C ALA A 80 -11.13 5.97 -9.74
N GLN A 81 -10.34 6.46 -8.80
CA GLN A 81 -8.90 6.63 -8.99
C GLN A 81 -8.20 5.27 -9.03
N TYR A 82 -8.90 4.21 -8.64
CA TYR A 82 -8.33 2.88 -8.64
C TYR A 82 -8.72 2.13 -9.90
N ASP A 83 -9.60 2.73 -10.70
CA ASP A 83 -10.11 2.09 -11.92
C ASP A 83 -9.49 2.73 -13.15
N ARG A 84 -8.75 3.79 -12.94
CA ARG A 84 -8.17 4.53 -14.04
C ARG A 84 -6.65 4.51 -13.97
N PRO A 85 -5.96 4.45 -15.12
CA PRO A 85 -4.51 4.47 -15.17
C PRO A 85 -3.95 5.88 -14.99
N ILE A 86 -3.46 6.15 -13.79
CA ILE A 86 -2.90 7.45 -13.46
C ILE A 86 -1.41 7.31 -13.17
N VAL A 87 -0.60 8.19 -13.73
CA VAL A 87 0.83 8.17 -13.49
C VAL A 87 1.28 9.44 -12.77
N ALA A 88 2.08 9.26 -11.72
CA ALA A 88 2.59 10.37 -10.94
C ALA A 88 3.99 10.06 -10.42
N ARG A 89 4.80 11.09 -10.23
CA ARG A 89 6.18 10.91 -9.81
C ARG A 89 6.29 10.77 -8.29
N HIS A 90 7.25 9.98 -7.86
CA HIS A 90 7.52 9.78 -6.44
C HIS A 90 9.02 9.60 -6.24
N THR A 91 9.58 10.29 -5.26
CA THR A 91 11.01 10.19 -4.99
C THR A 91 11.32 8.93 -4.20
N LEU A 92 12.40 8.25 -4.58
CA LEU A 92 12.92 7.12 -3.81
C LEU A 92 13.57 7.64 -2.53
N LEU A 93 13.10 7.16 -1.39
CA LEU A 93 13.66 7.56 -0.12
C LEU A 93 14.75 6.59 0.29
N ARG A 94 14.36 5.34 0.44
CA ARG A 94 15.26 4.26 0.81
C ARG A 94 15.04 3.09 -0.12
N CYS A 95 16.09 2.38 -0.48
CA CYS A 95 15.97 1.24 -1.37
C CYS A 95 17.25 0.42 -1.38
N GLU A 96 17.20 -0.73 -0.74
CA GLU A 96 18.36 -1.63 -0.71
C GLU A 96 17.96 -3.05 -1.10
N PRO A 97 17.96 -3.34 -2.41
CA PRO A 97 17.54 -4.64 -2.95
C PRO A 97 18.61 -5.71 -2.77
N PRO A 98 18.20 -6.95 -2.42
CA PRO A 98 16.83 -7.27 -2.11
C PRO A 98 16.58 -7.33 -0.60
N ARG A 99 15.93 -6.31 -0.06
CA ARG A 99 15.62 -6.27 1.37
C ARG A 99 14.43 -5.36 1.65
N VAL A 100 14.67 -4.05 1.62
CA VAL A 100 13.64 -3.09 1.93
C VAL A 100 13.56 -2.01 0.87
N LEU A 101 12.40 -1.37 0.77
CA LEU A 101 12.22 -0.24 -0.14
C LEU A 101 11.36 0.82 0.53
N ALA A 102 11.56 2.08 0.17
CA ALA A 102 10.84 3.17 0.78
C ALA A 102 10.64 4.32 -0.19
N LEU A 103 9.44 4.84 -0.20
CA LEU A 103 9.08 5.97 -1.03
C LEU A 103 8.36 7.00 -0.19
N THR A 104 7.99 8.11 -0.77
CA THR A 104 7.27 9.13 -0.04
C THR A 104 6.09 9.66 -0.87
N TRP A 105 5.04 10.06 -0.17
CA TRP A 105 3.86 10.64 -0.81
C TRP A 105 2.97 11.34 0.20
N GLY A 106 1.95 12.03 -0.29
CA GLY A 106 1.03 12.74 0.58
C GLY A 106 1.55 14.11 0.93
N GLY A 107 2.51 14.59 0.15
CA GLY A 107 3.12 15.88 0.45
C GLY A 107 3.07 16.82 -0.73
N GLY A 108 1.98 17.56 -0.82
CA GLY A 108 1.85 18.55 -1.85
C GLY A 108 1.76 19.95 -1.28
N ALA A 109 0.97 20.08 -0.22
CA ALA A 109 0.76 21.37 0.42
C ALA A 109 0.15 21.20 1.80
N GLY A 110 0.74 21.84 2.80
CA GLY A 110 0.24 21.73 4.16
C GLY A 110 1.26 21.15 5.11
N GLU A 111 1.93 20.11 4.65
CA GLU A 111 2.99 19.47 5.41
C GLU A 111 3.94 18.74 4.47
N ALA A 112 5.09 18.34 4.98
CA ALA A 112 6.08 17.63 4.20
C ALA A 112 5.60 16.21 3.91
N PRO A 113 5.93 15.68 2.72
CA PRO A 113 5.45 14.36 2.27
C PRO A 113 5.80 13.25 3.26
N SER A 114 4.79 12.47 3.62
CA SER A 114 4.96 11.36 4.54
C SER A 114 5.74 10.23 3.85
N GLU A 115 6.38 9.39 4.64
CA GLU A 115 7.25 8.36 4.08
C GLU A 115 6.64 6.98 4.23
N VAL A 116 6.79 6.18 3.20
CA VAL A 116 6.26 4.83 3.17
C VAL A 116 7.39 3.82 3.11
N LEU A 117 7.56 3.11 4.20
CA LEU A 117 8.63 2.13 4.33
C LEU A 117 8.08 0.73 4.17
N PHE A 118 8.68 -0.05 3.30
CA PHE A 118 8.45 -1.48 3.26
C PHE A 118 9.70 -2.18 3.76
N GLU A 119 9.56 -2.91 4.84
CA GLU A 119 10.68 -3.64 5.40
C GLU A 119 10.39 -5.12 5.42
N LEU A 120 11.18 -5.86 4.67
CA LEU A 120 11.02 -7.30 4.60
C LEU A 120 12.05 -7.98 5.48
N SER A 121 11.58 -8.81 6.39
CA SER A 121 12.45 -9.60 7.22
C SER A 121 12.37 -11.05 6.76
N GLU A 122 13.46 -11.77 6.89
CA GLU A 122 13.52 -13.12 6.39
C GLU A 122 13.30 -14.10 7.51
N ALA A 123 12.50 -15.10 7.24
CA ALA A 123 12.20 -16.13 8.21
C ALA A 123 12.55 -17.49 7.64
N GLY A 124 13.58 -17.51 6.81
CA GLY A 124 14.03 -18.75 6.21
C GLY A 124 13.27 -19.06 4.94
N GLU A 125 12.11 -19.64 5.10
CA GLU A 125 11.28 -20.03 3.96
C GLU A 125 10.10 -19.09 3.82
N GLN A 126 10.07 -18.04 4.63
CA GLN A 126 9.02 -17.05 4.56
C GLN A 126 9.55 -15.65 4.81
N VAL A 127 8.69 -14.68 4.60
CA VAL A 127 9.06 -13.28 4.68
C VAL A 127 8.05 -12.52 5.52
N ARG A 128 8.55 -11.81 6.51
CA ARG A 128 7.70 -10.96 7.32
C ARG A 128 7.81 -9.53 6.83
N LEU A 129 6.74 -9.08 6.20
CA LEU A 129 6.69 -7.75 5.61
C LEU A 129 6.08 -6.77 6.59
N VAL A 130 6.82 -5.70 6.89
CA VAL A 130 6.33 -4.65 7.75
C VAL A 130 6.20 -3.35 6.98
N LEU A 131 4.96 -2.89 6.82
CA LEU A 131 4.71 -1.62 6.18
C LEU A 131 4.74 -0.53 7.23
N THR A 132 5.61 0.44 7.06
CA THR A 132 5.76 1.51 8.01
C THR A 132 5.50 2.85 7.35
N HIS A 133 4.31 3.38 7.56
CA HIS A 133 3.98 4.67 7.01
C HIS A 133 4.11 5.73 8.07
N THR A 134 5.13 6.53 7.89
CA THR A 134 5.58 7.43 8.90
C THR A 134 5.45 8.87 8.43
N ARG A 135 5.64 9.81 9.35
CA ARG A 135 5.56 11.24 9.06
C ARG A 135 4.11 11.63 8.82
N LEU A 136 3.21 10.90 9.49
CA LEU A 136 1.78 11.17 9.39
C LEU A 136 1.41 12.32 10.30
N ALA A 137 1.17 13.47 9.71
CA ALA A 137 0.90 14.67 10.46
C ALA A 137 -0.54 14.73 10.96
N ASP A 138 -1.47 14.18 10.17
CA ASP A 138 -2.89 14.38 10.45
C ASP A 138 -3.69 13.14 10.10
N ARG A 139 -4.80 12.94 10.81
CA ARG A 139 -5.67 11.79 10.59
C ARG A 139 -6.13 11.68 9.13
N ALA A 140 -6.19 12.81 8.43
CA ALA A 140 -6.58 12.81 7.02
C ALA A 140 -5.59 12.02 6.17
N ALA A 141 -4.31 12.10 6.52
CA ALA A 141 -3.29 11.36 5.79
C ALA A 141 -3.45 9.87 6.05
N MET A 142 -3.52 9.51 7.32
CA MET A 142 -3.81 8.14 7.72
C MET A 142 -5.08 7.65 7.02
N LEU A 143 -6.12 8.47 7.05
CA LEU A 143 -7.37 8.19 6.36
C LEU A 143 -7.15 8.06 4.85
N ASP A 144 -6.18 8.79 4.32
CA ASP A 144 -5.94 8.78 2.88
C ASP A 144 -5.44 7.41 2.44
N VAL A 145 -4.45 6.90 3.16
CA VAL A 145 -3.89 5.60 2.81
C VAL A 145 -4.70 4.47 3.45
N ALA A 146 -5.57 4.81 4.39
CA ALA A 146 -6.46 3.84 5.00
C ALA A 146 -7.44 3.31 3.97
N GLY A 147 -8.14 4.23 3.31
CA GLY A 147 -9.10 3.86 2.29
C GLY A 147 -8.45 3.66 0.94
N GLY A 148 -7.51 2.73 0.87
CA GLY A 148 -6.84 2.44 -0.38
C GLY A 148 -5.57 1.66 -0.19
N TRP A 149 -4.59 2.28 0.45
CA TRP A 149 -3.28 1.69 0.62
C TRP A 149 -3.35 0.46 1.52
N HIS A 150 -4.05 0.60 2.64
CA HIS A 150 -4.24 -0.50 3.59
C HIS A 150 -4.73 -1.76 2.89
N ALA A 151 -5.67 -1.58 1.98
CA ALA A 151 -6.30 -2.70 1.28
C ALA A 151 -5.27 -3.56 0.55
N HIS A 152 -4.18 -2.94 0.07
CA HIS A 152 -3.20 -3.67 -0.73
C HIS A 152 -2.51 -4.76 0.10
N LEU A 153 -2.55 -4.60 1.42
CA LEU A 153 -1.95 -5.59 2.32
C LEU A 153 -2.66 -6.92 2.22
N ALA A 154 -3.95 -6.88 1.88
CA ALA A 154 -4.74 -8.09 1.74
C ALA A 154 -4.48 -8.73 0.38
N VAL A 155 -4.34 -7.87 -0.63
CA VAL A 155 -4.09 -8.32 -2.00
C VAL A 155 -2.76 -9.05 -2.10
N LEU A 156 -1.74 -8.48 -1.45
CA LEU A 156 -0.41 -9.09 -1.44
C LEU A 156 -0.44 -10.51 -0.89
N ALA A 157 -0.91 -10.65 0.35
CA ALA A 157 -0.95 -11.94 1.01
C ALA A 157 -1.78 -12.95 0.23
N GLY A 158 -2.94 -12.50 -0.23
CA GLY A 158 -3.81 -13.36 -1.01
C GLY A 158 -3.12 -13.89 -2.26
N LYS A 159 -2.47 -13.01 -2.99
CA LYS A 159 -1.81 -13.38 -4.23
C LYS A 159 -0.52 -14.18 -3.96
N LEU A 160 0.34 -13.63 -3.11
CA LEU A 160 1.63 -14.25 -2.81
C LEU A 160 1.48 -15.66 -2.26
N ALA A 161 0.49 -15.87 -1.40
CA ALA A 161 0.30 -17.17 -0.77
C ALA A 161 -0.56 -18.08 -1.63
N GLY A 162 -0.91 -17.63 -2.83
CA GLY A 162 -1.74 -18.43 -3.71
C GLY A 162 -3.11 -18.71 -3.12
N GLN A 163 -3.64 -17.72 -2.41
CA GLN A 163 -4.95 -17.86 -1.76
C GLN A 163 -6.04 -17.36 -2.69
N ALA A 164 -7.26 -17.32 -2.20
CA ALA A 164 -8.35 -16.69 -2.93
C ALA A 164 -8.19 -15.18 -2.79
N PRO A 165 -8.53 -14.41 -3.84
CA PRO A 165 -8.37 -12.96 -3.80
C PRO A 165 -9.29 -12.31 -2.77
N PRO A 166 -8.87 -11.16 -2.23
CA PRO A 166 -9.66 -10.41 -1.26
C PRO A 166 -10.60 -9.43 -1.94
N PRO A 167 -11.70 -9.07 -1.27
CA PRO A 167 -12.61 -8.05 -1.75
C PRO A 167 -12.00 -6.66 -1.61
N PHE A 168 -11.12 -6.33 -2.55
CA PHE A 168 -10.37 -5.07 -2.51
C PHE A 168 -11.29 -3.88 -2.26
N TRP A 169 -12.38 -3.79 -3.01
CA TRP A 169 -13.28 -2.65 -2.92
C TRP A 169 -14.05 -2.68 -1.59
N THR A 170 -14.33 -3.88 -1.09
CA THR A 170 -15.04 -4.01 0.17
C THR A 170 -14.14 -3.58 1.32
N THR A 171 -12.91 -4.10 1.37
CA THR A 171 -11.93 -3.70 2.36
C THR A 171 -11.60 -2.21 2.21
N LEU A 172 -11.59 -1.76 0.95
CA LEU A 172 -11.41 -0.36 0.60
C LEU A 172 -12.45 0.50 1.30
N ALA A 173 -13.72 0.22 1.02
CA ALA A 173 -14.82 1.00 1.57
C ALA A 173 -14.95 0.82 3.08
N GLN A 174 -14.72 -0.41 3.55
CA GLN A 174 -14.78 -0.73 4.95
C GLN A 174 -13.81 0.12 5.76
N ALA A 175 -12.57 0.18 5.30
CA ALA A 175 -11.54 0.97 5.96
C ALA A 175 -11.87 2.46 5.85
N GLU A 176 -12.27 2.88 4.66
CA GLU A 176 -12.70 4.25 4.42
C GLU A 176 -13.79 4.63 5.41
N GLN A 177 -14.79 3.77 5.53
CA GLN A 177 -15.93 4.02 6.41
C GLN A 177 -15.54 4.03 7.88
N ASP A 178 -14.65 3.13 8.26
CA ASP A 178 -14.23 3.01 9.66
C ASP A 178 -13.45 4.25 10.10
N TYR A 179 -12.51 4.67 9.27
CA TYR A 179 -11.67 5.82 9.58
C TYR A 179 -12.42 7.14 9.39
N GLU A 180 -13.37 7.16 8.46
CA GLU A 180 -14.21 8.34 8.27
C GLU A 180 -15.13 8.53 9.47
N GLN A 181 -15.58 7.40 10.04
CA GLN A 181 -16.35 7.43 11.26
C GLN A 181 -15.46 7.94 12.39
N ARG A 182 -14.41 7.17 12.68
CA ARG A 182 -13.41 7.52 13.68
C ARG A 182 -14.05 8.03 14.97
N LEU A 183 -14.42 7.10 15.84
CA LEU A 183 -15.08 7.43 17.10
C LEU A 183 -14.10 8.11 18.04
N LEU A 184 -12.84 7.69 17.99
CA LEU A 184 -11.83 8.17 18.93
C LEU A 184 -11.11 9.40 18.40
N GLU A 185 -11.56 10.57 18.85
CA GLU A 185 -10.86 11.82 18.62
C GLU A 185 -11.36 12.83 19.64
N HIS A 186 -10.41 13.56 20.24
CA HIS A 186 -10.71 14.48 21.33
C HIS A 186 -11.22 13.69 22.53
N HIS A 187 -11.80 14.37 23.51
CA HIS A 187 -12.27 13.68 24.70
C HIS A 187 -13.48 14.38 25.29
N HIS A 188 -13.52 15.70 25.14
CA HIS A 188 -14.64 16.49 25.63
C HIS A 188 -14.99 17.56 24.61
N HIS A 189 -15.99 17.27 23.77
CA HIS A 189 -16.36 18.15 22.68
C HIS A 189 -17.76 18.71 22.90
N HIS A 190 -17.91 20.01 22.69
CA HIS A 190 -19.20 20.66 22.85
C HIS A 190 -19.63 21.30 21.54
N HIS A 191 -20.90 21.13 21.20
CA HIS A 191 -21.46 21.77 20.02
C HIS A 191 -22.84 22.32 20.36
N MET A 1 6.07 -16.48 -13.91
CA MET A 1 6.57 -17.17 -12.70
C MET A 1 5.45 -17.99 -12.08
N THR A 2 5.77 -19.22 -11.68
CA THR A 2 4.80 -20.08 -11.02
C THR A 2 4.49 -19.57 -9.62
N SER A 3 3.49 -20.15 -8.99
CA SER A 3 3.07 -19.71 -7.66
C SER A 3 3.34 -20.77 -6.60
N PRO A 4 4.55 -20.74 -6.01
CA PRO A 4 4.91 -21.65 -4.91
C PRO A 4 4.33 -21.18 -3.59
N SER A 5 4.29 -22.08 -2.60
CA SER A 5 3.73 -21.76 -1.29
C SER A 5 2.25 -21.41 -1.43
N SER A 6 1.53 -22.26 -2.14
CA SER A 6 0.11 -22.02 -2.46
C SER A 6 -0.79 -22.22 -1.24
N ALA A 7 -0.20 -22.36 -0.07
CA ALA A 7 -0.96 -22.49 1.17
C ALA A 7 -1.26 -21.11 1.74
N PHE A 8 -2.49 -20.68 1.59
CA PHE A 8 -2.88 -19.33 2.00
C PHE A 8 -3.11 -19.27 3.50
N PRO A 9 -2.46 -18.31 4.18
CA PRO A 9 -2.65 -18.04 5.60
C PRO A 9 -3.75 -17.01 5.84
N ASP A 10 -4.10 -16.81 7.11
CA ASP A 10 -5.14 -15.85 7.47
C ASP A 10 -4.53 -14.53 7.91
N GLY A 11 -3.51 -14.60 8.75
CA GLY A 11 -2.96 -13.39 9.32
C GLY A 11 -3.88 -12.82 10.37
N HIS A 12 -3.77 -11.52 10.64
CA HIS A 12 -4.65 -10.88 11.60
C HIS A 12 -4.54 -9.35 11.52
N GLY A 13 -5.65 -8.69 11.73
CA GLY A 13 -5.67 -7.24 11.74
C GLY A 13 -6.53 -6.71 12.88
N ALA A 14 -6.15 -5.57 13.45
CA ALA A 14 -6.85 -5.02 14.60
C ALA A 14 -6.96 -3.51 14.50
N ARG A 15 -7.92 -2.94 15.23
CA ARG A 15 -8.09 -1.50 15.27
C ARG A 15 -7.44 -0.92 16.52
N LEU A 16 -6.17 -0.56 16.39
CA LEU A 16 -5.42 0.05 17.49
C LEU A 16 -5.13 1.51 17.16
N ASP A 17 -4.76 2.28 18.18
CA ASP A 17 -4.48 3.70 17.97
C ASP A 17 -3.26 3.86 17.09
N ALA A 18 -3.43 4.64 16.03
CA ALA A 18 -2.37 4.84 15.05
C ALA A 18 -1.94 6.28 14.99
N GLN A 19 -0.66 6.51 15.27
CA GLN A 19 -0.08 7.84 15.16
C GLN A 19 0.66 7.93 13.83
N SER A 20 1.05 6.76 13.35
CA SER A 20 1.56 6.58 12.01
C SER A 20 1.05 5.23 11.50
N ILE A 21 1.38 4.88 10.29
CA ILE A 21 0.92 3.61 9.74
C ILE A 21 2.02 2.59 9.77
N ARG A 22 1.75 1.48 10.44
CA ARG A 22 2.71 0.41 10.55
C ARG A 22 1.98 -0.92 10.70
N PHE A 23 2.24 -1.83 9.77
CA PHE A 23 1.64 -3.15 9.81
C PHE A 23 2.67 -4.21 9.48
N GLU A 24 3.01 -5.03 10.45
CA GLU A 24 3.92 -6.13 10.24
C GLU A 24 3.15 -7.40 9.97
N ARG A 25 3.38 -7.97 8.81
CA ARG A 25 2.68 -9.16 8.39
C ARG A 25 3.65 -10.24 7.92
N LEU A 26 3.44 -11.45 8.39
CA LEU A 26 4.27 -12.58 7.98
C LEU A 26 3.78 -13.08 6.62
N LEU A 27 4.72 -13.24 5.70
CA LEU A 27 4.39 -13.60 4.32
C LEU A 27 5.13 -14.86 3.90
N PRO A 28 4.58 -15.61 2.91
CA PRO A 28 5.19 -16.84 2.41
C PRO A 28 6.40 -16.58 1.51
N GLY A 29 7.37 -17.46 1.58
CA GLY A 29 8.60 -17.29 0.85
C GLY A 29 9.65 -16.62 1.71
N PRO A 30 10.94 -16.86 1.43
CA PRO A 30 12.05 -16.36 2.27
C PRO A 30 12.07 -14.85 2.38
N ILE A 31 11.95 -14.18 1.24
CA ILE A 31 11.94 -12.73 1.17
C ILE A 31 11.94 -12.29 -0.29
N GLU A 32 12.64 -13.05 -1.13
CA GLU A 32 12.77 -12.73 -2.54
C GLU A 32 11.46 -12.96 -3.29
N ARG A 33 10.71 -13.98 -2.89
CA ARG A 33 9.42 -14.26 -3.51
C ARG A 33 8.49 -13.07 -3.33
N VAL A 34 8.52 -12.52 -2.13
CA VAL A 34 7.66 -11.41 -1.75
C VAL A 34 8.12 -10.11 -2.41
N TRP A 35 9.43 -9.97 -2.57
CA TRP A 35 10.01 -8.81 -3.21
C TRP A 35 9.66 -8.77 -4.70
N ALA A 36 9.59 -9.95 -5.31
CA ALA A 36 9.35 -10.07 -6.74
C ALA A 36 8.16 -9.26 -7.21
N TRP A 37 7.07 -9.24 -6.45
CA TRP A 37 5.93 -8.50 -6.93
C TRP A 37 6.14 -7.01 -6.65
N LEU A 38 6.96 -6.72 -5.63
CA LEU A 38 7.25 -5.35 -5.25
C LEU A 38 8.06 -4.66 -6.35
N ALA A 39 8.93 -5.41 -6.99
CA ALA A 39 9.80 -4.85 -8.01
C ALA A 39 9.19 -4.94 -9.40
N ASP A 40 8.77 -6.15 -9.80
CA ASP A 40 8.29 -6.38 -11.16
C ASP A 40 7.11 -5.48 -11.50
N ALA A 41 7.33 -4.58 -12.45
CA ALA A 41 6.32 -3.60 -12.84
C ALA A 41 5.09 -4.24 -13.46
N ASP A 42 5.24 -5.46 -13.95
CA ASP A 42 4.12 -6.17 -14.58
C ASP A 42 3.08 -6.54 -13.53
N LYS A 43 3.54 -7.20 -12.48
CA LYS A 43 2.65 -7.61 -11.40
C LYS A 43 2.20 -6.43 -10.57
N ARG A 44 3.15 -5.56 -10.21
CA ARG A 44 2.85 -4.47 -9.30
C ARG A 44 1.78 -3.56 -9.89
N ALA A 45 1.76 -3.48 -11.21
CA ALA A 45 0.77 -2.66 -11.92
C ALA A 45 -0.66 -3.09 -11.60
N ARG A 46 -0.82 -4.32 -11.15
CA ARG A 46 -2.15 -4.85 -10.89
C ARG A 46 -2.28 -5.38 -9.46
N TRP A 47 -1.40 -4.93 -8.56
CA TRP A 47 -1.59 -5.21 -7.13
C TRP A 47 -1.29 -3.95 -6.30
N LEU A 48 -0.49 -3.04 -6.84
CA LEU A 48 -0.16 -1.79 -6.17
C LEU A 48 -0.31 -0.65 -7.17
N ALA A 49 0.63 -0.62 -8.11
CA ALA A 49 0.68 0.35 -9.20
C ALA A 49 1.94 0.07 -10.00
N GLY A 50 1.90 0.35 -11.30
CA GLY A 50 3.00 -0.01 -12.18
C GLY A 50 4.08 1.03 -12.19
N GLY A 51 5.33 0.57 -12.11
CA GLY A 51 6.46 1.46 -12.15
C GLY A 51 7.78 0.72 -12.12
N GLU A 52 8.71 1.17 -12.95
CA GLU A 52 10.06 0.64 -12.95
C GLU A 52 10.92 1.44 -11.97
N LEU A 53 12.07 0.91 -11.61
CA LEU A 53 12.94 1.56 -10.66
C LEU A 53 14.24 2.00 -11.33
N PRO A 54 14.79 3.14 -10.90
CA PRO A 54 16.09 3.61 -11.36
C PRO A 54 17.23 2.98 -10.56
N ARG A 55 18.42 3.54 -10.67
CA ARG A 55 19.56 3.01 -9.93
C ARG A 55 19.85 3.81 -8.66
N GLN A 56 19.79 5.13 -8.74
CA GLN A 56 20.18 5.96 -7.61
C GLN A 56 19.08 6.09 -6.59
N PRO A 57 19.45 6.12 -5.32
CA PRO A 57 18.53 6.35 -4.23
C PRO A 57 18.30 7.84 -4.02
N GLY A 58 17.24 8.33 -4.63
CA GLY A 58 16.98 9.76 -4.63
C GLY A 58 16.48 10.23 -5.98
N GLN A 59 16.55 9.35 -6.97
CA GLN A 59 15.96 9.63 -8.27
C GLN A 59 14.46 9.39 -8.22
N THR A 60 13.74 9.95 -9.17
CA THR A 60 12.31 9.75 -9.24
C THR A 60 11.95 8.63 -10.20
N PHE A 61 11.06 7.76 -9.78
CA PHE A 61 10.54 6.72 -10.66
C PHE A 61 9.08 7.00 -10.93
N GLU A 62 8.55 6.37 -11.95
CA GLU A 62 7.18 6.66 -12.37
C GLU A 62 6.24 5.61 -11.82
N LEU A 63 5.33 6.06 -10.97
CA LEU A 63 4.37 5.18 -10.33
C LEU A 63 2.98 5.51 -10.87
N HIS A 64 2.45 4.64 -11.70
CA HIS A 64 1.14 4.90 -12.30
C HIS A 64 0.17 3.79 -11.98
N PHE A 65 -1.08 4.16 -11.77
CA PHE A 65 -2.13 3.19 -11.55
C PHE A 65 -2.55 2.58 -12.88
N ASN A 66 -3.35 1.53 -12.83
CA ASN A 66 -3.81 0.86 -14.05
C ASN A 66 -4.88 1.71 -14.72
N HIS A 67 -4.76 1.88 -16.04
CA HIS A 67 -5.59 2.83 -16.78
C HIS A 67 -7.09 2.54 -16.62
N ALA A 68 -7.47 1.26 -16.54
CA ALA A 68 -8.88 0.87 -16.37
C ALA A 68 -9.04 -0.64 -16.34
N ALA A 69 -8.76 -1.25 -15.18
CA ALA A 69 -8.91 -2.69 -15.00
C ALA A 69 -8.39 -3.14 -13.64
N LEU A 70 -8.26 -2.19 -12.72
CA LEU A 70 -7.63 -2.47 -11.43
C LEU A 70 -8.70 -2.90 -10.43
N THR A 71 -9.73 -2.07 -10.29
CA THR A 71 -10.83 -2.34 -9.39
C THR A 71 -11.86 -1.23 -9.52
N ALA A 72 -13.05 -1.44 -8.97
CA ALA A 72 -14.12 -0.47 -9.05
C ALA A 72 -14.49 -0.18 -10.51
N GLU A 73 -14.48 -1.22 -11.32
CA GLU A 73 -14.91 -1.12 -12.72
C GLU A 73 -16.35 -0.61 -12.79
N THR A 74 -17.13 -0.98 -11.78
CA THR A 74 -18.41 -0.35 -11.55
C THR A 74 -18.27 0.61 -10.38
N ALA A 75 -18.26 1.88 -10.69
CA ALA A 75 -18.02 2.92 -9.69
C ALA A 75 -18.44 4.28 -10.21
N PRO A 76 -18.90 5.16 -9.30
CA PRO A 76 -19.23 6.56 -9.62
C PRO A 76 -17.99 7.42 -9.85
N ALA A 77 -16.82 6.75 -9.89
CA ALA A 77 -15.53 7.39 -10.17
C ALA A 77 -14.99 8.17 -8.97
N ARG A 78 -15.81 8.33 -7.93
CA ARG A 78 -15.40 9.05 -6.73
C ARG A 78 -14.28 8.32 -5.99
N TYR A 79 -14.29 7.00 -6.08
CA TYR A 79 -13.25 6.19 -5.46
C TYR A 79 -12.62 5.28 -6.50
N ALA A 80 -12.79 5.64 -7.76
CA ALA A 80 -12.21 4.89 -8.86
C ALA A 80 -10.88 5.51 -9.27
N GLN A 81 -10.26 6.18 -8.32
CA GLN A 81 -8.98 6.87 -8.53
C GLN A 81 -7.87 5.86 -8.78
N TYR A 82 -8.12 4.61 -8.42
CA TYR A 82 -7.14 3.54 -8.63
C TYR A 82 -7.41 2.83 -9.96
N ASP A 83 -8.48 3.21 -10.65
CA ASP A 83 -8.88 2.53 -11.87
C ASP A 83 -8.78 3.46 -13.05
N ARG A 84 -8.06 4.55 -12.88
CA ARG A 84 -7.89 5.53 -13.93
C ARG A 84 -6.42 5.86 -14.15
N PRO A 85 -6.05 6.28 -15.38
CA PRO A 85 -4.67 6.57 -15.74
C PRO A 85 -4.09 7.74 -14.96
N ILE A 86 -3.39 7.42 -13.89
CA ILE A 86 -2.69 8.43 -13.11
C ILE A 86 -1.24 8.03 -12.93
N VAL A 87 -0.36 8.79 -13.55
CA VAL A 87 1.07 8.53 -13.45
C VAL A 87 1.75 9.63 -12.64
N ALA A 88 2.26 9.26 -11.49
CA ALA A 88 2.94 10.19 -10.62
C ALA A 88 4.32 9.67 -10.27
N ARG A 89 5.35 10.45 -10.53
CA ARG A 89 6.69 10.04 -10.19
C ARG A 89 6.93 10.27 -8.70
N HIS A 90 7.76 9.44 -8.12
CA HIS A 90 8.04 9.49 -6.69
C HIS A 90 9.53 9.34 -6.46
N THR A 91 10.03 9.99 -5.42
CA THR A 91 11.44 9.92 -5.08
C THR A 91 11.74 8.67 -4.25
N LEU A 92 12.85 8.01 -4.55
CA LEU A 92 13.30 6.88 -3.75
C LEU A 92 14.03 7.39 -2.51
N LEU A 93 13.75 6.75 -1.38
CA LEU A 93 14.44 7.06 -0.14
C LEU A 93 15.57 6.06 0.13
N ARG A 94 15.20 4.89 0.64
CA ARG A 94 16.18 3.83 0.91
C ARG A 94 15.74 2.54 0.23
N CYS A 95 16.36 2.22 -0.89
CA CYS A 95 16.04 1.02 -1.63
C CYS A 95 17.25 0.10 -1.72
N GLU A 96 17.24 -0.98 -0.95
CA GLU A 96 18.35 -1.93 -0.95
C GLU A 96 17.83 -3.36 -1.08
N PRO A 97 17.65 -3.83 -2.32
CA PRO A 97 17.12 -5.17 -2.59
C PRO A 97 18.16 -6.28 -2.43
N PRO A 98 17.73 -7.47 -1.97
CA PRO A 98 16.38 -7.71 -1.52
C PRO A 98 16.26 -7.59 0.01
N ARG A 99 15.70 -6.49 0.46
CA ARG A 99 15.58 -6.21 1.88
C ARG A 99 14.57 -5.13 2.13
N VAL A 100 14.86 -3.93 1.64
CA VAL A 100 14.04 -2.78 1.93
C VAL A 100 13.89 -1.86 0.72
N LEU A 101 12.69 -1.34 0.52
CA LEU A 101 12.47 -0.32 -0.47
C LEU A 101 11.71 0.82 0.20
N ALA A 102 12.08 2.05 -0.13
CA ALA A 102 11.50 3.20 0.53
C ALA A 102 11.32 4.32 -0.46
N LEU A 103 10.25 5.07 -0.26
CA LEU A 103 9.85 6.09 -1.19
C LEU A 103 8.98 7.10 -0.46
N THR A 104 8.54 8.09 -1.17
CA THR A 104 7.67 9.12 -0.61
C THR A 104 6.27 9.04 -1.22
N TRP A 105 5.27 9.30 -0.40
CA TRP A 105 3.88 9.05 -0.78
C TRP A 105 3.08 10.34 -0.85
N GLY A 106 2.23 10.43 -1.87
CA GLY A 106 1.36 11.56 -2.02
C GLY A 106 2.08 12.81 -2.49
N GLY A 107 1.89 13.90 -1.77
CA GLY A 107 2.49 15.16 -2.15
C GLY A 107 1.56 16.32 -1.91
N GLY A 108 1.28 16.60 -0.65
CA GLY A 108 0.37 17.68 -0.31
C GLY A 108 -0.43 17.37 0.94
N ALA A 109 -1.75 17.52 0.83
CA ALA A 109 -2.68 17.24 1.94
C ALA A 109 -2.53 18.25 3.07
N GLY A 110 -1.72 19.28 2.84
CA GLY A 110 -1.52 20.31 3.84
C GLY A 110 -0.12 20.27 4.44
N GLU A 111 0.68 19.30 4.01
CA GLU A 111 2.03 19.16 4.52
C GLU A 111 2.95 18.74 3.36
N ALA A 112 4.21 18.53 3.66
CA ALA A 112 5.14 17.97 2.68
C ALA A 112 4.83 16.50 2.49
N PRO A 113 5.18 15.93 1.33
CA PRO A 113 4.87 14.54 1.00
C PRO A 113 5.31 13.57 2.09
N SER A 114 4.40 12.70 2.49
CA SER A 114 4.72 11.66 3.47
C SER A 114 5.72 10.67 2.85
N GLU A 115 6.18 9.72 3.64
CA GLU A 115 7.11 8.74 3.11
C GLU A 115 6.64 7.33 3.46
N VAL A 116 7.15 6.35 2.73
CA VAL A 116 6.76 4.97 2.91
C VAL A 116 7.97 4.07 3.01
N LEU A 117 7.99 3.24 4.03
CA LEU A 117 9.04 2.28 4.23
C LEU A 117 8.51 0.87 4.11
N PHE A 118 9.00 0.13 3.14
CA PHE A 118 8.76 -1.30 3.09
C PHE A 118 10.04 -2.01 3.49
N GLU A 119 9.99 -2.76 4.57
CA GLU A 119 11.16 -3.45 5.06
C GLU A 119 10.85 -4.92 5.24
N LEU A 120 11.58 -5.76 4.52
CA LEU A 120 11.37 -7.18 4.57
C LEU A 120 12.51 -7.84 5.32
N SER A 121 12.18 -8.72 6.24
CA SER A 121 13.18 -9.46 6.97
C SER A 121 12.97 -10.94 6.74
N GLU A 122 14.05 -11.67 6.56
CA GLU A 122 13.99 -13.03 6.12
C GLU A 122 14.01 -13.97 7.31
N ALA A 123 13.00 -14.80 7.39
CA ALA A 123 12.84 -15.70 8.50
C ALA A 123 13.10 -17.14 8.05
N GLY A 124 14.05 -17.28 7.15
CA GLY A 124 14.42 -18.60 6.66
C GLY A 124 13.47 -19.10 5.59
N GLU A 125 12.33 -19.61 6.02
CA GLU A 125 11.34 -20.13 5.09
C GLU A 125 10.31 -19.07 4.73
N GLN A 126 10.15 -18.06 5.59
CA GLN A 126 9.16 -17.02 5.34
C GLN A 126 9.77 -15.66 5.57
N VAL A 127 8.95 -14.63 5.43
CA VAL A 127 9.44 -13.26 5.53
C VAL A 127 8.51 -12.39 6.39
N ARG A 128 9.10 -11.46 7.13
CA ARG A 128 8.35 -10.43 7.80
C ARG A 128 8.30 -9.18 6.94
N LEU A 129 7.10 -8.68 6.72
CA LEU A 129 6.91 -7.44 5.99
C LEU A 129 6.31 -6.40 6.91
N VAL A 130 6.98 -5.28 7.06
CA VAL A 130 6.42 -4.20 7.83
C VAL A 130 6.18 -2.98 6.95
N LEU A 131 4.92 -2.64 6.78
CA LEU A 131 4.54 -1.47 5.99
C LEU A 131 4.53 -0.27 6.90
N THR A 132 5.50 0.60 6.72
CA THR A 132 5.63 1.79 7.55
C THR A 132 5.35 3.04 6.73
N HIS A 133 4.19 3.64 6.95
CA HIS A 133 3.86 4.89 6.28
C HIS A 133 4.13 6.03 7.24
N THR A 134 5.16 6.78 6.92
CA THR A 134 5.71 7.77 7.82
C THR A 134 5.34 9.19 7.42
N ARG A 135 5.54 10.10 8.37
CA ARG A 135 5.24 11.52 8.20
C ARG A 135 3.76 11.74 7.98
N LEU A 136 3.01 11.63 9.05
CA LEU A 136 1.59 11.91 9.03
C LEU A 136 1.28 13.08 9.93
N ALA A 137 0.95 14.20 9.30
CA ALA A 137 0.75 15.45 10.02
C ALA A 137 -0.44 15.38 10.99
N ASP A 138 -1.49 14.67 10.59
CA ASP A 138 -2.69 14.60 11.40
C ASP A 138 -3.50 13.36 11.08
N ARG A 139 -4.27 12.92 12.08
CA ARG A 139 -5.16 11.76 11.93
C ARG A 139 -6.03 11.87 10.69
N ALA A 140 -6.34 13.10 10.28
CA ALA A 140 -7.11 13.35 9.08
C ALA A 140 -6.44 12.74 7.84
N ALA A 141 -5.14 12.94 7.71
CA ALA A 141 -4.41 12.43 6.57
C ALA A 141 -4.41 10.92 6.61
N MET A 142 -4.10 10.39 7.78
CA MET A 142 -4.16 8.96 8.03
C MET A 142 -5.50 8.40 7.60
N LEU A 143 -6.58 9.03 8.06
CA LEU A 143 -7.93 8.67 7.66
C LEU A 143 -8.10 8.73 6.14
N ASP A 144 -7.47 9.71 5.51
CA ASP A 144 -7.68 9.92 4.09
C ASP A 144 -7.14 8.75 3.28
N VAL A 145 -5.93 8.32 3.63
CA VAL A 145 -5.33 7.16 2.96
C VAL A 145 -5.75 5.86 3.64
N ALA A 146 -6.41 5.96 4.79
CA ALA A 146 -6.87 4.79 5.54
C ALA A 146 -7.82 3.93 4.72
N GLY A 147 -8.65 4.59 3.91
CA GLY A 147 -9.52 3.86 3.00
C GLY A 147 -8.71 3.03 2.03
N GLY A 148 -7.54 3.55 1.67
CA GLY A 148 -6.62 2.80 0.86
C GLY A 148 -5.62 2.06 1.72
N TRP A 149 -4.34 2.13 1.31
CA TRP A 149 -3.24 1.33 1.84
C TRP A 149 -3.59 -0.14 2.11
N HIS A 150 -4.43 -0.35 3.12
CA HIS A 150 -4.75 -1.68 3.65
C HIS A 150 -5.12 -2.65 2.53
N ALA A 151 -5.98 -2.18 1.64
CA ALA A 151 -6.48 -3.00 0.54
C ALA A 151 -5.34 -3.61 -0.27
N HIS A 152 -4.27 -2.85 -0.45
CA HIS A 152 -3.14 -3.31 -1.26
C HIS A 152 -2.47 -4.52 -0.61
N LEU A 153 -2.58 -4.63 0.71
CA LEU A 153 -1.99 -5.74 1.44
C LEU A 153 -2.82 -7.00 1.24
N ALA A 154 -4.10 -6.81 0.90
CA ALA A 154 -4.99 -7.94 0.68
C ALA A 154 -4.66 -8.59 -0.66
N VAL A 155 -4.44 -7.75 -1.66
CA VAL A 155 -4.04 -8.23 -2.98
C VAL A 155 -2.64 -8.82 -2.93
N LEU A 156 -1.76 -8.15 -2.19
CA LEU A 156 -0.39 -8.60 -1.98
C LEU A 156 -0.36 -10.01 -1.38
N ALA A 157 -1.00 -10.17 -0.22
CA ALA A 157 -1.03 -11.46 0.46
C ALA A 157 -1.69 -12.52 -0.39
N GLY A 158 -2.82 -12.17 -1.00
CA GLY A 158 -3.55 -13.10 -1.84
C GLY A 158 -2.71 -13.58 -3.01
N LYS A 159 -1.95 -12.68 -3.59
CA LYS A 159 -1.14 -13.01 -4.76
C LYS A 159 0.07 -13.85 -4.35
N LEU A 160 0.70 -13.49 -3.24
CA LEU A 160 1.79 -14.27 -2.68
C LEU A 160 1.31 -15.65 -2.23
N ALA A 161 0.04 -15.76 -1.90
CA ALA A 161 -0.55 -17.04 -1.52
C ALA A 161 -0.85 -17.90 -2.75
N GLY A 162 -0.62 -17.33 -3.94
CA GLY A 162 -0.80 -18.07 -5.16
C GLY A 162 -2.25 -18.14 -5.61
N GLN A 163 -3.13 -17.48 -4.89
CA GLN A 163 -4.55 -17.50 -5.20
C GLN A 163 -4.98 -16.18 -5.83
N ALA A 164 -6.27 -16.09 -6.13
CA ALA A 164 -6.85 -14.85 -6.62
C ALA A 164 -6.99 -13.86 -5.46
N PRO A 165 -6.77 -12.57 -5.71
CA PRO A 165 -6.87 -11.54 -4.69
C PRO A 165 -8.32 -11.22 -4.34
N PRO A 166 -8.58 -10.73 -3.13
CA PRO A 166 -9.90 -10.30 -2.71
C PRO A 166 -10.29 -8.98 -3.38
N PRO A 167 -11.60 -8.72 -3.53
CA PRO A 167 -12.09 -7.50 -4.17
C PRO A 167 -11.60 -6.24 -3.47
N PHE A 168 -10.77 -5.47 -4.19
CA PHE A 168 -10.25 -4.20 -3.70
C PHE A 168 -11.42 -3.24 -3.44
N TRP A 169 -12.51 -3.47 -4.15
CA TRP A 169 -13.72 -2.65 -4.06
C TRP A 169 -14.24 -2.66 -2.63
N THR A 170 -14.51 -3.85 -2.12
CA THR A 170 -15.15 -4.05 -0.83
C THR A 170 -14.27 -3.53 0.32
N THR A 171 -13.02 -3.96 0.34
CA THR A 171 -12.10 -3.60 1.41
C THR A 171 -11.83 -2.09 1.42
N LEU A 172 -11.90 -1.48 0.25
CA LEU A 172 -11.75 -0.04 0.12
C LEU A 172 -12.81 0.69 0.94
N ALA A 173 -14.07 0.41 0.62
CA ALA A 173 -15.19 1.07 1.28
C ALA A 173 -15.23 0.75 2.77
N GLN A 174 -14.99 -0.51 3.10
CA GLN A 174 -15.02 -0.96 4.48
C GLN A 174 -13.94 -0.28 5.32
N ALA A 175 -12.74 -0.14 4.76
CA ALA A 175 -11.65 0.51 5.47
C ALA A 175 -11.96 1.99 5.67
N GLU A 176 -12.41 2.63 4.59
CA GLU A 176 -12.83 4.02 4.63
C GLU A 176 -13.83 4.25 5.75
N GLN A 177 -14.88 3.43 5.77
CA GLN A 177 -15.97 3.56 6.71
C GLN A 177 -15.55 3.24 8.15
N ASP A 178 -14.81 2.15 8.32
CA ASP A 178 -14.42 1.70 9.66
C ASP A 178 -13.51 2.72 10.34
N TYR A 179 -12.54 3.22 9.60
CA TYR A 179 -11.63 4.23 10.14
C TYR A 179 -12.34 5.57 10.28
N GLU A 180 -13.24 5.87 9.35
CA GLU A 180 -14.07 7.08 9.44
C GLU A 180 -14.86 7.07 10.74
N GLN A 181 -15.38 5.89 11.08
CA GLN A 181 -16.14 5.68 12.30
C GLN A 181 -15.27 5.85 13.54
N ARG A 182 -14.06 5.33 13.49
CA ARG A 182 -13.16 5.33 14.65
C ARG A 182 -12.49 6.67 14.86
N LEU A 183 -12.09 7.32 13.77
CA LEU A 183 -11.27 8.52 13.86
C LEU A 183 -12.07 9.73 14.33
N LEU A 184 -13.29 9.89 13.79
CA LEU A 184 -14.16 11.03 14.09
C LEU A 184 -13.60 12.32 13.49
N GLU A 185 -14.36 12.86 12.52
CA GLU A 185 -14.04 14.11 11.84
C GLU A 185 -12.91 13.87 10.83
N HIS A 186 -12.86 14.69 9.78
CA HIS A 186 -11.90 14.46 8.71
C HIS A 186 -11.21 15.75 8.27
N HIS A 187 -11.96 16.83 8.16
CA HIS A 187 -11.44 18.11 7.64
C HIS A 187 -11.06 17.98 6.18
N HIS A 188 -10.68 19.09 5.57
CA HIS A 188 -10.14 19.08 4.21
C HIS A 188 -9.24 20.28 4.02
N HIS A 189 -8.15 20.10 3.29
CA HIS A 189 -7.16 21.15 3.14
C HIS A 189 -6.95 21.54 1.69
N HIS A 190 -7.01 22.84 1.44
CA HIS A 190 -6.73 23.39 0.13
C HIS A 190 -5.55 24.35 0.23
N HIS A 191 -4.58 24.21 -0.66
CA HIS A 191 -3.40 25.05 -0.63
C HIS A 191 -3.70 26.40 -1.28
#